data_9F04
#
_entry.id   9F04
#
loop_
_entity.id
_entity.type
_entity.pdbx_description
1 polymer 'Major tail sheath protein'
2 polymer 'Capsid protein'
#
loop_
_entity_poly.entity_id
_entity_poly.type
_entity_poly.pdbx_seq_one_letter_code
_entity_poly.pdbx_strand_id
1 'polypeptide(L)'
;MAVEPFPRRPITRPHASIEVDTSGIGGSAGSSEKVFCLIGQAEGGEPNTVYELRNYSQAKRLFRSGELLDAIELAWGSNP
NYTAGRILAMRIEDAKPASAEIGGLKITSKIYGNVANNIQVGLEKNTLSDSLRLRVIFQDDRFNEVYDNIGNIFTIKYKG
EEANATFSVEHDEETQKASRLVLKVGDQEVKSYDLTGGAYDYTNAIITDINQLPDFEAKLSPFGDKNLESSKLDKIENAN
IKDKAVYVKAVFGDLEKQTAYNGIVSFEQLNAEGEVPSNVEVEAGEESATVTATSPIKTIEPFELTKLKGGTNGEPPATW
ADKLDKFAHEGGYYIVPLSSKQSVHAEVASFVKERSDAGEPMRAIVGGGFNESKEQLFGRQASLSNPRVSLVANSGTFVM
DDGRKNHVPAYMVAVALGGLASGLEIGESITFKPLRVSSLDQIYESIDLDELNENGIISIEFVRNRTNTFFRIVDDVTTF
NDKSDPVKAEMAVGEANDFLVSELKVQLEDQFIGTRTINTSASIIKDFIQSYLGRKKRDNEIQDFPAEDVQVIVEGNEAR
ISMTVYPIRSFKKISVSLVYKQQTLQA
;
G,F,H,E
2 'polypeptide(L)'
;MASEAKQTVHTGNTVLLMIKGKPVGRAQSASGQREYGTTGVYEIGSIMPQEHVYLRYEGTITVERLRMKKENFADLGYAS
LGEEILKKDIIDILVVDNLTKQVIISYHGCSANNYNETWQTNEIVTEEIEFSYLTASDKART
;
D,C,B,A
#
# COMPACT_ATOMS: atom_id res chain seq x y z
N THR A 12 28.69 -23.36 19.26
CA THR A 12 28.23 -22.00 18.98
C THR A 12 26.73 -22.00 18.72
N ARG A 13 26.02 -22.93 19.38
CA ARG A 13 24.57 -23.01 19.21
C ARG A 13 23.88 -21.72 19.62
N PRO A 14 24.18 -21.09 20.77
CA PRO A 14 23.72 -19.72 21.00
C PRO A 14 24.62 -18.73 20.27
N HIS A 15 24.06 -18.06 19.27
CA HIS A 15 24.85 -17.18 18.42
C HIS A 15 23.92 -16.23 17.68
N ALA A 16 24.51 -15.17 17.13
CA ALA A 16 23.85 -14.29 16.19
C ALA A 16 24.45 -14.52 14.82
N SER A 17 23.60 -14.68 13.82
CA SER A 17 24.02 -14.89 12.43
C SER A 17 23.39 -13.80 11.58
N ILE A 18 23.94 -13.61 10.39
CA ILE A 18 23.48 -12.56 9.48
C ILE A 18 23.30 -13.22 8.12
N SER A 32 -4.35 -7.81 10.98
CA SER A 32 -5.67 -7.39 10.69
C SER A 32 -6.56 -8.57 10.97
N GLU A 33 -7.68 -8.31 11.62
CA GLU A 33 -8.55 -9.38 12.03
C GLU A 33 -9.24 -10.04 10.84
N LYS A 34 -9.48 -9.27 9.78
CA LYS A 34 -10.15 -9.79 8.59
C LYS A 34 -9.17 -10.67 7.84
N VAL A 35 -9.11 -11.94 8.23
CA VAL A 35 -8.23 -12.90 7.57
C VAL A 35 -8.67 -13.05 6.12
N PHE A 36 -7.69 -13.20 5.22
CA PHE A 36 -7.93 -13.15 3.78
C PHE A 36 -7.46 -14.47 3.16
N CYS A 37 -8.25 -14.99 2.22
CA CYS A 37 -7.97 -16.26 1.57
C CYS A 37 -7.60 -16.03 0.10
N LEU A 38 -6.71 -16.89 -0.41
CA LEU A 38 -6.38 -16.96 -1.82
C LEU A 38 -6.42 -18.42 -2.26
N ILE A 39 -6.92 -18.67 -3.47
CA ILE A 39 -6.92 -20.02 -4.03
C ILE A 39 -6.71 -19.89 -5.53
N GLY A 40 -5.93 -20.80 -6.10
CA GLY A 40 -5.72 -20.79 -7.53
C GLY A 40 -4.51 -21.63 -7.90
N GLN A 41 -4.05 -21.43 -9.14
CA GLN A 41 -3.02 -22.26 -9.74
C GLN A 41 -1.63 -21.83 -9.22
N ALA A 42 -1.32 -22.29 -8.02
CA ALA A 42 0.05 -22.20 -7.52
C ALA A 42 0.88 -23.33 -8.13
N GLU A 43 2.18 -23.08 -8.28
CA GLU A 43 3.09 -24.03 -8.90
C GLU A 43 4.21 -24.39 -7.94
N GLY A 44 3.86 -24.70 -6.69
CA GLY A 44 4.84 -25.14 -5.72
C GLY A 44 4.23 -25.53 -4.39
N GLY A 45 4.77 -26.58 -3.78
CA GLY A 45 4.26 -27.09 -2.53
C GLY A 45 3.21 -28.18 -2.74
N GLU A 46 2.93 -28.91 -1.67
CA GLU A 46 1.95 -29.98 -1.72
C GLU A 46 0.54 -29.39 -1.87
N PRO A 47 -0.25 -29.80 -2.86
CA PRO A 47 -1.61 -29.26 -3.00
C PRO A 47 -2.59 -29.97 -2.09
N ASN A 48 -3.83 -29.46 -2.09
CA ASN A 48 -4.95 -30.02 -1.36
C ASN A 48 -4.79 -29.86 0.16
N THR A 49 -3.99 -28.89 0.60
CA THR A 49 -3.79 -28.62 2.02
C THR A 49 -3.69 -27.12 2.22
N VAL A 50 -4.41 -26.60 3.20
CA VAL A 50 -4.41 -25.17 3.48
C VAL A 50 -3.13 -24.79 4.21
N TYR A 51 -2.53 -23.68 3.81
CA TYR A 51 -1.33 -23.13 4.45
C TYR A 51 -1.66 -21.75 5.00
N GLU A 52 -1.19 -21.48 6.21
CA GLU A 52 -1.34 -20.17 6.85
C GLU A 52 -0.04 -19.41 6.74
N LEU A 53 -0.10 -18.20 6.17
CA LEU A 53 1.09 -17.47 5.73
C LEU A 53 1.21 -16.18 6.52
N ARG A 54 2.46 -15.76 6.78
CA ARG A 54 2.73 -14.54 7.53
C ARG A 54 3.76 -13.65 6.84
N ASN A 55 4.68 -14.25 6.08
CA ASN A 55 5.71 -13.49 5.40
C ASN A 55 6.08 -14.20 4.09
N TYR A 56 6.38 -13.40 3.06
CA TYR A 56 6.61 -13.98 1.73
C TYR A 56 7.92 -14.76 1.62
N SER A 57 8.83 -14.65 2.59
CA SER A 57 9.91 -15.62 2.65
C SER A 57 9.37 -17.02 2.87
N GLN A 58 8.30 -17.14 3.67
CA GLN A 58 7.61 -18.40 3.82
C GLN A 58 6.95 -18.83 2.51
N ALA A 59 6.47 -17.85 1.73
CA ALA A 59 5.80 -18.16 0.47
C ALA A 59 6.77 -18.72 -0.56
N LYS A 60 7.92 -18.08 -0.74
CA LYS A 60 8.91 -18.57 -1.69
C LYS A 60 9.44 -19.93 -1.29
N ARG A 61 9.52 -20.19 0.01
CA ARG A 61 9.95 -21.50 0.49
C ARG A 61 9.00 -22.59 0.02
N LEU A 62 7.71 -22.27 -0.13
CA LEU A 62 6.68 -23.25 -0.48
C LEU A 62 6.11 -23.01 -1.86
N PHE A 63 5.58 -21.81 -2.13
CA PHE A 63 5.03 -21.49 -3.45
C PHE A 63 6.13 -20.88 -4.29
N ARG A 64 6.86 -21.75 -4.99
CA ARG A 64 8.02 -21.33 -5.77
C ARG A 64 7.64 -20.40 -6.92
N SER A 65 6.54 -20.70 -7.61
CA SER A 65 6.20 -20.00 -8.83
C SER A 65 4.69 -20.03 -8.99
N GLY A 66 4.21 -19.33 -10.02
CA GLY A 66 2.80 -19.30 -10.34
C GLY A 66 2.12 -18.04 -9.83
N GLU A 67 0.81 -17.98 -10.05
CA GLU A 67 0.05 -16.79 -9.72
C GLU A 67 -0.13 -16.58 -8.22
N LEU A 68 -0.07 -17.66 -7.43
CA LEU A 68 -0.27 -17.50 -5.99
C LEU A 68 0.88 -16.72 -5.35
N LEU A 69 2.11 -16.96 -5.80
CA LEU A 69 3.23 -16.21 -5.25
C LEU A 69 3.10 -14.73 -5.54
N ASP A 70 2.65 -14.39 -6.75
CA ASP A 70 2.36 -12.99 -7.05
C ASP A 70 1.23 -12.46 -6.18
N ALA A 71 0.19 -13.27 -5.98
CA ALA A 71 -0.99 -12.82 -5.26
C ALA A 71 -0.69 -12.53 -3.80
N ILE A 72 0.15 -13.35 -3.17
CA ILE A 72 0.48 -13.15 -1.76
C ILE A 72 1.19 -11.82 -1.60
N GLU A 73 2.28 -11.62 -2.35
CA GLU A 73 3.04 -10.39 -2.24
C GLU A 73 2.23 -9.17 -2.68
N LEU A 74 1.28 -9.38 -3.59
CA LEU A 74 0.36 -8.30 -3.95
C LEU A 74 -0.55 -7.95 -2.78
N ALA A 75 -1.04 -8.96 -2.07
CA ALA A 75 -1.90 -8.70 -0.92
C ALA A 75 -1.14 -7.95 0.17
N TRP A 76 0.10 -8.35 0.45
CA TRP A 76 0.89 -7.64 1.44
C TRP A 76 1.58 -6.41 0.87
N GLY A 77 1.66 -6.29 -0.46
CA GLY A 77 2.11 -5.08 -1.13
C GLY A 77 0.98 -4.31 -1.76
N SER A 78 -0.23 -4.46 -1.21
CA SER A 78 -1.42 -3.95 -1.90
C SER A 78 -1.49 -2.43 -1.89
N ASN A 79 -1.07 -1.79 -0.81
CA ASN A 79 -1.31 -0.39 -0.56
C ASN A 79 -0.13 0.17 0.25
N PRO A 80 0.25 1.44 0.05
CA PRO A 80 1.34 1.99 0.89
C PRO A 80 1.08 1.92 2.38
N ASN A 81 -0.17 2.10 2.80
CA ASN A 81 -0.53 2.11 4.21
C ASN A 81 -1.15 0.78 4.67
N TYR A 82 -2.11 0.27 3.92
CA TYR A 82 -2.86 -0.91 4.32
C TYR A 82 -2.22 -2.18 3.80
N THR A 83 -2.50 -3.29 4.48
CA THR A 83 -1.99 -4.59 4.09
C THR A 83 -2.93 -5.68 4.58
N ALA A 84 -2.87 -6.83 3.91
CA ALA A 84 -3.63 -7.99 4.36
C ALA A 84 -2.96 -8.62 5.58
N GLY A 85 -3.76 -9.28 6.42
CA GLY A 85 -3.24 -9.97 7.57
C GLY A 85 -2.65 -11.30 7.20
N ARG A 86 -2.78 -12.27 8.11
CA ARG A 86 -2.40 -13.64 7.78
C ARG A 86 -3.25 -14.16 6.63
N ILE A 87 -2.61 -14.83 5.68
CA ILE A 87 -3.27 -15.30 4.47
C ILE A 87 -3.40 -16.82 4.58
N LEU A 88 -4.57 -17.33 4.20
CA LEU A 88 -4.81 -18.76 4.05
C LEU A 88 -4.76 -19.10 2.57
N ALA A 89 -3.89 -20.04 2.18
CA ALA A 89 -3.70 -20.36 0.79
C ALA A 89 -3.64 -21.87 0.60
N MET A 90 -4.13 -22.33 -0.55
CA MET A 90 -4.01 -23.72 -0.97
C MET A 90 -3.62 -23.75 -2.44
N ARG A 91 -2.66 -24.60 -2.77
CA ARG A 91 -2.41 -24.95 -4.17
C ARG A 91 -3.47 -25.97 -4.59
N ILE A 92 -4.29 -25.61 -5.59
CA ILE A 92 -5.33 -26.51 -6.09
C ILE A 92 -4.77 -27.17 -7.35
N GLU A 93 -4.09 -28.30 -7.14
CA GLU A 93 -3.58 -29.12 -8.24
C GLU A 93 -3.58 -30.56 -7.78
N ASP A 94 -3.49 -31.47 -8.74
CA ASP A 94 -3.41 -32.91 -8.47
C ASP A 94 -1.96 -33.39 -8.52
N ALA A 95 -1.03 -32.57 -8.04
CA ALA A 95 0.38 -32.87 -8.17
C ALA A 95 0.76 -34.04 -7.26
N LYS A 96 1.86 -34.71 -7.62
CA LYS A 96 2.40 -35.83 -6.87
C LYS A 96 3.92 -35.75 -6.91
N PRO A 97 4.61 -36.38 -5.97
CA PRO A 97 6.07 -36.26 -5.94
C PRO A 97 6.77 -37.28 -6.82
N ALA A 98 7.90 -36.86 -7.38
CA ALA A 98 8.77 -37.78 -8.08
C ALA A 98 9.40 -38.76 -7.09
N SER A 99 9.61 -39.99 -7.55
CA SER A 99 10.10 -41.04 -6.66
C SER A 99 10.85 -42.08 -7.48
N ALA A 100 11.64 -42.89 -6.79
CA ALA A 100 12.44 -43.93 -7.43
C ALA A 100 12.62 -45.09 -6.47
N GLU A 101 12.72 -46.30 -7.05
CA GLU A 101 13.07 -47.51 -6.32
C GLU A 101 14.37 -48.04 -6.88
N ILE A 102 15.42 -48.06 -6.06
CA ILE A 102 16.74 -48.48 -6.53
C ILE A 102 17.50 -49.03 -5.34
N GLY A 103 18.39 -50.00 -5.60
CA GLY A 103 19.08 -50.65 -4.50
C GLY A 103 18.09 -51.33 -3.58
N GLY A 104 18.31 -51.17 -2.28
CA GLY A 104 17.39 -51.64 -1.26
C GLY A 104 16.55 -50.53 -0.66
N LEU A 105 16.38 -49.42 -1.38
CA LEU A 105 15.68 -48.24 -0.86
C LEU A 105 14.63 -47.76 -1.86
N LYS A 106 13.53 -47.24 -1.32
CA LYS A 106 12.54 -46.49 -2.07
C LYS A 106 12.72 -45.01 -1.74
N ILE A 107 12.91 -44.19 -2.77
CA ILE A 107 13.33 -42.81 -2.61
C ILE A 107 12.18 -41.92 -3.04
N THR A 108 11.80 -40.97 -2.17
CA THR A 108 10.66 -40.10 -2.42
C THR A 108 11.11 -38.66 -2.24
N SER A 109 10.67 -37.79 -3.15
CA SER A 109 10.98 -36.37 -3.05
C SER A 109 9.96 -35.67 -2.16
N LYS A 110 10.43 -34.74 -1.34
CA LYS A 110 9.51 -33.92 -0.55
C LYS A 110 8.82 -32.88 -1.42
N ILE A 111 9.48 -32.41 -2.47
CA ILE A 111 8.85 -31.45 -3.37
C ILE A 111 7.75 -32.16 -4.14
N TYR A 112 6.67 -31.44 -4.41
CA TYR A 112 5.54 -31.91 -5.21
C TYR A 112 5.51 -31.14 -6.53
N GLY A 113 5.44 -31.87 -7.64
CA GLY A 113 5.30 -31.28 -8.95
C GLY A 113 6.31 -31.82 -9.94
N ASN A 114 6.27 -31.26 -11.15
CA ASN A 114 7.18 -31.70 -12.20
C ASN A 114 8.63 -31.39 -11.87
N VAL A 115 8.87 -30.33 -11.11
CA VAL A 115 10.24 -29.94 -10.81
C VAL A 115 10.96 -31.00 -10.02
N ALA A 116 10.23 -31.84 -9.27
CA ALA A 116 10.86 -32.87 -8.46
C ALA A 116 11.66 -33.86 -9.29
N ASN A 117 11.37 -33.96 -10.59
CA ASN A 117 12.14 -34.87 -11.44
C ASN A 117 13.59 -34.45 -11.55
N ASN A 118 13.89 -33.16 -11.39
CA ASN A 118 15.27 -32.71 -11.51
C ASN A 118 16.16 -33.23 -10.39
N ILE A 119 15.58 -33.69 -9.29
CA ILE A 119 16.37 -34.15 -8.15
C ILE A 119 17.11 -35.42 -8.56
N GLN A 120 18.40 -35.50 -8.23
CA GLN A 120 19.23 -36.66 -8.52
C GLN A 120 19.85 -37.15 -7.22
N VAL A 121 19.78 -38.46 -6.99
CA VAL A 121 20.29 -39.07 -5.77
C VAL A 121 21.13 -40.27 -6.14
N GLY A 122 22.23 -40.48 -5.41
CA GLY A 122 23.12 -41.59 -5.68
C GLY A 122 23.90 -42.02 -4.45
N LEU A 123 24.13 -43.33 -4.31
CA LEU A 123 24.93 -43.87 -3.22
C LEU A 123 26.31 -44.27 -3.71
N GLU A 124 27.33 -43.96 -2.91
CA GLU A 124 28.70 -44.34 -3.20
C GLU A 124 29.31 -44.97 -1.96
N LYS A 125 30.48 -45.57 -2.12
CA LYS A 125 31.24 -46.14 -1.02
C LYS A 125 32.51 -45.33 -0.82
N ASN A 126 32.78 -44.95 0.44
CA ASN A 126 34.06 -44.38 0.82
C ASN A 126 34.99 -45.55 1.16
N THR A 127 35.90 -45.88 0.24
CA THR A 127 36.75 -47.05 0.44
C THR A 127 37.70 -46.87 1.60
N LEU A 128 38.10 -45.62 1.89
CA LEU A 128 39.06 -45.36 2.95
C LEU A 128 38.52 -45.77 4.31
N SER A 129 37.19 -45.75 4.49
CA SER A 129 36.56 -46.08 5.76
C SER A 129 35.64 -47.29 5.68
N ASP A 130 35.48 -47.91 4.52
CA ASP A 130 34.58 -49.05 4.34
C ASP A 130 33.15 -48.67 4.73
N SER A 131 32.72 -47.49 4.28
CA SER A 131 31.43 -46.93 4.67
C SER A 131 30.75 -46.32 3.45
N LEU A 132 29.43 -46.18 3.55
CA LEU A 132 28.66 -45.60 2.47
C LEU A 132 28.82 -44.09 2.42
N ARG A 133 28.55 -43.53 1.24
CA ARG A 133 28.49 -42.09 1.02
C ARG A 133 27.25 -41.79 0.20
N LEU A 134 26.56 -40.69 0.54
CA LEU A 134 25.33 -40.28 -0.11
C LEU A 134 25.48 -38.87 -0.65
N ARG A 135 24.89 -38.62 -1.82
CA ARG A 135 24.90 -37.30 -2.43
C ARG A 135 23.52 -37.01 -3.00
N VAL A 136 23.07 -35.77 -2.81
CA VAL A 136 21.79 -35.30 -3.32
C VAL A 136 22.07 -34.01 -4.08
N ILE A 137 21.45 -33.84 -5.25
CA ILE A 137 21.68 -32.71 -6.13
C ILE A 137 20.33 -32.18 -6.58
N PHE A 138 20.18 -30.85 -6.54
CA PHE A 138 18.98 -30.19 -7.05
C PHE A 138 19.42 -28.82 -7.54
N GLN A 139 19.56 -28.68 -8.86
CA GLN A 139 20.26 -27.53 -9.43
C GLN A 139 19.42 -26.26 -9.40
N ASP A 140 18.10 -26.40 -9.39
CA ASP A 140 17.24 -25.21 -9.38
C ASP A 140 17.45 -24.41 -8.11
N ASP A 141 17.57 -25.08 -6.97
CA ASP A 141 17.88 -24.44 -5.70
C ASP A 141 19.37 -24.27 -5.46
N ARG A 142 20.22 -24.75 -6.37
CA ARG A 142 21.66 -24.81 -6.16
C ARG A 142 21.99 -25.60 -4.89
N PHE A 143 21.20 -26.65 -4.66
CA PHE A 143 21.33 -27.47 -3.46
C PHE A 143 22.17 -28.69 -3.81
N ASN A 144 23.25 -28.90 -3.06
CA ASN A 144 24.16 -30.00 -3.32
C ASN A 144 24.84 -30.35 -2.01
N GLU A 145 24.55 -31.52 -1.46
CA GLU A 145 25.07 -31.95 -0.17
C GLU A 145 25.65 -33.35 -0.27
N VAL A 146 26.63 -33.63 0.58
CA VAL A 146 27.24 -34.95 0.70
C VAL A 146 27.08 -35.39 2.15
N TYR A 147 26.76 -36.66 2.35
CA TYR A 147 26.68 -37.28 3.66
C TYR A 147 27.70 -38.42 3.70
N ASP A 148 28.49 -38.48 4.76
CA ASP A 148 29.69 -39.31 4.77
C ASP A 148 29.76 -40.09 6.08
N ASN A 149 30.63 -41.11 6.09
CA ASN A 149 30.80 -41.98 7.25
C ASN A 149 29.49 -42.66 7.61
N ILE A 150 28.72 -43.04 6.60
CA ILE A 150 27.41 -43.63 6.82
C ILE A 150 27.61 -45.06 7.28
N GLY A 151 26.99 -45.41 8.40
CA GLY A 151 27.28 -46.66 9.07
C GLY A 151 28.45 -46.46 10.01
N ASN A 152 29.18 -47.54 10.28
CA ASN A 152 30.35 -47.52 11.18
C ASN A 152 29.97 -46.95 12.55
N ILE A 153 29.12 -47.71 13.26
CA ILE A 153 28.60 -47.21 14.52
C ILE A 153 29.66 -47.28 15.62
N PHE A 154 30.30 -48.44 15.79
CA PHE A 154 31.31 -48.57 16.84
C PHE A 154 32.23 -49.73 16.50
N THR A 155 33.45 -49.67 17.03
CA THR A 155 34.48 -50.67 16.80
C THR A 155 34.59 -51.60 18.00
N ILE A 156 35.02 -52.84 17.73
CA ILE A 156 35.29 -53.82 18.76
C ILE A 156 36.75 -54.27 18.58
N LYS A 157 37.46 -54.40 19.71
CA LYS A 157 38.83 -54.88 19.70
C LYS A 157 39.01 -55.85 20.86
N TYR A 158 40.00 -56.74 20.71
CA TYR A 158 40.21 -57.86 21.62
C TYR A 158 41.69 -57.98 21.94
N LYS A 159 42.00 -58.37 23.20
CA LYS A 159 43.36 -58.42 23.68
C LYS A 159 43.73 -59.71 24.41
N GLY A 160 42.81 -60.67 24.54
CA GLY A 160 43.12 -61.88 25.27
C GLY A 160 44.19 -62.71 24.59
N GLU A 161 44.89 -63.51 25.39
CA GLU A 161 46.03 -64.29 24.90
C GLU A 161 45.62 -65.55 24.17
N GLU A 162 44.34 -65.92 24.17
CA GLU A 162 43.91 -67.07 23.40
C GLU A 162 44.17 -66.84 21.91
N ALA A 163 44.08 -67.93 21.14
CA ALA A 163 44.51 -67.87 19.74
C ALA A 163 43.67 -66.90 18.93
N ASN A 164 42.35 -66.94 19.06
CA ASN A 164 41.49 -66.08 18.27
C ASN A 164 40.24 -65.74 19.08
N ALA A 165 39.57 -64.67 18.69
CA ALA A 165 38.28 -64.32 19.25
C ALA A 165 37.47 -63.64 18.16
N THR A 166 36.15 -63.87 18.17
CA THR A 166 35.25 -63.38 17.14
C THR A 166 33.96 -62.90 17.79
N PHE A 167 33.11 -62.26 16.99
CA PHE A 167 31.76 -61.91 17.42
C PHE A 167 30.81 -62.13 16.25
N SER A 168 29.52 -62.13 16.57
CA SER A 168 28.48 -62.24 15.55
C SER A 168 27.25 -61.47 16.01
N VAL A 169 26.52 -60.92 15.04
CA VAL A 169 25.24 -60.29 15.25
C VAL A 169 24.23 -61.01 14.37
N GLU A 170 23.09 -61.38 14.93
CA GLU A 170 22.07 -62.14 14.23
C GLU A 170 20.73 -61.42 14.36
N HIS A 171 19.87 -61.62 13.36
CA HIS A 171 18.56 -61.00 13.29
C HIS A 171 17.46 -62.00 13.57
N ASP A 172 16.27 -61.47 13.86
CA ASP A 172 15.03 -62.24 13.70
C ASP A 172 14.64 -62.22 12.24
N GLU A 173 14.57 -63.40 11.62
CA GLU A 173 14.43 -63.49 10.17
C GLU A 173 13.12 -62.88 9.66
N GLU A 174 12.11 -62.74 10.51
CA GLU A 174 10.86 -62.14 10.09
C GLU A 174 10.99 -60.62 10.02
N THR A 175 11.25 -59.98 11.16
CA THR A 175 11.35 -58.54 11.18
C THR A 175 12.71 -58.01 10.72
N GLN A 176 13.72 -58.87 10.62
CA GLN A 176 15.10 -58.48 10.37
C GLN A 176 15.64 -57.51 11.43
N LYS A 177 15.05 -57.50 12.63
CA LYS A 177 15.60 -56.75 13.73
C LYS A 177 16.70 -57.56 14.41
N ALA A 178 17.76 -56.87 14.84
CA ALA A 178 18.83 -57.53 15.58
C ALA A 178 18.30 -58.06 16.89
N SER A 179 18.69 -59.29 17.22
CA SER A 179 18.21 -59.99 18.41
C SER A 179 19.31 -60.32 19.39
N ARG A 180 20.52 -60.60 18.89
CA ARG A 180 21.67 -60.92 19.74
C ARG A 180 22.92 -60.28 19.17
N LEU A 181 23.83 -59.91 20.06
CA LEU A 181 25.24 -59.71 19.76
C LEU A 181 26.02 -60.62 20.68
N VAL A 182 26.87 -61.47 20.10
CA VAL A 182 27.55 -62.54 20.83
C VAL A 182 29.05 -62.37 20.64
N LEU A 183 29.80 -62.44 21.73
CA LEU A 183 31.26 -62.46 21.68
C LEU A 183 31.75 -63.88 21.93
N LYS A 184 32.65 -64.36 21.07
CA LYS A 184 33.12 -65.74 21.11
C LYS A 184 34.63 -65.73 21.10
N VAL A 185 35.24 -66.42 22.06
CA VAL A 185 36.68 -66.65 22.10
C VAL A 185 36.87 -68.09 21.65
N GLY A 186 37.71 -68.28 20.63
CA GLY A 186 37.83 -69.61 20.05
C GLY A 186 36.51 -70.00 19.43
N ASP A 187 35.99 -71.15 19.85
CA ASP A 187 34.71 -71.65 19.33
C ASP A 187 33.52 -71.33 20.23
N GLN A 188 33.77 -70.95 21.49
CA GLN A 188 32.72 -70.88 22.49
C GLN A 188 32.38 -69.44 22.86
N GLU A 189 31.12 -69.24 23.23
CA GLU A 189 30.65 -67.92 23.64
C GLU A 189 31.23 -67.56 25.00
N VAL A 190 31.78 -66.36 25.11
CA VAL A 190 32.13 -65.81 26.42
C VAL A 190 30.92 -65.13 27.04
N LYS A 191 30.31 -64.21 26.30
CA LYS A 191 29.13 -63.49 26.73
C LYS A 191 28.34 -63.09 25.50
N SER A 192 27.02 -62.95 25.68
CA SER A 192 26.12 -62.49 24.62
C SER A 192 25.26 -61.35 25.15
N TYR A 193 25.01 -60.37 24.28
CA TYR A 193 24.17 -59.22 24.60
C TYR A 193 22.83 -59.40 23.91
N ASP A 194 21.78 -59.59 24.70
CA ASP A 194 20.45 -59.91 24.18
C ASP A 194 19.78 -58.61 23.73
N LEU A 195 19.78 -58.37 22.43
CA LEU A 195 19.29 -57.11 21.88
C LEU A 195 17.80 -57.10 21.60
N THR A 196 17.09 -58.19 21.92
CA THR A 196 15.64 -58.21 21.68
C THR A 196 14.94 -57.15 22.51
N GLY A 197 15.45 -56.85 23.71
CA GLY A 197 14.88 -55.81 24.53
C GLY A 197 15.23 -55.94 26.00
N GLY A 198 15.61 -54.83 26.63
CA GLY A 198 16.01 -54.84 28.02
C GLY A 198 17.10 -53.81 28.31
N ALA A 199 18.20 -54.27 28.90
CA ALA A 199 19.30 -53.36 29.23
C ALA A 199 20.02 -52.84 28.00
N TYR A 200 19.88 -53.50 26.85
CA TYR A 200 20.65 -53.21 25.65
C TYR A 200 19.76 -52.69 24.52
N ASP A 201 18.80 -51.83 24.87
CA ASP A 201 18.01 -51.16 23.84
C ASP A 201 18.88 -50.21 23.02
N TYR A 202 19.80 -49.53 23.68
CA TYR A 202 20.71 -48.58 23.04
C TYR A 202 22.10 -49.19 22.98
N THR A 203 22.83 -48.86 21.92
CA THR A 203 24.14 -49.44 21.70
C THR A 203 25.16 -49.00 22.73
N ASN A 204 24.97 -47.83 23.34
CA ASN A 204 25.98 -47.33 24.29
C ASN A 204 26.11 -48.26 25.48
N ALA A 205 25.02 -48.89 25.90
CA ALA A 205 25.10 -49.92 26.93
C ALA A 205 25.96 -51.09 26.48
N ILE A 206 25.87 -51.45 25.19
CA ILE A 206 26.71 -52.53 24.68
C ILE A 206 28.17 -52.12 24.73
N ILE A 207 28.47 -50.87 24.35
CA ILE A 207 29.85 -50.39 24.38
C ILE A 207 30.38 -50.46 25.80
N THR A 208 29.62 -49.96 26.77
CA THR A 208 30.06 -49.95 28.16
C THR A 208 30.29 -51.36 28.66
N ASP A 209 29.39 -52.29 28.34
CA ASP A 209 29.53 -53.64 28.86
C ASP A 209 30.65 -54.41 28.19
N ILE A 210 30.89 -54.16 26.89
CA ILE A 210 32.06 -54.76 26.25
C ILE A 210 33.32 -54.23 26.91
N ASN A 211 33.36 -52.92 27.19
CA ASN A 211 34.51 -52.34 27.86
C ASN A 211 34.68 -52.90 29.26
N GLN A 212 33.58 -53.34 29.89
CA GLN A 212 33.71 -53.92 31.22
C GLN A 212 34.45 -55.26 31.20
N LEU A 213 34.33 -56.02 30.11
CA LEU A 213 35.03 -57.29 30.02
C LEU A 213 36.54 -57.03 29.98
N PRO A 214 37.36 -57.74 30.76
CA PRO A 214 38.80 -57.44 30.74
C PRO A 214 39.45 -57.66 29.39
N ASP A 215 39.03 -58.67 28.64
CA ASP A 215 39.72 -59.05 27.42
C ASP A 215 39.21 -58.35 26.18
N PHE A 216 38.15 -57.54 26.28
CA PHE A 216 37.54 -56.87 25.14
C PHE A 216 37.52 -55.37 25.36
N GLU A 217 37.51 -54.62 24.25
CA GLU A 217 37.36 -53.17 24.29
C GLU A 217 36.41 -52.75 23.19
N ALA A 218 35.73 -51.63 23.41
CA ALA A 218 34.84 -51.04 22.42
C ALA A 218 34.94 -49.53 22.50
N LYS A 219 34.92 -48.86 21.34
CA LYS A 219 35.00 -47.41 21.27
C LYS A 219 34.03 -46.90 20.23
N LEU A 220 33.27 -45.87 20.61
CA LEU A 220 32.29 -45.28 19.71
C LEU A 220 32.98 -44.58 18.53
N SER A 221 32.27 -44.54 17.40
CA SER A 221 32.82 -43.92 16.20
C SER A 221 33.09 -42.44 16.48
N PRO A 222 34.20 -41.88 15.96
CA PRO A 222 34.46 -40.45 16.20
C PRO A 222 33.53 -39.52 15.45
N PHE A 223 32.83 -40.01 14.42
CA PHE A 223 32.03 -39.14 13.56
C PHE A 223 30.62 -39.03 14.15
N GLY A 224 30.51 -38.20 15.18
CA GLY A 224 29.22 -37.88 15.77
C GLY A 224 28.74 -38.96 16.73
N ASP A 225 27.76 -38.57 17.56
CA ASP A 225 27.12 -39.48 18.51
C ASP A 225 26.10 -40.32 17.75
N LYS A 226 26.58 -41.39 17.14
CA LYS A 226 25.71 -42.23 16.33
C LYS A 226 24.63 -42.89 17.18
N ASN A 227 25.03 -43.57 18.26
CA ASN A 227 24.16 -43.90 19.40
C ASN A 227 22.83 -44.54 18.98
N LEU A 228 22.92 -45.44 18.00
CA LEU A 228 21.73 -46.01 17.39
C LEU A 228 21.07 -47.03 18.29
N GLU A 229 19.76 -47.21 18.09
CA GLU A 229 19.05 -48.32 18.72
C GLU A 229 19.67 -49.64 18.27
N SER A 230 19.84 -50.56 19.23
CA SER A 230 20.54 -51.80 18.93
C SER A 230 19.74 -52.74 18.05
N SER A 231 18.41 -52.57 17.97
CA SER A 231 17.62 -53.41 17.06
C SER A 231 17.94 -53.15 15.60
N LYS A 232 18.53 -52.00 15.28
CA LYS A 232 18.84 -51.62 13.91
C LYS A 232 20.26 -52.01 13.48
N LEU A 233 20.98 -52.75 14.31
CA LEU A 233 22.27 -53.28 13.89
C LEU A 233 22.09 -54.34 12.80
N ASP A 234 23.19 -54.65 12.12
CA ASP A 234 23.18 -55.49 10.94
C ASP A 234 23.78 -56.86 11.22
N LYS A 235 23.47 -57.81 10.34
CA LYS A 235 23.85 -59.20 10.49
C LYS A 235 25.33 -59.37 10.17
N ILE A 236 26.10 -59.81 11.15
CA ILE A 236 27.53 -60.08 11.01
C ILE A 236 27.81 -61.42 11.66
N GLU A 237 28.75 -62.19 11.10
CA GLU A 237 29.16 -63.48 11.65
C GLU A 237 30.66 -63.64 11.58
N ASN A 238 31.24 -64.21 12.65
CA ASN A 238 32.60 -64.76 12.65
C ASN A 238 33.65 -63.74 12.21
N ALA A 239 33.47 -62.47 12.56
CA ALA A 239 34.48 -61.46 12.25
C ALA A 239 35.64 -61.59 13.22
N ASN A 240 36.85 -61.76 12.69
CA ASN A 240 38.03 -61.91 13.52
C ASN A 240 38.42 -60.57 14.13
N ILE A 241 38.58 -60.54 15.45
CA ILE A 241 38.71 -59.28 16.18
C ILE A 241 40.17 -59.00 16.53
N LYS A 242 40.96 -60.06 16.75
CA LYS A 242 42.20 -59.94 17.51
C LYS A 242 43.17 -58.96 16.86
N ASP A 243 43.26 -58.98 15.53
CA ASP A 243 44.20 -58.13 14.81
C ASP A 243 43.57 -56.83 14.31
N LYS A 244 42.28 -56.58 14.56
CA LYS A 244 41.56 -55.51 13.91
C LYS A 244 40.58 -54.83 14.86
N ALA A 245 40.40 -53.53 14.67
CA ALA A 245 39.25 -52.80 15.21
C ALA A 245 38.14 -52.89 14.17
N VAL A 246 37.22 -53.84 14.37
CA VAL A 246 36.21 -54.17 13.36
C VAL A 246 34.95 -53.37 13.67
N TYR A 247 34.39 -52.74 12.65
CA TYR A 247 33.23 -51.89 12.80
C TYR A 247 31.95 -52.71 12.68
N VAL A 248 31.03 -52.51 13.62
CA VAL A 248 29.63 -52.77 13.36
C VAL A 248 29.14 -51.62 12.51
N LYS A 249 28.29 -51.92 11.51
CA LYS A 249 27.94 -50.95 10.49
C LYS A 249 26.59 -50.30 10.75
N ALA A 250 25.50 -51.06 10.69
CA ALA A 250 24.16 -50.53 10.91
C ALA A 250 23.86 -49.38 9.95
N VAL A 251 24.01 -49.64 8.65
CA VAL A 251 24.02 -48.56 7.68
C VAL A 251 22.65 -47.88 7.60
N PHE A 252 21.57 -48.66 7.65
CA PHE A 252 20.26 -48.08 7.42
C PHE A 252 19.82 -47.21 8.59
N GLY A 253 20.07 -47.66 9.83
CA GLY A 253 19.74 -46.83 10.97
C GLY A 253 20.56 -45.56 11.04
N ASP A 254 21.83 -45.64 10.60
CA ASP A 254 22.63 -44.43 10.53
C ASP A 254 22.13 -43.51 9.43
N LEU A 255 21.68 -44.08 8.32
CA LEU A 255 21.06 -43.27 7.27
C LEU A 255 19.86 -42.51 7.80
N GLU A 256 19.01 -43.20 8.57
CA GLU A 256 17.86 -42.53 9.17
C GLU A 256 18.31 -41.44 10.13
N LYS A 257 19.32 -41.73 10.95
CA LYS A 257 19.80 -40.74 11.91
C LYS A 257 20.33 -39.50 11.21
N GLN A 258 21.02 -39.68 10.08
CA GLN A 258 21.66 -38.56 9.42
C GLN A 258 20.76 -37.83 8.43
N THR A 259 19.63 -38.43 8.03
CA THR A 259 18.82 -37.90 6.93
C THR A 259 17.32 -37.84 7.20
N ALA A 260 16.82 -38.35 8.32
CA ALA A 260 15.39 -38.43 8.51
C ALA A 260 14.77 -37.04 8.60
N TYR A 261 15.36 -36.15 9.39
CA TYR A 261 14.84 -34.80 9.59
C TYR A 261 15.60 -33.77 8.77
N ASN A 262 16.22 -34.19 7.66
CA ASN A 262 17.10 -33.32 6.88
C ASN A 262 16.84 -33.53 5.40
N GLY A 263 17.21 -32.52 4.61
CA GLY A 263 17.27 -32.65 3.17
C GLY A 263 15.91 -32.54 2.51
N ILE A 264 15.96 -32.67 1.19
CA ILE A 264 14.77 -32.63 0.35
C ILE A 264 14.18 -34.02 0.12
N VAL A 265 14.90 -35.08 0.50
CA VAL A 265 14.58 -36.44 0.11
C VAL A 265 14.41 -37.28 1.38
N SER A 266 13.60 -38.33 1.28
CA SER A 266 13.42 -39.32 2.34
C SER A 266 13.54 -40.71 1.74
N PHE A 267 13.85 -41.68 2.60
CA PHE A 267 14.15 -43.04 2.16
C PHE A 267 13.32 -44.05 2.95
N GLU A 268 13.01 -45.17 2.29
CA GLU A 268 12.33 -46.30 2.93
C GLU A 268 12.94 -47.58 2.40
N GLN A 269 13.23 -48.52 3.30
CA GLN A 269 13.85 -49.79 2.91
C GLN A 269 12.80 -50.77 2.43
N LEU A 270 13.05 -51.40 1.28
CA LEU A 270 12.14 -52.39 0.73
C LEU A 270 12.02 -53.60 1.66
N LYS A 298 15.85 -57.29 1.22
CA LYS A 298 16.79 -56.64 0.29
C LYS A 298 17.97 -56.04 1.02
N THR A 299 19.06 -55.74 0.29
CA THR A 299 20.29 -55.21 0.87
C THR A 299 20.61 -53.86 0.23
N ILE A 300 21.07 -52.93 1.05
CA ILE A 300 21.52 -51.63 0.55
C ILE A 300 22.92 -51.80 -0.06
N GLU A 301 23.10 -51.27 -1.26
CA GLU A 301 24.40 -51.26 -1.93
C GLU A 301 24.51 -49.99 -2.75
N PRO A 302 25.72 -49.60 -3.17
CA PRO A 302 25.86 -48.40 -4.01
C PRO A 302 25.10 -48.52 -5.32
N PHE A 303 24.57 -47.38 -5.77
CA PHE A 303 23.95 -47.27 -7.08
C PHE A 303 24.31 -45.91 -7.68
N GLU A 304 24.27 -45.83 -9.00
CA GLU A 304 24.68 -44.62 -9.69
C GLU A 304 23.67 -43.48 -9.44
N LEU A 305 24.17 -42.26 -9.60
CA LEU A 305 23.34 -41.06 -9.48
C LEU A 305 22.20 -41.12 -10.49
N THR A 306 20.97 -41.06 -9.98
CA THR A 306 19.78 -41.33 -10.77
C THR A 306 18.76 -40.21 -10.54
N LYS A 307 18.14 -39.77 -11.63
CA LYS A 307 17.05 -38.80 -11.54
C LYS A 307 15.80 -39.47 -10.97
N LEU A 308 15.09 -38.76 -10.10
CA LEU A 308 13.77 -39.22 -9.70
C LEU A 308 12.77 -38.98 -10.84
N LYS A 309 11.79 -39.87 -10.94
CA LYS A 309 10.85 -39.87 -12.04
C LYS A 309 9.43 -39.82 -11.50
N GLY A 310 8.51 -39.36 -12.34
CA GLY A 310 7.10 -39.35 -12.03
C GLY A 310 6.57 -38.05 -11.46
N GLY A 311 7.41 -37.02 -11.34
CA GLY A 311 6.94 -35.73 -10.86
C GLY A 311 5.86 -35.16 -11.74
N THR A 312 4.69 -34.89 -11.16
CA THR A 312 3.50 -34.53 -11.92
C THR A 312 2.85 -33.34 -11.25
N ASN A 313 2.24 -32.47 -12.06
CA ASN A 313 1.39 -31.39 -11.58
C ASN A 313 -0.09 -31.71 -11.66
N GLY A 314 -0.50 -32.53 -12.64
CA GLY A 314 -1.87 -32.94 -12.81
C GLY A 314 -2.65 -32.02 -13.75
N GLU A 315 -3.82 -32.48 -14.15
CA GLU A 315 -4.63 -31.73 -15.10
C GLU A 315 -5.33 -30.55 -14.40
N PRO A 316 -5.82 -29.57 -15.16
CA PRO A 316 -6.68 -28.54 -14.56
C PRO A 316 -7.94 -29.15 -13.96
N PRO A 317 -8.35 -28.76 -12.76
CA PRO A 317 -9.50 -29.42 -12.13
C PRO A 317 -10.81 -29.03 -12.79
N ALA A 318 -11.67 -30.03 -12.97
CA ALA A 318 -12.99 -29.80 -13.54
C ALA A 318 -13.98 -29.25 -12.53
N THR A 319 -13.72 -29.41 -11.23
CA THR A 319 -14.61 -28.92 -10.19
C THR A 319 -13.77 -28.48 -9.00
N TRP A 320 -14.35 -27.62 -8.17
CA TRP A 320 -13.65 -26.95 -7.09
C TRP A 320 -14.25 -27.18 -5.71
N ALA A 321 -15.43 -27.77 -5.61
CA ALA A 321 -16.12 -27.85 -4.33
C ALA A 321 -15.35 -28.71 -3.33
N ASP A 322 -14.92 -29.90 -3.74
CA ASP A 322 -14.30 -30.84 -2.81
C ASP A 322 -12.98 -30.33 -2.26
N LYS A 323 -12.35 -29.35 -2.91
CA LYS A 323 -11.13 -28.72 -2.39
C LYS A 323 -11.41 -27.34 -1.81
N LEU A 324 -12.33 -26.58 -2.40
CA LEU A 324 -12.65 -25.26 -1.88
C LEU A 324 -13.33 -25.34 -0.52
N ASP A 325 -14.04 -26.43 -0.24
CA ASP A 325 -14.75 -26.58 1.02
C ASP A 325 -13.81 -26.72 2.21
N LYS A 326 -12.51 -26.94 1.98
CA LYS A 326 -11.57 -27.01 3.09
C LYS A 326 -11.47 -25.70 3.84
N PHE A 327 -11.86 -24.58 3.22
CA PHE A 327 -11.92 -23.29 3.92
C PHE A 327 -13.10 -23.19 4.87
N ALA A 328 -13.99 -24.19 4.90
CA ALA A 328 -15.25 -24.06 5.63
C ALA A 328 -15.07 -23.91 7.13
N HIS A 329 -13.89 -24.19 7.68
CA HIS A 329 -13.62 -23.96 9.09
C HIS A 329 -12.30 -23.26 9.35
N GLU A 330 -11.60 -22.80 8.30
CA GLU A 330 -10.32 -22.13 8.50
C GLU A 330 -10.47 -20.71 9.03
N GLY A 331 -11.65 -20.13 8.95
CA GLY A 331 -11.92 -18.85 9.59
C GLY A 331 -11.59 -17.63 8.79
N GLY A 332 -11.45 -17.75 7.46
CA GLY A 332 -11.22 -16.60 6.62
C GLY A 332 -12.51 -15.89 6.25
N TYR A 333 -12.41 -14.58 6.02
CA TYR A 333 -13.57 -13.76 5.66
C TYR A 333 -13.61 -13.47 4.16
N TYR A 334 -12.57 -12.83 3.63
CA TYR A 334 -12.49 -12.54 2.20
C TYR A 334 -11.78 -13.67 1.48
N ILE A 335 -12.24 -13.97 0.28
CA ILE A 335 -11.61 -14.95 -0.60
C ILE A 335 -11.64 -14.39 -2.01
N VAL A 336 -10.54 -14.56 -2.73
CA VAL A 336 -10.45 -14.20 -4.14
C VAL A 336 -9.87 -15.41 -4.88
N PRO A 337 -10.59 -16.02 -5.83
CA PRO A 337 -9.96 -17.09 -6.63
C PRO A 337 -9.09 -16.51 -7.74
N LEU A 338 -7.85 -16.99 -7.83
CA LEU A 338 -6.95 -16.53 -8.87
C LEU A 338 -7.35 -17.08 -10.24
N SER A 339 -8.01 -18.23 -10.27
CA SER A 339 -8.44 -18.83 -11.52
C SER A 339 -9.46 -17.93 -12.23
N SER A 340 -9.81 -18.30 -13.46
CA SER A 340 -10.48 -17.41 -14.40
C SER A 340 -11.91 -17.79 -14.72
N LYS A 341 -12.21 -19.07 -14.91
CA LYS A 341 -13.45 -19.47 -15.56
C LYS A 341 -14.68 -19.13 -14.73
N GLN A 342 -15.79 -18.91 -15.42
CA GLN A 342 -17.04 -18.56 -14.76
C GLN A 342 -17.52 -19.66 -13.82
N SER A 343 -17.16 -20.91 -14.12
CA SER A 343 -17.51 -22.02 -13.23
C SER A 343 -16.93 -21.81 -11.84
N VAL A 344 -15.74 -21.21 -11.77
CA VAL A 344 -15.15 -20.89 -10.48
C VAL A 344 -16.03 -19.89 -9.75
N HIS A 345 -16.47 -18.84 -10.46
CA HIS A 345 -17.29 -17.80 -9.84
C HIS A 345 -18.60 -18.39 -9.31
N ALA A 346 -19.21 -19.28 -10.08
CA ALA A 346 -20.44 -19.92 -9.65
C ALA A 346 -20.21 -20.79 -8.42
N GLU A 347 -19.14 -21.60 -8.43
CA GLU A 347 -18.90 -22.49 -7.30
C GLU A 347 -18.51 -21.72 -6.05
N VAL A 348 -17.71 -20.66 -6.21
CA VAL A 348 -17.33 -19.85 -5.06
C VAL A 348 -18.55 -19.17 -4.48
N ALA A 349 -19.42 -18.64 -5.35
CA ALA A 349 -20.64 -18.00 -4.86
C ALA A 349 -21.51 -19.00 -4.10
N SER A 350 -21.64 -20.21 -4.63
CA SER A 350 -22.42 -21.23 -3.95
C SER A 350 -21.80 -21.61 -2.61
N PHE A 351 -20.47 -21.72 -2.57
CA PHE A 351 -19.78 -22.04 -1.33
C PHE A 351 -19.99 -20.94 -0.29
N VAL A 352 -19.78 -19.68 -0.68
CA VAL A 352 -19.95 -18.58 0.25
C VAL A 352 -21.38 -18.53 0.76
N LYS A 353 -22.35 -18.70 -0.14
CA LYS A 353 -23.74 -18.66 0.27
C LYS A 353 -24.07 -19.77 1.26
N GLU A 354 -23.52 -20.97 1.02
CA GLU A 354 -23.73 -22.06 1.96
C GLU A 354 -23.08 -21.77 3.31
N ARG A 355 -21.88 -21.19 3.30
CA ARG A 355 -21.24 -20.86 4.57
C ARG A 355 -22.05 -19.83 5.35
N SER A 356 -22.52 -18.77 4.66
CA SER A 356 -23.30 -17.75 5.36
C SER A 356 -24.62 -18.30 5.84
N ASP A 357 -25.24 -19.18 5.06
CA ASP A 357 -26.44 -19.84 5.53
C ASP A 357 -26.14 -20.75 6.71
N ALA A 358 -24.91 -21.25 6.81
CA ALA A 358 -24.46 -22.04 7.94
C ALA A 358 -23.97 -21.18 9.10
N GLY A 359 -24.01 -19.85 8.97
CA GLY A 359 -23.65 -18.96 10.04
C GLY A 359 -22.24 -18.42 10.03
N GLU A 360 -21.50 -18.62 8.93
CA GLU A 360 -20.12 -18.17 8.81
C GLU A 360 -20.07 -17.03 7.79
N PRO A 361 -19.74 -15.79 8.17
CA PRO A 361 -19.72 -14.71 7.17
C PRO A 361 -18.55 -14.82 6.22
N MET A 362 -18.84 -14.68 4.92
CA MET A 362 -17.83 -14.68 3.89
C MET A 362 -18.29 -13.83 2.71
N ARG A 363 -17.33 -13.22 2.03
CA ARG A 363 -17.59 -12.44 0.82
C ARG A 363 -16.44 -12.64 -0.15
N ALA A 364 -16.78 -12.64 -1.45
CA ALA A 364 -15.83 -12.88 -2.52
C ALA A 364 -15.72 -11.65 -3.40
N ILE A 365 -14.52 -11.44 -3.95
CA ILE A 365 -14.24 -10.36 -4.90
C ILE A 365 -13.75 -11.00 -6.19
N VAL A 366 -14.33 -10.57 -7.32
CA VAL A 366 -14.13 -11.20 -8.62
C VAL A 366 -13.90 -10.07 -9.62
N GLY A 367 -13.25 -10.41 -10.74
CA GLY A 367 -13.11 -9.44 -11.81
C GLY A 367 -12.87 -10.09 -13.16
N GLY A 368 -13.58 -9.65 -14.20
CA GLY A 368 -13.59 -10.38 -15.45
C GLY A 368 -12.47 -10.07 -16.44
N GLY A 369 -11.46 -10.94 -16.47
CA GLY A 369 -10.57 -11.05 -17.62
C GLY A 369 -9.83 -9.77 -17.98
N PHE A 370 -9.58 -9.62 -19.28
CA PHE A 370 -8.85 -8.48 -19.84
C PHE A 370 -9.76 -7.67 -20.74
N ASN A 371 -9.91 -6.37 -20.43
CA ASN A 371 -10.55 -5.42 -21.33
C ASN A 371 -11.95 -5.88 -21.74
N GLU A 372 -12.67 -6.52 -20.82
CA GLU A 372 -13.98 -7.04 -21.13
C GLU A 372 -14.99 -5.89 -21.15
N SER A 373 -15.61 -5.68 -22.31
CA SER A 373 -16.53 -4.56 -22.48
C SER A 373 -17.76 -4.74 -21.59
N LYS A 374 -18.61 -3.71 -21.62
CA LYS A 374 -19.75 -3.67 -20.71
C LYS A 374 -20.74 -4.79 -21.02
N GLU A 375 -20.88 -5.15 -22.29
CA GLU A 375 -21.83 -6.19 -22.66
C GLU A 375 -21.45 -7.53 -22.05
N GLN A 376 -20.17 -7.87 -22.06
CA GLN A 376 -19.73 -9.09 -21.41
C GLN A 376 -19.96 -9.00 -19.90
N LEU A 377 -19.55 -7.88 -19.31
CA LEU A 377 -19.63 -7.74 -17.85
C LEU A 377 -21.07 -7.83 -17.37
N PHE A 378 -22.01 -7.29 -18.13
CA PHE A 378 -23.42 -7.39 -17.74
C PHE A 378 -23.86 -8.85 -17.73
N GLY A 379 -23.45 -9.64 -18.72
CA GLY A 379 -23.78 -11.05 -18.72
C GLY A 379 -23.18 -11.79 -17.54
N ARG A 380 -21.94 -11.46 -17.18
CA ARG A 380 -21.32 -12.07 -16.00
C ARG A 380 -22.05 -11.65 -14.74
N GLN A 381 -22.46 -10.38 -14.67
CA GLN A 381 -23.21 -9.89 -13.51
C GLN A 381 -24.54 -10.61 -13.39
N ALA A 382 -25.25 -10.78 -14.52
CA ALA A 382 -26.52 -11.49 -14.49
C ALA A 382 -26.33 -12.95 -14.09
N SER A 383 -25.17 -13.53 -14.40
CA SER A 383 -24.84 -14.87 -13.95
C SER A 383 -24.28 -14.89 -12.53
N LEU A 384 -24.14 -13.73 -11.88
CA LEU A 384 -23.45 -13.63 -10.60
C LEU A 384 -24.13 -12.63 -9.67
N SER A 385 -25.45 -12.50 -9.75
CA SER A 385 -26.13 -11.37 -9.13
C SER A 385 -26.41 -11.55 -7.64
N ASN A 386 -26.12 -12.71 -7.06
CA ASN A 386 -26.35 -12.92 -5.64
C ASN A 386 -25.38 -12.05 -4.83
N PRO A 387 -25.78 -11.63 -3.60
CA PRO A 387 -24.84 -10.83 -2.78
C PRO A 387 -23.68 -11.67 -2.29
N ARG A 388 -22.76 -11.02 -1.57
CA ARG A 388 -21.51 -11.58 -1.08
C ARG A 388 -20.53 -11.92 -2.19
N VAL A 389 -20.74 -11.39 -3.39
CA VAL A 389 -19.81 -11.49 -4.50
C VAL A 389 -19.68 -10.10 -5.11
N SER A 390 -18.44 -9.64 -5.27
CA SER A 390 -18.15 -8.31 -5.82
C SER A 390 -17.39 -8.47 -7.12
N LEU A 391 -17.88 -7.82 -8.18
CA LEU A 391 -17.30 -7.95 -9.52
C LEU A 391 -16.49 -6.70 -9.83
N VAL A 392 -15.24 -6.91 -10.28
CA VAL A 392 -14.31 -5.83 -10.59
C VAL A 392 -14.24 -5.73 -12.12
N ALA A 393 -14.42 -4.53 -12.65
CA ALA A 393 -14.54 -4.37 -14.09
C ALA A 393 -13.19 -4.36 -14.80
N ASN A 394 -12.13 -3.86 -14.16
CA ASN A 394 -10.95 -3.42 -14.87
C ASN A 394 -9.78 -4.38 -14.69
N SER A 395 -8.85 -4.31 -15.65
CA SER A 395 -7.57 -5.02 -15.60
C SER A 395 -6.46 -4.05 -15.99
N GLY A 396 -5.24 -4.35 -15.52
CA GLY A 396 -4.14 -3.42 -15.74
C GLY A 396 -2.75 -4.03 -15.63
N THR A 397 -1.83 -3.29 -15.00
CA THR A 397 -0.46 -3.72 -14.80
C THR A 397 0.00 -3.33 -13.40
N PHE A 398 0.78 -4.20 -12.77
CA PHE A 398 1.36 -3.93 -11.44
C PHE A 398 2.87 -3.83 -11.57
N VAL A 399 3.44 -2.71 -11.13
CA VAL A 399 4.86 -2.67 -10.83
C VAL A 399 5.08 -3.54 -9.61
N MET A 400 6.08 -4.42 -9.67
CA MET A 400 6.27 -5.46 -8.67
C MET A 400 7.75 -5.63 -8.37
N ASP A 401 8.05 -6.18 -7.19
CA ASP A 401 9.42 -6.42 -6.76
C ASP A 401 10.13 -7.47 -7.60
N ASP A 402 9.41 -8.21 -8.44
CA ASP A 402 10.06 -9.12 -9.38
C ASP A 402 10.93 -8.39 -10.39
N GLY A 403 10.72 -7.11 -10.59
CA GLY A 403 11.41 -6.36 -11.66
C GLY A 403 10.60 -6.38 -12.94
N ARG A 404 10.12 -7.57 -13.32
CA ARG A 404 9.20 -7.71 -14.43
C ARG A 404 7.94 -6.88 -14.17
N LYS A 405 7.49 -6.15 -15.19
CA LYS A 405 6.17 -5.53 -15.16
C LYS A 405 5.14 -6.60 -15.47
N ASN A 406 4.33 -6.97 -14.49
CA ASN A 406 3.31 -7.99 -14.70
C ASN A 406 2.15 -7.43 -15.51
N HIS A 407 1.65 -8.23 -16.46
CA HIS A 407 0.39 -7.95 -17.13
C HIS A 407 -0.72 -8.63 -16.33
N VAL A 408 -1.64 -7.84 -15.81
CA VAL A 408 -2.45 -8.21 -14.66
C VAL A 408 -3.89 -8.38 -15.12
N PRO A 409 -4.52 -9.55 -14.93
CA PRO A 409 -5.96 -9.66 -15.23
C PRO A 409 -6.79 -9.02 -14.12
N ALA A 410 -8.08 -8.82 -14.44
CA ALA A 410 -9.00 -8.30 -13.45
C ALA A 410 -9.14 -9.22 -12.25
N TYR A 411 -8.84 -10.51 -12.41
CA TYR A 411 -8.83 -11.41 -11.25
C TYR A 411 -7.79 -10.94 -10.24
N MET A 412 -6.59 -10.60 -10.71
CA MET A 412 -5.54 -10.16 -9.81
C MET A 412 -5.77 -8.75 -9.30
N VAL A 413 -6.49 -7.91 -10.06
CA VAL A 413 -6.92 -6.63 -9.51
C VAL A 413 -7.89 -6.88 -8.36
N ALA A 414 -8.78 -7.86 -8.51
CA ALA A 414 -9.66 -8.21 -7.42
C ALA A 414 -8.90 -8.78 -6.24
N VAL A 415 -7.79 -9.49 -6.50
CA VAL A 415 -6.91 -9.91 -5.42
C VAL A 415 -6.41 -8.68 -4.67
N ALA A 416 -5.89 -7.70 -5.42
CA ALA A 416 -5.38 -6.48 -4.78
C ALA A 416 -6.45 -5.79 -3.97
N LEU A 417 -7.67 -5.75 -4.50
CA LEU A 417 -8.77 -5.11 -3.78
C LEU A 417 -9.11 -5.87 -2.50
N GLY A 418 -9.04 -7.20 -2.55
CA GLY A 418 -9.27 -7.98 -1.34
C GLY A 418 -8.16 -7.81 -0.31
N GLY A 419 -6.93 -7.66 -0.78
CA GLY A 419 -5.84 -7.37 0.14
C GLY A 419 -5.98 -6.00 0.80
N LEU A 420 -6.50 -5.02 0.06
CA LEU A 420 -6.74 -3.70 0.62
C LEU A 420 -7.90 -3.74 1.61
N ALA A 421 -9.01 -4.35 1.22
CA ALA A 421 -10.20 -4.35 2.06
C ALA A 421 -9.95 -5.09 3.37
N SER A 422 -9.22 -6.21 3.31
CA SER A 422 -8.88 -6.92 4.55
C SER A 422 -7.98 -6.11 5.47
N GLY A 423 -7.26 -5.11 4.93
CA GLY A 423 -6.42 -4.27 5.76
C GLY A 423 -7.12 -3.08 6.36
N LEU A 424 -8.27 -2.69 5.81
CA LEU A 424 -9.02 -1.57 6.36
C LEU A 424 -9.60 -1.92 7.71
N GLU A 425 -10.06 -0.89 8.42
CA GLU A 425 -10.80 -1.10 9.65
C GLU A 425 -12.12 -1.80 9.33
N ILE A 426 -12.66 -2.51 10.31
CA ILE A 426 -13.96 -3.15 10.14
C ILE A 426 -14.99 -2.04 9.90
N GLY A 427 -15.71 -2.14 8.78
CA GLY A 427 -16.70 -1.16 8.42
C GLY A 427 -16.16 0.02 7.64
N GLU A 428 -14.84 0.14 7.49
CA GLU A 428 -14.25 1.18 6.67
C GLU A 428 -14.28 0.76 5.21
N SER A 429 -14.70 1.68 4.35
CA SER A 429 -14.97 1.36 2.95
C SER A 429 -13.72 1.49 2.10
N ILE A 430 -13.64 0.64 1.06
CA ILE A 430 -12.63 0.80 0.01
C ILE A 430 -12.89 1.99 -0.89
N THR A 431 -14.02 2.67 -0.72
CA THR A 431 -14.40 3.82 -1.53
C THR A 431 -13.27 4.86 -1.55
N PHE A 432 -12.86 5.24 -2.77
CA PHE A 432 -11.87 6.27 -3.05
C PHE A 432 -10.49 5.94 -2.48
N LYS A 433 -10.26 4.70 -2.02
CA LYS A 433 -8.94 4.35 -1.52
C LYS A 433 -7.96 4.16 -2.67
N PRO A 434 -6.66 4.42 -2.47
CA PRO A 434 -5.71 4.14 -3.54
C PRO A 434 -5.55 2.65 -3.78
N LEU A 435 -5.28 2.31 -5.04
CA LEU A 435 -5.07 0.93 -5.46
C LEU A 435 -3.62 0.59 -5.74
N ARG A 436 -2.82 1.57 -6.13
CA ARG A 436 -1.41 1.36 -6.46
C ARG A 436 -1.23 0.39 -7.63
N VAL A 437 -2.11 0.50 -8.62
CA VAL A 437 -1.88 -0.18 -9.90
C VAL A 437 -1.02 0.74 -10.76
N SER A 438 -0.24 0.15 -11.65
CA SER A 438 0.68 0.94 -12.48
C SER A 438 -0.05 1.58 -13.65
N SER A 439 -0.67 0.78 -14.50
CA SER A 439 -1.42 1.29 -15.64
C SER A 439 -2.63 0.38 -15.86
N LEU A 440 -3.77 0.99 -16.21
CA LEU A 440 -5.04 0.30 -16.34
C LEU A 440 -5.49 0.32 -17.79
N ASP A 441 -5.81 -0.86 -18.33
CA ASP A 441 -6.34 -0.98 -19.69
C ASP A 441 -7.81 -0.55 -19.67
N GLN A 442 -8.01 0.75 -19.54
CA GLN A 442 -9.31 1.32 -19.24
C GLN A 442 -9.95 1.90 -20.49
N ILE A 443 -11.17 1.45 -20.79
CA ILE A 443 -11.98 2.06 -21.84
C ILE A 443 -12.86 3.16 -21.26
N TYR A 444 -13.13 3.13 -19.97
CA TYR A 444 -14.31 3.75 -19.37
C TYR A 444 -14.05 5.19 -18.96
N GLU A 445 -15.02 6.05 -19.24
CA GLU A 445 -15.05 7.43 -18.77
C GLU A 445 -16.25 7.60 -17.84
N SER A 446 -16.59 8.86 -17.54
CA SER A 446 -17.55 9.16 -16.47
C SER A 446 -18.88 8.45 -16.69
N ILE A 447 -19.46 8.59 -17.90
CA ILE A 447 -20.75 7.94 -18.15
C ILE A 447 -20.59 6.43 -18.11
N ASP A 448 -19.47 5.92 -18.63
CA ASP A 448 -19.22 4.49 -18.57
C ASP A 448 -19.08 4.03 -17.12
N LEU A 449 -18.42 4.84 -16.29
CA LEU A 449 -18.33 4.49 -14.88
C LEU A 449 -19.70 4.47 -14.23
N ASP A 450 -20.56 5.43 -14.59
CA ASP A 450 -21.92 5.43 -14.08
C ASP A 450 -22.66 4.16 -14.48
N GLU A 451 -22.51 3.77 -15.75
CA GLU A 451 -23.17 2.56 -16.24
C GLU A 451 -22.69 1.33 -15.47
N LEU A 452 -21.38 1.24 -15.24
CA LEU A 452 -20.86 0.09 -14.51
C LEU A 452 -21.33 0.10 -13.07
N ASN A 453 -21.21 1.24 -12.38
CA ASN A 453 -21.49 1.27 -10.95
C ASN A 453 -22.98 1.11 -10.68
N GLU A 454 -23.84 1.69 -11.53
CA GLU A 454 -25.27 1.51 -11.36
C GLU A 454 -25.66 0.05 -11.52
N ASN A 455 -24.93 -0.69 -12.36
CA ASN A 455 -25.11 -2.13 -12.51
C ASN A 455 -24.49 -2.94 -11.38
N GLY A 456 -23.86 -2.29 -10.41
CA GLY A 456 -23.24 -2.99 -9.32
C GLY A 456 -21.86 -3.52 -9.61
N ILE A 457 -21.16 -2.96 -10.61
CA ILE A 457 -19.86 -3.44 -11.03
C ILE A 457 -18.82 -2.43 -10.55
N ILE A 458 -17.89 -2.89 -9.72
CA ILE A 458 -16.88 -1.99 -9.18
C ILE A 458 -15.98 -1.53 -10.32
N SER A 459 -15.64 -0.23 -10.34
CA SER A 459 -14.84 0.36 -11.40
C SER A 459 -13.70 1.15 -10.77
N ILE A 460 -12.59 1.24 -11.50
CA ILE A 460 -11.41 1.97 -11.05
C ILE A 460 -11.22 3.14 -12.01
N GLU A 461 -10.91 4.31 -11.45
CA GLU A 461 -10.69 5.53 -12.20
C GLU A 461 -9.25 5.99 -12.01
N PHE A 462 -8.56 6.26 -13.11
CA PHE A 462 -7.26 6.92 -13.06
C PHE A 462 -7.44 8.41 -12.87
N VAL A 463 -6.73 8.98 -11.91
CA VAL A 463 -6.79 10.40 -11.62
C VAL A 463 -5.36 10.93 -11.65
N ARG A 464 -5.09 11.85 -12.58
CA ARG A 464 -3.83 12.59 -12.61
C ARG A 464 -4.07 13.91 -11.87
N ASN A 465 -3.60 13.99 -10.63
CA ASN A 465 -3.62 15.25 -9.92
C ASN A 465 -2.67 16.24 -10.58
N ARG A 466 -2.79 17.50 -10.19
CA ARG A 466 -1.98 18.62 -10.70
C ARG A 466 -0.50 18.30 -10.81
N THR A 467 0.04 17.56 -9.83
CA THR A 467 1.45 17.21 -9.82
C THR A 467 1.69 15.73 -9.56
N ASN A 468 0.65 14.91 -9.38
CA ASN A 468 0.82 13.52 -9.01
C ASN A 468 -0.23 12.68 -9.72
N THR A 469 0.01 11.37 -9.74
CA THR A 469 -0.91 10.40 -10.31
C THR A 469 -1.25 9.35 -9.26
N PHE A 470 -2.52 8.96 -9.20
CA PHE A 470 -2.93 7.84 -8.37
C PHE A 470 -4.17 7.22 -8.99
N PHE A 471 -4.41 5.95 -8.64
CA PHE A 471 -5.59 5.21 -9.08
C PHE A 471 -6.47 4.99 -7.85
N ARG A 472 -7.69 5.51 -7.89
CA ARG A 472 -8.64 5.36 -6.80
C ARG A 472 -9.88 4.64 -7.31
N ILE A 473 -10.48 3.84 -6.43
CA ILE A 473 -11.62 3.02 -6.79
C ILE A 473 -12.86 3.77 -6.34
N VAL A 474 -13.88 3.84 -7.21
CA VAL A 474 -14.94 4.82 -6.99
C VAL A 474 -15.88 4.40 -5.86
N ASP A 475 -16.24 3.11 -5.79
CA ASP A 475 -17.24 2.68 -4.84
C ASP A 475 -17.06 1.20 -4.54
N ASP A 476 -17.70 0.76 -3.45
CA ASP A 476 -17.67 -0.63 -3.01
C ASP A 476 -18.97 -1.36 -3.31
N VAL A 477 -19.69 -0.95 -4.36
CA VAL A 477 -20.98 -1.55 -4.66
C VAL A 477 -20.80 -3.02 -4.98
N THR A 478 -21.66 -3.86 -4.42
CA THR A 478 -21.63 -5.29 -4.66
C THR A 478 -22.34 -5.63 -5.97
N THR A 479 -22.17 -6.88 -6.40
CA THR A 479 -22.79 -7.32 -7.64
C THR A 479 -24.31 -7.31 -7.54
N PHE A 480 -24.86 -7.38 -6.33
CA PHE A 480 -26.31 -7.33 -6.15
C PHE A 480 -26.85 -6.01 -6.68
N ASN A 481 -27.90 -6.09 -7.49
CA ASN A 481 -28.30 -4.94 -8.30
C ASN A 481 -29.15 -3.95 -7.52
N ASP A 482 -30.16 -4.44 -6.80
CA ASP A 482 -31.15 -3.57 -6.18
C ASP A 482 -30.49 -2.72 -5.08
N LYS A 483 -30.50 -1.41 -5.28
CA LYS A 483 -29.84 -0.48 -4.37
C LYS A 483 -30.68 -0.13 -3.15
N SER A 484 -31.95 -0.56 -3.10
CA SER A 484 -32.85 -0.13 -2.05
C SER A 484 -32.40 -0.59 -0.66
N ASP A 485 -31.60 -1.66 -0.58
CA ASP A 485 -31.12 -2.20 0.70
C ASP A 485 -29.59 -2.16 0.70
N PRO A 486 -28.96 -1.16 1.35
CA PRO A 486 -27.49 -1.08 1.28
C PRO A 486 -26.76 -2.22 1.96
N VAL A 487 -27.44 -3.00 2.81
CA VAL A 487 -26.80 -4.17 3.39
C VAL A 487 -26.42 -5.14 2.29
N LYS A 488 -27.29 -5.32 1.30
CA LYS A 488 -27.02 -6.17 0.16
C LYS A 488 -26.21 -5.46 -0.90
N ALA A 489 -26.54 -4.20 -1.17
CA ALA A 489 -25.92 -3.49 -2.28
C ALA A 489 -24.48 -3.08 -1.96
N GLU A 490 -24.22 -2.69 -0.71
CA GLU A 490 -22.94 -2.11 -0.31
C GLU A 490 -22.17 -3.10 0.57
N MET A 491 -20.86 -3.19 0.34
CA MET A 491 -20.09 -4.23 1.00
C MET A 491 -19.73 -3.87 2.44
N ALA A 492 -19.40 -2.60 2.69
CA ALA A 492 -18.99 -2.20 4.03
C ALA A 492 -20.13 -2.30 5.03
N VAL A 493 -21.34 -1.90 4.61
CA VAL A 493 -22.51 -2.04 5.48
C VAL A 493 -22.76 -3.51 5.79
N GLY A 494 -22.63 -4.37 4.78
CA GLY A 494 -22.83 -5.79 4.99
C GLY A 494 -21.81 -6.36 5.96
N GLU A 495 -20.55 -5.92 5.84
CA GLU A 495 -19.49 -6.40 6.73
C GLU A 495 -19.77 -6.00 8.16
N ALA A 496 -20.16 -4.73 8.37
CA ALA A 496 -20.50 -4.27 9.71
C ALA A 496 -21.71 -5.02 10.26
N ASN A 497 -22.70 -5.28 9.40
CA ASN A 497 -23.87 -6.04 9.82
C ASN A 497 -23.47 -7.45 10.24
N ASP A 498 -22.62 -8.11 9.45
CA ASP A 498 -22.22 -9.47 9.76
C ASP A 498 -21.47 -9.54 11.10
N PHE A 499 -20.53 -8.63 11.32
CA PHE A 499 -19.76 -8.67 12.56
C PHE A 499 -20.63 -8.31 13.77
N LEU A 500 -21.47 -7.28 13.64
CA LEU A 500 -22.35 -6.91 14.74
C LEU A 500 -23.30 -8.04 15.07
N VAL A 501 -23.89 -8.66 14.05
CA VAL A 501 -24.85 -9.73 14.28
C VAL A 501 -24.16 -10.91 14.96
N SER A 502 -22.96 -11.27 14.52
CA SER A 502 -22.25 -12.38 15.13
C SER A 502 -21.95 -12.08 16.60
N GLU A 503 -21.53 -10.86 16.92
CA GLU A 503 -21.29 -10.52 18.31
C GLU A 503 -22.57 -10.59 19.13
N LEU A 504 -23.66 -10.05 18.59
CA LEU A 504 -24.93 -10.09 19.30
C LEU A 504 -25.40 -11.52 19.52
N LYS A 505 -25.21 -12.36 18.52
CA LYS A 505 -25.52 -13.78 18.64
C LYS A 505 -24.75 -14.41 19.80
N VAL A 506 -23.44 -14.17 19.87
CA VAL A 506 -22.63 -14.78 20.90
C VAL A 506 -23.08 -14.29 22.27
N GLN A 507 -23.27 -12.98 22.42
CA GLN A 507 -23.65 -12.43 23.72
C GLN A 507 -25.01 -12.96 24.16
N LEU A 508 -25.96 -13.07 23.23
CA LEU A 508 -27.25 -13.66 23.57
C LEU A 508 -27.09 -15.11 24.01
N GLU A 509 -26.23 -15.87 23.31
CA GLU A 509 -25.96 -17.24 23.71
C GLU A 509 -25.47 -17.33 25.14
N ASP A 510 -24.44 -16.55 25.46
CA ASP A 510 -23.85 -16.59 26.80
C ASP A 510 -24.86 -16.17 27.86
N GLN A 511 -25.61 -15.11 27.58
CA GLN A 511 -26.50 -14.56 28.60
C GLN A 511 -27.72 -15.46 28.84
N PHE A 512 -28.35 -15.95 27.77
CA PHE A 512 -29.70 -16.51 27.86
C PHE A 512 -29.80 -17.98 27.48
N ILE A 513 -29.05 -18.45 26.48
CA ILE A 513 -29.14 -19.86 26.07
C ILE A 513 -28.21 -20.70 26.97
N GLY A 514 -27.69 -20.09 28.04
CA GLY A 514 -27.28 -20.90 29.17
C GLY A 514 -28.42 -21.61 29.87
N THR A 515 -29.67 -21.22 29.57
CA THR A 515 -30.89 -21.90 29.99
C THR A 515 -31.00 -22.02 31.51
N ARG A 516 -30.74 -20.92 32.22
CA ARG A 516 -30.79 -21.00 33.68
C ARG A 516 -32.22 -21.13 34.17
N THR A 517 -33.13 -20.30 33.66
CA THR A 517 -34.53 -20.38 34.07
C THR A 517 -35.39 -19.79 32.97
N ILE A 518 -36.67 -20.18 32.97
CA ILE A 518 -37.67 -19.50 32.16
C ILE A 518 -38.04 -18.14 32.75
N ASN A 519 -37.72 -17.91 34.02
CA ASN A 519 -38.08 -16.66 34.69
C ASN A 519 -37.32 -15.45 34.16
N THR A 520 -36.38 -15.63 33.23
CA THR A 520 -35.68 -14.51 32.60
C THR A 520 -36.68 -13.83 31.67
N SER A 521 -37.52 -12.98 32.26
CA SER A 521 -38.70 -12.48 31.57
C SER A 521 -38.30 -11.56 30.41
N ALA A 522 -39.32 -11.13 29.66
CA ALA A 522 -39.08 -10.36 28.44
C ALA A 522 -38.43 -9.01 28.76
N SER A 523 -38.80 -8.40 29.87
CA SER A 523 -38.25 -7.09 30.22
C SER A 523 -36.76 -7.17 30.47
N ILE A 524 -36.29 -8.27 31.05
CA ILE A 524 -34.86 -8.44 31.26
C ILE A 524 -34.13 -8.55 29.92
N ILE A 525 -34.72 -9.27 28.97
CA ILE A 525 -34.12 -9.39 27.65
C ILE A 525 -34.08 -8.04 26.97
N LYS A 526 -35.14 -7.26 27.12
CA LYS A 526 -35.17 -5.90 26.59
C LYS A 526 -34.07 -5.05 27.19
N ASP A 527 -33.87 -5.17 28.51
CA ASP A 527 -32.81 -4.42 29.16
C ASP A 527 -31.44 -4.82 28.65
N PHE A 528 -31.22 -6.12 28.48
CA PHE A 528 -29.93 -6.59 27.97
C PHE A 528 -29.68 -6.09 26.56
N ILE A 529 -30.71 -6.09 25.72
CA ILE A 529 -30.59 -5.56 24.37
C ILE A 529 -30.18 -4.09 24.44
N GLN A 530 -30.91 -3.30 25.23
CA GLN A 530 -30.68 -1.86 25.28
C GLN A 530 -29.30 -1.54 25.83
N SER A 531 -28.82 -2.32 26.81
CA SER A 531 -27.47 -2.12 27.30
C SER A 531 -26.43 -2.45 26.24
N TYR A 532 -26.68 -3.50 25.46
CA TYR A 532 -25.77 -3.86 24.38
C TYR A 532 -25.72 -2.77 23.33
N LEU A 533 -26.88 -2.24 22.93
CA LEU A 533 -26.89 -1.17 21.95
C LEU A 533 -26.28 0.10 22.52
N GLY A 534 -26.43 0.34 23.81
CA GLY A 534 -25.78 1.48 24.44
C GLY A 534 -24.27 1.37 24.39
N ARG A 535 -23.75 0.17 24.67
CA ARG A 535 -22.31 -0.06 24.56
C ARG A 535 -21.84 0.18 23.14
N LYS A 536 -22.58 -0.33 22.16
CA LYS A 536 -22.17 -0.19 20.77
C LYS A 536 -22.24 1.25 20.31
N LYS A 537 -23.21 2.02 20.80
CA LYS A 537 -23.21 3.45 20.54
C LYS A 537 -22.00 4.11 21.16
N ARG A 538 -21.63 3.69 22.37
CA ARG A 538 -20.44 4.23 23.02
C ARG A 538 -19.19 3.91 22.21
N ASP A 539 -19.12 2.70 21.63
CA ASP A 539 -18.02 2.34 20.75
C ASP A 539 -18.12 2.97 19.38
N ASN A 540 -19.22 3.64 19.06
CA ASN A 540 -19.47 4.20 17.73
C ASN A 540 -19.51 3.13 16.65
N GLU A 541 -19.78 1.88 17.03
CA GLU A 541 -20.04 0.84 16.02
C GLU A 541 -21.39 1.03 15.35
N ILE A 542 -22.31 1.74 15.99
CA ILE A 542 -23.58 2.11 15.39
C ILE A 542 -23.81 3.58 15.63
N GLN A 543 -24.56 4.22 14.73
CA GLN A 543 -24.79 5.65 14.86
C GLN A 543 -25.76 5.94 16.01
N ASP A 544 -26.90 5.28 16.03
CA ASP A 544 -27.91 5.49 17.07
C ASP A 544 -28.93 4.37 16.97
N PHE A 545 -29.70 4.20 18.04
CA PHE A 545 -30.79 3.24 18.08
C PHE A 545 -31.95 3.84 18.87
N PRO A 546 -33.20 3.45 18.58
CA PRO A 546 -34.31 3.93 19.43
C PRO A 546 -34.23 3.30 20.81
N ALA A 547 -34.13 4.15 21.83
CA ALA A 547 -34.10 3.66 23.20
C ALA A 547 -35.46 3.11 23.61
N GLU A 548 -36.54 3.66 23.06
CA GLU A 548 -37.89 3.37 23.52
C GLU A 548 -38.65 2.39 22.62
N ASP A 549 -38.06 1.94 21.51
CA ASP A 549 -38.75 1.16 20.50
C ASP A 549 -38.10 -0.21 20.30
N VAL A 550 -37.74 -0.85 21.41
CA VAL A 550 -37.35 -2.25 21.43
C VAL A 550 -38.46 -3.00 22.15
N GLN A 551 -38.90 -4.12 21.58
CA GLN A 551 -39.96 -4.93 22.14
C GLN A 551 -39.55 -6.39 22.15
N VAL A 552 -39.94 -7.10 23.21
CA VAL A 552 -39.68 -8.52 23.36
C VAL A 552 -40.99 -9.19 23.75
N ILE A 553 -41.27 -10.33 23.13
CA ILE A 553 -42.38 -11.21 23.50
C ILE A 553 -41.77 -12.58 23.74
N VAL A 554 -42.11 -13.20 24.88
CA VAL A 554 -41.57 -14.49 25.25
C VAL A 554 -42.76 -15.41 25.52
N GLU A 555 -42.68 -16.65 25.03
CA GLU A 555 -43.69 -17.67 25.31
C GLU A 555 -43.00 -19.01 25.39
N GLY A 556 -43.18 -19.73 26.50
CA GLY A 556 -42.49 -20.99 26.69
C GLY A 556 -40.99 -20.76 26.71
N ASN A 557 -40.26 -21.58 25.94
CA ASN A 557 -38.81 -21.47 25.86
C ASN A 557 -38.33 -20.50 24.79
N GLU A 558 -39.24 -19.85 24.07
CA GLU A 558 -38.90 -19.05 22.91
C GLU A 558 -39.16 -17.59 23.19
N ALA A 559 -38.22 -16.73 22.76
CA ALA A 559 -38.37 -15.28 22.80
C ALA A 559 -38.23 -14.73 21.39
N ARG A 560 -39.23 -14.00 20.93
CA ARG A 560 -39.21 -13.33 19.63
C ARG A 560 -38.91 -11.86 19.84
N ILE A 561 -37.85 -11.37 19.19
CA ILE A 561 -37.30 -10.05 19.47
C ILE A 561 -37.31 -9.27 18.16
N SER A 562 -37.61 -7.98 18.26
CA SER A 562 -37.51 -7.05 17.14
C SER A 562 -36.86 -5.77 17.65
N MET A 563 -35.95 -5.22 16.85
CA MET A 563 -35.24 -4.01 17.23
C MET A 563 -34.97 -3.19 15.97
N THR A 564 -34.59 -1.94 16.18
CA THR A 564 -34.19 -1.03 15.11
C THR A 564 -32.80 -0.50 15.44
N VAL A 565 -31.99 -0.29 14.40
CA VAL A 565 -30.69 0.36 14.52
C VAL A 565 -30.54 1.28 13.32
N TYR A 566 -29.98 2.48 13.56
CA TYR A 566 -29.69 3.42 12.50
C TYR A 566 -28.26 3.20 12.01
N PRO A 567 -28.04 2.76 10.76
CA PRO A 567 -26.65 2.52 10.33
C PRO A 567 -25.91 3.83 10.13
N ILE A 568 -24.58 3.72 10.11
CA ILE A 568 -23.74 4.89 9.91
C ILE A 568 -24.05 5.42 8.51
N ARG A 569 -24.50 6.68 8.44
CA ARG A 569 -24.94 7.28 7.19
C ARG A 569 -23.72 7.89 6.49
N SER A 570 -23.31 7.29 5.38
CA SER A 570 -22.18 7.80 4.62
C SER A 570 -22.60 9.01 3.76
N PHE A 571 -21.61 9.81 3.37
CA PHE A 571 -21.81 11.08 2.67
C PHE A 571 -20.98 11.06 1.39
N LYS A 572 -21.64 11.18 0.23
CA LYS A 572 -21.06 10.72 -1.01
C LYS A 572 -20.88 11.78 -2.10
N LYS A 573 -21.79 12.75 -2.22
CA LYS A 573 -21.84 13.64 -3.37
C LYS A 573 -21.73 15.10 -2.94
N ILE A 574 -21.05 15.90 -3.78
CA ILE A 574 -20.97 17.34 -3.63
C ILE A 574 -21.04 17.95 -5.02
N SER A 575 -21.71 19.09 -5.15
CA SER A 575 -21.71 19.87 -6.39
C SER A 575 -21.51 21.34 -6.05
N VAL A 576 -20.60 21.99 -6.76
CA VAL A 576 -20.22 23.38 -6.53
C VAL A 576 -20.60 24.19 -7.76
N SER A 577 -21.26 25.33 -7.55
CA SER A 577 -21.59 26.27 -8.62
C SER A 577 -20.74 27.52 -8.42
N LEU A 578 -19.51 27.49 -8.93
CA LEU A 578 -18.61 28.62 -8.80
C LEU A 578 -19.05 29.74 -9.74
N VAL A 579 -19.10 30.96 -9.22
CA VAL A 579 -19.52 32.13 -9.97
C VAL A 579 -18.42 33.16 -9.88
N TYR A 580 -18.04 33.74 -11.02
CA TYR A 580 -17.07 34.82 -11.07
C TYR A 580 -17.81 36.15 -11.22
N LYS A 581 -17.31 37.17 -10.52
CA LYS A 581 -17.92 38.49 -10.51
C LYS A 581 -16.83 39.55 -10.41
N GLN A 582 -17.19 40.77 -10.83
CA GLN A 582 -16.26 41.90 -10.83
C GLN A 582 -15.08 41.61 -11.75
N THR B 12 37.87 -0.09 -18.86
CA THR B 12 37.70 1.34 -18.74
C THR B 12 36.21 1.69 -18.69
N ARG B 13 35.41 0.78 -18.12
CA ARG B 13 33.97 1.02 -18.02
C ARG B 13 33.67 2.28 -17.21
N PRO B 14 34.26 2.50 -16.03
CA PRO B 14 34.17 3.83 -15.41
C PRO B 14 35.15 4.79 -16.07
N HIS B 15 34.62 5.79 -16.77
CA HIS B 15 35.45 6.69 -17.55
C HIS B 15 34.67 7.95 -17.86
N ALA B 16 35.40 9.00 -18.27
CA ALA B 16 34.83 10.20 -18.85
C ALA B 16 35.15 10.21 -20.33
N SER B 17 34.15 10.48 -21.16
CA SER B 17 34.30 10.57 -22.60
C SER B 17 33.81 11.93 -23.05
N ILE B 18 34.21 12.32 -24.25
CA ILE B 18 33.88 13.62 -24.80
C ILE B 18 33.35 13.39 -26.21
N SER B 32 8.39 22.91 -16.82
CA SER B 32 7.17 23.62 -16.74
C SER B 32 6.09 22.59 -16.55
N GLU B 33 5.17 22.89 -15.65
CA GLU B 33 4.15 21.92 -15.32
C GLU B 33 3.16 21.73 -16.47
N LYS B 34 2.94 22.78 -17.27
CA LYS B 34 2.00 22.71 -18.38
C LYS B 34 2.65 21.90 -19.49
N VAL B 35 2.47 20.58 -19.41
CA VAL B 35 3.00 19.67 -20.42
C VAL B 35 2.33 19.97 -21.75
N PHE B 36 3.10 19.89 -22.83
CA PHE B 36 2.67 20.33 -24.16
C PHE B 36 2.73 19.17 -25.14
N CYS B 37 1.71 19.06 -25.99
CA CYS B 37 1.59 17.97 -26.96
C CYS B 37 1.79 18.49 -28.37
N LEU B 38 2.38 17.65 -29.22
CA LEU B 38 2.47 17.88 -30.65
C LEU B 38 2.03 16.61 -31.38
N ILE B 39 1.32 16.78 -32.50
CA ILE B 39 0.93 15.64 -33.33
C ILE B 39 0.94 16.12 -34.77
N GLY B 40 1.39 15.25 -35.67
CA GLY B 40 1.38 15.58 -37.08
C GLY B 40 2.31 14.66 -37.85
N GLN B 41 2.62 15.09 -39.08
CA GLN B 41 3.34 14.26 -40.05
C GLN B 41 4.83 14.28 -39.74
N ALA B 42 5.22 13.48 -38.74
CA ALA B 42 6.62 13.18 -38.53
C ALA B 42 7.07 12.11 -39.51
N GLU B 43 8.36 12.15 -39.86
CA GLU B 43 8.93 11.24 -40.85
C GLU B 43 10.07 10.43 -40.23
N GLY B 44 9.84 9.90 -39.03
CA GLY B 44 10.83 9.04 -38.39
C GLY B 44 10.36 8.44 -37.09
N GLY B 45 10.73 7.19 -36.84
CA GLY B 45 10.29 6.48 -35.66
C GLY B 45 9.01 5.70 -35.90
N GLU B 46 8.74 4.78 -34.98
CA GLU B 46 7.53 3.96 -35.06
C GLU B 46 6.30 4.82 -34.80
N PRO B 47 5.29 4.83 -35.68
CA PRO B 47 4.09 5.64 -35.42
C PRO B 47 3.11 4.90 -34.52
N ASN B 48 2.04 5.62 -34.16
CA ASN B 48 0.94 5.11 -33.36
C ASN B 48 1.35 4.85 -31.91
N THR B 49 2.41 5.50 -31.43
CA THR B 49 2.87 5.35 -30.05
C THR B 49 3.35 6.71 -29.56
N VAL B 50 2.91 7.09 -28.37
CA VAL B 50 3.27 8.38 -27.78
C VAL B 50 4.69 8.30 -27.25
N TYR B 51 5.47 9.35 -27.50
CA TYR B 51 6.84 9.48 -27.02
C TYR B 51 6.93 10.71 -26.13
N GLU B 52 7.62 10.57 -25.00
CA GLU B 52 7.86 11.68 -24.08
C GLU B 52 9.28 12.20 -24.27
N LEU B 53 9.41 13.49 -24.54
CA LEU B 53 10.64 14.08 -25.03
C LEU B 53 11.18 15.09 -24.01
N ARG B 54 12.51 15.16 -23.92
CA ARG B 54 13.16 16.09 -22.99
C ARG B 54 14.25 16.92 -23.66
N ASN B 55 14.89 16.38 -24.70
CA ASN B 55 15.96 17.09 -25.40
C ASN B 55 15.96 16.68 -26.86
N TYR B 56 16.28 17.64 -27.74
CA TYR B 56 16.18 17.39 -29.18
C TYR B 56 17.23 16.44 -29.71
N SER B 57 18.28 16.12 -28.94
CA SER B 57 19.12 14.99 -29.31
C SER B 57 18.31 13.70 -29.31
N GLN B 58 17.37 13.59 -28.36
CA GLN B 58 16.44 12.48 -28.35
C GLN B 58 15.52 12.53 -29.56
N ALA B 59 15.16 13.74 -30.01
CA ALA B 59 14.26 13.91 -31.14
C ALA B 59 14.91 13.45 -32.43
N LYS B 60 16.14 13.90 -32.69
CA LYS B 60 16.83 13.49 -33.91
C LYS B 60 17.10 11.99 -33.93
N ARG B 61 17.31 11.40 -32.76
CA ARG B 61 17.48 9.96 -32.68
C ARG B 61 16.26 9.21 -33.17
N LEU B 62 15.07 9.79 -32.99
CA LEU B 62 13.81 9.14 -33.34
C LEU B 62 13.11 9.84 -34.50
N PHE B 63 12.83 11.14 -34.38
CA PHE B 63 12.17 11.89 -35.46
C PHE B 63 13.25 12.48 -36.35
N ARG B 64 13.66 11.70 -37.35
CA ARG B 64 14.75 12.08 -38.24
C ARG B 64 14.43 13.33 -39.05
N SER B 65 13.21 13.42 -39.55
CA SER B 65 12.85 14.46 -40.50
C SER B 65 11.36 14.76 -40.37
N GLY B 66 10.91 15.77 -41.11
CA GLY B 66 9.52 16.15 -41.13
C GLY B 66 9.23 17.34 -40.22
N GLU B 67 7.95 17.69 -40.15
CA GLU B 67 7.54 18.89 -39.43
C GLU B 67 7.63 18.73 -37.92
N LEU B 68 7.55 17.49 -37.41
CA LEU B 68 7.61 17.30 -35.96
C LEU B 68 8.98 17.67 -35.41
N LEU B 69 10.05 17.34 -36.13
CA LEU B 69 11.39 17.68 -35.66
C LEU B 69 11.55 19.19 -35.60
N ASP B 70 11.02 19.91 -36.58
CA ASP B 70 11.02 21.36 -36.50
C ASP B 70 10.18 21.86 -35.33
N ALA B 71 9.01 21.22 -35.12
CA ALA B 71 8.09 21.69 -34.10
C ALA B 71 8.67 21.53 -32.69
N ILE B 72 9.39 20.44 -32.45
CA ILE B 72 9.94 20.21 -31.12
C ILE B 72 10.96 21.30 -30.81
N GLU B 73 11.94 21.48 -31.69
CA GLU B 73 12.97 22.48 -31.47
C GLU B 73 12.40 23.89 -31.47
N LEU B 74 11.31 24.11 -32.19
CA LEU B 74 10.63 25.39 -32.12
C LEU B 74 9.99 25.60 -30.75
N ALA B 75 9.39 24.54 -30.19
CA ALA B 75 8.80 24.65 -28.87
C ALA B 75 9.86 24.95 -27.81
N TRP B 76 11.00 24.26 -27.88
CA TRP B 76 12.07 24.54 -26.93
C TRP B 76 12.93 25.73 -27.34
N GLY B 77 12.84 26.17 -28.60
CA GLY B 77 13.45 27.39 -29.07
C GLY B 77 12.44 28.50 -29.27
N SER B 78 11.32 28.45 -28.55
CA SER B 78 10.20 29.32 -28.86
C SER B 78 10.48 30.77 -28.50
N ASN B 79 11.18 31.02 -27.40
CA ASN B 79 11.31 32.34 -26.81
C ASN B 79 12.68 32.43 -26.15
N PRO B 80 13.32 33.62 -26.14
CA PRO B 80 14.62 33.73 -25.43
C PRO B 80 14.57 33.33 -23.97
N ASN B 81 13.47 33.63 -23.28
CA ASN B 81 13.33 33.33 -21.86
C ASN B 81 12.51 32.08 -21.59
N TYR B 82 11.35 31.96 -22.23
CA TYR B 82 10.42 30.88 -21.96
C TYR B 82 10.66 29.69 -22.87
N THR B 83 10.24 28.51 -22.41
CA THR B 83 10.38 27.29 -23.16
C THR B 83 9.30 26.30 -22.75
N ALA B 84 9.00 25.37 -23.65
CA ALA B 84 8.08 24.30 -23.32
C ALA B 84 8.75 23.27 -22.42
N GLY B 85 7.95 22.58 -21.62
CA GLY B 85 8.46 21.52 -20.76
C GLY B 85 8.66 20.24 -21.54
N ARG B 86 8.46 19.11 -20.85
CA ARG B 86 8.47 17.83 -21.54
C ARG B 86 7.36 17.79 -22.58
N ILE B 87 7.69 17.27 -23.76
CA ILE B 87 6.77 17.26 -24.89
C ILE B 87 6.31 15.83 -25.10
N LEU B 88 5.01 15.66 -25.34
CA LEU B 88 4.44 14.38 -25.75
C LEU B 88 4.19 14.43 -27.25
N ALA B 89 4.75 13.47 -28.00
CA ALA B 89 4.66 13.48 -29.44
C ALA B 89 4.34 12.08 -29.96
N MET B 90 3.60 12.04 -31.07
CA MET B 90 3.33 10.81 -31.79
C MET B 90 3.49 11.09 -33.28
N ARG B 91 4.16 10.19 -33.98
CA ARG B 91 4.12 10.17 -35.44
C ARG B 91 2.81 9.51 -35.85
N ILE B 92 1.96 10.25 -36.56
CA ILE B 92 0.67 9.72 -37.04
C ILE B 92 0.88 9.31 -38.49
N GLU B 93 1.31 8.07 -38.68
CA GLU B 93 1.46 7.48 -40.00
C GLU B 93 1.18 5.99 -39.88
N ASP B 94 0.92 5.35 -41.02
CA ASP B 94 0.72 3.91 -41.09
C ASP B 94 1.99 3.19 -41.53
N ALA B 95 3.14 3.69 -41.08
CA ALA B 95 4.42 3.16 -41.55
C ALA B 95 4.66 1.75 -41.02
N LYS B 96 5.50 1.02 -41.72
CA LYS B 96 5.88 -0.35 -41.36
C LYS B 96 7.35 -0.55 -41.68
N PRO B 97 8.01 -1.52 -41.05
CA PRO B 97 9.45 -1.68 -41.29
C PRO B 97 9.76 -2.54 -42.49
N ALA B 98 10.86 -2.22 -43.16
CA ALA B 98 11.39 -3.07 -44.20
C ALA B 98 11.92 -4.37 -43.60
N SER B 99 11.77 -5.47 -44.35
CA SER B 99 12.14 -6.77 -43.82
C SER B 99 12.49 -7.68 -44.99
N ALA B 100 13.17 -8.79 -44.66
CA ALA B 100 13.62 -9.74 -45.66
C ALA B 100 13.67 -11.13 -45.05
N GLU B 101 13.40 -12.15 -45.87
CA GLU B 101 13.56 -13.55 -45.50
C GLU B 101 14.62 -14.15 -46.42
N ILE B 102 15.74 -14.58 -45.85
CA ILE B 102 16.85 -15.09 -46.65
C ILE B 102 17.63 -16.07 -45.78
N GLY B 103 18.22 -17.07 -46.43
CA GLY B 103 18.91 -18.10 -45.65
C GLY B 103 17.94 -18.81 -44.73
N GLY B 104 18.38 -19.02 -43.49
CA GLY B 104 17.53 -19.57 -42.45
C GLY B 104 17.06 -18.52 -41.46
N LEU B 105 17.04 -17.23 -41.86
CA LEU B 105 16.71 -16.13 -40.98
C LEU B 105 15.67 -15.23 -41.61
N LYS B 106 14.81 -14.66 -40.76
CA LYS B 106 13.91 -13.57 -41.12
C LYS B 106 14.47 -12.29 -40.51
N ILE B 107 14.70 -11.28 -41.35
CA ILE B 107 15.44 -10.09 -40.98
C ILE B 107 14.47 -8.91 -40.97
N THR B 108 14.44 -8.18 -39.86
CA THR B 108 13.52 -7.07 -39.68
C THR B 108 14.30 -5.84 -39.28
N SER B 109 13.95 -4.70 -39.87
CA SER B 109 14.57 -3.43 -39.52
C SER B 109 13.88 -2.80 -38.32
N LYS B 110 14.68 -2.22 -37.42
CA LYS B 110 14.10 -1.48 -36.31
C LYS B 110 13.53 -0.14 -36.77
N ILE B 111 14.13 0.46 -37.81
CA ILE B 111 13.61 1.71 -38.33
C ILE B 111 12.26 1.44 -39.00
N TYR B 112 11.34 2.40 -38.89
CA TYR B 112 10.05 2.36 -39.54
C TYR B 112 10.00 3.43 -40.62
N GLY B 113 9.60 3.05 -41.82
CA GLY B 113 9.40 3.96 -42.92
C GLY B 113 10.10 3.52 -44.17
N ASN B 114 10.02 4.38 -45.20
CA ASN B 114 10.63 4.05 -46.49
C ASN B 114 12.15 3.98 -46.39
N VAL B 115 12.75 4.75 -45.48
CA VAL B 115 14.19 4.79 -45.38
C VAL B 115 14.76 3.44 -45.00
N ALA B 116 13.97 2.61 -44.31
CA ALA B 116 14.46 1.30 -43.89
C ALA B 116 14.88 0.42 -45.07
N ASN B 117 14.39 0.71 -46.27
CA ASN B 117 14.79 -0.07 -47.44
C ASN B 117 16.28 0.08 -47.74
N ASN B 118 16.88 1.21 -47.36
CA ASN B 118 18.29 1.40 -47.66
C ASN B 118 19.20 0.46 -46.87
N ILE B 119 18.69 -0.15 -45.81
CA ILE B 119 19.52 -1.02 -44.98
C ILE B 119 19.88 -2.25 -45.80
N GLN B 120 21.16 -2.64 -45.75
CA GLN B 120 21.65 -3.83 -46.45
C GLN B 120 22.32 -4.75 -45.44
N VAL B 121 21.99 -6.03 -45.49
CA VAL B 121 22.51 -7.02 -44.55
C VAL B 121 23.01 -8.23 -45.36
N GLY B 122 24.12 -8.81 -44.91
CA GLY B 122 24.68 -9.96 -45.59
C GLY B 122 25.51 -10.83 -44.66
N LEU B 123 25.46 -12.15 -44.86
CA LEU B 123 26.26 -13.10 -44.10
C LEU B 123 27.44 -13.60 -44.93
N GLU B 124 28.61 -13.71 -44.30
CA GLU B 124 29.80 -14.24 -44.93
C GLU B 124 30.42 -15.27 -44.00
N LYS B 125 31.39 -16.01 -44.52
CA LYS B 125 32.15 -16.98 -43.74
C LYS B 125 33.58 -16.50 -43.62
N ASN B 126 34.12 -16.51 -42.40
CA ASN B 126 35.55 -16.30 -42.16
C ASN B 126 36.22 -17.66 -42.27
N THR B 127 36.88 -17.91 -43.41
CA THR B 127 37.46 -19.23 -43.63
C THR B 127 38.60 -19.53 -42.67
N LEU B 128 39.30 -18.50 -42.21
CA LEU B 128 40.44 -18.71 -41.32
C LEU B 128 40.03 -19.34 -40.01
N SER B 129 38.78 -19.13 -39.58
CA SER B 129 38.28 -19.63 -38.31
C SER B 129 37.11 -20.60 -38.46
N ASP B 130 36.64 -20.85 -39.69
CA ASP B 130 35.50 -21.73 -39.92
C ASP B 130 34.26 -21.20 -39.18
N SER B 131 34.05 -19.90 -39.27
CA SER B 131 32.99 -19.23 -38.52
C SER B 131 32.29 -18.21 -39.41
N LEU B 132 31.07 -17.85 -39.03
CA LEU B 132 30.30 -16.88 -39.78
C LEU B 132 30.80 -15.45 -39.53
N ARG B 133 30.48 -14.57 -40.48
CA ARG B 133 30.72 -13.15 -40.36
C ARG B 133 29.48 -12.43 -40.83
N LEU B 134 29.12 -11.34 -40.13
CA LEU B 134 27.93 -10.56 -40.42
C LEU B 134 28.32 -9.11 -40.65
N ARG B 135 27.64 -8.46 -41.59
CA ARG B 135 27.86 -7.05 -41.90
C ARG B 135 26.51 -6.38 -42.09
N VAL B 136 26.39 -5.17 -41.56
CA VAL B 136 25.18 -4.35 -41.69
C VAL B 136 25.64 -2.98 -42.18
N ILE B 137 24.91 -2.42 -43.15
CA ILE B 137 25.26 -1.15 -43.77
C ILE B 137 24.02 -0.28 -43.82
N PHE B 138 24.17 0.99 -43.47
CA PHE B 138 23.08 1.97 -43.57
C PHE B 138 23.76 3.32 -43.83
N GLN B 139 23.73 3.76 -45.09
CA GLN B 139 24.58 4.87 -45.52
C GLN B 139 24.06 6.21 -45.04
N ASP B 140 22.76 6.33 -44.80
CA ASP B 140 22.22 7.61 -44.36
C ASP B 140 22.79 8.01 -43.01
N ASP B 141 22.91 7.05 -42.09
CA ASP B 141 23.54 7.28 -40.80
C ASP B 141 25.06 7.11 -40.83
N ARG B 142 25.62 6.73 -41.97
CA ARG B 142 27.03 6.36 -42.07
C ARG B 142 27.35 5.22 -41.11
N PHE B 143 26.39 4.30 -40.95
CA PHE B 143 26.50 3.19 -40.01
C PHE B 143 26.98 1.97 -40.77
N ASN B 144 28.09 1.38 -40.32
CA ASN B 144 28.67 0.24 -41.00
C ASN B 144 29.45 -0.55 -39.95
N GLU B 145 28.97 -1.76 -39.63
CA GLU B 145 29.57 -2.58 -38.59
C GLU B 145 29.78 -4.00 -39.11
N VAL B 146 30.80 -4.66 -38.56
CA VAL B 146 31.10 -6.06 -38.85
C VAL B 146 31.06 -6.82 -37.53
N TYR B 147 30.49 -8.02 -37.56
CA TYR B 147 30.48 -8.93 -36.42
C TYR B 147 31.20 -10.20 -36.84
N ASP B 148 32.11 -10.68 -36.00
CA ASP B 148 33.06 -11.69 -36.41
C ASP B 148 33.15 -12.78 -35.34
N ASN B 149 33.76 -13.91 -35.72
CA ASN B 149 33.89 -15.07 -34.85
C ASN B 149 32.53 -15.56 -34.38
N ILE B 150 31.56 -15.52 -35.29
CA ILE B 150 30.19 -15.89 -34.94
C ILE B 150 30.13 -17.41 -34.86
N GLY B 151 29.61 -17.91 -33.74
CA GLY B 151 29.70 -19.32 -33.42
C GLY B 151 31.02 -19.59 -32.71
N ASN B 152 31.52 -20.82 -32.84
CA ASN B 152 32.77 -21.25 -32.22
C ASN B 152 32.74 -20.99 -30.71
N ILE B 153 31.86 -21.74 -30.03
CA ILE B 153 31.65 -21.48 -28.60
C ILE B 153 32.82 -22.04 -27.78
N PHE B 154 33.20 -23.30 -28.00
CA PHE B 154 34.30 -23.88 -27.24
C PHE B 154 34.87 -25.07 -27.98
N THR B 155 36.13 -25.36 -27.71
CA THR B 155 36.86 -26.44 -28.36
C THR B 155 36.92 -27.65 -27.44
N ILE B 156 37.02 -28.83 -28.05
CA ILE B 156 37.21 -30.09 -27.34
C ILE B 156 38.48 -30.73 -27.89
N LYS B 157 39.31 -31.28 -26.99
CA LYS B 157 40.52 -31.99 -27.37
C LYS B 157 40.64 -33.24 -26.51
N TYR B 158 41.36 -34.23 -27.04
CA TYR B 158 41.45 -35.57 -26.46
C TYR B 158 42.89 -36.03 -26.47
N LYS B 159 43.28 -36.78 -25.43
CA LYS B 159 44.66 -37.21 -25.24
C LYS B 159 44.82 -38.68 -24.90
N GLY B 160 43.74 -39.46 -24.81
CA GLY B 160 43.87 -40.85 -24.43
C GLY B 160 44.61 -41.66 -25.48
N GLU B 161 45.22 -42.75 -25.03
CA GLU B 161 46.06 -43.57 -25.89
C GLU B 161 45.28 -44.51 -26.80
N GLU B 162 43.96 -44.62 -26.62
CA GLU B 162 43.17 -45.44 -27.52
C GLU B 162 43.25 -44.89 -28.94
N ALA B 163 42.81 -45.70 -29.90
CA ALA B 163 43.03 -45.37 -31.30
C ALA B 163 42.33 -44.09 -31.70
N ASN B 164 41.06 -43.92 -31.33
CA ASN B 164 40.32 -42.74 -31.73
C ASN B 164 39.31 -42.39 -30.63
N ALA B 165 38.85 -41.15 -30.64
CA ALA B 165 37.77 -40.72 -29.76
C ALA B 165 36.97 -39.65 -30.50
N THR B 166 35.66 -39.63 -30.27
CA THR B 166 34.76 -38.73 -30.97
C THR B 166 33.72 -38.20 -29.99
N PHE B 167 32.92 -37.23 -30.43
CA PHE B 167 31.77 -36.76 -29.70
C PHE B 167 30.64 -36.50 -30.66
N SER B 168 29.43 -36.34 -30.11
CA SER B 168 28.26 -35.99 -30.90
C SER B 168 27.32 -35.15 -30.05
N VAL B 169 26.60 -34.25 -30.71
CA VAL B 169 25.54 -33.46 -30.10
C VAL B 169 24.29 -33.74 -30.92
N GLU B 170 23.18 -34.01 -30.23
CA GLU B 170 21.91 -34.36 -30.87
C GLU B 170 20.81 -33.47 -30.33
N HIS B 171 19.79 -33.25 -31.15
CA HIS B 171 18.67 -32.39 -30.82
C HIS B 171 17.40 -33.21 -30.56
N ASP B 172 16.43 -32.57 -29.94
CA ASP B 172 15.05 -33.02 -30.00
C ASP B 172 14.46 -32.55 -31.32
N GLU B 173 14.03 -33.50 -32.16
CA GLU B 173 13.66 -33.18 -33.54
C GLU B 173 12.48 -32.24 -33.63
N GLU B 174 11.66 -32.14 -32.59
CA GLU B 174 10.53 -31.23 -32.61
C GLU B 174 10.98 -29.79 -32.37
N THR B 175 11.55 -29.53 -31.20
CA THR B 175 11.98 -28.17 -30.86
C THR B 175 13.33 -27.81 -31.47
N GLN B 176 14.09 -28.79 -31.95
CA GLN B 176 15.48 -28.61 -32.37
C GLN B 176 16.37 -28.06 -31.26
N LYS B 177 15.98 -28.26 -29.99
CA LYS B 177 16.85 -27.93 -28.88
C LYS B 177 17.83 -29.06 -28.63
N ALA B 178 19.06 -28.71 -28.27
CA ALA B 178 20.05 -29.74 -27.93
C ALA B 178 19.62 -30.48 -26.68
N SER B 179 19.76 -31.80 -26.72
CA SER B 179 19.31 -32.68 -25.64
C SER B 179 20.44 -33.46 -25.00
N ARG B 180 21.47 -33.82 -25.77
CA ARG B 180 22.62 -34.54 -25.26
C ARG B 180 23.89 -34.02 -25.91
N LEU B 181 24.98 -34.07 -25.15
CA LEU B 181 26.34 -34.05 -25.69
C LEU B 181 27.02 -35.31 -25.17
N VAL B 182 27.56 -36.12 -26.07
CA VAL B 182 28.07 -37.45 -25.73
C VAL B 182 29.52 -37.52 -26.19
N LEU B 183 30.40 -38.01 -25.31
CA LEU B 183 31.79 -38.28 -25.65
C LEU B 183 31.97 -39.79 -25.82
N LYS B 184 32.61 -40.18 -26.92
CA LYS B 184 32.75 -41.59 -27.28
C LYS B 184 34.20 -41.86 -27.59
N VAL B 185 34.78 -42.88 -26.94
CA VAL B 185 36.10 -43.37 -27.23
C VAL B 185 35.91 -44.66 -28.02
N GLY B 186 36.52 -44.74 -29.20
CA GLY B 186 36.25 -45.87 -30.07
C GLY B 186 34.80 -45.83 -30.50
N ASP B 187 34.09 -46.94 -30.24
CA ASP B 187 32.68 -47.03 -30.59
C ASP B 187 31.74 -46.74 -29.43
N GLN B 188 32.25 -46.75 -28.19
CA GLN B 188 31.40 -46.74 -27.01
C GLN B 188 31.46 -45.42 -26.27
N GLU B 189 30.34 -45.08 -25.62
CA GLU B 189 30.25 -43.86 -24.85
C GLU B 189 31.09 -43.97 -23.59
N VAL B 190 31.91 -42.96 -23.32
CA VAL B 190 32.56 -42.84 -22.03
C VAL B 190 31.64 -42.13 -21.04
N LYS B 191 31.16 -40.95 -21.43
CA LYS B 191 30.25 -40.16 -20.63
C LYS B 191 29.39 -39.31 -21.56
N SER B 192 28.19 -38.99 -21.09
CA SER B 192 27.27 -38.12 -21.82
C SER B 192 26.78 -37.01 -20.89
N TYR B 193 26.63 -35.81 -21.46
CA TYR B 193 26.14 -34.64 -20.74
C TYR B 193 24.70 -34.39 -21.17
N ASP B 194 23.76 -34.58 -20.25
CA ASP B 194 22.33 -34.51 -20.55
C ASP B 194 21.92 -33.04 -20.56
N LEU B 195 21.78 -32.46 -21.76
CA LEU B 195 21.52 -31.03 -21.92
C LEU B 195 20.04 -30.69 -21.87
N THR B 196 19.16 -31.67 -21.68
CA THR B 196 17.73 -31.37 -21.62
C THR B 196 17.41 -30.43 -20.45
N GLY B 197 18.15 -30.56 -19.35
CA GLY B 197 17.96 -29.68 -18.22
C GLY B 197 18.48 -30.24 -16.91
N GLY B 198 19.19 -29.42 -16.14
CA GLY B 198 19.79 -29.85 -14.89
C GLY B 198 21.10 -29.16 -14.61
N ALA B 199 22.15 -29.95 -14.36
CA ALA B 199 23.46 -29.38 -14.07
C ALA B 199 24.10 -28.70 -15.26
N TYR B 200 23.63 -29.00 -16.48
CA TYR B 200 24.28 -28.56 -17.72
C TYR B 200 23.37 -27.61 -18.50
N ASP B 201 22.68 -26.71 -17.80
CA ASP B 201 21.93 -25.66 -18.48
C ASP B 201 22.85 -24.72 -19.22
N TYR B 202 24.01 -24.40 -18.62
CA TYR B 202 24.99 -23.51 -19.21
C TYR B 202 26.20 -24.33 -19.67
N THR B 203 26.81 -23.88 -20.76
CA THR B 203 27.90 -24.62 -21.36
C THR B 203 29.14 -24.65 -20.48
N ASN B 204 29.32 -23.66 -19.60
CA ASN B 204 30.53 -23.63 -18.79
C ASN B 204 30.63 -24.84 -17.88
N ALA B 205 29.49 -25.34 -17.40
CA ALA B 205 29.49 -26.59 -16.65
C ALA B 205 29.98 -27.75 -17.51
N ILE B 206 29.64 -27.74 -18.80
CA ILE B 206 30.11 -28.79 -19.69
C ILE B 206 31.62 -28.68 -19.84
N ILE B 207 32.13 -27.46 -20.00
CA ILE B 207 33.58 -27.26 -20.13
C ILE B 207 34.29 -27.79 -18.89
N THR B 208 33.80 -27.41 -17.72
CA THR B 208 34.43 -27.86 -16.47
C THR B 208 34.42 -29.37 -16.34
N ASP B 209 33.29 -30.00 -16.67
CA ASP B 209 33.19 -31.44 -16.50
C ASP B 209 34.01 -32.20 -17.54
N ILE B 210 34.09 -31.69 -18.77
CA ILE B 210 34.99 -32.31 -19.74
C ILE B 210 36.42 -32.20 -19.25
N ASN B 211 36.79 -31.04 -18.71
CA ASN B 211 38.14 -30.86 -18.16
C ASN B 211 38.38 -31.79 -16.98
N GLN B 212 37.32 -32.17 -16.26
CA GLN B 212 37.50 -33.09 -15.14
C GLN B 212 37.90 -34.48 -15.61
N LEU B 213 37.44 -34.91 -16.78
CA LEU B 213 37.82 -36.22 -17.29
C LEU B 213 39.32 -36.23 -17.57
N PRO B 214 40.07 -37.27 -17.14
CA PRO B 214 41.53 -37.24 -17.38
C PRO B 214 41.90 -37.21 -18.85
N ASP B 215 41.16 -37.91 -19.71
CA ASP B 215 41.56 -38.09 -21.09
C ASP B 215 41.04 -37.01 -22.02
N PHE B 216 40.22 -36.07 -21.53
CA PHE B 216 39.62 -35.03 -22.36
C PHE B 216 39.97 -33.66 -21.82
N GLU B 217 39.97 -32.67 -22.71
CA GLU B 217 40.16 -31.28 -22.33
C GLU B 217 39.17 -30.41 -23.09
N ALA B 218 38.81 -29.27 -22.49
CA ALA B 218 37.94 -28.30 -23.14
C ALA B 218 38.40 -26.90 -22.75
N LYS B 219 38.35 -25.98 -23.71
CA LYS B 219 38.77 -24.60 -23.48
C LYS B 219 37.78 -23.66 -24.16
N LEU B 220 37.35 -22.63 -23.43
CA LEU B 220 36.41 -21.66 -23.97
C LEU B 220 37.06 -20.84 -25.07
N SER B 221 36.22 -20.37 -26.00
CA SER B 221 36.71 -19.58 -27.11
C SER B 221 37.35 -18.29 -26.58
N PRO B 222 38.47 -17.84 -27.16
CA PRO B 222 39.08 -16.59 -26.68
C PRO B 222 38.29 -15.34 -27.01
N PHE B 223 37.35 -15.41 -27.96
CA PHE B 223 36.65 -14.22 -28.43
C PHE B 223 35.41 -14.00 -27.56
N GLY B 224 35.64 -13.46 -26.37
CA GLY B 224 34.56 -13.07 -25.50
C GLY B 224 33.98 -14.25 -24.71
N ASP B 225 33.25 -13.91 -23.64
CA ASP B 225 32.58 -14.90 -22.81
C ASP B 225 31.29 -15.31 -23.51
N LYS B 226 31.43 -16.27 -24.43
CA LYS B 226 30.27 -16.69 -25.22
C LYS B 226 29.20 -17.33 -24.34
N ASN B 227 29.59 -18.33 -23.53
CA ASN B 227 28.85 -18.78 -22.33
C ASN B 227 27.36 -19.03 -22.62
N LEU B 228 27.10 -19.65 -23.77
CA LEU B 228 25.73 -19.80 -24.24
C LEU B 228 25.00 -20.88 -23.48
N GLU B 229 23.67 -20.77 -23.45
CA GLU B 229 22.83 -21.85 -22.96
C GLU B 229 23.05 -23.10 -23.79
N SER B 230 23.15 -24.25 -23.12
CA SER B 230 23.49 -25.48 -23.80
C SER B 230 22.37 -26.00 -24.70
N SER B 231 21.13 -25.57 -24.48
CA SER B 231 20.05 -25.99 -25.36
C SER B 231 20.20 -25.42 -26.77
N LYS B 232 20.98 -24.35 -26.94
CA LYS B 232 21.17 -23.71 -28.23
C LYS B 232 22.37 -24.23 -29.00
N LEU B 233 23.03 -25.29 -28.52
CA LEU B 233 24.09 -25.90 -29.29
C LEU B 233 23.50 -26.60 -30.52
N ASP B 234 24.39 -26.92 -31.47
CA ASP B 234 24.03 -27.42 -32.78
C ASP B 234 24.33 -28.90 -32.93
N LYS B 235 23.68 -29.51 -33.92
CA LYS B 235 23.76 -30.95 -34.15
C LYS B 235 25.09 -31.30 -34.78
N ILE B 236 25.89 -32.12 -34.10
CA ILE B 236 27.18 -32.60 -34.58
C ILE B 236 27.22 -34.10 -34.30
N GLU B 237 27.88 -34.85 -35.19
CA GLU B 237 28.06 -36.28 -35.02
C GLU B 237 29.47 -36.70 -35.43
N ASN B 238 30.04 -37.62 -34.65
CA ASN B 238 31.23 -38.39 -35.04
C ASN B 238 32.41 -37.50 -35.45
N ALA B 239 32.57 -36.36 -34.80
CA ALA B 239 33.72 -35.51 -35.07
C ALA B 239 34.96 -36.10 -34.39
N ASN B 240 36.01 -36.34 -35.19
CA ASN B 240 37.23 -36.93 -34.66
C ASN B 240 38.00 -35.89 -33.87
N ILE B 241 38.35 -36.22 -32.62
CA ILE B 241 38.88 -35.24 -31.68
C ILE B 241 40.39 -35.33 -31.57
N LYS B 242 40.95 -36.54 -31.75
CA LYS B 242 42.28 -36.84 -31.24
C LYS B 242 43.35 -35.94 -31.85
N ASP B 243 43.23 -35.63 -33.13
CA ASP B 243 44.22 -34.81 -33.81
C ASP B 243 43.85 -33.33 -33.89
N LYS B 244 42.69 -32.93 -33.34
CA LYS B 244 42.14 -31.60 -33.57
C LYS B 244 41.50 -31.03 -32.33
N ALA B 245 41.59 -29.71 -32.19
CA ALA B 245 40.73 -28.94 -31.28
C ALA B 245 39.49 -28.55 -32.07
N VAL B 246 38.42 -29.33 -31.92
CA VAL B 246 37.22 -29.20 -32.75
C VAL B 246 36.25 -28.29 -32.03
N TYR B 247 35.69 -27.32 -32.76
CA TYR B 247 34.79 -26.34 -32.20
C TYR B 247 33.35 -26.85 -32.24
N VAL B 248 32.65 -26.73 -31.11
CA VAL B 248 31.20 -26.66 -31.13
C VAL B 248 30.86 -25.26 -31.61
N LYS B 249 29.84 -25.13 -32.46
CA LYS B 249 29.58 -23.88 -33.15
C LYS B 249 28.46 -23.07 -32.49
N ALA B 250 27.23 -23.59 -32.49
CA ALA B 250 26.09 -22.89 -31.91
C ALA B 250 25.93 -21.49 -32.51
N VAL B 251 25.83 -21.44 -33.83
CA VAL B 251 25.93 -20.15 -34.53
C VAL B 251 24.75 -19.25 -34.19
N PHE B 252 23.55 -19.80 -34.10
CA PHE B 252 22.38 -18.94 -33.92
C PHE B 252 22.33 -18.34 -32.53
N GLY B 253 22.65 -19.13 -31.50
CA GLY B 253 22.68 -18.58 -30.16
C GLY B 253 23.78 -17.54 -29.98
N ASP B 254 24.92 -17.74 -30.66
CA ASP B 254 25.95 -16.72 -30.62
C ASP B 254 25.52 -15.46 -31.38
N LEU B 255 24.79 -15.64 -32.48
CA LEU B 255 24.22 -14.49 -33.19
C LEU B 255 23.32 -13.69 -32.26
N GLU B 256 22.46 -14.38 -31.51
CA GLU B 256 21.60 -13.69 -30.57
C GLU B 256 22.42 -12.98 -29.50
N LYS B 257 23.45 -13.66 -28.98
CA LYS B 257 24.27 -13.05 -27.94
C LYS B 257 24.96 -11.79 -28.44
N GLN B 258 25.41 -11.80 -29.69
CA GLN B 258 26.19 -10.68 -30.21
C GLN B 258 25.34 -9.57 -30.82
N THR B 259 24.05 -9.83 -31.11
CA THR B 259 23.25 -8.90 -31.87
C THR B 259 21.85 -8.62 -31.32
N ALA B 260 21.43 -9.32 -30.26
CA ALA B 260 20.05 -9.16 -29.80
C ALA B 260 19.78 -7.75 -29.30
N TYR B 261 20.67 -7.22 -28.46
CA TYR B 261 20.51 -5.90 -27.87
C TYR B 261 21.36 -4.85 -28.58
N ASN B 262 21.68 -5.08 -29.85
CA ASN B 262 22.62 -4.22 -30.58
C ASN B 262 22.11 -4.00 -31.99
N GLY B 263 22.58 -2.90 -32.59
CA GLY B 263 22.40 -2.66 -34.00
C GLY B 263 21.02 -2.13 -34.35
N ILE B 264 20.84 -1.93 -35.65
CA ILE B 264 19.57 -1.46 -36.21
C ILE B 264 18.66 -2.60 -36.62
N VAL B 265 19.16 -3.84 -36.63
CA VAL B 265 18.49 -4.98 -37.23
C VAL B 265 18.33 -6.07 -36.18
N SER B 266 17.28 -6.89 -36.34
CA SER B 266 17.05 -8.05 -35.51
C SER B 266 16.75 -9.26 -36.40
N PHE B 267 16.95 -10.45 -35.86
CA PHE B 267 16.88 -11.69 -36.64
C PHE B 267 15.96 -12.69 -35.95
N GLU B 268 15.30 -13.53 -36.75
CA GLU B 268 14.50 -14.63 -36.25
C GLU B 268 14.71 -15.84 -37.17
N GLN B 269 14.90 -17.01 -36.57
CA GLN B 269 15.16 -18.22 -37.34
C GLN B 269 13.85 -18.84 -37.82
N LEU B 270 13.78 -19.18 -39.09
CA LEU B 270 12.60 -19.82 -39.66
C LEU B 270 12.35 -21.18 -39.02
N LYS B 298 15.13 -25.28 -41.01
CA LYS B 298 16.03 -24.59 -41.94
C LYS B 298 17.42 -24.43 -41.34
N THR B 299 18.43 -24.16 -42.18
CA THR B 299 19.82 -24.04 -41.76
C THR B 299 20.34 -22.66 -42.14
N ILE B 300 21.12 -22.06 -41.24
CA ILE B 300 21.78 -20.78 -41.52
C ILE B 300 22.99 -21.05 -42.42
N GLU B 301 23.11 -20.27 -43.48
CA GLU B 301 24.26 -20.33 -44.38
C GLU B 301 24.53 -18.94 -44.91
N PRO B 302 25.73 -18.69 -45.45
CA PRO B 302 26.01 -17.36 -46.03
C PRO B 302 25.06 -16.99 -47.16
N PHE B 303 24.75 -15.69 -47.23
CA PHE B 303 23.98 -15.14 -48.33
C PHE B 303 24.55 -13.76 -48.68
N GLU B 304 24.34 -13.35 -49.92
CA GLU B 304 24.90 -12.09 -50.39
C GLU B 304 24.23 -10.89 -49.70
N LEU B 305 24.97 -9.79 -49.68
CA LEU B 305 24.46 -8.53 -49.15
C LEU B 305 23.20 -8.12 -49.90
N THR B 306 22.10 -7.95 -49.15
CA THR B 306 20.78 -7.78 -49.72
C THR B 306 20.09 -6.60 -49.06
N LYS B 307 19.43 -5.78 -49.89
CA LYS B 307 18.61 -4.69 -49.37
C LYS B 307 17.34 -5.23 -48.73
N LEU B 308 16.95 -4.65 -47.59
CA LEU B 308 15.63 -4.93 -47.06
C LEU B 308 14.56 -4.24 -47.89
N LYS B 309 13.40 -4.88 -47.99
CA LYS B 309 12.32 -4.43 -48.86
C LYS B 309 11.05 -4.26 -48.05
N GLY B 310 10.16 -3.43 -48.57
CA GLY B 310 8.85 -3.23 -47.99
C GLY B 310 8.71 -2.05 -47.06
N GLY B 311 9.77 -1.26 -46.88
CA GLY B 311 9.68 -0.08 -46.05
C GLY B 311 8.64 0.89 -46.56
N THR B 312 7.67 1.22 -45.70
CA THR B 312 6.49 1.97 -46.11
C THR B 312 6.23 3.05 -45.08
N ASN B 313 5.73 4.20 -45.55
CA ASN B 313 5.22 5.26 -44.67
C ASN B 313 3.71 5.25 -44.54
N GLY B 314 2.99 4.80 -45.56
CA GLY B 314 1.55 4.70 -45.55
C GLY B 314 0.88 5.97 -46.10
N GLU B 315 -0.43 5.85 -46.34
CA GLU B 315 -1.17 6.95 -46.92
C GLU B 315 -1.47 8.02 -45.86
N PRO B 316 -1.83 9.23 -46.28
CA PRO B 316 -2.32 10.21 -45.30
C PRO B 316 -3.59 9.71 -44.62
N PRO B 317 -3.72 9.86 -43.31
CA PRO B 317 -4.89 9.29 -42.62
C PRO B 317 -6.16 10.07 -42.90
N ALA B 318 -7.25 9.32 -43.12
CA ALA B 318 -8.54 9.93 -43.36
C ALA B 318 -9.23 10.38 -42.07
N THR B 319 -8.82 9.84 -40.92
CA THR B 319 -9.41 10.21 -39.64
C THR B 319 -8.33 10.17 -38.58
N TRP B 320 -8.57 10.88 -37.48
CA TRP B 320 -7.58 11.10 -36.43
C TRP B 320 -8.00 10.65 -35.05
N ALA B 321 -9.27 10.27 -34.86
CA ALA B 321 -9.76 9.99 -33.52
C ALA B 321 -9.06 8.79 -32.90
N ASP B 322 -8.98 7.69 -33.64
CA ASP B 322 -8.46 6.44 -33.08
C ASP B 322 -7.00 6.53 -32.70
N LYS B 323 -6.26 7.51 -33.22
CA LYS B 323 -4.87 7.76 -32.83
C LYS B 323 -4.72 8.96 -31.93
N LEU B 324 -5.54 10.01 -32.13
CA LEU B 324 -5.47 11.18 -31.29
C LEU B 324 -5.94 10.89 -29.87
N ASP B 325 -6.83 9.90 -29.71
CA ASP B 325 -7.36 9.59 -28.39
C ASP B 325 -6.32 8.96 -27.47
N LYS B 326 -5.15 8.58 -27.99
CA LYS B 326 -4.09 8.05 -27.14
C LYS B 326 -3.59 9.09 -26.16
N PHE B 327 -3.79 10.38 -26.43
CA PHE B 327 -3.46 11.42 -25.45
C PHE B 327 -4.44 11.49 -24.29
N ALA B 328 -5.52 10.71 -24.31
CA ALA B 328 -6.59 10.89 -23.34
C ALA B 328 -6.17 10.61 -21.91
N HIS B 329 -5.01 9.98 -21.68
CA HIS B 329 -4.49 9.78 -20.32
C HIS B 329 -3.01 10.14 -20.20
N GLU B 330 -2.40 10.71 -21.23
CA GLU B 330 -0.98 11.06 -21.15
C GLU B 330 -0.73 12.30 -20.30
N GLY B 331 -1.75 13.10 -20.01
CA GLY B 331 -1.61 14.17 -19.06
C GLY B 331 -1.14 15.50 -19.64
N GLY B 332 -1.23 15.70 -20.94
CA GLY B 332 -0.86 16.96 -21.54
C GLY B 332 -2.00 17.96 -21.50
N TYR B 333 -1.64 19.25 -21.44
CA TYR B 333 -2.62 20.34 -21.38
C TYR B 333 -2.81 21.00 -22.75
N TYR B 334 -1.75 21.56 -23.31
CA TYR B 334 -1.81 22.18 -24.63
C TYR B 334 -1.50 21.15 -25.71
N ILE B 335 -2.19 21.26 -26.84
CA ILE B 335 -1.93 20.43 -28.01
C ILE B 335 -2.04 21.34 -29.22
N VAL B 336 -1.12 21.16 -30.18
CA VAL B 336 -1.17 21.85 -31.45
C VAL B 336 -1.00 20.79 -32.54
N PRO B 337 -1.96 20.58 -33.44
CA PRO B 337 -1.71 19.66 -34.57
C PRO B 337 -0.92 20.33 -35.67
N LEU B 338 0.16 19.67 -36.10
CA LEU B 338 0.98 20.21 -37.18
C LEU B 338 0.27 20.11 -38.53
N SER B 339 -0.63 19.15 -38.68
CA SER B 339 -1.37 18.98 -39.93
C SER B 339 -2.24 20.21 -40.20
N SER B 340 -2.86 20.22 -41.38
CA SER B 340 -3.43 21.44 -41.95
C SER B 340 -4.95 21.42 -42.07
N LYS B 341 -5.56 20.32 -42.47
CA LYS B 341 -6.93 20.33 -42.93
C LYS B 341 -7.91 20.67 -41.81
N GLN B 342 -9.04 21.27 -42.21
CA GLN B 342 -10.06 21.66 -41.25
C GLN B 342 -10.64 20.45 -40.51
N SER B 343 -10.62 19.28 -41.14
CA SER B 343 -11.08 18.07 -40.46
C SER B 343 -10.27 17.80 -39.20
N VAL B 344 -8.98 18.13 -39.24
CA VAL B 344 -8.14 18.00 -38.05
C VAL B 344 -8.66 18.93 -36.96
N HIS B 345 -8.94 20.18 -37.32
CA HIS B 345 -9.40 21.16 -36.32
C HIS B 345 -10.72 20.72 -35.70
N ALA B 346 -11.63 20.18 -36.51
CA ALA B 346 -12.89 19.69 -36.00
C ALA B 346 -12.68 18.50 -35.06
N GLU B 347 -11.84 17.55 -35.45
CA GLU B 347 -11.65 16.36 -34.62
C GLU B 347 -10.91 16.69 -33.34
N VAL B 348 -9.93 17.60 -33.42
CA VAL B 348 -9.20 17.99 -32.21
C VAL B 348 -10.15 18.73 -31.28
N ALA B 349 -10.98 19.61 -31.81
CA ALA B 349 -11.94 20.32 -30.97
C ALA B 349 -12.89 19.34 -30.28
N SER B 350 -13.38 18.34 -31.03
CA SER B 350 -14.26 17.35 -30.45
C SER B 350 -13.55 16.54 -29.37
N PHE B 351 -12.29 16.16 -29.63
CA PHE B 351 -11.52 15.42 -28.64
C PHE B 351 -11.31 16.23 -27.37
N VAL B 352 -10.89 17.49 -27.51
CA VAL B 352 -10.66 18.33 -26.34
C VAL B 352 -11.95 18.50 -25.56
N LYS B 353 -13.05 18.76 -26.27
CA LYS B 353 -14.33 18.95 -25.59
C LYS B 353 -14.74 17.70 -24.83
N GLU B 354 -14.52 16.53 -25.42
CA GLU B 354 -14.84 15.28 -24.73
C GLU B 354 -13.95 15.10 -23.50
N ARG B 355 -12.67 15.42 -23.61
CA ARG B 355 -11.78 15.30 -22.46
C ARG B 355 -12.21 16.23 -21.33
N SER B 356 -12.52 17.49 -21.66
CA SER B 356 -12.94 18.43 -20.61
C SER B 356 -14.27 18.03 -20.01
N ASP B 357 -15.19 17.51 -20.84
CA ASP B 357 -16.42 16.98 -20.28
C ASP B 357 -16.16 15.76 -19.41
N ALA B 358 -15.08 15.03 -19.69
CA ALA B 358 -14.66 13.92 -18.86
C ALA B 358 -13.81 14.34 -17.66
N GLY B 359 -13.57 15.64 -17.49
CA GLY B 359 -12.87 16.15 -16.33
C GLY B 359 -11.39 16.39 -16.52
N GLU B 360 -10.88 16.35 -17.75
CA GLU B 360 -9.47 16.55 -18.05
C GLU B 360 -9.30 17.88 -18.77
N PRO B 361 -8.65 18.90 -18.20
CA PRO B 361 -8.54 20.19 -18.92
C PRO B 361 -7.58 20.10 -20.10
N MET B 362 -8.01 20.62 -21.24
CA MET B 362 -7.18 20.70 -22.44
C MET B 362 -7.61 21.89 -23.28
N ARG B 363 -6.64 22.47 -23.99
CA ARG B 363 -6.90 23.56 -24.91
C ARG B 363 -5.99 23.42 -26.12
N ALA B 364 -6.50 23.81 -27.29
CA ALA B 364 -5.80 23.68 -28.55
C ALA B 364 -5.54 25.06 -29.15
N ILE B 365 -4.41 25.18 -29.86
CA ILE B 365 -4.05 26.39 -30.58
C ILE B 365 -3.91 26.03 -32.06
N VAL B 366 -4.54 26.83 -32.92
CA VAL B 366 -4.67 26.53 -34.34
C VAL B 366 -4.34 27.81 -35.10
N GLY B 367 -3.97 27.66 -36.37
CA GLY B 367 -3.77 28.83 -37.21
C GLY B 367 -3.88 28.51 -38.69
N GLY B 368 -4.61 29.33 -39.45
CA GLY B 368 -4.98 28.96 -40.80
C GLY B 368 -3.97 29.29 -41.89
N GLY B 369 -3.20 28.30 -42.32
CA GLY B 369 -2.54 28.32 -43.62
C GLY B 369 -1.59 29.49 -43.82
N PHE B 370 -1.51 29.92 -45.09
CA PHE B 370 -0.63 31.00 -45.52
C PHE B 370 -1.45 32.17 -46.02
N ASN B 371 -1.25 33.35 -45.40
CA ASN B 371 -1.79 34.60 -45.93
C ASN B 371 -3.30 34.53 -46.15
N GLU B 372 -4.00 33.83 -45.27
CA GLU B 372 -5.44 33.65 -45.41
C GLU B 372 -6.14 34.94 -44.98
N SER B 373 -6.86 35.54 -45.92
CA SER B 373 -7.52 36.82 -45.65
C SER B 373 -8.61 36.66 -44.60
N LYS B 374 -9.20 37.79 -44.23
CA LYS B 374 -10.16 37.81 -43.13
C LYS B 374 -11.41 37.01 -43.47
N GLU B 375 -11.82 37.03 -44.74
CA GLU B 375 -13.02 36.31 -45.14
C GLU B 375 -12.87 34.81 -44.93
N GLN B 376 -11.71 34.26 -45.27
CA GLN B 376 -11.47 32.84 -45.00
C GLN B 376 -11.44 32.59 -43.49
N LEU B 377 -10.71 33.42 -42.75
CA LEU B 377 -10.55 33.20 -41.33
C LEU B 377 -11.87 33.25 -40.59
N PHE B 378 -12.78 34.13 -41.01
CA PHE B 378 -14.09 34.19 -40.39
C PHE B 378 -14.85 32.89 -40.61
N GLY B 379 -14.77 32.33 -41.81
CA GLY B 379 -15.41 31.04 -42.05
C GLY B 379 -14.84 29.92 -41.21
N ARG B 380 -13.51 29.92 -41.03
CA ARG B 380 -12.89 28.92 -40.17
C ARG B 380 -13.30 29.14 -38.72
N GLN B 381 -13.40 30.40 -38.29
CA GLN B 381 -13.84 30.70 -36.94
C GLN B 381 -15.27 30.25 -36.71
N ALA B 382 -16.15 30.51 -37.69
CA ALA B 382 -17.53 30.05 -37.57
C ALA B 382 -17.62 28.53 -37.54
N SER B 383 -16.69 27.84 -38.20
CA SER B 383 -16.61 26.39 -38.12
C SER B 383 -15.86 25.90 -36.88
N LEU B 384 -15.36 26.82 -36.04
CA LEU B 384 -14.49 26.46 -34.93
C LEU B 384 -14.78 27.29 -33.68
N SER B 385 -16.05 27.68 -33.46
CA SER B 385 -16.34 28.72 -32.49
C SER B 385 -16.43 28.21 -31.06
N ASN B 386 -16.34 26.91 -30.82
CA ASN B 386 -16.40 26.40 -29.46
C ASN B 386 -15.15 26.82 -28.68
N PRO B 387 -15.25 26.98 -27.34
CA PRO B 387 -14.05 27.36 -26.58
C PRO B 387 -13.04 26.23 -26.50
N ARG B 388 -11.90 26.49 -25.87
CA ARG B 388 -10.76 25.60 -25.76
C ARG B 388 -10.06 25.38 -27.10
N VAL B 389 -10.31 26.23 -28.09
CA VAL B 389 -9.60 26.25 -29.35
C VAL B 389 -9.25 27.70 -29.66
N SER B 390 -7.98 27.95 -29.95
CA SER B 390 -7.48 29.29 -30.24
C SER B 390 -6.98 29.33 -31.68
N LEU B 391 -7.45 30.31 -32.45
CA LEU B 391 -7.12 30.43 -33.86
C LEU B 391 -6.09 31.54 -34.06
N VAL B 392 -5.02 31.23 -34.76
CA VAL B 392 -3.92 32.16 -35.02
C VAL B 392 -4.05 32.63 -36.47
N ALA B 393 -4.03 33.94 -36.66
CA ALA B 393 -4.31 34.48 -37.99
C ALA B 393 -3.13 34.43 -38.93
N ASN B 394 -1.90 34.54 -38.43
CA ASN B 394 -0.76 34.92 -39.24
C ASN B 394 0.17 33.74 -39.51
N SER B 395 0.95 33.88 -40.59
CA SER B 395 2.01 32.96 -40.95
C SER B 395 3.25 33.77 -41.34
N GLY B 396 4.42 33.15 -41.20
CA GLY B 396 5.66 33.88 -41.42
C GLY B 396 6.87 33.02 -41.72
N THR B 397 8.01 33.38 -41.14
CA THR B 397 9.27 32.67 -41.31
C THR B 397 10.01 32.60 -39.98
N PHE B 398 10.67 31.47 -39.72
CA PHE B 398 11.46 31.28 -38.52
C PHE B 398 12.93 31.12 -38.91
N VAL B 399 13.79 31.97 -38.35
CA VAL B 399 15.21 31.67 -38.35
C VAL B 399 15.41 30.48 -37.41
N MET B 400 16.17 29.48 -37.86
CA MET B 400 16.26 28.21 -37.17
C MET B 400 17.68 27.69 -37.23
N ASP B 401 18.02 26.81 -36.27
CA ASP B 401 19.34 26.23 -36.18
C ASP B 401 19.67 25.30 -37.36
N ASP B 402 18.68 24.95 -38.18
CA ASP B 402 18.96 24.21 -39.40
C ASP B 402 19.82 24.99 -40.38
N GLY B 403 19.89 26.31 -40.26
CA GLY B 403 20.55 27.16 -41.24
C GLY B 403 19.59 27.63 -42.31
N ARG B 404 18.81 26.69 -42.84
CA ARG B 404 17.71 27.01 -43.75
C ARG B 404 16.73 27.95 -43.07
N LYS B 405 16.32 28.99 -43.79
CA LYS B 405 15.20 29.82 -43.36
C LYS B 405 13.91 29.08 -43.70
N ASN B 406 13.18 28.63 -42.68
CA ASN B 406 11.95 27.91 -42.90
C ASN B 406 10.83 28.85 -43.32
N HIS B 407 10.03 28.43 -44.30
CA HIS B 407 8.79 29.10 -44.64
C HIS B 407 7.69 28.45 -43.81
N VAL B 408 7.05 29.24 -42.95
CA VAL B 408 6.35 28.75 -41.77
C VAL B 408 4.86 28.98 -41.96
N PRO B 409 4.01 27.94 -41.93
CA PRO B 409 2.56 28.18 -41.94
C PRO B 409 2.07 28.66 -40.58
N ALA B 410 0.83 29.15 -40.58
CA ALA B 410 0.21 29.57 -39.34
C ALA B 410 0.03 28.41 -38.36
N TYR B 411 0.01 27.17 -38.86
CA TYR B 411 -0.02 26.02 -37.96
C TYR B 411 1.24 26.01 -37.09
N MET B 412 2.40 26.24 -37.71
CA MET B 412 3.65 26.22 -36.95
C MET B 412 3.82 27.47 -36.11
N VAL B 413 3.21 28.60 -36.51
CA VAL B 413 3.17 29.75 -35.62
C VAL B 413 2.35 29.41 -34.39
N ALA B 414 1.26 28.67 -34.57
CA ALA B 414 0.48 28.22 -33.42
C ALA B 414 1.26 27.24 -32.57
N VAL B 415 2.12 26.43 -33.20
CA VAL B 415 3.03 25.60 -32.44
C VAL B 415 3.90 26.47 -31.55
N ALA B 416 4.52 27.50 -32.14
CA ALA B 416 5.39 28.39 -31.37
C ALA B 416 4.62 29.05 -30.24
N LEU B 417 3.38 29.44 -30.49
CA LEU B 417 2.58 30.07 -29.45
C LEU B 417 2.27 29.08 -28.32
N GLY B 418 2.02 27.82 -28.68
CA GLY B 418 1.80 26.81 -27.65
C GLY B 418 3.05 26.51 -26.85
N GLY B 419 4.21 26.54 -27.51
CA GLY B 419 5.45 26.38 -26.78
C GLY B 419 5.73 27.53 -25.83
N LEU B 420 5.34 28.75 -26.22
CA LEU B 420 5.50 29.89 -25.34
C LEU B 420 4.52 29.82 -24.17
N ALA B 421 3.26 29.55 -24.45
CA ALA B 421 2.23 29.55 -23.42
C ALA B 421 2.50 28.47 -22.38
N SER B 422 2.94 27.29 -22.82
CA SER B 422 3.28 26.24 -21.87
C SER B 422 4.47 26.61 -20.99
N GLY B 423 5.31 27.55 -21.43
CA GLY B 423 6.44 27.98 -20.62
C GLY B 423 6.12 29.09 -19.64
N LEU B 424 5.02 29.81 -19.85
CA LEU B 424 4.63 30.87 -18.94
C LEU B 424 4.19 30.30 -17.60
N GLU B 425 4.10 31.18 -16.61
CA GLU B 425 3.52 30.81 -15.33
C GLU B 425 2.03 30.47 -15.53
N ILE B 426 1.50 29.64 -14.65
CA ILE B 426 0.08 29.32 -14.69
C ILE B 426 -0.70 30.61 -14.48
N GLY B 427 -1.58 30.95 -15.43
CA GLY B 427 -2.36 32.16 -15.37
C GLY B 427 -1.69 33.38 -15.95
N GLU B 428 -0.41 33.28 -16.32
CA GLU B 428 0.28 34.37 -17.00
C GLU B 428 -0.07 34.35 -18.49
N SER B 429 -0.38 35.53 -19.03
CA SER B 429 -0.92 35.64 -20.37
C SER B 429 0.19 35.74 -21.41
N ILE B 430 -0.09 35.19 -22.59
CA ILE B 430 0.77 35.41 -23.76
C ILE B 430 0.66 36.82 -24.31
N THR B 431 -0.26 37.64 -23.79
CA THR B 431 -0.47 39.01 -24.22
C THR B 431 0.84 39.78 -24.24
N PHE B 432 1.14 40.38 -25.40
CA PHE B 432 2.29 41.24 -25.64
C PHE B 432 3.63 40.52 -25.44
N LYS B 433 3.64 39.20 -25.32
CA LYS B 433 4.90 38.50 -25.17
C LYS B 433 5.63 38.43 -26.51
N PRO B 434 6.97 38.39 -26.52
CA PRO B 434 7.67 38.21 -27.79
C PRO B 434 7.45 36.83 -28.38
N LEU B 435 7.45 36.78 -29.72
CA LEU B 435 7.27 35.55 -30.46
C LEU B 435 8.54 35.03 -31.09
N ARG B 436 9.48 35.91 -31.41
CA ARG B 436 10.75 35.54 -32.04
C ARG B 436 10.52 34.88 -33.40
N VAL B 437 9.56 35.40 -34.16
CA VAL B 437 9.44 35.04 -35.57
C VAL B 437 10.34 35.97 -36.36
N SER B 438 10.83 35.49 -37.50
CA SER B 438 11.77 36.28 -38.29
C SER B 438 11.05 37.33 -39.14
N SER B 439 10.14 36.90 -40.00
CA SER B 439 9.36 37.81 -40.83
C SER B 439 7.96 37.24 -41.00
N LEU B 440 6.96 38.11 -40.97
CA LEU B 440 5.55 37.72 -40.99
C LEU B 440 4.91 38.20 -42.29
N ASP B 441 4.26 37.28 -43.00
CA ASP B 441 3.53 37.62 -44.22
C ASP B 441 2.21 38.29 -43.83
N GLN B 442 2.33 39.53 -43.37
CA GLN B 442 1.25 40.24 -42.70
C GLN B 442 0.57 41.23 -43.64
N ILE B 443 -0.73 41.10 -43.79
CA ILE B 443 -1.53 42.10 -44.50
C ILE B 443 -2.04 43.17 -43.52
N TYR B 444 -2.12 42.83 -42.23
CA TYR B 444 -3.03 43.49 -41.30
C TYR B 444 -2.38 44.71 -40.64
N GLU B 445 -3.17 45.78 -40.52
CA GLU B 445 -2.82 46.98 -39.77
C GLU B 445 -3.80 47.12 -38.60
N SER B 446 -3.79 48.30 -37.98
CA SER B 446 -4.48 48.48 -36.70
C SER B 446 -5.97 48.13 -36.80
N ILE B 447 -6.67 48.67 -37.81
CA ILE B 447 -8.09 48.36 -37.94
C ILE B 447 -8.29 46.88 -38.27
N ASP B 448 -7.39 46.33 -39.09
CA ASP B 448 -7.46 44.90 -39.40
C ASP B 448 -7.23 44.07 -38.15
N LEU B 449 -6.28 44.50 -37.31
CA LEU B 449 -6.06 43.78 -36.05
C LEU B 449 -7.30 43.86 -35.16
N ASP B 450 -7.96 45.03 -35.12
CA ASP B 450 -9.20 45.14 -34.37
C ASP B 450 -10.25 44.19 -34.89
N GLU B 451 -10.40 44.11 -36.21
CA GLU B 451 -11.37 43.20 -36.81
C GLU B 451 -11.08 41.76 -36.44
N LEU B 452 -9.80 41.37 -36.51
CA LEU B 452 -9.45 39.99 -36.17
C LEU B 452 -9.70 39.71 -34.68
N ASN B 453 -9.21 40.59 -33.81
CA ASN B 453 -9.27 40.33 -32.37
C ASN B 453 -10.70 40.38 -31.85
N GLU B 454 -11.51 41.30 -32.37
CA GLU B 454 -12.91 41.34 -31.96
C GLU B 454 -13.64 40.07 -32.36
N ASN B 455 -13.23 39.46 -33.47
CA ASN B 455 -13.76 38.16 -33.90
C ASN B 455 -13.18 36.99 -33.12
N GLY B 456 -12.29 37.24 -32.17
CA GLY B 456 -11.68 36.18 -31.40
C GLY B 456 -10.51 35.50 -32.08
N ILE B 457 -9.87 36.15 -33.04
CA ILE B 457 -8.77 35.57 -33.81
C ILE B 457 -7.48 36.21 -33.33
N ILE B 458 -6.56 35.39 -32.82
CA ILE B 458 -5.31 35.92 -32.31
C ILE B 458 -4.50 36.47 -33.49
N SER B 459 -3.90 37.65 -33.28
CA SER B 459 -3.14 38.34 -34.32
C SER B 459 -1.77 38.71 -33.78
N ILE B 460 -0.78 38.77 -34.67
CA ILE B 460 0.58 39.14 -34.31
C ILE B 460 0.89 40.45 -35.01
N GLU B 461 1.54 41.36 -34.28
CA GLU B 461 1.92 42.69 -34.78
C GLU B 461 3.43 42.80 -34.78
N PHE B 462 4.00 43.21 -35.91
CA PHE B 462 5.40 43.57 -35.97
C PHE B 462 5.60 44.98 -35.43
N VAL B 463 6.56 45.15 -34.52
CA VAL B 463 6.87 46.43 -33.92
C VAL B 463 8.35 46.68 -34.11
N ARG B 464 8.69 47.73 -34.86
CA ARG B 464 10.07 48.21 -34.96
C ARG B 464 10.24 49.31 -33.93
N ASN B 465 10.90 48.99 -32.82
CA ASN B 465 11.27 50.00 -31.85
C ASN B 465 12.32 50.93 -32.46
N ARG B 466 12.55 52.07 -31.79
CA ARG B 466 13.50 53.09 -32.19
C ARG B 466 14.84 52.54 -32.65
N THR B 467 15.33 51.49 -32.00
CA THR B 467 16.61 50.89 -32.33
C THR B 467 16.55 49.38 -32.46
N ASN B 468 15.39 48.76 -32.27
CA ASN B 468 15.28 47.31 -32.25
C ASN B 468 13.98 46.88 -32.91
N THR B 469 13.91 45.60 -33.26
CA THR B 469 12.71 45.00 -33.83
C THR B 469 12.31 43.80 -32.99
N PHE B 470 11.01 43.65 -32.77
CA PHE B 470 10.47 42.45 -32.14
C PHE B 470 9.04 42.24 -32.63
N PHE B 471 8.58 41.00 -32.52
CA PHE B 471 7.21 40.63 -32.87
C PHE B 471 6.49 40.26 -31.58
N ARG B 472 5.42 40.99 -31.26
CA ARG B 472 4.65 40.76 -30.05
C ARG B 472 3.21 40.43 -30.45
N ILE B 473 2.59 39.56 -29.68
CA ILE B 473 1.24 39.07 -29.97
C ILE B 473 0.28 39.90 -29.12
N VAL B 474 -0.80 40.39 -29.74
CA VAL B 474 -1.57 41.46 -29.12
C VAL B 474 -2.41 40.93 -27.94
N ASP B 475 -3.03 39.77 -28.09
CA ASP B 475 -3.96 39.30 -27.06
C ASP B 475 -4.07 37.78 -27.15
N ASP B 476 -4.63 37.20 -26.08
CA ASP B 476 -4.85 35.77 -25.98
C ASP B 476 -6.32 35.39 -26.16
N VAL B 477 -7.07 36.18 -26.93
CA VAL B 477 -8.49 35.93 -27.08
C VAL B 477 -8.70 34.59 -27.75
N THR B 478 -9.64 33.81 -27.23
CA THR B 478 -9.97 32.51 -27.79
C THR B 478 -10.92 32.65 -28.96
N THR B 479 -11.11 31.54 -29.69
CA THR B 479 -11.99 31.56 -30.84
C THR B 479 -13.43 31.82 -30.44
N PHE B 480 -13.81 31.55 -29.20
CA PHE B 480 -15.16 31.82 -28.73
C PHE B 480 -15.46 33.31 -28.84
N ASN B 481 -16.61 33.63 -29.42
CA ASN B 481 -16.85 35.00 -29.87
C ASN B 481 -17.32 35.90 -28.73
N ASP B 482 -18.30 35.44 -27.95
CA ASP B 482 -18.96 36.29 -26.97
C ASP B 482 -17.97 36.68 -25.87
N LYS B 483 -17.70 37.99 -25.77
CA LYS B 483 -16.73 38.51 -24.83
C LYS B 483 -17.28 38.69 -23.41
N SER B 484 -18.59 38.50 -23.22
CA SER B 484 -19.21 38.81 -21.93
C SER B 484 -18.67 37.93 -20.80
N ASP B 485 -18.14 36.74 -21.11
CA ASP B 485 -17.61 35.82 -20.11
C ASP B 485 -16.14 35.58 -20.40
N PRO B 486 -15.21 36.24 -19.68
CA PRO B 486 -13.78 36.06 -20.03
C PRO B 486 -13.24 34.68 -19.76
N VAL B 487 -13.95 33.84 -18.99
CA VAL B 487 -13.50 32.46 -18.82
C VAL B 487 -13.53 31.75 -20.16
N LYS B 488 -14.55 32.00 -20.97
CA LYS B 488 -14.65 31.43 -22.30
C LYS B 488 -13.86 32.22 -23.32
N ALA B 489 -13.93 33.55 -23.24
CA ALA B 489 -13.34 34.40 -24.27
C ALA B 489 -11.82 34.44 -24.15
N GLU B 490 -11.28 34.43 -22.93
CA GLU B 490 -9.86 34.64 -22.67
C GLU B 490 -9.22 33.34 -22.20
N MET B 491 -8.01 33.08 -22.70
CA MET B 491 -7.41 31.77 -22.45
C MET B 491 -6.77 31.69 -21.07
N ALA B 492 -6.13 32.76 -20.61
CA ALA B 492 -5.45 32.72 -19.32
C ALA B 492 -6.42 32.57 -18.16
N VAL B 493 -7.55 33.29 -18.24
CA VAL B 493 -8.59 33.15 -17.21
C VAL B 493 -9.11 31.73 -17.18
N GLY B 494 -9.34 31.14 -18.36
CA GLY B 494 -9.82 29.78 -18.43
C GLY B 494 -8.82 28.80 -17.83
N GLU B 495 -7.54 29.01 -18.10
CA GLU B 495 -6.49 28.14 -17.57
C GLU B 495 -6.45 28.21 -16.05
N ALA B 496 -6.52 29.42 -15.51
CA ALA B 496 -6.54 29.57 -14.06
C ALA B 496 -7.79 28.95 -13.46
N ASN B 497 -8.94 29.11 -14.13
CA ASN B 497 -10.16 28.49 -13.67
C ASN B 497 -10.04 26.97 -13.66
N ASP B 498 -9.48 26.40 -14.73
CA ASP B 498 -9.36 24.95 -14.80
C ASP B 498 -8.47 24.40 -13.69
N PHE B 499 -7.32 25.03 -13.46
CA PHE B 499 -6.40 24.54 -12.44
C PHE B 499 -6.98 24.72 -11.05
N LEU B 500 -7.57 25.89 -10.77
CA LEU B 500 -8.17 26.13 -9.47
C LEU B 500 -9.31 25.14 -9.20
N VAL B 501 -10.16 24.93 -10.20
CA VAL B 501 -11.29 24.03 -10.03
C VAL B 501 -10.80 22.62 -9.77
N SER B 502 -9.78 22.16 -10.52
CA SER B 502 -9.27 20.82 -10.30
C SER B 502 -8.70 20.66 -8.90
N GLU B 503 -7.97 21.67 -8.41
CA GLU B 503 -7.45 21.59 -7.05
C GLU B 503 -8.57 21.55 -6.03
N LEU B 504 -9.58 22.40 -6.20
CA LEU B 504 -10.71 22.43 -5.28
C LEU B 504 -11.46 21.09 -5.30
N LYS B 505 -11.61 20.51 -6.49
CA LYS B 505 -12.22 19.19 -6.61
C LYS B 505 -11.45 18.17 -5.79
N VAL B 506 -10.13 18.12 -5.95
CA VAL B 506 -9.33 17.13 -5.25
C VAL B 506 -9.44 17.33 -3.74
N GLN B 507 -9.32 18.58 -3.28
CA GLN B 507 -9.36 18.83 -1.84
C GLN B 507 -10.73 18.46 -1.27
N LEU B 508 -11.81 18.77 -2.00
CA LEU B 508 -13.13 18.37 -1.54
C LEU B 508 -13.24 16.85 -1.47
N GLU B 509 -12.70 16.15 -2.48
CA GLU B 509 -12.69 14.69 -2.46
C GLU B 509 -12.03 14.15 -1.20
N ASP B 510 -10.81 14.62 -0.93
CA ASP B 510 -10.06 14.13 0.22
C ASP B 510 -10.77 14.45 1.53
N GLN B 511 -11.30 15.66 1.65
CA GLN B 511 -11.87 16.08 2.92
C GLN B 511 -13.21 15.39 3.19
N PHE B 512 -14.09 15.33 2.18
CA PHE B 512 -15.50 15.01 2.42
C PHE B 512 -15.99 13.74 1.76
N ILE B 513 -15.53 13.40 0.54
CA ILE B 513 -15.99 12.20 -0.14
C ILE B 513 -15.16 11.00 0.35
N GLY B 514 -14.36 11.20 1.40
CA GLY B 514 -13.98 10.07 2.23
C GLY B 514 -15.14 9.43 2.97
N THR B 515 -16.30 10.11 3.01
CA THR B 515 -17.58 9.57 3.50
C THR B 515 -17.48 9.10 4.95
N ARG B 516 -16.87 9.91 5.82
CA ARG B 516 -16.72 9.47 7.21
C ARG B 516 -18.06 9.48 7.93
N THR B 517 -18.83 10.57 7.81
CA THR B 517 -20.13 10.65 8.45
C THR B 517 -20.99 11.66 7.71
N ILE B 518 -22.30 11.52 7.88
CA ILE B 518 -23.23 12.56 7.44
C ILE B 518 -23.20 13.76 8.38
N ASN B 519 -22.64 13.60 9.59
CA ASN B 519 -22.60 14.68 10.57
C ASN B 519 -21.68 15.82 10.17
N THR B 520 -20.95 15.71 9.07
CA THR B 520 -20.11 16.81 8.57
C THR B 520 -21.06 17.88 8.03
N SER B 521 -21.60 18.69 8.94
CA SER B 521 -22.71 19.56 8.63
C SER B 521 -22.29 20.65 7.64
N ALA B 522 -23.27 21.44 7.22
CA ALA B 522 -23.05 22.44 6.19
C ALA B 522 -22.07 23.52 6.64
N SER B 523 -22.12 23.88 7.92
CA SER B 523 -21.25 24.93 8.44
C SER B 523 -19.79 24.52 8.35
N ILE B 524 -19.50 23.24 8.58
CA ILE B 524 -18.13 22.75 8.47
C ILE B 524 -17.65 22.86 7.02
N ILE B 525 -18.52 22.53 6.06
CA ILE B 525 -18.17 22.63 4.65
C ILE B 525 -17.92 24.10 4.29
N LYS B 526 -18.75 24.99 4.82
CA LYS B 526 -18.55 26.43 4.61
C LYS B 526 -17.20 26.87 5.16
N ASP B 527 -16.84 26.38 6.35
CA ASP B 527 -15.56 26.73 6.94
C ASP B 527 -14.40 26.22 6.09
N PHE B 528 -14.51 24.99 5.59
CA PHE B 528 -13.47 24.44 4.75
C PHE B 528 -13.31 25.23 3.46
N ILE B 529 -14.42 25.64 2.87
CA ILE B 529 -14.37 26.47 1.66
C ILE B 529 -13.64 27.77 1.97
N GLN B 530 -14.05 28.44 3.05
CA GLN B 530 -13.50 29.76 3.37
C GLN B 530 -12.01 29.66 3.69
N SER B 531 -11.59 28.58 4.35
CA SER B 531 -10.17 28.39 4.60
C SER B 531 -9.40 28.16 3.30
N TYR B 532 -9.99 27.41 2.39
CA TYR B 532 -9.36 27.18 1.09
C TYR B 532 -9.21 28.48 0.31
N LEU B 533 -10.27 29.30 0.28
CA LEU B 533 -10.18 30.57 -0.42
C LEU B 533 -9.22 31.53 0.28
N GLY B 534 -9.12 31.44 1.61
CA GLY B 534 -8.14 32.23 2.32
C GLY B 534 -6.72 31.87 1.95
N ARG B 535 -6.45 30.56 1.85
CA ARG B 535 -5.13 30.11 1.42
C ARG B 535 -4.83 30.60 0.02
N LYS B 536 -5.81 30.51 -0.89
CA LYS B 536 -5.59 30.91 -2.26
C LYS B 536 -5.39 32.42 -2.38
N LYS B 537 -6.08 33.19 -1.54
CA LYS B 537 -5.80 34.63 -1.48
C LYS B 537 -4.38 34.87 -0.98
N ARG B 538 -3.95 34.09 0.02
CA ARG B 538 -2.58 34.22 0.51
C ARG B 538 -1.57 33.89 -0.59
N ASP B 539 -1.86 32.88 -1.40
CA ASP B 539 -1.02 32.55 -2.54
C ASP B 539 -1.17 33.52 -3.70
N ASN B 540 -2.13 34.45 -3.64
CA ASN B 540 -2.44 35.36 -4.73
C ASN B 540 -2.89 34.64 -5.99
N GLU B 541 -3.37 33.39 -5.85
CA GLU B 541 -3.99 32.73 -6.99
C GLU B 541 -5.35 33.33 -7.33
N ILE B 542 -5.98 34.01 -6.38
CA ILE B 542 -7.22 34.74 -6.62
C ILE B 542 -7.06 36.13 -6.02
N GLN B 543 -7.77 37.10 -6.59
CA GLN B 543 -7.65 38.47 -6.11
C GLN B 543 -8.34 38.62 -4.76
N ASP B 544 -9.60 38.20 -4.65
CA ASP B 544 -10.35 38.33 -3.41
C ASP B 544 -11.61 37.47 -3.55
N PHE B 545 -12.23 37.18 -2.42
CA PHE B 545 -13.51 36.47 -2.36
C PHE B 545 -14.36 37.05 -1.25
N PRO B 546 -15.69 36.98 -1.37
CA PRO B 546 -16.53 37.42 -0.24
C PRO B 546 -16.40 36.46 0.93
N ALA B 547 -15.96 36.98 2.07
CA ALA B 547 -15.84 36.16 3.27
C ALA B 547 -17.20 35.79 3.81
N GLU B 548 -18.21 36.65 3.62
CA GLU B 548 -19.50 36.51 4.25
C GLU B 548 -20.59 35.95 3.34
N ASP B 549 -20.29 35.70 2.06
CA ASP B 549 -21.29 35.35 1.06
C ASP B 549 -20.99 33.99 0.44
N VAL B 550 -20.63 33.02 1.29
CA VAL B 550 -20.57 31.61 0.92
C VAL B 550 -21.70 30.92 1.67
N GLN B 551 -22.46 30.10 0.96
CA GLN B 551 -23.59 29.38 1.53
C GLN B 551 -23.53 27.91 1.14
N VAL B 552 -23.91 27.03 2.07
CA VAL B 552 -23.96 25.60 1.85
C VAL B 552 -25.31 25.11 2.33
N ILE B 553 -25.94 24.23 1.54
CA ILE B 553 -27.14 23.51 1.93
C ILE B 553 -26.84 22.04 1.74
N VAL B 554 -27.13 21.23 2.76
CA VAL B 554 -26.86 19.80 2.72
C VAL B 554 -28.17 19.09 3.01
N GLU B 555 -28.45 18.01 2.26
CA GLU B 555 -29.62 17.17 2.50
C GLU B 555 -29.24 15.74 2.14
N GLY B 556 -29.41 14.82 3.09
CA GLY B 556 -29.01 13.45 2.85
C GLY B 556 -27.51 13.37 2.62
N ASN B 557 -27.11 12.66 1.56
CA ASN B 557 -25.70 12.51 1.23
C ASN B 557 -25.18 13.61 0.31
N GLU B 558 -26.00 14.59 -0.04
CA GLU B 558 -25.68 15.58 -1.05
C GLU B 558 -25.54 16.96 -0.41
N ALA B 559 -24.50 17.69 -0.81
CA ALA B 559 -24.32 19.09 -0.43
C ALA B 559 -24.26 19.94 -1.68
N ARG B 560 -25.13 20.94 -1.77
CA ARG B 560 -25.15 21.90 -2.87
C ARG B 560 -24.50 23.19 -2.40
N ILE B 561 -23.46 23.62 -3.11
CA ILE B 561 -22.59 24.70 -2.67
C ILE B 561 -22.61 25.78 -3.75
N SER B 562 -22.59 27.04 -3.31
CA SER B 562 -22.45 28.19 -4.19
C SER B 562 -21.45 29.15 -3.57
N MET B 563 -20.57 29.71 -4.39
CA MET B 563 -19.56 30.63 -3.91
C MET B 563 -19.30 31.68 -4.98
N THR B 564 -18.62 32.74 -4.57
CA THR B 564 -18.18 33.80 -5.46
C THR B 564 -16.68 33.96 -5.31
N VAL B 565 -16.01 34.28 -6.42
CA VAL B 565 -14.59 34.62 -6.43
C VAL B 565 -14.41 35.78 -7.40
N TYR B 566 -13.57 36.74 -7.01
CA TYR B 566 -13.22 37.86 -7.89
C TYR B 566 -11.96 37.51 -8.68
N PRO B 567 -12.03 37.37 -10.01
CA PRO B 567 -10.82 37.00 -10.76
C PRO B 567 -9.83 38.15 -10.81
N ILE B 568 -8.58 37.81 -11.11
CA ILE B 568 -7.55 38.82 -11.22
C ILE B 568 -7.93 39.74 -12.37
N ARG B 569 -8.09 41.03 -12.07
CA ARG B 569 -8.55 42.01 -13.05
C ARG B 569 -7.35 42.54 -13.81
N SER B 570 -7.24 42.18 -15.09
CA SER B 570 -6.15 42.66 -15.93
C SER B 570 -6.41 44.09 -16.41
N PHE B 571 -5.32 44.77 -16.79
CA PHE B 571 -5.34 46.18 -17.15
C PHE B 571 -4.73 46.34 -18.54
N LYS B 572 -5.51 46.89 -19.48
CA LYS B 572 -5.24 46.65 -20.91
C LYS B 572 -4.98 47.90 -21.74
N LYS B 573 -5.65 49.02 -21.45
CA LYS B 573 -5.67 50.17 -22.35
C LYS B 573 -5.17 51.43 -21.64
N ILE B 574 -4.46 52.27 -22.40
CA ILE B 574 -4.03 53.59 -21.96
C ILE B 574 -4.17 54.53 -23.14
N SER B 575 -4.57 55.79 -22.88
CA SER B 575 -4.58 56.84 -23.90
C SER B 575 -3.99 58.10 -23.28
N VAL B 576 -3.07 58.74 -24.01
CA VAL B 576 -2.36 59.92 -23.54
C VAL B 576 -2.73 61.07 -24.47
N SER B 577 -3.07 62.22 -23.90
CA SER B 577 -3.32 63.44 -24.65
C SER B 577 -2.20 64.43 -24.35
N LEU B 578 -1.09 64.30 -25.08
CA LEU B 578 0.05 65.17 -24.88
C LEU B 578 -0.25 66.55 -25.46
N VAL B 579 0.06 67.60 -24.69
CA VAL B 579 -0.20 68.98 -25.06
C VAL B 579 1.12 69.73 -24.96
N TYR B 580 1.44 70.49 -26.01
CA TYR B 580 2.61 71.36 -26.01
C TYR B 580 2.18 72.79 -25.70
N LYS B 581 2.99 73.48 -24.91
CA LYS B 581 2.72 74.85 -24.50
C LYS B 581 4.02 75.63 -24.38
N GLN B 582 3.89 76.95 -24.44
CA GLN B 582 5.04 77.85 -24.38
C GLN B 582 5.97 77.60 -25.56
N THR C 12 16.57 -38.77 60.39
CA THR C 12 15.93 -37.66 59.69
C THR C 12 14.53 -38.06 59.23
N ARG C 13 13.89 -38.95 59.99
CA ARG C 13 12.55 -39.40 59.64
C ARG C 13 11.57 -38.25 59.58
N PRO C 14 11.50 -37.33 60.57
CA PRO C 14 10.75 -36.08 60.36
C PRO C 14 11.59 -35.11 59.55
N HIS C 15 11.11 -34.82 58.33
CA HIS C 15 11.88 -34.00 57.41
C HIS C 15 10.96 -33.48 56.32
N ALA C 16 11.44 -32.46 55.61
CA ALA C 16 10.82 -31.99 54.38
C ALA C 16 11.72 -32.38 53.21
N SER C 17 11.13 -32.95 52.17
CA SER C 17 11.83 -33.35 50.97
C SER C 17 11.19 -32.66 49.78
N ILE C 18 11.93 -32.61 48.68
CA ILE C 18 11.47 -31.94 47.47
C ILE C 18 11.69 -32.90 46.32
N SER C 32 -16.49 -33.56 43.58
CA SER C 32 -17.78 -33.53 43.01
C SER C 32 -18.47 -34.80 43.46
N GLU C 33 -19.72 -34.65 43.83
CA GLU C 33 -20.44 -35.79 44.39
C GLU C 33 -20.74 -36.83 43.32
N LYS C 34 -20.90 -36.40 42.07
CA LYS C 34 -21.21 -37.32 40.97
C LYS C 34 -19.95 -38.08 40.62
N VAL C 35 -19.74 -39.19 41.33
CA VAL C 35 -18.57 -40.03 41.09
C VAL C 35 -18.68 -40.62 39.68
N PHE C 36 -17.54 -40.73 39.00
CA PHE C 36 -17.48 -41.06 37.59
C PHE C 36 -16.67 -42.33 37.40
N CYS C 37 -17.14 -43.22 36.53
CA CYS C 37 -16.50 -44.50 36.27
C CYS C 37 -15.89 -44.53 34.87
N LEU C 38 -14.77 -45.25 34.74
CA LEU C 38 -14.16 -45.56 33.45
C LEU C 38 -13.84 -47.05 33.42
N ILE C 39 -14.03 -47.66 32.26
CA ILE C 39 -13.66 -49.06 32.08
C ILE C 39 -13.18 -49.23 30.64
N GLY C 40 -12.15 -50.05 30.44
CA GLY C 40 -11.67 -50.31 29.11
C GLY C 40 -10.27 -50.91 29.15
N GLN C 41 -9.63 -50.87 27.99
CA GLN C 41 -8.34 -51.56 27.78
C GLN C 41 -7.21 -50.72 28.36
N ALA C 42 -7.05 -50.80 29.68
CA ALA C 42 -5.86 -50.29 30.32
C ALA C 42 -4.73 -51.31 30.16
N GLU C 43 -3.50 -50.80 30.14
CA GLU C 43 -2.31 -51.63 29.93
C GLU C 43 -1.35 -51.50 31.11
N GLY C 44 -1.89 -51.59 32.33
CA GLY C 44 -1.06 -51.57 33.51
C GLY C 44 -1.82 -51.79 34.80
N GLY C 45 -1.23 -52.51 35.74
CA GLY C 45 -1.88 -52.84 36.99
C GLY C 45 -2.63 -54.16 36.91
N GLU C 46 -2.98 -54.67 38.09
CA GLU C 46 -3.73 -55.93 38.17
C GLU C 46 -5.15 -55.72 37.67
N PRO C 47 -5.64 -56.52 36.71
CA PRO C 47 -7.02 -56.35 36.24
C PRO C 47 -8.02 -57.06 37.15
N ASN C 48 -9.30 -56.85 36.83
CA ASN C 48 -10.42 -57.48 37.53
C ASN C 48 -10.60 -56.96 38.95
N THR C 49 -10.09 -55.76 39.23
CA THR C 49 -10.24 -55.14 40.55
C THR C 49 -10.46 -53.64 40.35
N VAL C 50 -11.46 -53.10 41.05
CA VAL C 50 -11.78 -51.69 40.94
C VAL C 50 -10.77 -50.87 41.73
N TYR C 51 -10.31 -49.76 41.15
CA TYR C 51 -9.40 -48.82 41.80
C TYR C 51 -10.08 -47.47 41.91
N GLU C 52 -9.93 -46.83 43.06
CA GLU C 52 -10.45 -45.49 43.31
C GLU C 52 -9.30 -44.48 43.20
N LEU C 53 -9.48 -43.48 42.33
CA LEU C 53 -8.40 -42.61 41.89
C LEU C 53 -8.67 -41.19 42.32
N ARG C 54 -7.61 -40.45 42.65
CA ARG C 54 -7.72 -39.06 43.08
C ARG C 54 -6.76 -38.14 42.35
N ASN C 55 -5.62 -38.66 41.91
CA ASN C 55 -4.63 -37.85 41.21
C ASN C 55 -3.88 -38.72 40.20
N TYR C 56 -3.53 -38.14 39.05
CA TYR C 56 -2.94 -38.93 37.98
C TYR C 56 -1.52 -39.38 38.26
N SER C 57 -0.86 -38.85 39.29
CA SER C 57 0.36 -39.51 39.76
C SER C 57 0.06 -40.90 40.26
N GLN C 58 -1.10 -41.08 40.89
CA GLN C 58 -1.56 -42.42 41.26
C GLN C 58 -1.85 -43.25 40.03
N ALA C 59 -2.34 -42.62 38.96
CA ALA C 59 -2.68 -43.35 37.74
C ALA C 59 -1.44 -43.89 37.05
N LYS C 60 -0.42 -43.05 36.88
CA LYS C 60 0.82 -43.50 36.24
C LYS C 60 1.50 -44.57 37.06
N ARG C 61 1.37 -44.52 38.38
CA ARG C 61 1.94 -45.55 39.23
C ARG C 61 1.32 -46.91 38.93
N LEU C 62 0.06 -46.94 38.52
CA LEU C 62 -0.68 -48.18 38.30
C LEU C 62 -1.00 -48.39 36.83
N PHE C 63 -1.68 -47.44 36.18
CA PHE C 63 -2.02 -47.56 34.76
C PHE C 63 -0.90 -46.91 33.95
N ARG C 64 0.11 -47.73 33.63
CA ARG C 64 1.29 -47.23 32.94
C ARG C 64 0.99 -46.69 31.55
N SER C 65 0.13 -47.39 30.82
CA SER C 65 -0.10 -47.07 29.40
C SER C 65 -1.51 -47.49 29.04
N GLY C 66 -1.90 -47.17 27.81
CA GLY C 66 -3.19 -47.54 27.28
C GLY C 66 -4.19 -46.39 27.35
N GLU C 67 -5.42 -46.69 26.93
CA GLU C 67 -6.43 -45.65 26.81
C GLU C 67 -6.95 -45.17 28.17
N LEU C 68 -6.85 -46.00 29.21
CA LEU C 68 -7.35 -45.58 30.52
C LEU C 68 -6.53 -44.43 31.09
N LEU C 69 -5.21 -44.46 30.91
CA LEU C 69 -4.37 -43.38 31.40
C LEU C 69 -4.73 -42.07 30.72
N ASP C 70 -4.99 -42.12 29.42
CA ASP C 70 -5.46 -40.93 28.72
C ASP C 70 -6.82 -40.50 29.24
N ALA C 71 -7.71 -41.47 29.49
CA ALA C 71 -9.08 -41.15 29.88
C ALA C 71 -9.13 -40.48 31.25
N ILE C 72 -8.29 -40.93 32.19
CA ILE C 72 -8.30 -40.34 33.53
C ILE C 72 -7.90 -38.88 33.44
N GLU C 73 -6.75 -38.60 32.83
CA GLU C 73 -6.26 -37.23 32.73
C GLU C 73 -7.18 -36.38 31.87
N LEU C 74 -7.87 -36.99 30.92
CA LEU C 74 -8.89 -36.26 30.16
C LEU C 74 -10.06 -35.88 31.04
N ALA C 75 -10.49 -36.80 31.92
CA ALA C 75 -11.59 -36.49 32.83
C ALA C 75 -11.22 -35.36 33.78
N TRP C 76 -10.00 -35.39 34.33
CA TRP C 76 -9.58 -34.31 35.21
C TRP C 76 -9.03 -33.11 34.44
N GLY C 77 -8.72 -33.28 33.15
CA GLY C 77 -8.37 -32.18 32.27
C GLY C 77 -9.48 -31.85 31.29
N SER C 78 -10.72 -32.15 31.67
CA SER C 78 -11.82 -32.10 30.72
C SER C 78 -12.18 -30.68 30.31
N ASN C 79 -12.11 -29.74 31.26
CA ASN C 79 -12.66 -28.40 31.09
C ASN C 79 -11.80 -27.43 31.89
N PRO C 80 -11.63 -26.17 31.42
CA PRO C 80 -10.85 -25.22 32.23
C PRO C 80 -11.39 -25.01 33.63
N ASN C 81 -12.71 -25.02 33.81
CA ASN C 81 -13.32 -24.80 35.11
C ASN C 81 -13.76 -26.09 35.79
N TYR C 82 -14.45 -26.96 35.07
CA TYR C 82 -15.03 -28.17 35.65
C TYR C 82 -14.07 -29.35 35.57
N THR C 83 -14.27 -30.31 36.46
CA THR C 83 -13.45 -31.50 36.51
C THR C 83 -14.25 -32.64 37.13
N ALA C 84 -13.85 -33.87 36.80
CA ALA C 84 -14.44 -35.04 37.42
C ALA C 84 -13.92 -35.21 38.84
N GLY C 85 -14.73 -35.83 39.70
CA GLY C 85 -14.34 -36.11 41.06
C GLY C 85 -13.45 -37.32 41.14
N ARG C 86 -13.56 -38.06 42.24
CA ARG C 86 -12.87 -39.34 42.34
C ARG C 86 -13.37 -40.29 41.26
N ILE C 87 -12.43 -40.99 40.61
CA ILE C 87 -12.73 -41.86 39.49
C ILE C 87 -12.59 -43.30 39.96
N LEU C 88 -13.55 -44.14 39.57
CA LEU C 88 -13.48 -45.58 39.76
C LEU C 88 -13.08 -46.22 38.44
N ALA C 89 -11.99 -46.99 38.45
CA ALA C 89 -11.45 -47.57 37.23
C ALA C 89 -11.08 -49.03 37.45
N MET C 90 -11.23 -49.83 36.41
CA MET C 90 -10.78 -51.21 36.38
C MET C 90 -10.11 -51.48 35.04
N ARG C 91 -8.95 -52.13 35.08
CA ARG C 91 -8.37 -52.72 33.88
C ARG C 91 -9.11 -54.02 33.59
N ILE C 92 -9.77 -54.10 32.43
CA ILE C 92 -10.50 -55.30 32.04
C ILE C 92 -9.59 -56.08 31.09
N GLU C 93 -8.76 -56.94 31.68
CA GLU C 93 -7.90 -57.83 30.93
C GLU C 93 -7.72 -59.11 31.73
N ASP C 94 -7.27 -60.17 31.06
CA ASP C 94 -6.97 -61.44 31.71
C ASP C 94 -5.49 -61.58 32.00
N ALA C 95 -4.84 -60.47 32.37
CA ALA C 95 -3.39 -60.47 32.54
C ALA C 95 -2.98 -61.27 33.77
N LYS C 96 -1.73 -61.74 33.76
CA LYS C 96 -1.16 -62.50 34.85
C LYS C 96 0.30 -62.09 35.01
N PRO C 97 0.89 -62.32 36.18
CA PRO C 97 2.28 -61.86 36.39
C PRO C 97 3.31 -62.86 35.91
N ALA C 98 4.43 -62.32 35.45
CA ALA C 98 5.59 -63.15 35.14
C ALA C 98 6.16 -63.70 36.43
N SER C 99 6.69 -64.93 36.34
CA SER C 99 7.19 -65.61 37.54
C SER C 99 8.28 -66.60 37.13
N ALA C 100 9.05 -67.03 38.12
CA ALA C 100 10.14 -67.96 37.89
C ALA C 100 10.35 -68.82 39.14
N GLU C 101 10.78 -70.06 38.92
CA GLU C 101 11.20 -70.97 39.99
C GLU C 101 12.67 -71.29 39.78
N ILE C 102 13.52 -70.89 40.72
CA ILE C 102 14.96 -71.08 40.57
C ILE C 102 15.56 -71.16 41.97
N GLY C 103 16.63 -71.93 42.10
CA GLY C 103 17.21 -72.15 43.41
C GLY C 103 16.21 -72.81 44.33
N GLY C 104 16.12 -72.31 45.56
CA GLY C 104 15.13 -72.75 46.51
C GLY C 104 13.98 -71.76 46.67
N LEU C 105 13.76 -70.90 45.68
CA LEU C 105 12.76 -69.85 45.77
C LEU C 105 11.86 -69.85 44.53
N LYS C 106 10.59 -69.49 44.76
CA LYS C 106 9.65 -69.18 43.69
C LYS C 106 9.48 -67.66 43.66
N ILE C 107 9.71 -67.06 42.49
CA ILE C 107 9.84 -65.62 42.33
C ILE C 107 8.64 -65.14 41.52
N THR C 108 7.92 -64.15 42.05
CA THR C 108 6.71 -63.64 41.42
C THR C 108 6.83 -62.13 41.28
N SER C 109 6.43 -61.61 40.12
CA SER C 109 6.43 -60.17 39.90
C SER C 109 5.14 -59.55 40.41
N LYS C 110 5.26 -58.37 41.02
CA LYS C 110 4.07 -57.64 41.42
C LYS C 110 3.38 -57.01 40.22
N ILE C 111 4.13 -56.64 39.19
CA ILE C 111 3.54 -56.09 37.99
C ILE C 111 2.76 -57.18 37.27
N TYR C 112 1.63 -56.81 36.67
CA TYR C 112 0.80 -57.70 35.87
C TYR C 112 0.89 -57.27 34.42
N GLY C 113 1.18 -58.22 33.53
CA GLY C 113 1.18 -57.99 32.10
C GLY C 113 2.46 -58.49 31.45
N ASN C 114 2.56 -58.23 30.14
CA ASN C 114 3.71 -58.68 29.39
C ASN C 114 5.00 -57.99 29.83
N VAL C 115 4.88 -56.74 30.31
CA VAL C 115 6.07 -55.99 30.70
C VAL C 115 6.80 -56.66 31.85
N ALA C 116 6.10 -57.44 32.67
CA ALA C 116 6.73 -58.10 33.81
C ALA C 116 7.86 -59.04 33.38
N ASN C 117 7.85 -59.49 32.13
CA ASN C 117 8.93 -60.37 31.66
C ASN C 117 10.27 -59.65 31.66
N ASN C 118 10.30 -58.32 31.53
CA ASN C 118 11.56 -57.61 31.50
C ASN C 118 12.29 -57.64 32.83
N ILE C 119 11.60 -57.97 33.92
CA ILE C 119 12.23 -57.96 35.23
C ILE C 119 13.25 -59.09 35.28
N GLN C 120 14.44 -58.79 35.81
CA GLN C 120 15.51 -59.76 35.95
C GLN C 120 15.94 -59.79 37.41
N VAL C 121 16.08 -61.00 37.97
CA VAL C 121 16.44 -61.18 39.36
C VAL C 121 17.55 -62.21 39.44
N GLY C 122 18.50 -61.98 40.35
CA GLY C 122 19.62 -62.89 40.52
C GLY C 122 20.21 -62.84 41.92
N LEU C 123 20.65 -64.00 42.43
CA LEU C 123 21.30 -64.09 43.73
C LEU C 123 22.81 -64.24 43.57
N GLU C 124 23.57 -63.55 44.40
CA GLU C 124 25.02 -63.65 44.42
C GLU C 124 25.47 -63.83 45.86
N LYS C 125 26.75 -64.16 46.03
CA LYS C 125 27.36 -64.28 47.34
C LYS C 125 28.39 -63.17 47.52
N ASN C 126 28.33 -62.47 48.65
CA ASN C 126 29.38 -61.54 49.06
C ASN C 126 30.41 -62.36 49.82
N THR C 127 31.54 -62.67 49.16
CA THR C 127 32.54 -63.54 49.78
C THR C 127 33.20 -62.87 50.98
N LEU C 128 33.28 -61.54 50.99
CA LEU C 128 33.94 -60.84 52.08
C LEU C 128 33.23 -61.05 53.40
N SER C 129 31.91 -61.30 53.37
CA SER C 129 31.11 -61.46 54.57
C SER C 129 30.47 -62.85 54.69
N ASP C 130 30.68 -63.73 53.70
CA ASP C 130 30.06 -65.05 53.71
C ASP C 130 28.53 -64.94 53.77
N SER C 131 27.99 -64.02 52.98
CA SER C 131 26.56 -63.72 53.01
C SER C 131 26.04 -63.57 51.59
N LEU C 132 24.71 -63.71 51.45
CA LEU C 132 24.08 -63.58 50.15
C LEU C 132 23.96 -62.11 49.74
N ARG C 133 23.83 -61.91 48.42
CA ARG C 133 23.54 -60.61 47.84
C ARG C 133 22.45 -60.81 46.79
N LEU C 134 21.52 -59.85 46.73
CA LEU C 134 20.39 -59.90 45.82
C LEU C 134 20.38 -58.65 44.96
N ARG C 135 19.99 -58.81 43.70
CA ARG C 135 19.89 -57.69 42.77
C ARG C 135 18.61 -57.85 41.95
N VAL C 136 17.91 -56.76 41.73
CA VAL C 136 16.68 -56.72 40.93
C VAL C 136 16.86 -55.59 39.92
N ILE C 137 16.47 -55.85 38.67
CA ILE C 137 16.65 -54.91 37.57
C ILE C 137 15.33 -54.82 36.80
N PHE C 138 14.93 -53.59 36.47
CA PHE C 138 13.75 -53.37 35.63
C PHE C 138 14.02 -52.08 34.87
N GLN C 139 14.40 -52.21 33.60
CA GLN C 139 14.96 -51.09 32.86
C GLN C 139 13.91 -50.07 32.44
N ASP C 140 12.66 -50.51 32.28
CA ASP C 140 11.62 -49.57 31.86
C ASP C 140 11.41 -48.47 32.90
N ASP C 141 11.42 -48.84 34.18
CA ASP C 141 11.35 -47.88 35.27
C ASP C 141 12.71 -47.31 35.67
N ARG C 142 13.79 -47.77 35.05
CA ARG C 142 15.15 -47.44 35.47
C ARG C 142 15.36 -47.84 36.93
N PHE C 143 14.76 -48.96 37.32
CA PHE C 143 14.79 -49.45 38.70
C PHE C 143 15.91 -50.48 38.81
N ASN C 144 16.83 -50.25 39.74
CA ASN C 144 17.96 -51.16 39.90
C ASN C 144 18.42 -51.02 41.34
N GLU C 145 18.26 -52.08 42.13
CA GLU C 145 18.58 -52.08 43.55
C GLU C 145 19.41 -53.29 43.90
N VAL C 146 20.25 -53.14 44.93
CA VAL C 146 21.06 -54.23 45.48
C VAL C 146 20.70 -54.35 46.95
N TYR C 147 20.59 -55.59 47.43
CA TYR C 147 20.37 -55.89 48.84
C TYR C 147 21.56 -56.72 49.31
N ASP C 148 22.13 -56.37 50.46
CA ASP C 148 23.43 -56.88 50.86
C ASP C 148 23.38 -57.30 52.32
N ASN C 149 24.40 -58.06 52.72
CA ASN C 149 24.51 -58.59 54.09
C ASN C 149 23.29 -59.46 54.42
N ILE C 150 22.84 -60.23 53.44
CA ILE C 150 21.64 -61.03 53.60
C ILE C 150 22.01 -62.24 54.45
N GLY C 151 21.26 -62.47 55.52
CA GLY C 151 21.64 -63.42 56.53
C GLY C 151 22.54 -62.76 57.55
N ASN C 152 23.39 -63.55 58.19
CA ASN C 152 24.33 -63.07 59.21
C ASN C 152 23.59 -62.31 60.32
N ILE C 153 22.78 -63.06 61.06
CA ILE C 153 21.92 -62.42 62.07
C ILE C 153 22.74 -62.01 63.30
N PHE C 154 23.54 -62.92 63.85
CA PHE C 154 24.33 -62.57 65.02
C PHE C 154 25.50 -63.55 65.15
N THR C 155 26.55 -63.07 65.81
CA THR C 155 27.78 -63.84 66.00
C THR C 155 27.82 -64.43 67.40
N ILE C 156 28.52 -65.55 67.53
CA ILE C 156 28.77 -66.20 68.82
C ILE C 156 30.28 -66.32 68.98
N LYS C 157 30.77 -66.03 70.18
CA LYS C 157 32.19 -66.16 70.51
C LYS C 157 32.31 -66.79 71.89
N TYR C 158 33.45 -67.43 72.13
CA TYR C 158 33.68 -68.23 73.32
C TYR C 158 35.07 -67.93 73.88
N LYS C 159 35.18 -67.95 75.22
CA LYS C 159 36.41 -67.58 75.90
C LYS C 159 36.87 -68.55 76.97
N GLY C 160 36.14 -69.64 77.22
CA GLY C 160 36.52 -70.55 78.28
C GLY C 160 37.84 -71.24 78.00
N GLU C 161 38.51 -71.65 79.08
CA GLU C 161 39.84 -72.23 78.98
C GLU C 161 39.84 -73.69 78.55
N GLU C 162 38.67 -74.33 78.46
CA GLU C 162 38.63 -75.70 77.96
C GLU C 162 39.14 -75.75 76.52
N ALA C 163 39.41 -76.97 76.05
CA ALA C 163 40.09 -77.13 74.78
C ALA C 163 39.26 -76.58 73.62
N ASN C 164 37.96 -76.92 73.56
CA ASN C 164 37.13 -76.47 72.45
C ASN C 164 35.71 -76.26 72.96
N ALA C 165 34.95 -75.48 72.20
CA ALA C 165 33.52 -75.33 72.45
C ALA C 165 32.83 -75.11 71.13
N THR C 166 31.61 -75.64 71.00
CA THR C 166 30.86 -75.61 69.75
C THR C 166 29.39 -75.31 70.07
N PHE C 167 28.60 -75.08 69.01
CA PHE C 167 27.16 -74.97 69.13
C PHE C 167 26.52 -75.66 67.94
N SER C 168 25.21 -75.89 68.04
CA SER C 168 24.44 -76.46 66.95
C SER C 168 23.02 -75.92 67.01
N VAL C 169 22.41 -75.79 65.83
CA VAL C 169 21.01 -75.43 65.68
C VAL C 169 20.36 -76.55 64.88
N GLU C 170 19.21 -77.03 65.35
CA GLU C 170 18.52 -78.14 64.72
C GLU C 170 17.07 -77.75 64.47
N HIS C 171 16.48 -78.37 63.44
CA HIS C 171 15.12 -78.09 63.02
C HIS C 171 14.18 -79.24 63.38
N ASP C 172 12.89 -78.95 63.35
CA ASP C 172 11.88 -79.99 63.22
C ASP C 172 11.79 -80.39 61.75
N GLU C 173 12.06 -81.66 61.47
CA GLU C 173 12.23 -82.10 60.08
C GLU C 173 10.97 -81.94 59.24
N GLU C 174 9.80 -81.86 59.87
CA GLU C 174 8.57 -81.67 59.13
C GLU C 174 8.42 -80.21 58.69
N THR C 175 8.33 -79.30 59.65
CA THR C 175 8.14 -77.90 59.31
C THR C 175 9.44 -77.19 58.93
N GLN C 176 10.59 -77.80 59.21
CA GLN C 176 11.89 -77.16 59.06
C GLN C 176 12.02 -75.88 59.90
N LYS C 177 11.21 -75.74 60.96
CA LYS C 177 11.38 -74.65 61.90
C LYS C 177 12.46 -75.00 62.92
N ALA C 178 13.25 -74.01 63.31
CA ALA C 178 14.27 -74.23 64.33
C ALA C 178 13.59 -74.57 65.66
N SER C 179 14.14 -75.57 66.35
CA SER C 179 13.57 -76.07 67.59
C SER C 179 14.50 -75.92 68.78
N ARG C 180 15.82 -76.01 68.55
CA ARG C 180 16.80 -75.85 69.60
C ARG C 180 18.01 -75.08 69.07
N LEU C 181 18.63 -74.33 69.97
CA LEU C 181 20.01 -73.87 69.82
C LEU C 181 20.75 -74.35 71.06
N VAL C 182 21.84 -75.08 70.85
CA VAL C 182 22.55 -75.78 71.93
C VAL C 182 24.00 -75.32 71.92
N LEU C 183 24.53 -74.97 73.10
CA LEU C 183 25.94 -74.65 73.27
C LEU C 183 26.62 -75.82 73.94
N LYS C 184 27.75 -76.26 73.38
CA LYS C 184 28.45 -77.46 73.85
C LYS C 184 29.92 -77.10 74.05
N VAL C 185 30.43 -77.39 75.24
CA VAL C 185 31.85 -77.28 75.55
C VAL C 185 32.40 -78.70 75.52
N GLY C 186 33.45 -78.91 74.73
CA GLY C 186 33.93 -80.26 74.54
C GLY C 186 32.86 -81.08 73.85
N ASP C 187 32.48 -82.20 74.48
CA ASP C 187 31.46 -83.07 73.93
C ASP C 187 30.08 -82.85 74.53
N GLN C 188 29.98 -82.15 75.66
CA GLN C 188 28.76 -82.10 76.45
C GLN C 188 28.10 -80.74 76.37
N GLU C 189 26.76 -80.75 76.49
CA GLU C 189 25.99 -79.52 76.47
C GLU C 189 26.21 -78.76 77.76
N VAL C 190 26.49 -77.46 77.63
CA VAL C 190 26.46 -76.57 78.79
C VAL C 190 25.05 -76.07 79.03
N LYS C 191 24.44 -75.50 77.99
CA LYS C 191 23.07 -75.00 78.04
C LYS C 191 22.47 -75.08 76.65
N SER C 192 21.15 -75.21 76.59
CA SER C 192 20.42 -75.22 75.33
C SER C 192 19.27 -74.22 75.41
N TYR C 193 19.01 -73.54 74.29
CA TYR C 193 17.93 -72.57 74.16
C TYR C 193 16.81 -73.21 73.36
N ASP C 194 15.68 -73.46 74.02
CA ASP C 194 14.56 -74.19 73.40
C ASP C 194 13.76 -73.21 72.54
N LEU C 195 13.98 -73.27 71.23
CA LEU C 195 13.38 -72.32 70.30
C LEU C 195 12.00 -72.73 69.82
N THR C 196 11.46 -73.84 70.30
CA THR C 196 10.12 -74.25 69.87
C THR C 196 9.08 -73.22 70.28
N GLY C 197 9.28 -72.56 71.42
CA GLY C 197 8.36 -71.53 71.85
C GLY C 197 8.43 -71.24 73.34
N GLY C 198 8.45 -69.96 73.71
CA GLY C 198 8.57 -69.56 75.10
C GLY C 198 9.36 -68.28 75.26
N ALA C 199 10.39 -68.31 76.11
CA ALA C 199 11.21 -67.14 76.34
C ALA C 199 12.06 -66.74 75.14
N TYR C 200 12.28 -67.66 74.20
CA TYR C 200 13.20 -67.46 73.09
C TYR C 200 12.46 -67.44 71.75
N ASP C 201 11.32 -66.77 71.71
CA ASP C 201 10.63 -66.55 70.44
C ASP C 201 11.45 -65.63 69.54
N TYR C 202 12.08 -64.62 70.12
CA TYR C 202 12.90 -63.65 69.40
C TYR C 202 14.37 -63.92 69.70
N THR C 203 15.22 -63.68 68.70
CA THR C 203 16.63 -63.98 68.84
C THR C 203 17.32 -63.09 69.86
N ASN C 204 16.80 -61.89 70.12
CA ASN C 204 17.48 -60.98 71.03
C ASN C 204 17.55 -61.56 72.44
N ALA C 205 16.53 -62.32 72.84
CA ALA C 205 16.60 -63.03 74.10
C ALA C 205 17.74 -64.05 74.10
N ILE C 206 17.98 -64.69 72.96
CA ILE C 206 19.09 -65.64 72.87
C ILE C 206 20.40 -64.89 73.02
N ILE C 207 20.53 -63.73 72.38
CA ILE C 207 21.76 -62.96 72.49
C ILE C 207 22.01 -62.58 73.94
N THR C 208 20.98 -62.06 74.61
CA THR C 208 21.12 -61.65 76.01
C THR C 208 21.53 -62.81 76.90
N ASP C 209 20.90 -63.97 76.70
CA ASP C 209 21.18 -65.11 77.57
C ASP C 209 22.54 -65.72 77.28
N ILE C 210 22.98 -65.72 76.02
CA ILE C 210 24.34 -66.15 75.74
C ILE C 210 25.33 -65.21 76.42
N ASN C 211 25.07 -63.91 76.34
CA ASN C 211 25.92 -62.93 77.00
C ASN C 211 25.91 -63.11 78.51
N GLN C 212 24.83 -63.65 79.06
CA GLN C 212 24.79 -63.88 80.49
C GLN C 212 25.75 -64.97 80.94
N LEU C 213 25.99 -65.97 80.08
CA LEU C 213 26.93 -67.02 80.43
C LEU C 213 28.33 -66.43 80.55
N PRO C 214 29.10 -66.74 81.60
CA PRO C 214 30.44 -66.12 81.71
C PRO C 214 31.37 -66.48 80.56
N ASP C 215 31.32 -67.70 80.06
CA ASP C 215 32.29 -68.18 79.09
C ASP C 215 31.91 -67.91 77.64
N PHE C 216 30.71 -67.38 77.38
CA PHE C 216 30.24 -67.14 76.02
C PHE C 216 29.88 -65.67 75.84
N GLU C 217 29.96 -65.21 74.59
CA GLU C 217 29.54 -63.87 74.23
C GLU C 217 28.75 -63.93 72.92
N ALA C 218 27.84 -62.98 72.74
CA ALA C 218 27.07 -62.85 71.51
C ALA C 218 26.87 -61.38 71.21
N LYS C 219 26.96 -61.01 69.93
CA LYS C 219 26.78 -59.63 69.49
C LYS C 219 25.95 -59.60 68.23
N LEU C 220 24.95 -58.72 68.20
CA LEU C 220 24.08 -58.58 67.05
C LEU C 220 24.85 -58.03 65.85
N SER C 221 24.38 -58.40 64.66
CA SER C 221 25.03 -57.96 63.44
C SER C 221 24.96 -56.43 63.35
N PRO C 222 26.02 -55.76 62.87
CA PRO C 222 25.96 -54.30 62.76
C PRO C 222 25.04 -53.80 61.67
N PHE C 223 24.66 -54.64 60.72
CA PHE C 223 23.89 -54.21 59.55
C PHE C 223 22.41 -54.30 59.88
N GLY C 224 21.94 -53.31 60.63
CA GLY C 224 20.52 -53.18 60.91
C GLY C 224 20.06 -54.09 62.04
N ASP C 225 18.88 -53.77 62.59
CA ASP C 225 18.26 -54.56 63.65
C ASP C 225 17.58 -55.76 62.98
N LYS C 226 18.37 -56.81 62.76
CA LYS C 226 17.85 -57.98 62.07
C LYS C 226 16.76 -58.67 62.89
N ASN C 227 17.06 -58.98 64.16
CA ASN C 227 16.06 -59.24 65.21
C ASN C 227 14.99 -60.25 64.78
N LEU C 228 15.44 -61.29 64.08
CA LEU C 228 14.52 -62.25 63.47
C LEU C 228 13.90 -63.17 64.51
N GLU C 229 12.71 -63.68 64.18
CA GLU C 229 12.12 -64.76 64.96
C GLU C 229 13.05 -65.97 64.97
N SER C 230 13.20 -66.59 66.15
CA SER C 230 14.17 -67.66 66.30
C SER C 230 13.74 -68.94 65.58
N SER C 231 12.46 -69.10 65.26
CA SER C 231 12.03 -70.27 64.51
C SER C 231 12.59 -70.28 63.09
N LYS C 232 13.00 -69.13 62.56
CA LYS C 232 13.50 -69.01 61.20
C LYS C 232 15.02 -69.14 61.11
N LEU C 233 15.69 -69.49 62.19
CA LEU C 233 17.11 -69.78 62.11
C LEU C 233 17.34 -71.07 61.33
N ASP C 234 18.60 -71.26 60.92
CA ASP C 234 18.99 -72.33 60.01
C ASP C 234 19.77 -73.42 60.73
N LYS C 235 19.82 -74.59 60.09
CA LYS C 235 20.43 -75.78 60.66
C LYS C 235 21.95 -75.67 60.60
N ILE C 236 22.58 -75.70 61.78
CA ILE C 236 24.03 -75.64 61.91
C ILE C 236 24.41 -76.72 62.93
N GLU C 237 25.58 -77.34 62.74
CA GLU C 237 26.09 -78.34 63.66
C GLU C 237 27.60 -78.16 63.85
N ASN C 238 28.05 -78.33 65.10
CA ASN C 238 29.46 -78.53 65.45
C ASN C 238 30.36 -77.42 64.91
N ALA C 239 29.88 -76.19 64.88
CA ALA C 239 30.72 -75.07 64.48
C ALA C 239 31.67 -74.70 65.61
N ASN C 240 32.96 -74.70 65.32
CA ASN C 240 33.97 -74.39 66.33
C ASN C 240 33.97 -72.89 66.61
N ILE C 241 33.85 -72.53 67.89
CA ILE C 241 33.59 -71.15 68.28
C ILE C 241 34.88 -70.46 68.76
N LYS C 242 35.79 -71.24 69.35
CA LYS C 242 36.81 -70.65 70.23
C LYS C 242 37.69 -69.65 69.49
N ASP C 243 38.05 -69.95 68.24
CA ASP C 243 38.93 -69.08 67.47
C ASP C 243 38.18 -68.11 66.57
N LYS C 244 36.85 -68.13 66.56
CA LYS C 244 36.08 -67.42 65.55
C LYS C 244 34.82 -66.79 66.13
N ALA C 245 34.44 -65.64 65.58
CA ALA C 245 33.10 -65.10 65.74
C ALA C 245 32.25 -65.68 64.62
N VAL C 246 31.50 -66.74 64.91
CA VAL C 246 30.80 -67.51 63.90
C VAL C 246 29.37 -66.99 63.79
N TYR C 247 28.91 -66.73 62.56
CA TYR C 247 27.60 -66.17 62.31
C TYR C 247 26.56 -67.28 62.23
N VAL C 248 25.45 -67.08 62.95
CA VAL C 248 24.19 -67.71 62.57
C VAL C 248 23.67 -66.93 61.36
N LYS C 249 23.12 -67.64 60.38
CA LYS C 249 22.80 -67.02 59.10
C LYS C 249 21.33 -66.66 58.97
N ALA C 250 20.43 -67.65 58.97
CA ALA C 250 19.00 -67.41 58.83
C ALA C 250 18.69 -66.60 57.57
N VAL C 251 19.14 -67.11 56.42
CA VAL C 251 19.13 -66.29 55.21
C VAL C 251 17.71 -65.99 54.77
N PHE C 252 16.81 -66.97 54.86
CA PHE C 252 15.48 -66.78 54.30
C PHE C 252 14.66 -65.78 55.12
N GLY C 253 14.74 -65.88 56.45
CA GLY C 253 14.05 -64.92 57.28
C GLY C 253 14.58 -63.51 57.14
N ASP C 254 15.89 -63.38 56.93
CA ASP C 254 16.46 -62.07 56.66
C ASP C 254 16.02 -61.56 55.30
N LEU C 255 15.91 -62.46 54.31
CA LEU C 255 15.38 -62.07 53.01
C LEU C 255 13.98 -61.51 53.15
N GLU C 256 13.14 -62.18 53.94
CA GLU C 256 11.78 -61.69 54.17
C GLU C 256 11.82 -60.34 54.87
N LYS C 257 12.69 -60.19 55.87
CA LYS C 257 12.77 -58.93 56.60
C LYS C 257 13.18 -57.79 55.68
N GLN C 258 14.10 -58.05 54.76
CA GLN C 258 14.64 -56.99 53.92
C GLN C 258 13.83 -56.73 52.66
N THR C 259 12.94 -57.65 52.26
CA THR C 259 12.28 -57.58 50.96
C THR C 259 10.77 -57.80 50.98
N ALA C 260 10.17 -58.16 52.11
CA ALA C 260 8.76 -58.52 52.10
C ALA C 260 7.88 -57.33 51.73
N TYR C 261 8.12 -56.17 52.35
CA TYR C 261 7.34 -54.97 52.12
C TYR C 261 8.03 -54.00 51.16
N ASN C 262 8.93 -54.51 50.31
CA ASN C 262 9.77 -53.66 49.47
C ASN C 262 9.86 -54.25 48.07
N GLY C 263 10.17 -53.37 47.12
CA GLY C 263 10.55 -53.81 45.78
C GLY C 263 9.35 -54.16 44.92
N ILE C 264 9.68 -54.57 43.69
CA ILE C 264 8.70 -55.00 42.70
C ILE C 264 8.44 -56.50 42.77
N VAL C 265 9.26 -57.26 43.51
CA VAL C 265 9.29 -58.71 43.46
C VAL C 265 9.04 -59.26 44.85
N SER C 266 8.46 -60.47 44.91
CA SER C 266 8.27 -61.19 46.16
C SER C 266 8.76 -62.63 45.97
N PHE C 267 9.07 -63.28 47.09
CA PHE C 267 9.71 -64.59 47.07
C PHE C 267 8.94 -65.57 47.95
N GLU C 268 8.98 -66.85 47.58
CA GLU C 268 8.42 -67.92 48.39
C GLU C 268 9.36 -69.12 48.31
N GLN C 269 9.63 -69.75 49.45
CA GLN C 269 10.55 -70.88 49.50
C GLN C 269 9.82 -72.18 49.15
N LEU C 270 10.40 -72.96 48.24
CA LEU C 270 9.82 -74.24 47.85
C LEU C 270 9.75 -75.19 49.03
N LYS C 298 14.22 -77.91 50.14
CA LYS C 298 15.17 -77.28 49.21
C LYS C 298 16.06 -76.26 49.93
N THR C 299 17.19 -75.89 49.31
CA THR C 299 18.17 -74.99 49.91
C THR C 299 18.34 -73.78 49.00
N ILE C 300 18.45 -72.60 49.60
CA ILE C 300 18.74 -71.38 48.85
C ILE C 300 20.22 -71.35 48.51
N GLU C 301 20.55 -71.07 47.27
CA GLU C 301 21.92 -70.92 46.81
C GLU C 301 21.95 -69.87 45.71
N PRO C 302 23.13 -69.32 45.40
CA PRO C 302 23.20 -68.33 44.30
C PRO C 302 22.76 -68.91 42.96
N PHE C 303 22.12 -68.06 42.16
CA PHE C 303 21.77 -68.39 40.78
C PHE C 303 21.98 -67.15 39.92
N GLU C 304 22.19 -67.37 38.63
CA GLU C 304 22.48 -66.29 37.71
C GLU C 304 21.26 -65.39 37.51
N LEU C 305 21.54 -64.15 37.11
CA LEU C 305 20.49 -63.19 36.79
C LEU C 305 19.61 -63.73 35.68
N THR C 306 18.31 -63.84 35.97
CA THR C 306 17.37 -64.55 35.11
C THR C 306 16.14 -63.68 34.88
N LYS C 307 15.67 -63.65 33.64
CA LYS C 307 14.41 -62.97 33.31
C LYS C 307 13.23 -63.76 33.85
N LEU C 308 12.24 -63.06 34.39
CA LEU C 308 10.97 -63.71 34.70
C LEU C 308 10.21 -63.98 33.41
N LYS C 309 9.46 -65.07 33.40
CA LYS C 309 8.76 -65.53 32.21
C LYS C 309 7.28 -65.70 32.51
N GLY C 310 6.48 -65.65 31.44
CA GLY C 310 5.05 -65.90 31.53
C GLY C 310 4.19 -64.67 31.66
N GLY C 311 4.77 -63.47 31.63
CA GLY C 311 3.99 -62.25 31.69
C GLY C 311 3.01 -62.17 30.53
N THR C 312 1.73 -62.05 30.85
CA THR C 312 0.66 -62.15 29.86
C THR C 312 -0.33 -61.03 30.08
N ASN C 313 -0.91 -60.53 29.00
CA ASN C 313 -2.02 -59.59 29.05
C ASN C 313 -3.38 -60.26 28.84
N GLY C 314 -3.42 -61.34 28.06
CA GLY C 314 -4.62 -62.09 27.80
C GLY C 314 -5.35 -61.60 26.55
N GLU C 315 -6.33 -62.41 26.12
CA GLU C 315 -7.05 -62.10 24.90
C GLU C 315 -8.07 -60.99 25.16
N PRO C 316 -8.58 -60.35 24.10
CA PRO C 316 -9.72 -59.43 24.29
C PRO C 316 -10.94 -60.17 24.82
N PRO C 317 -11.65 -59.61 25.81
CA PRO C 317 -12.75 -60.38 26.41
C PRO C 317 -13.97 -60.45 25.50
N ALA C 318 -14.57 -61.64 25.46
CA ALA C 318 -15.76 -61.85 24.66
C ALA C 318 -17.03 -61.34 25.34
N THR C 319 -16.99 -61.14 26.65
CA THR C 319 -18.15 -60.65 27.39
C THR C 319 -17.66 -59.78 28.53
N TRP C 320 -18.57 -58.91 29.02
CA TRP C 320 -18.23 -57.87 29.98
C TRP C 320 -19.03 -57.92 31.26
N ALA C 321 -20.07 -58.73 31.34
CA ALA C 321 -20.98 -58.68 32.48
C ALA C 321 -20.27 -59.09 33.77
N ASP C 322 -19.55 -60.21 33.74
CA ASP C 322 -18.96 -60.74 34.97
C ASP C 322 -17.90 -59.84 35.57
N LYS C 323 -17.35 -58.91 34.79
CA LYS C 323 -16.40 -57.91 35.28
C LYS C 323 -17.04 -56.53 35.44
N LEU C 324 -17.95 -56.17 34.55
CA LEU C 324 -18.62 -54.88 34.65
C LEU C 324 -19.53 -54.81 35.86
N ASP C 325 -20.06 -55.95 36.32
CA ASP C 325 -20.97 -55.96 37.45
C ASP C 325 -20.27 -55.62 38.77
N LYS C 326 -18.94 -55.58 38.80
CA LYS C 326 -18.23 -55.17 40.00
C LYS C 326 -18.54 -53.74 40.40
N PHE C 327 -19.00 -52.90 39.45
CA PHE C 327 -19.44 -51.55 39.78
C PHE C 327 -20.78 -51.52 40.49
N ALA C 328 -21.46 -52.66 40.65
CA ALA C 328 -22.83 -52.66 41.12
C ALA C 328 -23.00 -52.15 42.54
N HIS C 329 -21.91 -52.02 43.31
CA HIS C 329 -21.98 -51.43 44.64
C HIS C 329 -20.89 -50.40 44.89
N GLU C 330 -20.10 -50.02 43.88
CA GLU C 330 -19.03 -49.06 44.08
C GLU C 330 -19.55 -47.63 44.19
N GLY C 331 -20.79 -47.36 43.78
CA GLY C 331 -21.40 -46.09 44.04
C GLY C 331 -21.15 -45.02 42.99
N GLY C 332 -20.74 -45.40 41.78
CA GLY C 332 -20.57 -44.44 40.71
C GLY C 332 -21.87 -44.16 39.98
N TYR C 333 -21.97 -42.94 39.44
CA TYR C 333 -23.16 -42.52 38.71
C TYR C 333 -22.96 -42.59 37.20
N TYR C 334 -21.98 -41.85 36.67
CA TYR C 334 -21.68 -41.89 35.25
C TYR C 334 -20.63 -42.95 34.96
N ILE C 335 -20.78 -43.62 33.83
CA ILE C 335 -19.81 -44.59 33.34
C ILE C 335 -19.66 -44.38 31.85
N VAL C 336 -18.42 -44.45 31.35
CA VAL C 336 -18.14 -44.40 29.93
C VAL C 336 -17.21 -45.57 29.62
N PRO C 337 -17.59 -46.54 28.77
CA PRO C 337 -16.63 -47.57 28.38
C PRO C 337 -15.68 -47.07 27.30
N LEU C 338 -14.38 -47.26 27.53
CA LEU C 338 -13.39 -46.85 26.53
C LEU C 338 -13.39 -47.76 25.31
N SER C 339 -13.81 -49.02 25.48
CA SER C 339 -13.86 -49.96 24.38
C SER C 339 -14.86 -49.50 23.32
N SER C 340 -14.89 -50.22 22.21
CA SER C 340 -15.51 -49.74 20.97
C SER C 340 -16.76 -50.50 20.56
N LYS C 341 -16.76 -51.83 20.66
CA LYS C 341 -17.75 -52.64 19.97
C LYS C 341 -19.16 -52.41 20.50
N GLN C 342 -20.14 -52.62 19.61
CA GLN C 342 -21.54 -52.43 19.97
C GLN C 342 -21.98 -53.37 21.08
N SER C 343 -21.33 -54.54 21.18
CA SER C 343 -21.64 -55.47 22.26
C SER C 343 -21.40 -54.83 23.62
N VAL C 344 -20.38 -53.97 23.70
CA VAL C 344 -20.12 -53.24 24.94
C VAL C 344 -21.32 -52.34 25.24
N HIS C 345 -21.79 -51.60 24.23
CA HIS C 345 -22.89 -50.67 24.44
C HIS C 345 -24.15 -51.41 24.89
N ALA C 346 -24.42 -52.57 24.30
CA ALA C 346 -25.57 -53.37 24.70
C ALA C 346 -25.42 -53.85 26.14
N GLU C 347 -24.24 -54.37 26.49
CA GLU C 347 -24.06 -54.92 27.84
C GLU C 347 -24.08 -53.82 28.89
N VAL C 348 -23.48 -52.66 28.58
CA VAL C 348 -23.49 -51.56 29.52
C VAL C 348 -24.92 -51.06 29.71
N ALA C 349 -25.69 -50.95 28.62
CA ALA C 349 -27.07 -50.52 28.74
C ALA C 349 -27.87 -51.50 29.60
N SER C 350 -27.66 -52.80 29.39
CA SER C 350 -28.36 -53.79 30.20
C SER C 350 -27.96 -53.70 31.66
N PHE C 351 -26.66 -53.50 31.92
CA PHE C 351 -26.19 -53.35 33.29
C PHE C 351 -26.81 -52.14 33.96
N VAL C 352 -26.76 -50.99 33.29
CA VAL C 352 -27.32 -49.77 33.87
C VAL C 352 -28.80 -49.94 34.14
N LYS C 353 -29.53 -50.52 33.18
CA LYS C 353 -30.96 -50.71 33.36
C LYS C 353 -31.25 -51.63 34.54
N GLU C 354 -30.45 -52.69 34.71
CA GLU C 354 -30.63 -53.57 35.86
C GLU C 354 -30.34 -52.84 37.16
N ARG C 355 -29.30 -52.01 37.18
CA ARG C 355 -28.99 -51.27 38.41
C ARG C 355 -30.12 -50.30 38.75
N SER C 356 -30.63 -49.56 37.76
CA SER C 356 -31.70 -48.61 38.04
C SER C 356 -32.98 -49.34 38.45
N ASP C 357 -33.26 -50.49 37.83
CA ASP C 357 -34.38 -51.29 38.29
C ASP C 357 -34.15 -51.82 39.71
N ALA C 358 -32.89 -51.99 40.10
CA ALA C 358 -32.53 -52.37 41.45
C ALA C 358 -32.46 -51.19 42.40
N GLY C 359 -32.72 -49.97 41.93
CA GLY C 359 -32.76 -48.80 42.78
C GLY C 359 -31.49 -47.97 42.82
N GLU C 360 -30.53 -48.23 41.93
CA GLU C 360 -29.27 -47.51 41.91
C GLU C 360 -29.22 -46.65 40.65
N PRO C 361 -29.21 -45.32 40.73
CA PRO C 361 -29.22 -44.51 39.49
C PRO C 361 -27.86 -44.56 38.79
N MET C 362 -27.92 -44.78 37.47
CA MET C 362 -26.73 -44.78 36.63
C MET C 362 -27.11 -44.34 35.23
N ARG C 363 -26.16 -43.69 34.56
CA ARG C 363 -26.31 -43.28 33.16
C ARG C 363 -24.98 -43.42 32.45
N ALA C 364 -25.06 -43.79 31.17
CA ALA C 364 -23.88 -44.03 30.35
C ALA C 364 -23.83 -43.04 29.20
N ILE C 365 -22.60 -42.68 28.79
CA ILE C 365 -22.35 -41.81 27.64
C ILE C 365 -21.51 -42.59 26.65
N VAL C 366 -21.92 -42.57 25.38
CA VAL C 366 -21.34 -43.41 24.34
C VAL C 366 -21.13 -42.51 23.12
N GLY C 367 -20.23 -42.93 22.24
CA GLY C 367 -20.06 -42.23 20.98
C GLY C 367 -19.44 -43.08 19.89
N GLY C 368 -20.00 -43.06 18.69
CA GLY C 368 -19.62 -44.04 17.69
C GLY C 368 -18.42 -43.70 16.83
N GLY C 369 -17.26 -44.30 17.16
CA GLY C 369 -16.15 -44.46 16.23
C GLY C 369 -15.62 -43.16 15.66
N PHE C 370 -15.14 -43.24 14.41
CA PHE C 370 -14.54 -42.13 13.70
C PHE C 370 -15.40 -41.77 12.49
N ASN C 371 -15.85 -40.51 12.43
CA ASN C 371 -16.47 -39.95 11.22
C ASN C 371 -17.64 -40.80 10.75
N GLU C 372 -18.39 -41.37 11.68
CA GLU C 372 -19.50 -42.23 11.33
C GLU C 372 -20.67 -41.39 10.86
N SER C 373 -21.09 -41.59 9.62
CA SER C 373 -22.15 -40.79 9.03
C SER C 373 -23.47 -41.03 9.74
N LYS C 374 -24.48 -40.27 9.32
CA LYS C 374 -25.77 -40.29 10.01
C LYS C 374 -26.45 -41.65 9.87
N GLU C 375 -26.27 -42.30 8.72
CA GLU C 375 -26.90 -43.59 8.50
C GLU C 375 -26.41 -44.64 9.49
N GLN C 376 -25.11 -44.66 9.76
CA GLN C 376 -24.58 -45.57 10.76
C GLN C 376 -25.12 -45.20 12.14
N LEU C 377 -25.07 -43.91 12.48
CA LEU C 377 -25.46 -43.48 13.81
C LEU C 377 -26.92 -43.78 14.10
N PHE C 378 -27.77 -43.67 13.08
CA PHE C 378 -29.18 -44.00 13.28
C PHE C 378 -29.33 -45.48 13.60
N GLY C 379 -28.58 -46.35 12.92
CA GLY C 379 -28.64 -47.76 13.25
C GLY C 379 -28.16 -48.07 14.65
N ARG C 380 -27.10 -47.38 15.09
CA ARG C 380 -26.63 -47.56 16.46
C ARG C 380 -27.65 -47.04 17.46
N GLN C 381 -28.31 -45.92 17.13
CA GLN C 381 -29.35 -45.37 17.99
C GLN C 381 -30.53 -46.33 18.10
N ALA C 382 -30.95 -46.90 16.97
CA ALA C 382 -32.04 -47.88 16.99
C ALA C 382 -31.66 -49.12 17.78
N SER C 383 -30.37 -49.47 17.81
CA SER C 383 -29.90 -50.56 18.65
C SER C 383 -29.63 -50.14 20.07
N LEU C 384 -29.84 -48.86 20.41
CA LEU C 384 -29.46 -48.32 21.71
C LEU C 384 -30.49 -47.32 22.24
N SER C 385 -31.77 -47.52 21.94
CA SER C 385 -32.76 -46.47 22.14
C SER C 385 -33.29 -46.38 23.56
N ASN C 386 -32.90 -47.28 24.46
CA ASN C 386 -33.37 -47.21 25.83
C ASN C 386 -32.76 -45.99 26.53
N PRO C 387 -33.47 -45.41 27.53
CA PRO C 387 -32.88 -44.26 28.24
C PRO C 387 -31.70 -44.66 29.10
N ARG C 388 -31.08 -43.66 29.75
CA ARG C 388 -29.88 -43.80 30.55
C ARG C 388 -28.65 -44.15 29.71
N VAL C 389 -28.71 -43.96 28.40
CA VAL C 389 -27.57 -44.09 27.50
C VAL C 389 -27.58 -42.88 26.58
N SER C 390 -26.45 -42.18 26.49
CA SER C 390 -26.32 -40.99 25.66
C SER C 390 -25.29 -41.25 24.58
N LEU C 391 -25.67 -40.99 23.33
CA LEU C 391 -24.83 -41.27 22.16
C LEU C 391 -24.22 -39.97 21.66
N VAL C 392 -22.90 -39.98 21.47
CA VAL C 392 -22.14 -38.81 21.02
C VAL C 392 -21.79 -39.05 19.56
N ALA C 393 -22.08 -38.06 18.71
CA ALA C 393 -21.94 -38.26 17.28
C ALA C 393 -20.51 -38.10 16.79
N ASN C 394 -19.71 -37.23 17.43
CA ASN C 394 -18.51 -36.71 16.81
C ASN C 394 -17.24 -37.30 17.40
N SER C 395 -16.17 -37.23 16.61
CA SER C 395 -14.82 -37.60 17.02
C SER C 395 -13.85 -36.52 16.56
N GLY C 396 -12.72 -36.40 17.26
CA GLY C 396 -11.79 -35.33 16.97
C GLY C 396 -10.37 -35.55 17.44
N THR C 397 -9.75 -34.50 17.99
CA THR C 397 -8.39 -34.54 18.49
C THR C 397 -8.29 -33.75 19.79
N PHE C 398 -7.50 -34.25 20.74
CA PHE C 398 -7.27 -33.57 22.01
C PHE C 398 -5.81 -33.16 22.10
N VAL C 399 -5.57 -31.86 22.30
CA VAL C 399 -4.26 -31.43 22.78
C VAL C 399 -4.12 -31.94 24.21
N MET C 400 -2.98 -32.54 24.52
CA MET C 400 -2.81 -33.26 25.78
C MET C 400 -1.40 -33.02 26.32
N ASP C 401 -1.25 -33.20 27.63
CA ASP C 401 0.03 -33.01 28.31
C ASP C 401 1.08 -34.03 27.89
N ASP C 402 0.69 -35.09 27.17
CA ASP C 402 1.67 -36.01 26.61
C ASP C 402 2.58 -35.34 25.59
N GLY C 403 2.17 -34.22 25.01
CA GLY C 403 2.90 -33.58 23.92
C GLY C 403 2.39 -34.08 22.58
N ARG C 404 2.23 -35.39 22.45
CA ARG C 404 1.59 -35.99 21.29
C ARG C 404 0.16 -35.45 21.15
N LYS C 405 -0.20 -35.09 19.92
CA LYS C 405 -1.59 -34.80 19.59
C LYS C 405 -2.33 -36.11 19.41
N ASN C 406 -3.23 -36.44 20.33
CA ASN C 406 -3.97 -37.69 20.25
C ASN C 406 -5.03 -37.61 19.16
N HIS C 407 -5.17 -38.69 18.40
CA HIS C 407 -6.30 -38.87 17.49
C HIS C 407 -7.40 -39.59 18.27
N VAL C 408 -8.54 -38.94 18.43
CA VAL C 408 -9.48 -39.21 19.50
C VAL C 408 -10.74 -39.82 18.89
N PRO C 409 -11.17 -41.04 19.28
CA PRO C 409 -12.47 -41.53 18.82
C PRO C 409 -13.60 -40.88 19.58
N ALA C 410 -14.82 -41.06 19.06
CA ALA C 410 -16.00 -40.55 19.72
C ALA C 410 -16.20 -41.19 21.08
N TYR C 411 -15.64 -42.38 21.31
CA TYR C 411 -15.69 -42.97 22.65
C TYR C 411 -14.97 -42.06 23.65
N MET C 412 -13.80 -41.56 23.29
CA MET C 412 -13.04 -40.70 24.19
C MET C 412 -13.64 -39.30 24.27
N VAL C 413 -14.33 -38.86 23.22
CA VAL C 413 -15.09 -37.62 23.35
C VAL C 413 -16.21 -37.81 24.37
N ALA C 414 -16.85 -38.98 24.35
CA ALA C 414 -17.86 -39.28 25.36
C ALA C 414 -17.25 -39.38 26.74
N VAL C 415 -16.00 -39.85 26.84
CA VAL C 415 -15.28 -39.80 28.11
C VAL C 415 -15.18 -38.35 28.58
N ALA C 416 -14.72 -37.46 27.69
CA ALA C 416 -14.58 -36.06 28.05
C ALA C 416 -15.92 -35.47 28.49
N LEU C 417 -16.99 -35.84 27.79
CA LEU C 417 -18.30 -35.32 28.15
C LEU C 417 -18.74 -35.84 29.52
N GLY C 418 -18.42 -37.10 29.83
CA GLY C 418 -18.72 -37.62 31.15
C GLY C 418 -17.91 -36.97 32.24
N GLY C 419 -16.65 -36.64 31.95
CA GLY C 419 -15.85 -35.91 32.91
C GLY C 419 -16.37 -34.50 33.16
N LEU C 420 -16.90 -33.86 32.12
CA LEU C 420 -17.49 -32.54 32.28
C LEU C 420 -18.80 -32.62 33.06
N ALA C 421 -19.68 -33.55 32.69
CA ALA C 421 -20.99 -33.63 33.32
C ALA C 421 -20.87 -33.99 34.80
N SER C 422 -19.94 -34.88 35.14
CA SER C 422 -19.73 -35.21 36.55
C SER C 422 -19.20 -34.02 37.35
N GLY C 423 -18.59 -33.03 36.68
CA GLY C 423 -18.10 -31.85 37.37
C GLY C 423 -19.12 -30.75 37.54
N LEU C 424 -20.19 -30.78 36.74
CA LEU C 424 -21.23 -29.77 36.86
C LEU C 424 -22.00 -29.94 38.16
N GLU C 425 -22.77 -28.91 38.50
CA GLU C 425 -23.69 -29.00 39.62
C GLU C 425 -24.77 -30.03 39.30
N ILE C 426 -25.34 -30.62 40.35
CA ILE C 426 -26.44 -31.56 40.16
C ILE C 426 -27.59 -30.81 39.49
N GLY C 427 -28.03 -31.32 38.35
CA GLY C 427 -29.11 -30.70 37.60
C GLY C 427 -28.65 -29.64 36.62
N GLU C 428 -27.38 -29.25 36.65
CA GLU C 428 -26.84 -28.30 35.67
C GLU C 428 -26.50 -29.04 34.38
N SER C 429 -26.91 -28.46 33.26
CA SER C 429 -26.84 -29.13 31.98
C SER C 429 -25.47 -28.91 31.31
N ILE C 430 -25.04 -29.92 30.55
CA ILE C 430 -23.89 -29.78 29.67
C ILE C 430 -24.18 -28.91 28.45
N THR C 431 -25.44 -28.50 28.27
CA THR C 431 -25.85 -27.67 27.14
C THR C 431 -24.95 -26.44 27.01
N PHE C 432 -24.40 -26.26 25.82
CA PHE C 432 -23.58 -25.11 25.43
C PHE C 432 -22.30 -24.98 26.26
N LYS C 433 -21.94 -25.99 27.05
CA LYS C 433 -20.71 -25.90 27.81
C LYS C 433 -19.50 -26.11 26.90
N PRO C 434 -18.34 -25.52 27.23
CA PRO C 434 -17.15 -25.80 26.41
C PRO C 434 -16.67 -27.23 26.60
N LEU C 435 -16.09 -27.77 25.53
CA LEU C 435 -15.56 -29.13 25.51
C LEU C 435 -14.04 -29.17 25.54
N ARG C 436 -13.38 -28.15 25.03
CA ARG C 436 -11.92 -28.09 24.99
C ARG C 436 -11.33 -29.22 24.15
N VAL C 437 -11.99 -29.54 23.04
CA VAL C 437 -11.40 -30.42 22.03
C VAL C 437 -10.57 -29.54 21.10
N SER C 438 -9.53 -30.12 20.51
CA SER C 438 -8.63 -29.36 19.66
C SER C 438 -9.22 -29.17 18.26
N SER C 439 -9.49 -30.27 17.57
CA SER C 439 -10.08 -30.21 16.24
C SER C 439 -11.03 -31.41 16.08
N LEU C 440 -12.17 -31.16 15.43
CA LEU C 440 -13.24 -32.14 15.30
C LEU C 440 -13.39 -32.56 13.85
N ASP C 441 -13.36 -33.86 13.59
CA ASP C 441 -13.58 -34.40 12.24
C ASP C 441 -15.07 -34.34 11.93
N GLN C 442 -15.54 -33.11 11.69
CA GLN C 442 -16.97 -32.81 11.64
C GLN C 442 -17.43 -32.70 10.20
N ILE C 443 -18.47 -33.47 9.85
CA ILE C 443 -19.14 -33.31 8.57
C ILE C 443 -20.32 -32.34 8.71
N TYR C 444 -20.83 -32.15 9.93
CA TYR C 444 -22.20 -31.70 10.15
C TYR C 444 -22.30 -30.18 10.20
N GLU C 445 -23.34 -29.66 9.58
CA GLU C 445 -23.73 -28.25 9.65
C GLU C 445 -25.10 -28.16 10.33
N SER C 446 -25.72 -26.99 10.23
CA SER C 446 -26.91 -26.69 11.02
C SER C 446 -28.02 -27.71 10.80
N ILE C 447 -28.36 -27.98 9.54
CA ILE C 447 -29.43 -28.95 9.28
C ILE C 447 -29.00 -30.34 9.73
N ASP C 448 -27.72 -30.68 9.53
CA ASP C 448 -27.22 -31.96 10.00
C ASP C 448 -27.29 -32.04 11.52
N LEU C 449 -26.96 -30.94 12.20
CA LEU C 449 -27.09 -30.93 13.65
C LEU C 449 -28.54 -31.12 14.08
N ASP C 450 -29.48 -30.49 13.35
CA ASP C 450 -30.89 -30.70 13.65
C ASP C 450 -31.27 -32.16 13.48
N GLU C 451 -30.82 -32.78 12.40
CA GLU C 451 -31.12 -34.18 12.15
C GLU C 451 -30.58 -35.06 13.27
N LEU C 452 -29.35 -34.80 13.71
CA LEU C 452 -28.77 -35.60 14.78
C LEU C 452 -29.52 -35.39 16.10
N ASN C 453 -29.75 -34.13 16.47
CA ASN C 453 -30.32 -33.83 17.78
C ASN C 453 -31.77 -34.26 17.86
N GLU C 454 -32.53 -34.12 16.77
CA GLU C 454 -33.90 -34.58 16.78
C GLU C 454 -33.97 -36.09 16.95
N ASN C 455 -32.97 -36.80 16.45
CA ASN C 455 -32.85 -38.24 16.64
C ASN C 455 -32.32 -38.61 18.03
N GLY C 456 -32.04 -37.63 18.88
CA GLY C 456 -31.52 -37.92 20.20
C GLY C 456 -30.03 -38.16 20.25
N ILE C 457 -29.27 -37.69 19.26
CA ILE C 457 -27.84 -37.94 19.17
C ILE C 457 -27.13 -36.63 19.52
N ILE C 458 -26.31 -36.66 20.57
CA ILE C 458 -25.62 -35.46 20.99
C ILE C 458 -24.61 -35.06 19.92
N SER C 459 -24.54 -33.77 19.61
CA SER C 459 -23.66 -33.26 18.57
C SER C 459 -22.84 -32.10 19.13
N ILE C 460 -21.64 -31.92 18.57
CA ILE C 460 -20.73 -30.85 18.98
C ILE C 460 -20.58 -29.92 17.79
N GLU C 461 -20.61 -28.61 18.06
CA GLU C 461 -20.49 -27.57 17.06
C GLU C 461 -19.22 -26.77 17.33
N PHE C 462 -18.39 -26.59 16.31
CA PHE C 462 -17.27 -25.66 16.39
C PHE C 462 -17.77 -24.25 16.14
N VAL C 463 -17.38 -23.33 17.02
CA VAL C 463 -17.77 -21.92 16.92
C VAL C 463 -16.48 -21.10 16.95
N ARG C 464 -16.21 -20.38 15.86
CA ARG C 464 -15.15 -19.39 15.84
C ARG C 464 -15.76 -18.04 16.15
N ASN C 465 -15.57 -17.57 17.39
CA ASN C 465 -15.97 -16.23 17.74
C ASN C 465 -15.11 -15.22 16.99
N ARG C 466 -15.55 -13.95 17.00
CA ARG C 466 -14.87 -12.83 16.35
C ARG C 466 -13.36 -12.81 16.55
N THR C 467 -12.90 -13.16 17.75
CA THR C 467 -11.48 -13.17 18.07
C THR C 467 -11.02 -14.46 18.73
N ASN C 468 -11.90 -15.43 18.95
CA ASN C 468 -11.56 -16.63 19.70
C ASN C 468 -12.26 -17.83 19.09
N THR C 469 -11.78 -19.02 19.45
CA THR C 469 -12.37 -20.28 19.03
C THR C 469 -12.71 -21.11 20.26
N PHE C 470 -13.87 -21.75 20.22
CA PHE C 470 -14.22 -22.73 21.24
C PHE C 470 -15.17 -23.76 20.64
N PHE C 471 -15.24 -24.92 21.26
CA PHE C 471 -16.14 -26.00 20.87
C PHE C 471 -17.19 -26.14 21.96
N ARG C 472 -18.46 -25.94 21.61
CA ARG C 472 -19.56 -26.05 22.55
C ARG C 472 -20.51 -27.13 22.08
N ILE C 473 -21.11 -27.83 23.03
CA ILE C 473 -21.98 -28.96 22.74
C ILE C 473 -23.41 -28.44 22.80
N VAL C 474 -24.22 -28.80 21.79
CA VAL C 474 -25.47 -28.08 21.58
C VAL C 474 -26.52 -28.44 22.63
N ASP C 475 -26.63 -29.72 22.99
CA ASP C 475 -27.71 -30.15 23.86
C ASP C 475 -27.31 -31.43 24.57
N ASP C 476 -28.06 -31.77 25.63
CA ASP C 476 -27.86 -32.98 26.41
C ASP C 476 -28.92 -34.04 26.12
N VAL C 477 -29.48 -34.05 24.91
CA VAL C 477 -30.55 -34.98 24.60
C VAL C 477 -30.02 -36.41 24.70
N THR C 478 -30.81 -37.28 25.32
CA THR C 478 -30.46 -38.68 25.47
C THR C 478 -30.82 -39.45 24.21
N THR C 479 -30.33 -40.69 24.15
CA THR C 479 -30.61 -41.53 22.99
C THR C 479 -32.09 -41.86 22.86
N PHE C 480 -32.85 -41.77 23.95
CA PHE C 480 -34.28 -42.02 23.90
C PHE C 480 -34.94 -41.02 22.97
N ASN C 481 -35.78 -41.51 22.06
CA ASN C 481 -36.22 -40.70 20.92
C ASN C 481 -37.38 -39.79 21.29
N ASP C 482 -38.39 -40.32 21.96
CA ASP C 482 -39.64 -39.59 22.18
C ASP C 482 -39.38 -38.40 23.10
N LYS C 483 -39.59 -37.20 22.57
CA LYS C 483 -39.33 -35.96 23.29
C LYS C 483 -40.45 -35.55 24.24
N SER C 484 -41.59 -36.24 24.21
CA SER C 484 -42.74 -35.81 24.98
C SER C 484 -42.50 -35.83 26.49
N ASP C 485 -41.55 -36.64 26.96
CA ASP C 485 -41.23 -36.76 28.38
C ASP C 485 -39.79 -36.36 28.60
N PRO C 486 -39.49 -35.13 29.06
CA PRO C 486 -38.08 -34.72 29.18
C PRO C 486 -37.30 -35.48 30.24
N VAL C 487 -37.98 -36.18 31.16
CA VAL C 487 -37.26 -37.02 32.11
C VAL C 487 -36.48 -38.09 31.36
N LYS C 488 -37.10 -38.68 30.34
CA LYS C 488 -36.44 -39.69 29.52
C LYS C 488 -35.58 -39.06 28.43
N ALA C 489 -36.09 -38.00 27.80
CA ALA C 489 -35.40 -37.44 26.64
C ALA C 489 -34.17 -36.64 27.06
N GLU C 490 -34.22 -35.94 28.19
CA GLU C 490 -33.19 -35.00 28.61
C GLU C 490 -32.43 -35.55 29.81
N MET C 491 -31.12 -35.39 29.81
CA MET C 491 -30.30 -36.05 30.82
C MET C 491 -30.32 -35.30 32.15
N ALA C 492 -30.30 -33.97 32.11
CA ALA C 492 -30.24 -33.20 33.35
C ALA C 492 -31.53 -33.33 34.16
N VAL C 493 -32.67 -33.33 33.48
CA VAL C 493 -33.94 -33.54 34.17
C VAL C 493 -33.96 -34.92 34.82
N GLY C 494 -33.48 -35.93 34.09
CA GLY C 494 -33.44 -37.27 34.65
C GLY C 494 -32.55 -37.36 35.86
N GLU C 495 -31.40 -36.68 35.82
CA GLU C 495 -30.46 -36.68 36.94
C GLU C 495 -31.10 -36.04 38.16
N ALA C 496 -31.76 -34.90 37.97
CA ALA C 496 -32.44 -34.24 39.09
C ALA C 496 -33.56 -35.11 39.62
N ASN C 497 -34.30 -35.77 38.73
CA ASN C 497 -35.36 -36.67 39.16
C ASN C 497 -34.79 -37.83 39.98
N ASP C 498 -33.69 -38.42 39.53
CA ASP C 498 -33.10 -39.54 40.24
C ASP C 498 -32.65 -39.15 41.64
N PHE C 499 -31.96 -38.02 41.76
CA PHE C 499 -31.46 -37.58 43.06
C PHE C 499 -32.60 -37.19 43.99
N LEU C 500 -33.57 -36.44 43.48
CA LEU C 500 -34.72 -36.05 44.30
C LEU C 500 -35.48 -37.26 44.78
N VAL C 501 -35.73 -38.21 43.88
CA VAL C 501 -36.50 -39.40 44.23
C VAL C 501 -35.75 -40.19 45.29
N SER C 502 -34.43 -40.36 45.13
CA SER C 502 -33.66 -41.11 46.11
C SER C 502 -33.72 -40.44 47.49
N GLU C 503 -33.62 -39.11 47.53
CA GLU C 503 -33.72 -38.41 48.81
C GLU C 503 -35.10 -38.59 49.42
N LEU C 504 -36.15 -38.45 48.61
CA LEU C 504 -37.51 -38.63 49.11
C LEU C 504 -37.73 -40.05 49.62
N LYS C 505 -37.18 -41.03 48.92
CA LYS C 505 -37.23 -42.41 49.36
C LYS C 505 -36.62 -42.57 50.74
N VAL C 506 -35.41 -42.02 50.92
CA VAL C 506 -34.72 -42.19 52.19
C VAL C 506 -35.52 -41.52 53.31
N GLN C 507 -35.98 -40.28 53.07
CA GLN C 507 -36.71 -39.57 54.12
C GLN C 507 -38.00 -40.29 54.48
N LEU C 508 -38.71 -40.82 53.48
CA LEU C 508 -39.91 -41.60 53.77
C LEU C 508 -39.57 -42.84 54.59
N GLU C 509 -38.47 -43.51 54.25
CA GLU C 509 -38.02 -44.67 55.02
C GLU C 509 -37.82 -44.31 56.49
N ASP C 510 -37.03 -43.26 56.74
CA ASP C 510 -36.73 -42.87 58.11
C ASP C 510 -37.99 -42.47 58.86
N GLN C 511 -38.86 -41.70 58.21
CA GLN C 511 -40.02 -41.16 58.91
C GLN C 511 -41.07 -42.24 59.20
N PHE C 512 -41.37 -43.09 58.21
CA PHE C 512 -42.58 -43.91 58.25
C PHE C 512 -42.32 -45.42 58.26
N ILE C 513 -41.32 -45.91 57.54
CA ILE C 513 -41.05 -47.35 57.50
C ILE C 513 -40.18 -47.72 58.70
N GLY C 514 -40.01 -46.79 59.65
CA GLY C 514 -39.69 -47.20 61.01
C GLY C 514 -40.79 -47.99 61.68
N THR C 515 -42.00 -47.98 61.11
CA THR C 515 -43.13 -48.82 61.52
C THR C 515 -43.52 -48.61 62.97
N ARG C 516 -43.63 -47.35 63.41
CA ARG C 516 -43.95 -47.11 64.81
C ARG C 516 -45.40 -47.46 65.11
N THR C 517 -46.32 -47.00 64.27
CA THR C 517 -47.73 -47.31 64.47
C THR C 517 -48.46 -47.19 63.14
N ILE C 518 -49.62 -47.85 63.06
CA ILE C 518 -50.54 -47.63 61.96
C ILE C 518 -51.27 -46.30 62.12
N ASN C 519 -51.26 -45.72 63.32
CA ASN C 519 -51.98 -44.47 63.58
C ASN C 519 -51.37 -43.27 62.87
N THR C 520 -50.24 -43.43 62.17
CA THR C 520 -49.66 -42.35 61.38
C THR C 520 -50.57 -42.14 60.16
N SER C 521 -51.65 -41.41 60.38
CA SER C 521 -52.74 -41.35 59.43
C SER C 521 -52.30 -40.66 58.13
N ALA C 522 -53.21 -40.64 57.16
CA ALA C 522 -52.88 -40.13 55.83
C ALA C 522 -52.57 -38.64 55.86
N SER C 523 -53.27 -37.90 56.72
CA SER C 523 -53.05 -36.45 56.79
C SER C 523 -51.65 -36.11 57.27
N ILE C 524 -51.10 -36.93 58.17
CA ILE C 524 -49.74 -36.71 58.63
C ILE C 524 -48.76 -36.94 57.50
N ILE C 525 -49.01 -37.97 56.68
CA ILE C 525 -48.13 -38.24 55.55
C ILE C 525 -48.21 -37.10 54.55
N LYS C 526 -49.42 -36.58 54.33
CA LYS C 526 -49.59 -35.41 53.47
C LYS C 526 -48.81 -34.22 53.98
N ASP C 527 -48.86 -33.99 55.30
CA ASP C 527 -48.12 -32.89 55.89
C ASP C 527 -46.62 -33.07 55.70
N PHE C 528 -46.12 -34.29 55.91
CA PHE C 528 -44.70 -34.55 55.73
C PHE C 528 -44.27 -34.33 54.29
N ILE C 529 -45.10 -34.76 53.35
CA ILE C 529 -44.80 -34.52 51.93
C ILE C 529 -44.70 -33.02 51.68
N GLN C 530 -45.71 -32.27 52.12
CA GLN C 530 -45.77 -30.84 51.83
C GLN C 530 -44.61 -30.10 52.47
N SER C 531 -44.21 -30.51 53.66
CA SER C 531 -43.03 -29.90 54.30
C SER C 531 -41.77 -30.20 53.51
N TYR C 532 -41.65 -31.43 53.00
CA TYR C 532 -40.50 -31.81 52.20
C TYR C 532 -40.44 -30.98 50.92
N LEU C 533 -41.58 -30.85 50.23
CA LEU C 533 -41.60 -30.05 49.01
C LEU C 533 -41.37 -28.58 49.31
N GLY C 534 -41.82 -28.10 50.47
CA GLY C 534 -41.53 -26.73 50.87
C GLY C 534 -40.05 -26.50 51.06
N ARG C 535 -39.37 -27.44 51.73
CA ARG C 535 -37.93 -27.34 51.89
C ARG C 535 -37.23 -27.34 50.53
N LYS C 536 -37.66 -28.22 49.63
CA LYS C 536 -37.00 -28.30 48.33
C LYS C 536 -37.25 -27.05 47.50
N LYS C 537 -38.43 -26.45 47.63
CA LYS C 537 -38.66 -25.14 47.00
C LYS C 537 -37.73 -24.09 47.60
N ARG C 538 -37.54 -24.14 48.92
CA ARG C 538 -36.62 -23.22 49.58
C ARG C 538 -35.20 -23.40 49.06
N ASP C 539 -34.80 -24.66 48.85
CA ASP C 539 -33.50 -24.94 48.27
C ASP C 539 -33.42 -24.68 46.77
N ASN C 540 -34.55 -24.36 46.13
CA ASN C 540 -34.64 -24.19 44.68
C ASN C 540 -34.27 -25.46 43.92
N GLU C 541 -34.36 -26.62 44.57
CA GLU C 541 -34.21 -27.87 43.84
C GLU C 541 -35.40 -28.17 42.95
N ILE C 542 -36.56 -27.57 43.24
CA ILE C 542 -37.73 -27.65 42.39
C ILE C 542 -38.27 -26.24 42.20
N GLN C 543 -38.93 -26.02 41.06
CA GLN C 543 -39.46 -24.70 40.78
C GLN C 543 -40.66 -24.38 41.66
N ASP C 544 -41.65 -25.27 41.68
CA ASP C 544 -42.86 -25.07 42.48
C ASP C 544 -43.61 -26.38 42.52
N PHE C 545 -44.53 -26.49 43.48
CA PHE C 545 -45.42 -27.64 43.61
C PHE C 545 -46.80 -27.17 44.03
N PRO C 546 -47.86 -27.89 43.68
CA PRO C 546 -49.19 -27.51 44.20
C PRO C 546 -49.27 -27.78 45.69
N ALA C 547 -49.54 -26.72 46.46
CA ALA C 547 -49.70 -26.88 47.90
C ALA C 547 -50.98 -27.62 48.24
N GLU C 548 -52.01 -27.47 47.41
CA GLU C 548 -53.34 -27.96 47.72
C GLU C 548 -53.71 -29.26 47.01
N ASP C 549 -52.84 -29.79 46.16
CA ASP C 549 -53.16 -30.93 45.29
C ASP C 549 -52.23 -32.11 45.55
N VAL C 550 -51.98 -32.38 46.83
CA VAL C 550 -51.35 -33.62 47.28
C VAL C 550 -52.42 -34.42 47.99
N GLN C 551 -52.52 -35.71 47.67
CA GLN C 551 -53.50 -36.60 48.27
C GLN C 551 -52.83 -37.89 48.72
N VAL C 552 -53.28 -38.42 49.86
CA VAL C 552 -52.79 -39.67 50.41
C VAL C 552 -54.00 -40.52 50.76
N ILE C 553 -53.94 -41.80 50.42
CA ILE C 553 -54.90 -42.81 50.86
C ILE C 553 -54.12 -43.92 51.53
N VAL C 554 -54.55 -44.31 52.73
CA VAL C 554 -53.86 -45.34 53.50
C VAL C 554 -54.89 -46.42 53.81
N GLU C 555 -54.48 -47.68 53.69
CA GLU C 555 -55.31 -48.82 54.07
C GLU C 555 -54.40 -49.92 54.60
N GLY C 556 -54.68 -50.38 55.82
CA GLY C 556 -53.80 -51.37 56.42
C GLY C 556 -52.40 -50.81 56.61
N ASN C 557 -51.40 -51.58 56.20
CA ASN C 557 -50.01 -51.17 56.30
C ASN C 557 -49.52 -50.38 55.09
N GLU C 558 -50.38 -50.13 54.11
CA GLU C 558 -49.97 -49.56 52.83
C GLU C 558 -50.55 -48.16 52.69
N ALA C 559 -49.72 -47.23 52.20
CA ALA C 559 -50.15 -45.89 51.83
C ALA C 559 -49.82 -45.66 50.36
N ARG C 560 -50.85 -45.29 49.59
CA ARG C 560 -50.68 -44.95 48.17
C ARG C 560 -50.73 -43.44 48.04
N ILE C 561 -49.67 -42.87 47.45
CA ILE C 561 -49.44 -41.43 47.44
C ILE C 561 -49.33 -40.98 45.99
N SER C 562 -49.89 -39.81 45.70
CA SER C 562 -49.75 -39.15 44.42
C SER C 562 -49.45 -37.68 44.66
N MET C 563 -48.52 -37.13 43.88
CA MET C 563 -48.15 -35.73 44.03
C MET C 563 -47.80 -35.18 42.65
N THR C 564 -47.71 -33.85 42.58
CA THR C 564 -47.29 -33.15 41.40
C THR C 564 -46.11 -32.25 41.77
N VAL C 565 -45.18 -32.09 40.84
CA VAL C 565 -44.07 -31.15 40.97
C VAL C 565 -43.86 -30.51 39.61
N TYR C 566 -43.59 -29.19 39.61
CA TYR C 566 -43.27 -28.47 38.39
C TYR C 566 -41.75 -28.45 38.19
N PRO C 567 -41.21 -29.09 37.16
CA PRO C 567 -39.75 -29.10 37.00
C PRO C 567 -39.24 -27.73 36.58
N ILE C 568 -37.93 -27.54 36.79
CA ILE C 568 -37.31 -26.27 36.41
C ILE C 568 -37.44 -26.15 34.89
N ARG C 569 -38.10 -25.09 34.43
CA ARG C 569 -38.37 -24.90 33.01
C ARG C 569 -37.18 -24.19 32.37
N SER C 570 -36.45 -24.91 31.52
CA SER C 570 -35.32 -24.33 30.83
C SER C 570 -35.78 -23.49 29.64
N PHE C 571 -34.89 -22.59 29.20
CA PHE C 571 -35.19 -21.59 28.17
C PHE C 571 -34.13 -21.69 27.08
N LYS C 572 -34.56 -21.99 25.84
CA LYS C 572 -33.66 -22.57 24.86
C LYS C 572 -33.47 -21.77 23.57
N LYS C 573 -34.51 -21.08 23.08
CA LYS C 573 -34.50 -20.51 21.74
C LYS C 573 -34.74 -19.01 21.78
N ILE C 574 -34.08 -18.29 20.88
CA ILE C 574 -34.31 -16.87 20.64
C ILE C 574 -34.21 -16.62 19.15
N SER C 575 -35.04 -15.72 18.63
CA SER C 575 -34.95 -15.26 17.24
C SER C 575 -35.10 -13.74 17.22
N VAL C 576 -34.20 -13.07 16.50
CA VAL C 576 -34.14 -11.61 16.42
C VAL C 576 -34.42 -11.22 14.98
N SER C 577 -35.31 -10.25 14.78
CA SER C 577 -35.58 -9.67 13.46
C SER C 577 -35.05 -8.24 13.45
N LEU C 578 -33.75 -8.10 13.17
CA LEU C 578 -33.13 -6.79 13.13
C LEU C 578 -33.58 -6.05 11.87
N VAL C 579 -33.96 -4.78 12.04
CA VAL C 579 -34.44 -3.94 10.94
C VAL C 579 -33.59 -2.69 10.93
N TYR C 580 -33.11 -2.31 9.74
CA TYR C 580 -32.36 -1.07 9.55
C TYR C 580 -33.30 -0.02 8.97
N LYS C 581 -33.16 1.21 9.44
CA LYS C 581 -33.99 2.33 9.02
C LYS C 581 -33.16 3.62 9.00
N GLN C 582 -33.64 4.58 8.22
CA GLN C 582 -32.96 5.87 8.06
C GLN C 582 -31.60 5.67 7.43
N THR D 12 46.39 30.35 -52.23
CA THR D 12 46.56 31.72 -51.76
C THR D 12 45.21 32.30 -51.33
N ARG D 13 44.32 31.43 -50.84
CA ARG D 13 43.01 31.88 -50.39
C ARG D 13 43.12 32.93 -49.28
N PRO D 14 43.92 32.73 -48.23
CA PRO D 14 44.22 33.85 -47.32
C PRO D 14 45.28 34.75 -47.94
N HIS D 15 44.89 35.98 -48.27
CA HIS D 15 45.77 36.89 -48.98
C HIS D 15 45.26 38.31 -48.83
N ALA D 16 46.14 39.26 -49.14
CA ALA D 16 45.77 40.65 -49.31
C ALA D 16 45.86 41.00 -50.78
N SER D 17 44.82 41.65 -51.31
CA SER D 17 44.78 42.08 -52.70
C SER D 17 44.55 43.59 -52.72
N ILE D 18 44.84 44.19 -53.87
CA ILE D 18 44.73 45.63 -54.03
C ILE D 18 43.96 45.87 -55.31
N SER D 32 23.47 56.95 -39.22
CA SER D 32 22.47 57.82 -38.74
C SER D 32 21.22 57.00 -38.58
N GLU D 33 20.54 57.22 -37.47
CA GLU D 33 19.38 56.40 -37.16
C GLU D 33 18.23 56.69 -38.09
N LYS D 34 18.12 57.93 -38.59
CA LYS D 34 17.04 58.33 -39.48
C LYS D 34 17.31 57.72 -40.85
N VAL D 35 16.84 56.49 -41.03
CA VAL D 35 17.02 55.80 -42.30
C VAL D 35 16.23 56.55 -43.37
N PHE D 36 16.79 56.62 -44.57
CA PHE D 36 16.29 57.46 -45.65
C PHE D 36 15.93 56.60 -46.85
N CYS D 37 14.80 56.90 -47.48
CA CYS D 37 14.30 56.14 -48.62
C CYS D 37 14.39 56.97 -49.90
N LEU D 38 14.63 56.28 -51.02
CA LEU D 38 14.56 56.86 -52.35
C LEU D 38 13.74 55.93 -53.24
N ILE D 39 12.93 56.50 -54.12
CA ILE D 39 12.18 55.71 -55.09
C ILE D 39 12.07 56.54 -56.37
N GLY D 40 12.18 55.86 -57.51
CA GLY D 40 12.03 56.55 -58.78
C GLY D 40 12.60 55.70 -59.91
N GLN D 41 12.82 56.38 -61.04
CA GLN D 41 13.18 55.71 -62.30
C GLN D 41 14.67 55.39 -62.29
N ALA D 42 15.00 54.30 -61.61
CA ALA D 42 16.32 53.71 -61.75
C ALA D 42 16.37 52.87 -63.01
N GLU D 43 17.56 52.76 -63.59
CA GLU D 43 17.76 52.05 -64.85
C GLU D 43 18.77 50.92 -64.67
N GLY D 44 18.61 50.13 -63.61
CA GLY D 44 19.47 48.99 -63.38
C GLY D 44 19.06 48.16 -62.19
N GLY D 45 19.19 46.84 -62.30
CA GLY D 45 18.79 45.93 -61.25
C GLY D 45 17.34 45.48 -61.39
N GLU D 46 17.01 44.43 -60.67
CA GLU D 46 15.65 43.89 -60.69
C GLU D 46 14.70 44.86 -60.00
N PRO D 47 13.60 45.28 -60.63
CA PRO D 47 12.66 46.19 -59.96
C PRO D 47 11.69 45.44 -59.06
N ASN D 48 10.87 46.22 -58.35
CA ASN D 48 9.82 45.73 -57.48
C ASN D 48 10.37 45.02 -56.24
N THR D 49 11.61 45.33 -55.85
CA THR D 49 12.22 44.75 -54.67
C THR D 49 13.06 45.82 -53.98
N VAL D 50 12.91 45.94 -52.67
CA VAL D 50 13.63 46.95 -51.90
C VAL D 50 15.07 46.49 -51.70
N TYR D 51 16.02 47.41 -51.86
CA TYR D 51 17.43 47.15 -51.64
C TYR D 51 17.92 48.08 -50.53
N GLU D 52 18.73 47.53 -49.62
CA GLU D 52 19.35 48.29 -48.54
C GLU D 52 20.81 48.58 -48.90
N LEU D 53 21.18 49.85 -48.89
CA LEU D 53 22.43 50.32 -49.48
C LEU D 53 23.32 50.90 -48.39
N ARG D 54 24.64 50.72 -48.55
CA ARG D 54 25.60 51.24 -47.59
C ARG D 54 26.75 52.00 -48.26
N ASN D 55 27.08 51.64 -49.50
CA ASN D 55 28.16 52.31 -50.22
C ASN D 55 27.85 52.30 -51.71
N TYR D 56 28.25 53.39 -52.40
CA TYR D 56 27.87 53.54 -53.80
C TYR D 56 28.60 52.58 -54.75
N SER D 57 29.64 51.89 -54.28
CA SER D 57 30.15 50.76 -55.06
C SER D 57 29.07 49.68 -55.18
N GLN D 58 28.29 49.50 -54.10
CA GLN D 58 27.14 48.62 -54.17
C GLN D 58 26.08 49.15 -55.13
N ALA D 59 25.95 50.48 -55.21
CA ALA D 59 24.95 51.09 -56.07
C ALA D 59 25.27 50.88 -57.54
N LYS D 60 26.52 51.15 -57.94
CA LYS D 60 26.92 50.95 -59.32
C LYS D 60 26.83 49.49 -59.73
N ARG D 61 27.08 48.59 -58.79
CA ARG D 61 26.94 47.16 -59.06
C ARG D 61 25.52 46.81 -59.46
N LEU D 62 24.53 47.52 -58.92
CA LEU D 62 23.12 47.24 -59.14
C LEU D 62 22.43 48.32 -59.95
N PHE D 63 22.47 49.56 -59.50
CA PHE D 63 21.84 50.68 -60.22
C PHE D 63 22.88 51.28 -61.16
N ARG D 64 22.95 50.72 -62.37
CA ARG D 64 23.95 51.12 -63.34
C ARG D 64 23.79 52.57 -63.78
N SER D 65 22.56 53.02 -63.99
CA SER D 65 22.31 54.31 -64.59
C SER D 65 20.97 54.82 -64.10
N GLY D 66 20.65 56.06 -64.48
CA GLY D 66 19.39 56.68 -64.14
C GLY D 66 19.52 57.61 -62.96
N GLU D 67 18.37 58.16 -62.56
CA GLU D 67 18.36 59.18 -61.52
C GLU D 67 18.63 58.62 -60.13
N LEU D 68 18.36 57.34 -59.90
CA LEU D 68 18.59 56.77 -58.58
C LEU D 68 20.07 56.72 -58.24
N LEU D 69 20.92 56.40 -59.23
CA LEU D 69 22.36 56.37 -58.97
C LEU D 69 22.87 57.75 -58.59
N ASP D 70 22.36 58.79 -59.26
CA ASP D 70 22.70 60.15 -58.87
C ASP D 70 22.17 60.46 -57.47
N ALA D 71 20.95 60.01 -57.17
CA ALA D 71 20.31 60.35 -55.91
C ALA D 71 21.04 59.74 -54.73
N ILE D 72 21.52 58.51 -54.88
CA ILE D 72 22.21 57.84 -53.78
C ILE D 72 23.48 58.62 -53.44
N GLU D 73 24.33 58.84 -54.45
CA GLU D 73 25.59 59.54 -54.21
C GLU D 73 25.35 60.97 -53.78
N LEU D 74 24.24 61.58 -54.20
CA LEU D 74 23.87 62.89 -53.71
C LEU D 74 23.52 62.84 -52.23
N ALA D 75 22.79 61.81 -51.81
CA ALA D 75 22.44 61.67 -50.39
C ALA D 75 23.69 61.49 -49.54
N TRP D 76 24.62 60.66 -49.98
CA TRP D 76 25.86 60.48 -49.23
C TRP D 76 26.89 61.56 -49.54
N GLY D 77 26.71 62.31 -50.62
CA GLY D 77 27.51 63.49 -50.90
C GLY D 77 26.76 64.79 -50.66
N SER D 78 25.78 64.74 -49.76
CA SER D 78 24.84 65.85 -49.63
C SER D 78 25.49 67.08 -49.03
N ASN D 79 26.39 66.90 -48.06
CA ASN D 79 26.90 67.98 -47.23
C ASN D 79 28.34 67.65 -46.85
N PRO D 80 29.22 68.66 -46.70
CA PRO D 80 30.60 68.34 -46.26
C PRO D 80 30.67 67.60 -44.95
N ASN D 81 29.79 67.90 -44.00
CA ASN D 81 29.81 67.27 -42.68
C ASN D 81 28.77 66.16 -42.54
N TYR D 82 27.53 66.41 -42.94
CA TYR D 82 26.43 65.49 -42.74
C TYR D 82 26.27 64.56 -43.93
N THR D 83 25.67 63.39 -43.66
CA THR D 83 25.42 62.40 -44.69
C THR D 83 24.22 61.56 -44.30
N ALA D 84 23.58 60.96 -45.30
CA ALA D 84 22.50 60.02 -45.04
C ALA D 84 23.06 58.69 -44.56
N GLY D 85 22.25 57.97 -43.78
CA GLY D 85 22.63 56.66 -43.30
C GLY D 85 22.42 55.61 -44.37
N ARG D 86 22.08 54.39 -43.93
CA ARG D 86 21.69 53.36 -44.88
C ARG D 86 20.46 53.78 -45.65
N ILE D 87 20.49 53.55 -46.96
CA ILE D 87 19.43 54.00 -47.86
C ILE D 87 18.63 52.77 -48.29
N LEU D 88 17.30 52.90 -48.29
CA LEU D 88 16.41 51.90 -48.85
C LEU D 88 15.95 52.39 -50.22
N ALA D 89 16.16 51.57 -51.26
CA ALA D 89 15.87 51.98 -52.62
C ALA D 89 15.17 50.85 -53.37
N MET D 90 14.28 51.23 -54.28
CA MET D 90 13.64 50.29 -55.19
C MET D 90 13.62 50.92 -56.58
N ARG D 91 13.98 50.13 -57.59
CA ARG D 91 13.71 50.50 -58.97
C ARG D 91 12.23 50.21 -59.25
N ILE D 92 11.47 51.26 -59.58
CA ILE D 92 10.05 51.10 -59.90
C ILE D 92 9.93 51.06 -61.42
N GLU D 93 10.04 49.85 -61.97
CA GLU D 93 9.85 49.61 -63.39
C GLU D 93 9.27 48.22 -63.55
N ASP D 94 8.70 47.96 -64.73
CA ASP D 94 8.18 46.64 -65.09
C ASP D 94 9.17 45.85 -65.91
N ALA D 95 10.46 45.99 -65.61
CA ALA D 95 11.50 45.39 -66.43
C ALA D 95 11.50 43.87 -66.28
N LYS D 96 12.03 43.20 -67.29
CA LYS D 96 12.14 41.75 -67.32
C LYS D 96 13.48 41.38 -67.97
N PRO D 97 13.99 40.17 -67.73
CA PRO D 97 15.30 39.82 -68.27
C PRO D 97 15.22 39.25 -69.68
N ALA D 98 16.26 39.54 -70.45
CA ALA D 98 16.42 38.91 -71.75
C ALA D 98 16.72 37.43 -71.57
N SER D 99 16.23 36.62 -72.50
CA SER D 99 16.36 35.16 -72.37
C SER D 99 16.32 34.54 -73.75
N ALA D 100 16.78 33.28 -73.83
CA ALA D 100 16.85 32.55 -75.08
C ALA D 100 16.67 31.06 -74.81
N GLU D 101 16.06 30.36 -75.78
CA GLU D 101 15.96 28.91 -75.77
C GLU D 101 16.71 28.40 -77.00
N ILE D 102 17.78 27.63 -76.77
CA ILE D 102 18.61 27.15 -77.88
C ILE D 102 19.28 25.86 -77.42
N GLY D 103 19.51 24.97 -78.37
CA GLY D 103 20.06 23.67 -78.01
C GLY D 103 19.11 22.93 -77.09
N GLY D 104 19.67 22.33 -76.04
CA GLY D 104 18.89 21.70 -75.00
C GLY D 104 18.82 22.52 -73.73
N LEU D 105 19.03 23.84 -73.82
CA LEU D 105 19.09 24.72 -72.67
C LEU D 105 18.20 25.94 -72.86
N LYS D 106 17.63 26.41 -71.75
CA LYS D 106 16.96 27.70 -71.67
C LYS D 106 17.87 28.64 -70.91
N ILE D 107 18.18 29.78 -71.53
CA ILE D 107 19.23 30.69 -71.07
C ILE D 107 18.56 31.97 -70.60
N THR D 108 18.86 32.38 -69.37
CA THR D 108 18.24 33.55 -68.75
C THR D 108 19.34 34.48 -68.25
N SER D 109 19.16 35.77 -68.50
CA SER D 109 20.11 36.77 -68.01
C SER D 109 19.76 37.18 -66.58
N LYS D 110 20.79 37.36 -65.75
CA LYS D 110 20.56 37.87 -64.41
C LYS D 110 20.25 39.36 -64.44
N ILE D 111 20.79 40.09 -65.41
CA ILE D 111 20.50 41.51 -65.53
C ILE D 111 19.05 41.67 -65.96
N TYR D 112 18.41 42.71 -65.46
CA TYR D 112 17.04 43.09 -65.82
C TYR D 112 17.07 44.39 -66.59
N GLY D 113 16.42 44.41 -67.75
CA GLY D 113 16.27 45.60 -68.55
C GLY D 113 16.66 45.38 -70.00
N ASN D 114 16.62 46.48 -70.77
CA ASN D 114 16.93 46.39 -72.19
C ASN D 114 18.40 46.03 -72.41
N VAL D 115 19.28 46.42 -71.49
CA VAL D 115 20.70 46.18 -71.68
C VAL D 115 21.00 44.68 -71.72
N ALA D 116 20.15 43.86 -71.11
CA ALA D 116 20.40 42.42 -71.10
C ALA D 116 20.44 41.82 -72.50
N ASN D 117 19.84 42.49 -73.49
CA ASN D 117 19.88 41.98 -74.85
C ASN D 117 21.30 41.94 -75.41
N ASN D 118 22.19 42.80 -74.90
CA ASN D 118 23.55 42.81 -75.43
C ASN D 118 24.33 41.55 -75.08
N ILE D 119 23.87 40.78 -74.10
CA ILE D 119 24.59 39.59 -73.67
C ILE D 119 24.54 38.56 -74.79
N GLN D 120 25.68 37.95 -75.10
CA GLN D 120 25.78 36.92 -76.12
C GLN D 120 26.39 35.67 -75.51
N VAL D 121 25.77 34.52 -75.77
CA VAL D 121 26.20 33.24 -75.21
C VAL D 121 26.27 32.23 -76.34
N GLY D 122 27.28 31.36 -76.27
CA GLY D 122 27.46 30.34 -77.29
C GLY D 122 28.21 29.13 -76.77
N LEU D 123 27.84 27.93 -77.23
CA LEU D 123 28.51 26.69 -76.88
C LEU D 123 29.40 26.22 -78.02
N GLU D 124 30.59 25.74 -77.68
CA GLU D 124 31.53 25.19 -78.65
C GLU D 124 32.04 23.85 -78.10
N LYS D 125 32.73 23.10 -78.97
CA LYS D 125 33.35 21.85 -78.59
C LYS D 125 34.87 22.02 -78.66
N ASN D 126 35.56 21.59 -77.60
CA ASN D 126 37.01 21.47 -77.61
C ASN D 126 37.33 20.08 -78.16
N THR D 127 37.75 20.02 -79.42
CA THR D 127 37.97 18.73 -80.06
C THR D 127 39.15 17.99 -79.44
N LEU D 128 40.13 18.73 -78.91
CA LEU D 128 41.31 18.08 -78.34
C LEU D 128 40.97 17.22 -77.14
N SER D 129 39.88 17.53 -76.43
CA SER D 129 39.48 16.82 -75.23
C SER D 129 38.11 16.14 -75.36
N ASP D 130 37.43 16.30 -76.50
CA ASP D 130 36.08 15.75 -76.69
C ASP D 130 35.13 16.27 -75.62
N SER D 131 35.20 17.58 -75.36
CA SER D 131 34.45 18.21 -74.29
C SER D 131 33.87 19.54 -74.77
N LEU D 132 32.83 19.99 -74.07
CA LEU D 132 32.19 21.25 -74.42
C LEU D 132 33.02 22.44 -73.96
N ARG D 133 32.79 23.58 -74.61
CA ARG D 133 33.35 24.86 -74.22
C ARG D 133 32.24 25.90 -74.26
N LEU D 134 32.24 26.81 -73.29
CA LEU D 134 31.23 27.83 -73.14
C LEU D 134 31.90 29.20 -73.11
N ARG D 135 31.24 30.18 -73.73
CA ARG D 135 31.73 31.56 -73.76
C ARG D 135 30.55 32.50 -73.52
N VAL D 136 30.79 33.53 -72.71
CA VAL D 136 29.78 34.55 -72.42
C VAL D 136 30.46 35.90 -72.66
N ILE D 137 29.73 36.81 -73.31
CA ILE D 137 30.27 38.11 -73.70
C ILE D 137 29.26 39.18 -73.30
N PHE D 138 29.75 40.27 -72.70
CA PHE D 138 28.90 41.41 -72.37
C PHE D 138 29.81 42.64 -72.45
N GLN D 139 29.70 43.39 -73.54
CA GLN D 139 30.70 44.40 -73.88
C GLN D 139 30.58 45.65 -73.03
N ASP D 140 29.39 45.93 -72.51
CA ASP D 140 29.21 47.13 -71.68
C ASP D 140 30.06 47.05 -70.42
N ASP D 141 30.10 45.88 -69.78
CA ASP D 141 30.95 45.65 -68.63
C ASP D 141 32.36 45.22 -69.00
N ARG D 142 32.66 45.06 -70.29
CA ARG D 142 33.92 44.47 -70.76
C ARG D 142 34.11 43.08 -70.14
N PHE D 143 33.01 42.35 -70.01
CA PHE D 143 33.00 41.04 -69.38
C PHE D 143 33.08 39.99 -70.49
N ASN D 144 34.08 39.11 -70.40
CA ASN D 144 34.28 38.09 -71.42
C ASN D 144 35.01 36.93 -70.76
N GLU D 145 34.33 35.79 -70.63
CA GLU D 145 34.87 34.63 -69.94
C GLU D 145 34.68 33.39 -70.80
N VAL D 146 35.60 32.43 -70.62
CA VAL D 146 35.52 31.13 -71.27
C VAL D 146 35.51 30.07 -70.18
N TYR D 147 34.69 29.03 -70.36
CA TYR D 147 34.65 27.88 -69.47
C TYR D 147 34.99 26.66 -70.30
N ASP D 148 35.89 25.81 -69.78
CA ASP D 148 36.52 24.79 -70.60
C ASP D 148 36.52 23.46 -69.84
N ASN D 149 36.79 22.38 -70.58
CA ASN D 149 36.80 21.03 -70.03
C ASN D 149 35.44 20.69 -69.43
N ILE D 150 34.38 21.13 -70.08
CA ILE D 150 33.03 20.94 -69.57
C ILE D 150 32.65 19.49 -69.82
N GLY D 151 32.20 18.82 -68.75
CA GLY D 151 32.02 17.38 -68.79
C GLY D 151 33.33 16.70 -68.44
N ASN D 152 33.52 15.49 -68.93
CA ASN D 152 34.72 14.69 -68.69
C ASN D 152 34.98 14.54 -67.18
N ILE D 153 34.07 13.82 -66.52
CA ILE D 153 34.14 13.72 -65.06
C ILE D 153 35.26 12.78 -64.63
N PHE D 154 35.31 11.57 -65.20
CA PHE D 154 36.35 10.62 -64.82
C PHE D 154 36.52 9.59 -65.92
N THR D 155 37.71 9.01 -65.98
CA THR D 155 38.07 8.02 -66.99
C THR D 155 38.01 6.62 -66.39
N ILE D 156 37.73 5.65 -67.25
CA ILE D 156 37.76 4.23 -66.90
C ILE D 156 38.75 3.53 -67.83
N LYS D 157 39.55 2.63 -67.26
CA LYS D 157 40.50 1.85 -68.01
C LYS D 157 40.47 0.41 -67.50
N TYR D 158 40.86 -0.53 -68.38
CA TYR D 158 40.72 -1.95 -68.13
C TYR D 158 42.01 -2.66 -68.54
N LYS D 159 42.37 -3.71 -67.79
CA LYS D 159 43.63 -4.41 -67.98
C LYS D 159 43.52 -5.94 -68.02
N GLY D 160 42.32 -6.49 -67.89
CA GLY D 160 42.18 -7.93 -67.88
C GLY D 160 42.56 -8.56 -69.20
N GLU D 161 42.96 -9.83 -69.14
CA GLU D 161 43.47 -10.53 -70.31
C GLU D 161 42.36 -11.04 -71.23
N GLU D 162 41.10 -10.95 -70.82
CA GLU D 162 40.01 -11.35 -71.70
C GLU D 162 40.01 -10.47 -72.95
N ALA D 163 39.25 -10.92 -73.96
CA ALA D 163 39.33 -10.28 -75.27
C ALA D 163 38.88 -8.83 -75.22
N ASN D 164 37.74 -8.55 -74.57
CA ASN D 164 37.24 -7.18 -74.53
C ASN D 164 36.51 -6.96 -73.22
N ALA D 165 36.35 -5.69 -72.85
CA ALA D 165 35.53 -5.32 -71.70
C ALA D 165 34.90 -3.97 -72.00
N THR D 166 33.68 -3.77 -71.51
CA THR D 166 32.91 -2.57 -71.80
C THR D 166 32.18 -2.15 -70.54
N PHE D 167 31.56 -0.96 -70.60
CA PHE D 167 30.66 -0.51 -69.54
C PHE D 167 29.48 0.21 -70.18
N SER D 168 28.44 0.43 -69.38
CA SER D 168 27.27 1.18 -69.83
C SER D 168 26.69 1.92 -68.64
N VAL D 169 26.10 3.09 -68.92
CA VAL D 169 25.34 3.87 -67.95
C VAL D 169 23.94 4.03 -68.54
N GLU D 170 22.92 3.80 -67.72
CA GLU D 170 21.53 3.87 -68.16
C GLU D 170 20.76 4.76 -67.22
N HIS D 171 19.70 5.37 -67.74
CA HIS D 171 18.84 6.30 -67.01
C HIS D 171 17.51 5.68 -66.69
N ASP D 172 16.80 6.31 -65.75
CA ASP D 172 15.36 6.14 -65.64
C ASP D 172 14.68 7.04 -66.68
N GLU D 173 13.93 6.43 -67.61
CA GLU D 173 13.44 7.16 -68.77
C GLU D 173 12.51 8.29 -68.41
N GLU D 174 11.89 8.26 -67.23
CA GLU D 174 11.00 9.34 -66.82
C GLU D 174 11.81 10.56 -66.37
N THR D 175 12.59 10.39 -65.29
CA THR D 175 13.35 11.52 -64.77
C THR D 175 14.65 11.77 -65.52
N GLN D 176 15.08 10.83 -66.37
CA GLN D 176 16.41 10.87 -67.01
C GLN D 176 17.55 10.93 -66.00
N LYS D 177 17.32 10.49 -64.76
CA LYS D 177 18.40 10.36 -63.79
C LYS D 177 19.13 9.04 -64.01
N ALA D 178 20.44 9.05 -63.84
CA ALA D 178 21.21 7.82 -63.94
C ALA D 178 20.81 6.86 -62.82
N SER D 179 20.65 5.59 -63.19
CA SER D 179 20.18 4.56 -62.26
C SER D 179 21.20 3.45 -62.05
N ARG D 180 21.99 3.12 -63.08
CA ARG D 180 23.01 2.09 -62.98
C ARG D 180 24.26 2.53 -63.74
N LEU D 181 25.41 2.09 -63.26
CA LEU D 181 26.64 1.99 -64.03
C LEU D 181 27.09 0.55 -63.95
N VAL D 182 27.29 -0.08 -65.10
CA VAL D 182 27.54 -1.52 -65.18
C VAL D 182 28.86 -1.72 -65.92
N LEU D 183 29.72 -2.58 -65.36
CA LEU D 183 30.95 -3.01 -66.03
C LEU D 183 30.76 -4.42 -66.57
N LYS D 184 31.12 -4.63 -67.83
CA LYS D 184 30.88 -5.89 -68.51
C LYS D 184 32.18 -6.33 -69.18
N VAL D 185 32.59 -7.56 -68.89
CA VAL D 185 33.72 -8.19 -69.55
C VAL D 185 33.12 -9.17 -70.55
N GLY D 186 33.52 -9.06 -71.81
CA GLY D 186 32.87 -9.84 -72.84
C GLY D 186 31.42 -9.44 -72.94
N ASP D 187 30.52 -10.43 -72.81
CA ASP D 187 29.10 -10.18 -72.89
C ASP D 187 28.44 -10.04 -71.52
N GLN D 188 29.10 -10.45 -70.44
CA GLN D 188 28.47 -10.60 -69.14
C GLN D 188 28.92 -9.54 -68.15
N GLU D 189 28.03 -9.19 -67.24
CA GLU D 189 28.33 -8.22 -66.21
C GLU D 189 29.30 -8.81 -65.19
N VAL D 190 30.36 -8.07 -64.89
CA VAL D 190 31.20 -8.41 -63.75
C VAL D 190 30.63 -7.82 -62.47
N LYS D 191 30.37 -6.52 -62.48
CA LYS D 191 29.79 -5.81 -61.35
C LYS D 191 29.02 -4.62 -61.87
N SER D 192 28.00 -4.21 -61.12
CA SER D 192 27.20 -3.03 -61.44
C SER D 192 27.12 -2.13 -60.21
N TYR D 193 27.16 -0.82 -60.45
CA TYR D 193 27.06 0.19 -59.40
C TYR D 193 25.66 0.81 -59.46
N ASP D 194 24.86 0.56 -58.44
CA ASP D 194 23.46 0.96 -58.43
C ASP D 194 23.38 2.43 -58.03
N LEU D 195 23.19 3.31 -59.01
CA LEU D 195 23.24 4.74 -58.78
C LEU D 195 21.90 5.34 -58.38
N THR D 196 20.86 4.52 -58.22
CA THR D 196 19.57 5.04 -57.82
C THR D 196 19.65 5.68 -56.44
N GLY D 197 20.49 5.14 -55.56
CA GLY D 197 20.67 5.72 -54.24
C GLY D 197 21.25 4.75 -53.23
N GLY D 198 22.23 5.20 -52.45
CA GLY D 198 22.89 4.36 -51.48
C GLY D 198 24.36 4.70 -51.32
N ALA D 199 25.22 3.71 -51.47
CA ALA D 199 26.66 3.94 -51.32
C ALA D 199 27.24 4.78 -52.44
N TYR D 200 26.55 4.87 -53.58
CA TYR D 200 27.08 5.51 -54.79
C TYR D 200 26.30 6.77 -55.14
N ASP D 201 25.96 7.57 -54.13
CA ASP D 201 25.36 8.88 -54.39
C ASP D 201 26.35 9.80 -55.08
N TYR D 202 27.62 9.74 -54.66
CA TYR D 202 28.68 10.56 -55.21
C TYR D 202 29.58 9.69 -56.09
N THR D 203 30.11 10.29 -57.15
CA THR D 203 30.91 9.54 -58.10
C THR D 203 32.23 9.06 -57.52
N ASN D 204 32.75 9.74 -56.50
CA ASN D 204 34.05 9.34 -55.95
C ASN D 204 34.01 7.93 -55.38
N ALA D 205 32.87 7.54 -54.80
CA ALA D 205 32.70 6.16 -54.37
C ALA D 205 32.79 5.19 -55.55
N ILE D 206 32.26 5.61 -56.71
CA ILE D 206 32.36 4.76 -57.89
C ILE D 206 33.81 4.62 -58.31
N ILE D 207 34.56 5.74 -58.28
CA ILE D 207 35.96 5.69 -58.67
C ILE D 207 36.73 4.74 -57.75
N THR D 208 36.51 4.87 -56.43
CA THR D 208 37.21 4.02 -55.48
C THR D 208 36.88 2.55 -55.69
N ASP D 209 35.60 2.24 -55.92
CA ASP D 209 35.20 0.85 -56.06
C ASP D 209 35.66 0.25 -57.38
N ILE D 210 35.68 1.05 -58.46
CA ILE D 210 36.26 0.55 -59.71
C ILE D 210 37.74 0.26 -59.49
N ASN D 211 38.44 1.16 -58.80
CA ASN D 211 39.84 0.94 -58.51
C ASN D 211 40.05 -0.30 -57.63
N GLN D 212 39.05 -0.65 -56.83
CA GLN D 212 39.17 -1.84 -56.00
C GLN D 212 39.18 -3.11 -56.83
N LEU D 213 38.48 -3.13 -57.96
CA LEU D 213 38.47 -4.31 -58.81
C LEU D 213 39.87 -4.53 -59.38
N PRO D 214 40.42 -5.75 -59.35
CA PRO D 214 41.80 -5.92 -59.87
C PRO D 214 41.95 -5.59 -61.34
N ASP D 215 40.94 -5.90 -62.16
CA ASP D 215 41.08 -5.77 -63.61
C ASP D 215 40.68 -4.41 -64.15
N PHE D 216 40.17 -3.50 -63.30
CA PHE D 216 39.71 -2.19 -63.74
C PHE D 216 40.43 -1.09 -62.98
N GLU D 217 40.53 0.08 -63.62
CA GLU D 217 41.08 1.26 -62.97
C GLU D 217 40.20 2.46 -63.31
N ALA D 218 40.19 3.45 -62.42
CA ALA D 218 39.48 4.70 -62.65
C ALA D 218 40.29 5.84 -62.05
N LYS D 219 40.31 6.98 -62.74
CA LYS D 219 41.06 8.15 -62.30
C LYS D 219 40.22 9.39 -62.54
N LEU D 220 40.14 10.26 -61.53
CA LEU D 220 39.37 11.49 -61.63
C LEU D 220 40.01 12.44 -62.63
N SER D 221 39.18 13.27 -63.25
CA SER D 221 39.65 14.23 -64.23
C SER D 221 40.65 15.19 -63.57
N PRO D 222 41.73 15.58 -64.25
CA PRO D 222 42.68 16.52 -63.62
C PRO D 222 42.14 17.93 -63.50
N PHE D 223 41.09 18.29 -64.23
CA PHE D 223 40.60 19.67 -64.28
C PHE D 223 39.59 19.87 -63.15
N GLY D 224 40.11 20.03 -61.95
CA GLY D 224 39.29 20.37 -60.80
C GLY D 224 38.59 19.15 -60.21
N ASP D 225 38.12 19.32 -58.97
CA ASP D 225 37.38 18.29 -58.25
C ASP D 225 35.95 18.32 -58.75
N LYS D 226 35.71 17.62 -59.87
CA LYS D 226 34.39 17.63 -60.49
C LYS D 226 33.35 16.99 -59.57
N ASN D 227 33.63 15.76 -59.11
CA ASN D 227 32.99 15.17 -57.92
C ASN D 227 31.46 15.27 -57.95
N LEU D 228 30.89 15.03 -59.13
CA LEU D 228 29.47 15.25 -59.34
C LEU D 228 28.63 14.15 -58.71
N GLU D 229 27.38 14.50 -58.38
CA GLU D 229 26.40 13.50 -57.99
C GLU D 229 26.22 12.49 -59.11
N SER D 230 26.15 11.21 -58.74
CA SER D 230 26.11 10.15 -59.75
C SER D 230 24.78 10.10 -60.48
N SER D 231 23.71 10.67 -59.93
CA SER D 231 22.45 10.71 -60.65
C SER D 231 22.50 11.57 -61.90
N LYS D 232 23.47 12.49 -61.98
CA LYS D 232 23.60 13.42 -63.10
C LYS D 232 24.53 12.90 -64.20
N LEU D 233 24.99 11.66 -64.10
CA LEU D 233 25.76 11.07 -65.19
C LEU D 233 24.87 10.84 -66.40
N ASP D 234 25.50 10.62 -67.55
CA ASP D 234 24.83 10.56 -68.84
C ASP D 234 24.78 9.13 -69.37
N LYS D 235 23.87 8.93 -70.32
CA LYS D 235 23.58 7.62 -70.88
C LYS D 235 24.69 7.21 -71.84
N ILE D 236 25.37 6.11 -71.53
CA ILE D 236 26.44 5.55 -72.35
C ILE D 236 26.19 4.06 -72.44
N GLU D 237 26.52 3.45 -73.58
CA GLU D 237 26.39 2.01 -73.77
C GLU D 237 27.59 1.46 -74.54
N ASN D 238 28.06 0.29 -74.12
CA ASN D 238 28.98 -0.56 -74.90
C ASN D 238 30.24 0.18 -75.33
N ALA D 239 30.76 1.06 -74.49
CA ALA D 239 32.02 1.73 -74.79
C ALA D 239 33.18 0.77 -74.53
N ASN D 240 34.01 0.56 -75.54
CA ASN D 240 35.14 -0.35 -75.41
C ASN D 240 36.23 0.29 -74.57
N ILE D 241 36.68 -0.41 -73.54
CA ILE D 241 37.55 0.18 -72.53
C ILE D 241 39.00 -0.22 -72.75
N LYS D 242 39.23 -1.41 -73.29
CA LYS D 242 40.53 -2.08 -73.15
C LYS D 242 41.67 -1.25 -73.73
N ASP D 243 41.44 -0.60 -74.87
CA ASP D 243 42.47 0.18 -75.54
C ASP D 243 42.43 1.67 -75.20
N LYS D 244 41.49 2.11 -74.35
CA LYS D 244 41.22 3.53 -74.18
C LYS D 244 40.92 3.86 -72.72
N ALA D 245 41.32 5.07 -72.32
CA ALA D 245 40.81 5.71 -71.11
C ALA D 245 39.57 6.51 -71.53
N VAL D 246 38.40 5.92 -71.34
CA VAL D 246 37.15 6.48 -71.86
C VAL D 246 36.51 7.33 -70.78
N TYR D 247 36.09 8.55 -71.15
CA TYR D 247 35.52 9.49 -70.20
C TYR D 247 34.03 9.28 -70.07
N VAL D 248 33.55 9.22 -68.84
CA VAL D 248 32.17 9.56 -68.54
C VAL D 248 32.08 11.07 -68.62
N LYS D 249 30.99 11.59 -69.19
CA LYS D 249 30.91 13.01 -69.52
C LYS D 249 30.12 13.81 -68.49
N ALA D 250 28.82 13.54 -68.36
CA ALA D 250 27.96 14.26 -67.41
C ALA D 250 28.04 15.78 -67.64
N VAL D 251 27.75 16.18 -68.87
CA VAL D 251 28.04 17.57 -69.28
C VAL D 251 27.16 18.54 -68.51
N PHE D 252 25.88 18.22 -68.30
CA PHE D 252 24.97 19.20 -67.71
C PHE D 252 25.28 19.41 -66.23
N GLY D 253 25.56 18.34 -65.50
CA GLY D 253 25.92 18.51 -64.10
C GLY D 253 27.24 19.24 -63.91
N ASP D 254 28.18 19.03 -64.83
CA ASP D 254 29.42 19.80 -64.79
C ASP D 254 29.17 21.26 -65.12
N LEU D 255 28.25 21.52 -66.07
CA LEU D 255 27.87 22.89 -66.37
C LEU D 255 27.32 23.58 -65.14
N GLU D 256 26.44 22.88 -64.40
CA GLU D 256 25.91 23.44 -63.16
C GLU D 256 27.02 23.69 -62.16
N LYS D 257 27.94 22.73 -62.02
CA LYS D 257 29.03 22.88 -61.06
C LYS D 257 29.89 24.08 -61.39
N GLN D 258 30.14 24.32 -62.68
CA GLN D 258 31.06 25.38 -63.09
C GLN D 258 30.40 26.73 -63.25
N THR D 259 29.06 26.80 -63.32
CA THR D 259 28.37 28.03 -63.67
C THR D 259 27.18 28.40 -62.80
N ALA D 260 26.78 27.54 -61.86
CA ALA D 260 25.54 27.82 -61.12
C ALA D 260 25.68 29.07 -60.27
N TYR D 261 26.78 29.20 -59.53
CA TYR D 261 27.02 30.32 -58.64
C TYR D 261 27.95 31.36 -59.25
N ASN D 262 28.04 31.41 -60.58
CA ASN D 262 29.01 32.24 -61.27
C ASN D 262 28.37 32.92 -62.47
N GLY D 263 28.97 34.03 -62.89
CA GLY D 263 28.64 34.65 -64.15
C GLY D 263 27.37 35.49 -64.08
N ILE D 264 27.05 36.06 -65.23
CA ILE D 264 25.86 36.89 -65.41
C ILE D 264 24.66 36.05 -65.87
N VAL D 265 24.87 34.81 -66.26
CA VAL D 265 23.87 34.00 -66.96
C VAL D 265 23.63 32.72 -66.17
N SER D 266 22.41 32.17 -66.30
CA SER D 266 22.05 30.89 -65.71
C SER D 266 21.36 30.05 -66.77
N PHE D 267 21.37 28.73 -66.56
CA PHE D 267 20.90 27.77 -67.57
C PHE D 267 19.90 26.81 -66.95
N GLU D 268 18.96 26.34 -67.77
CA GLU D 268 18.01 25.31 -67.38
C GLU D 268 17.81 24.37 -68.56
N GLN D 269 17.82 23.07 -68.30
CA GLN D 269 17.68 22.08 -69.36
C GLN D 269 16.21 21.84 -69.68
N LEU D 270 15.87 21.87 -70.97
CA LEU D 270 14.50 21.62 -71.41
C LEU D 270 14.05 20.22 -71.05
N LYS D 298 15.51 16.34 -74.42
CA LYS D 298 16.40 17.07 -75.34
C LYS D 298 17.87 16.81 -75.01
N THR D 299 18.76 17.11 -75.96
CA THR D 299 20.20 16.87 -75.81
C THR D 299 20.95 18.17 -75.96
N ILE D 300 21.97 18.37 -75.13
CA ILE D 300 22.84 19.53 -75.25
C ILE D 300 23.81 19.30 -76.40
N GLU D 301 23.95 20.29 -77.27
CA GLU D 301 24.91 20.25 -78.37
C GLU D 301 25.41 21.67 -78.61
N PRO D 302 26.53 21.84 -79.32
CA PRO D 302 27.02 23.19 -79.62
C PRO D 302 26.01 24.01 -80.43
N PHE D 303 25.99 25.31 -80.15
CA PHE D 303 25.21 26.27 -80.92
C PHE D 303 26.02 27.55 -81.06
N GLU D 304 25.73 28.32 -82.10
CA GLU D 304 26.47 29.52 -82.39
C GLU D 304 26.20 30.60 -81.33
N LEU D 305 27.17 31.52 -81.21
CA LEU D 305 27.04 32.66 -80.31
C LEU D 305 25.80 33.48 -80.68
N THR D 306 24.90 33.63 -79.71
CA THR D 306 23.57 34.19 -79.95
C THR D 306 23.28 35.27 -78.93
N LYS D 307 22.70 36.37 -79.39
CA LYS D 307 22.23 37.42 -78.49
C LYS D 307 20.98 36.97 -77.75
N LEU D 308 20.91 37.29 -76.46
CA LEU D 308 19.66 37.11 -75.74
C LEU D 308 18.66 38.18 -76.17
N LYS D 309 17.37 37.81 -76.18
CA LYS D 309 16.31 38.67 -76.69
C LYS D 309 15.25 38.84 -75.62
N GLY D 310 14.49 39.93 -75.75
CA GLY D 310 13.36 40.20 -74.89
C GLY D 310 13.64 41.10 -73.71
N GLY D 311 14.86 41.61 -73.57
CA GLY D 311 15.17 42.53 -72.50
C GLY D 311 14.30 43.77 -72.56
N THR D 312 13.56 44.04 -71.48
CA THR D 312 12.54 45.06 -71.47
C THR D 312 12.69 45.88 -70.18
N ASN D 313 12.39 47.18 -70.27
CA ASN D 313 12.28 48.04 -69.11
C ASN D 313 10.84 48.27 -68.66
N GLY D 314 9.89 48.24 -69.60
CA GLY D 314 8.48 48.42 -69.32
C GLY D 314 8.04 49.86 -69.42
N GLU D 315 6.72 50.06 -69.42
CA GLU D 315 6.17 51.39 -69.58
C GLU D 315 6.27 52.18 -68.27
N PRO D 316 6.14 53.50 -68.33
CA PRO D 316 6.03 54.27 -67.07
C PRO D 316 4.80 53.85 -66.29
N PRO D 317 4.90 53.67 -64.97
CA PRO D 317 3.75 53.15 -64.21
C PRO D 317 2.66 54.20 -64.04
N ALA D 318 1.41 53.74 -64.20
CA ALA D 318 0.27 54.61 -64.04
C ALA D 318 -0.10 54.83 -62.57
N THR D 319 0.36 53.95 -61.68
CA THR D 319 0.06 54.07 -60.26
C THR D 319 1.25 53.55 -59.46
N TRP D 320 1.34 53.98 -58.20
CA TRP D 320 2.50 53.75 -57.36
C TRP D 320 2.20 53.04 -56.06
N ALA D 321 0.92 52.86 -55.70
CA ALA D 321 0.58 52.33 -54.39
C ALA D 321 1.09 50.90 -54.20
N ASP D 322 0.80 50.03 -55.18
CA ASP D 322 1.10 48.62 -55.03
C ASP D 322 2.60 48.33 -54.95
N LYS D 323 3.45 49.27 -55.37
CA LYS D 323 4.90 49.15 -55.22
C LYS D 323 5.44 50.03 -54.11
N LEU D 324 4.86 51.22 -53.92
CA LEU D 324 5.32 52.11 -52.86
C LEU D 324 5.01 51.54 -51.48
N ASP D 325 3.97 50.73 -51.37
CA ASP D 325 3.58 50.17 -50.08
C ASP D 325 4.58 49.15 -49.54
N LYS D 326 5.53 48.71 -50.36
CA LYS D 326 6.57 47.80 -49.89
C LYS D 326 7.44 48.45 -48.81
N PHE D 327 7.48 49.78 -48.74
CA PHE D 327 8.18 50.45 -47.65
C PHE D 327 7.43 50.39 -46.33
N ALA D 328 6.22 49.85 -46.29
CA ALA D 328 5.37 49.95 -45.12
C ALA D 328 5.93 49.24 -43.89
N HIS D 329 6.93 48.38 -44.06
CA HIS D 329 7.59 47.74 -42.92
C HIS D 329 9.11 47.78 -43.01
N GLU D 330 9.69 48.49 -43.99
CA GLU D 330 11.13 48.54 -44.12
C GLU D 330 11.79 49.44 -43.08
N GLY D 331 11.02 50.32 -42.43
CA GLY D 331 11.54 51.06 -41.31
C GLY D 331 12.21 52.37 -41.66
N GLY D 332 11.96 52.93 -42.85
CA GLY D 332 12.51 54.22 -43.20
C GLY D 332 11.65 55.36 -42.70
N TYR D 333 12.29 56.50 -42.44
CA TYR D 333 11.60 57.69 -41.94
C TYR D 333 11.36 58.71 -43.05
N TYR D 334 12.43 59.19 -43.68
CA TYR D 334 12.30 60.14 -44.78
C TYR D 334 12.22 59.39 -46.10
N ILE D 335 11.41 59.91 -47.01
CA ILE D 335 11.30 59.38 -48.37
C ILE D 335 11.22 60.58 -49.31
N VAL D 336 11.92 60.49 -50.45
CA VAL D 336 11.83 61.49 -51.50
C VAL D 336 11.60 60.73 -52.80
N PRO D 337 10.49 60.95 -53.52
CA PRO D 337 10.34 60.32 -54.85
C PRO D 337 11.10 61.11 -55.91
N LEU D 338 11.92 60.39 -56.69
CA LEU D 338 12.67 61.04 -57.75
C LEU D 338 11.76 61.42 -58.92
N SER D 339 10.66 60.72 -59.10
CA SER D 339 9.72 61.01 -60.18
C SER D 339 9.11 62.40 -59.99
N SER D 340 8.35 62.83 -60.99
CA SER D 340 7.98 64.23 -61.15
C SER D 340 6.50 64.53 -60.95
N LYS D 341 5.61 63.70 -61.47
CA LYS D 341 4.22 64.08 -61.63
C LYS D 341 3.52 64.29 -60.28
N GLN D 342 2.51 65.16 -60.30
CA GLN D 342 1.75 65.46 -59.09
C GLN D 342 1.04 64.23 -58.54
N SER D 343 0.70 63.28 -59.40
CA SER D 343 0.09 62.04 -58.94
C SER D 343 0.99 61.31 -57.96
N VAL D 344 2.31 61.40 -58.18
CA VAL D 344 3.26 60.82 -57.25
C VAL D 344 3.14 61.50 -55.89
N HIS D 345 3.09 62.84 -55.90
CA HIS D 345 3.02 63.59 -54.65
C HIS D 345 1.74 63.25 -53.88
N ALA D 346 0.62 63.11 -54.59
CA ALA D 346 -0.63 62.73 -53.95
C ALA D 346 -0.55 61.33 -53.37
N GLU D 347 -0.02 60.37 -54.13
CA GLU D 347 0.03 59.00 -53.65
C GLU D 347 1.01 58.85 -52.49
N VAL D 348 2.15 59.54 -52.56
CA VAL D 348 3.12 59.48 -51.47
C VAL D 348 2.52 60.10 -50.22
N ALA D 349 1.83 61.23 -50.36
CA ALA D 349 1.18 61.84 -49.21
C ALA D 349 0.16 60.91 -48.59
N SER D 350 -0.65 60.25 -49.42
CA SER D 350 -1.64 59.31 -48.92
C SER D 350 -0.97 58.13 -48.21
N PHE D 351 0.12 57.63 -48.78
CA PHE D 351 0.85 56.52 -48.17
C PHE D 351 1.41 56.93 -46.82
N VAL D 352 2.09 58.08 -46.76
CA VAL D 352 2.68 58.54 -45.50
C VAL D 352 1.59 58.72 -44.46
N LYS D 353 0.47 59.35 -44.85
CA LYS D 353 -0.61 59.58 -43.90
C LYS D 353 -1.18 58.28 -43.37
N GLU D 354 -1.32 57.27 -44.25
CA GLU D 354 -1.80 55.98 -43.80
C GLU D 354 -0.80 55.32 -42.85
N ARG D 355 0.49 55.42 -43.15
CA ARG D 355 1.49 54.84 -42.25
C ARG D 355 1.45 55.52 -40.88
N SER D 356 1.39 56.84 -40.85
CA SER D 356 1.36 57.54 -39.57
C SER D 356 0.08 57.24 -38.81
N ASP D 357 -1.04 57.14 -39.52
CA ASP D 357 -2.28 56.71 -38.87
C ASP D 357 -2.16 55.28 -38.36
N ALA D 358 -1.33 54.47 -39.01
CA ALA D 358 -1.04 53.11 -38.55
C ALA D 358 0.03 53.06 -37.48
N GLY D 359 0.59 54.20 -37.08
CA GLY D 359 1.56 54.25 -36.00
C GLY D 359 3.01 54.27 -36.41
N GLU D 360 3.30 54.46 -37.70
CA GLU D 360 4.67 54.47 -38.22
C GLU D 360 5.01 55.89 -38.66
N PRO D 361 5.95 56.60 -38.02
CA PRO D 361 6.23 57.98 -38.43
C PRO D 361 6.98 58.03 -39.77
N MET D 362 6.49 58.90 -40.65
CA MET D 362 7.13 59.13 -41.95
C MET D 362 6.87 60.56 -42.39
N ARG D 363 7.82 61.12 -43.14
CA ARG D 363 7.68 62.45 -43.72
C ARG D 363 8.34 62.46 -45.09
N ALA D 364 7.77 63.23 -46.01
CA ALA D 364 8.22 63.30 -47.39
C ALA D 364 8.68 64.72 -47.71
N ILE D 365 9.69 64.82 -48.58
CA ILE D 365 10.20 66.08 -49.08
C ILE D 365 10.03 66.10 -50.59
N VAL D 366 9.48 67.20 -51.11
CA VAL D 366 9.06 67.31 -52.50
C VAL D 366 9.56 68.66 -53.00
N GLY D 367 9.71 68.79 -54.32
CA GLY D 367 10.03 70.07 -54.91
C GLY D 367 9.63 70.18 -56.37
N GLY D 368 8.99 71.29 -56.75
CA GLY D 368 8.36 71.35 -58.05
C GLY D 368 9.24 71.77 -59.22
N GLY D 369 9.68 70.80 -60.02
CA GLY D 369 10.13 71.03 -61.38
C GLY D 369 11.27 72.03 -61.50
N PHE D 370 11.27 72.76 -62.63
CA PHE D 370 12.29 73.72 -62.97
C PHE D 370 11.69 75.12 -63.02
N ASN D 371 12.23 76.05 -62.21
CA ASN D 371 11.93 77.47 -62.32
C ASN D 371 10.42 77.73 -62.25
N GLU D 372 9.72 76.96 -61.42
CA GLU D 372 8.28 77.09 -61.31
C GLU D 372 7.95 78.32 -60.48
N SER D 373 7.25 79.27 -61.08
CA SER D 373 6.94 80.53 -60.43
C SER D 373 6.02 80.29 -59.23
N LYS D 374 5.75 81.39 -58.50
CA LYS D 374 5.00 81.29 -57.26
C LYS D 374 3.57 80.85 -57.51
N GLU D 375 2.99 81.27 -58.64
CA GLU D 375 1.61 80.90 -58.94
C GLU D 375 1.44 79.40 -59.09
N GLN D 376 2.39 78.75 -59.78
CA GLN D 376 2.35 77.30 -59.88
C GLN D 376 2.53 76.66 -58.51
N LEU D 377 3.54 77.13 -57.77
CA LEU D 377 3.87 76.52 -56.48
C LEU D 377 2.71 76.61 -55.51
N PHE D 378 1.97 77.72 -55.54
CA PHE D 378 0.82 77.86 -54.66
C PHE D 378 -0.24 76.81 -55.01
N GLY D 379 -0.48 76.57 -56.30
CA GLY D 379 -1.43 75.54 -56.68
C GLY D 379 -0.99 74.16 -56.24
N ARG D 380 0.31 73.86 -56.35
CA ARG D 380 0.82 72.58 -55.87
C ARG D 380 0.69 72.48 -54.36
N GLN D 381 0.95 73.59 -53.65
CA GLN D 381 0.79 73.60 -52.21
C GLN D 381 -0.66 73.36 -51.81
N ALA D 382 -1.59 74.02 -52.49
CA ALA D 382 -3.01 73.81 -52.21
C ALA D 382 -3.43 72.38 -52.51
N SER D 383 -2.78 71.73 -53.48
CA SER D 383 -3.02 70.32 -53.74
C SER D 383 -2.22 69.40 -52.82
N LEU D 384 -1.41 69.96 -51.90
CA LEU D 384 -0.49 69.17 -51.10
C LEU D 384 -0.40 69.69 -49.66
N SER D 385 -1.49 70.23 -49.12
CA SER D 385 -1.39 71.01 -47.90
C SER D 385 -1.39 70.17 -46.63
N ASN D 386 -1.55 68.86 -46.72
CA ASN D 386 -1.52 68.03 -45.52
C ASN D 386 -0.10 68.00 -44.93
N PRO D 387 0.04 67.82 -43.59
CA PRO D 387 1.39 67.77 -43.02
C PRO D 387 2.12 66.50 -43.42
N ARG D 388 3.37 66.37 -42.97
CA ARG D 388 4.29 65.29 -43.30
C ARG D 388 4.72 65.30 -44.77
N VAL D 389 4.51 66.42 -45.46
CA VAL D 389 5.01 66.63 -46.82
C VAL D 389 5.63 68.03 -46.85
N SER D 390 6.87 68.12 -47.33
CA SER D 390 7.61 69.37 -47.41
C SER D 390 7.88 69.69 -48.87
N LEU D 391 7.52 70.91 -49.29
CA LEU D 391 7.67 71.32 -50.68
C LEU D 391 8.87 72.24 -50.82
N VAL D 392 9.73 71.94 -51.79
CA VAL D 392 10.95 72.69 -52.04
C VAL D 392 10.72 73.54 -53.28
N ALA D 393 11.01 74.83 -53.18
CA ALA D 393 10.65 75.74 -54.27
C ALA D 393 11.64 75.73 -55.42
N ASN D 394 12.92 75.47 -55.16
CA ASN D 394 13.99 75.84 -56.08
C ASN D 394 14.59 74.63 -56.79
N SER D 395 15.19 74.90 -57.94
CA SER D 395 15.96 73.93 -58.71
C SER D 395 17.27 74.57 -59.14
N GLY D 396 18.28 73.73 -59.38
CA GLY D 396 19.61 74.26 -59.68
C GLY D 396 20.53 73.31 -60.40
N THR D 397 21.80 73.29 -60.00
CA THR D 397 22.83 72.44 -60.58
C THR D 397 23.73 71.89 -59.47
N PHE D 398 24.14 70.63 -59.61
CA PHE D 398 25.05 69.99 -58.66
C PHE D 398 26.37 69.68 -59.36
N VAL D 399 27.47 70.19 -58.81
CA VAL D 399 28.78 69.64 -59.16
C VAL D 399 28.83 68.24 -58.57
N MET D 400 29.27 67.27 -59.38
CA MET D 400 29.17 65.86 -59.03
C MET D 400 30.43 65.13 -59.48
N ASP D 401 30.70 63.99 -58.83
CA ASP D 401 31.85 63.17 -59.15
C ASP D 401 31.79 62.54 -60.54
N ASP D 402 30.63 62.61 -61.20
CA ASP D 402 30.55 62.17 -62.59
C ASP D 402 31.41 63.00 -63.53
N GLY D 403 31.78 64.22 -63.12
CA GLY D 403 32.47 65.16 -64.00
C GLY D 403 31.48 66.05 -64.73
N ARG D 404 30.43 65.44 -65.29
CA ARG D 404 29.33 66.18 -65.86
C ARG D 404 28.69 67.08 -64.80
N LYS D 405 28.42 68.32 -65.18
CA LYS D 405 27.58 69.20 -64.35
C LYS D 405 26.13 68.81 -64.59
N ASN D 406 25.49 68.25 -63.57
CA ASN D 406 24.09 67.84 -63.70
C ASN D 406 23.17 69.05 -63.66
N HIS D 407 22.16 69.06 -64.53
CA HIS D 407 21.06 70.00 -64.45
C HIS D 407 19.98 69.37 -63.58
N VAL D 408 19.67 70.01 -62.46
CA VAL D 408 19.07 69.36 -61.30
C VAL D 408 17.65 69.90 -61.12
N PRO D 409 16.61 69.06 -61.15
CA PRO D 409 15.27 69.55 -60.83
C PRO D 409 15.10 69.74 -59.32
N ALA D 410 14.02 70.42 -58.97
CA ALA D 410 13.70 70.61 -57.57
C ALA D 410 13.43 69.30 -56.86
N TYR D 411 13.05 68.25 -57.61
CA TYR D 411 12.90 66.93 -56.99
C TYR D 411 14.23 66.47 -56.43
N MET D 412 15.32 66.63 -57.19
CA MET D 412 16.63 66.20 -56.73
C MET D 412 17.20 67.13 -55.67
N VAL D 413 16.80 68.42 -55.69
CA VAL D 413 17.16 69.28 -54.57
C VAL D 413 16.47 68.78 -53.31
N ALA D 414 15.22 68.33 -53.42
CA ALA D 414 14.55 67.75 -52.28
C ALA D 414 15.20 66.45 -51.85
N VAL D 415 15.76 65.70 -52.80
CA VAL D 415 16.57 64.54 -52.44
C VAL D 415 17.74 64.98 -51.58
N ALA D 416 18.47 66.00 -52.03
CA ALA D 416 19.62 66.49 -51.27
C ALA D 416 19.21 66.95 -49.88
N LEU D 417 18.05 67.62 -49.79
CA LEU D 417 17.59 68.08 -48.49
C LEU D 417 17.23 66.91 -47.58
N GLY D 418 16.66 65.85 -48.15
CA GLY D 418 16.38 64.67 -47.35
C GLY D 418 17.63 63.95 -46.91
N GLY D 419 18.66 63.94 -47.76
CA GLY D 419 19.93 63.37 -47.35
C GLY D 419 20.59 64.16 -46.24
N LEU D 420 20.43 65.49 -46.27
CA LEU D 420 20.98 66.32 -45.19
C LEU D 420 20.19 66.13 -43.91
N ALA D 421 18.86 66.16 -43.99
CA ALA D 421 18.04 66.09 -42.78
C ALA D 421 18.21 64.74 -42.09
N SER D 422 18.30 63.65 -42.87
CA SER D 422 18.54 62.35 -42.27
C SER D 422 19.90 62.26 -41.59
N GLY D 423 20.85 63.11 -41.96
CA GLY D 423 22.15 63.11 -41.32
C GLY D 423 22.25 63.97 -40.07
N LEU D 424 21.32 64.90 -39.89
CA LEU D 424 21.32 65.74 -38.71
C LEU D 424 20.96 64.93 -37.46
N GLU D 425 21.22 65.53 -36.31
CA GLU D 425 20.77 64.94 -35.06
C GLU D 425 19.24 64.94 -35.03
N ILE D 426 18.67 64.01 -34.26
CA ILE D 426 17.22 63.99 -34.08
C ILE D 426 16.80 65.29 -33.43
N GLY D 427 15.89 66.02 -34.09
CA GLY D 427 15.41 67.29 -33.60
C GLY D 427 16.24 68.48 -34.03
N GLU D 428 17.39 68.25 -34.66
CA GLU D 428 18.20 69.34 -35.20
C GLU D 428 17.64 69.77 -36.55
N SER D 429 17.52 71.08 -36.74
CA SER D 429 16.82 71.63 -37.89
C SER D 429 17.76 71.80 -39.07
N ILE D 430 17.19 71.64 -40.27
CA ILE D 430 17.88 72.00 -41.51
C ILE D 430 18.02 73.51 -41.70
N THR D 431 17.40 74.30 -40.83
CA THR D 431 17.43 75.75 -40.90
C THR D 431 18.87 76.25 -41.01
N PHE D 432 19.12 77.07 -42.04
CA PHE D 432 20.39 77.74 -42.31
C PHE D 432 21.55 76.77 -42.55
N LYS D 433 21.26 75.48 -42.73
CA LYS D 433 22.35 74.54 -43.00
C LYS D 433 22.84 74.71 -44.44
N PRO D 434 24.12 74.42 -44.72
CA PRO D 434 24.56 74.47 -46.12
C PRO D 434 23.95 73.34 -46.94
N LEU D 435 23.73 73.65 -48.22
CA LEU D 435 23.17 72.70 -49.18
C LEU D 435 24.19 72.14 -50.15
N ARG D 436 25.25 72.89 -50.45
CA ARG D 436 26.28 72.47 -51.39
C ARG D 436 25.72 72.25 -52.78
N VAL D 437 24.80 73.11 -53.20
CA VAL D 437 24.38 73.16 -54.60
C VAL D 437 25.34 74.09 -55.33
N SER D 438 25.53 73.84 -56.62
CA SER D 438 26.50 74.63 -57.39
C SER D 438 25.91 75.97 -57.81
N SER D 439 24.81 75.95 -58.55
CA SER D 439 24.14 77.17 -58.98
C SER D 439 22.64 76.92 -58.99
N LEU D 440 21.87 77.93 -58.57
CA LEU D 440 20.43 77.82 -58.39
C LEU D 440 19.72 78.72 -59.39
N ASP D 441 18.78 78.15 -60.14
CA ASP D 441 17.96 78.93 -61.09
C ASP D 441 16.91 79.70 -60.30
N GLN D 442 17.38 80.74 -59.61
CA GLN D 442 16.58 81.42 -58.59
C GLN D 442 16.03 82.73 -59.14
N ILE D 443 14.71 82.87 -59.03
CA ILE D 443 14.06 84.15 -59.33
C ILE D 443 13.96 85.00 -58.06
N TYR D 444 14.00 84.38 -56.89
CA TYR D 444 13.42 84.92 -55.67
C TYR D 444 14.40 85.78 -54.90
N GLU D 445 13.91 86.91 -54.38
CA GLU D 445 14.63 87.78 -53.47
C GLU D 445 13.90 87.80 -52.14
N SER D 446 14.26 88.74 -51.27
CA SER D 446 13.82 88.71 -49.88
C SER D 446 12.30 88.67 -49.76
N ILE D 447 11.59 89.57 -50.45
CA ILE D 447 10.14 89.57 -50.35
C ILE D 447 9.57 88.29 -50.97
N ASP D 448 10.18 87.81 -52.06
CA ASP D 448 9.75 86.56 -52.65
C ASP D 448 9.98 85.40 -51.70
N LEU D 449 11.11 85.42 -50.98
CA LEU D 449 11.35 84.38 -49.99
C LEU D 449 10.31 84.44 -48.87
N ASP D 450 9.94 85.66 -48.45
CA ASP D 450 8.89 85.79 -47.45
C ASP D 450 7.58 85.20 -47.95
N GLU D 451 7.23 85.51 -49.20
CA GLU D 451 5.99 84.98 -49.78
C GLU D 451 6.01 83.46 -49.81
N LEU D 452 7.14 82.87 -50.21
CA LEU D 452 7.22 81.42 -50.27
C LEU D 452 7.14 80.82 -48.87
N ASN D 453 7.93 81.33 -47.94
CA ASN D 453 8.03 80.71 -46.62
C ASN D 453 6.75 80.88 -45.82
N GLU D 454 6.09 82.04 -45.94
CA GLU D 454 4.82 82.23 -45.26
C GLU D 454 3.77 81.26 -45.78
N ASN D 455 3.87 80.88 -47.05
CA ASN D 455 3.01 79.87 -47.65
C ASN D 455 3.41 78.45 -47.28
N GLY D 456 4.48 78.28 -46.50
CA GLY D 456 4.93 76.96 -46.13
C GLY D 456 5.79 76.28 -47.16
N ILE D 457 6.42 77.04 -48.07
CA ILE D 457 7.23 76.49 -49.16
C ILE D 457 8.69 76.74 -48.80
N ILE D 458 9.47 75.65 -48.70
CA ILE D 458 10.87 75.81 -48.33
C ILE D 458 11.59 76.49 -49.49
N SER D 459 12.47 77.44 -49.16
CA SER D 459 13.20 78.22 -50.15
C SER D 459 14.69 78.20 -49.81
N ILE D 460 15.51 78.31 -50.85
CA ILE D 460 16.96 78.31 -50.71
C ILE D 460 17.45 79.70 -51.14
N GLU D 461 18.39 80.25 -50.37
CA GLU D 461 18.98 81.56 -50.62
C GLU D 461 20.46 81.39 -50.90
N PHE D 462 20.93 81.98 -52.00
CA PHE D 462 22.36 82.09 -52.26
C PHE D 462 22.93 83.25 -51.47
N VAL D 463 24.03 82.99 -50.76
CA VAL D 463 24.71 83.99 -49.96
C VAL D 463 26.17 84.01 -50.39
N ARG D 464 26.62 85.15 -50.93
CA ARG D 464 28.03 85.37 -51.20
C ARG D 464 28.61 86.13 -50.01
N ASN D 465 29.34 85.41 -49.15
CA ASN D 465 30.06 86.06 -48.08
C ASN D 465 31.18 86.90 -48.67
N ARG D 466 31.76 87.76 -47.82
CA ARG D 466 32.85 88.67 -48.16
C ARG D 466 33.95 88.03 -48.99
N THR D 467 34.29 86.77 -48.69
CA THR D 467 35.34 86.05 -49.40
C THR D 467 34.91 84.66 -49.85
N ASN D 468 33.68 84.24 -49.57
CA ASN D 468 33.26 82.87 -49.86
C ASN D 468 31.82 82.88 -50.33
N THR D 469 31.40 81.77 -50.94
CA THR D 469 30.04 81.56 -51.38
C THR D 469 29.50 80.28 -50.76
N PHE D 470 28.24 80.31 -50.32
CA PHE D 470 27.56 79.11 -49.88
C PHE D 470 26.06 79.30 -50.11
N PHE D 471 25.34 78.17 -50.19
CA PHE D 471 23.89 78.16 -50.33
C PHE D 471 23.32 77.61 -49.03
N ARG D 472 22.50 78.41 -48.35
CA ARG D 472 21.88 78.01 -47.10
C ARG D 472 20.36 78.06 -47.26
N ILE D 473 19.68 77.14 -46.60
CA ILE D 473 18.24 77.00 -46.71
C ILE D 473 17.63 77.74 -45.53
N VAL D 474 16.60 78.55 -45.79
CA VAL D 474 16.19 79.55 -44.80
C VAL D 474 15.45 78.90 -43.63
N ASP D 475 14.56 77.94 -43.90
CA ASP D 475 13.71 77.40 -42.85
C ASP D 475 13.26 76.00 -43.24
N ASP D 476 12.75 75.27 -42.25
CA ASP D 476 12.22 73.93 -42.41
C ASP D 476 10.70 73.89 -42.38
N VAL D 477 10.04 74.97 -42.79
CA VAL D 477 8.59 75.03 -42.70
C VAL D 477 7.99 73.96 -43.61
N THR D 478 6.99 73.26 -43.09
CA THR D 478 6.29 72.23 -43.84
C THR D 478 5.24 72.84 -44.75
N THR D 479 4.70 72.01 -45.64
CA THR D 479 3.68 72.50 -46.56
C THR D 479 2.40 72.90 -45.84
N PHE D 480 2.18 72.38 -44.63
CA PHE D 480 1.00 72.76 -43.86
C PHE D 480 1.04 74.25 -43.57
N ASN D 481 -0.09 74.93 -43.82
CA ASN D 481 -0.08 76.38 -43.89
C ASN D 481 -0.17 77.02 -42.51
N ASP D 482 -1.08 76.55 -41.67
CA ASP D 482 -1.38 77.23 -40.42
C ASP D 482 -0.18 77.15 -39.48
N LYS D 483 0.37 78.30 -39.14
CA LYS D 483 1.58 78.38 -38.32
C LYS D 483 1.30 78.27 -36.83
N SER D 484 0.02 78.28 -36.41
CA SER D 484 -0.30 78.35 -35.00
C SER D 484 0.18 77.12 -34.22
N ASP D 485 0.38 75.99 -34.89
CA ASP D 485 0.83 74.75 -34.25
C ASP D 485 2.16 74.34 -34.88
N PRO D 486 3.31 74.59 -34.24
CA PRO D 486 4.59 74.26 -34.89
C PRO D 486 4.84 72.79 -35.05
N VAL D 487 4.09 71.92 -34.36
CA VAL D 487 4.23 70.49 -34.59
C VAL D 487 3.85 70.17 -36.03
N LYS D 488 2.79 70.80 -36.54
CA LYS D 488 2.36 70.62 -37.92
C LYS D 488 3.16 71.50 -38.88
N ALA D 489 3.40 72.76 -38.48
CA ALA D 489 4.01 73.71 -39.39
C ALA D 489 5.50 73.45 -39.57
N GLU D 490 6.19 73.02 -38.51
CA GLU D 490 7.64 72.90 -38.51
C GLU D 490 8.04 71.43 -38.48
N MET D 491 9.07 71.09 -39.25
CA MET D 491 9.40 69.68 -39.44
C MET D 491 10.20 69.12 -38.26
N ALA D 492 11.13 69.91 -37.71
CA ALA D 492 11.97 69.40 -36.64
C ALA D 492 11.17 69.15 -35.37
N VAL D 493 10.22 70.04 -35.05
CA VAL D 493 9.36 69.84 -33.89
C VAL D 493 8.54 68.57 -34.08
N GLY D 494 8.01 68.37 -35.29
CA GLY D 494 7.24 67.18 -35.56
C GLY D 494 8.07 65.91 -35.41
N GLU D 495 9.31 65.96 -35.88
CA GLU D 495 10.20 64.80 -35.78
C GLU D 495 10.48 64.46 -34.32
N ALA D 496 10.77 65.47 -33.51
CA ALA D 496 11.00 65.26 -32.09
C ALA D 496 9.75 64.73 -31.41
N ASN D 497 8.58 65.27 -31.79
CA ASN D 497 7.32 64.78 -31.24
C ASN D 497 7.10 63.32 -31.60
N ASP D 498 7.35 62.94 -32.85
CA ASP D 498 7.14 61.57 -33.28
C ASP D 498 8.03 60.59 -32.52
N PHE D 499 9.33 60.93 -32.40
CA PHE D 499 10.25 60.04 -31.70
C PHE D 499 9.94 59.94 -30.22
N LEU D 500 9.67 61.09 -29.58
CA LEU D 500 9.34 61.08 -28.15
C LEU D 500 8.08 60.28 -27.90
N VAL D 501 7.05 60.50 -28.73
CA VAL D 501 5.79 59.80 -28.54
C VAL D 501 5.99 58.31 -28.71
N SER D 502 6.74 57.89 -29.73
CA SER D 502 6.98 56.46 -29.93
C SER D 502 7.70 55.85 -28.74
N GLU D 503 8.69 56.55 -28.19
CA GLU D 503 9.39 56.02 -27.02
C GLU D 503 8.45 55.91 -25.83
N LEU D 504 7.64 56.95 -25.60
CA LEU D 504 6.69 56.94 -24.49
C LEU D 504 5.68 55.82 -24.66
N LYS D 505 5.22 55.60 -25.88
CA LYS D 505 4.33 54.49 -26.19
C LYS D 505 4.95 53.16 -25.78
N VAL D 506 6.20 52.93 -26.20
CA VAL D 506 6.85 51.66 -25.92
C VAL D 506 7.01 51.48 -24.41
N GLN D 507 7.49 52.51 -23.72
CA GLN D 507 7.70 52.39 -22.28
C GLN D 507 6.39 52.14 -21.55
N LEU D 508 5.32 52.82 -21.95
CA LEU D 508 4.02 52.55 -21.35
C LEU D 508 3.58 51.12 -21.59
N GLU D 509 3.80 50.62 -22.81
CA GLU D 509 3.48 49.23 -23.13
C GLU D 509 4.19 48.27 -22.18
N ASP D 510 5.50 48.42 -22.06
CA ASP D 510 6.29 47.52 -21.22
C ASP D 510 5.87 47.60 -19.77
N GLN D 511 5.65 48.82 -19.27
CA GLN D 511 5.39 49.00 -17.86
C GLN D 511 3.98 48.51 -17.48
N PHE D 512 2.97 48.87 -18.27
CA PHE D 512 1.57 48.77 -17.84
C PHE D 512 0.72 47.81 -18.67
N ILE D 513 0.91 47.74 -19.98
CA ILE D 513 0.10 46.85 -20.81
C ILE D 513 0.69 45.44 -20.78
N GLY D 514 1.66 45.21 -19.89
CA GLY D 514 1.91 43.85 -19.44
C GLY D 514 0.75 43.26 -18.64
N THR D 515 -0.20 44.10 -18.21
CA THR D 515 -1.48 43.70 -17.62
C THR D 515 -1.27 42.86 -16.36
N ARG D 516 -0.38 43.28 -15.46
CA ARG D 516 -0.13 42.48 -14.27
C ARG D 516 -1.30 42.55 -13.30
N THR D 517 -1.81 43.74 -13.03
CA THR D 517 -2.94 43.89 -12.14
C THR D 517 -3.66 45.20 -12.45
N ILE D 518 -4.93 45.25 -12.05
CA ILE D 518 -5.65 46.52 -12.05
C ILE D 518 -5.21 47.41 -10.90
N ASN D 519 -4.54 46.85 -9.89
CA ASN D 519 -4.11 47.61 -8.71
C ASN D 519 -3.02 48.62 -9.02
N THR D 520 -2.51 48.68 -10.25
CA THR D 520 -1.54 49.70 -10.64
C THR D 520 -2.29 51.02 -10.73
N SER D 521 -2.48 51.64 -9.57
CA SER D 521 -3.41 52.76 -9.45
C SER D 521 -2.91 53.97 -10.23
N ALA D 522 -3.74 55.01 -10.26
CA ALA D 522 -3.46 56.19 -11.06
C ALA D 522 -2.21 56.92 -10.59
N SER D 523 -1.98 56.94 -9.28
CA SER D 523 -0.84 57.65 -8.73
C SER D 523 0.47 57.01 -9.18
N ILE D 524 0.50 55.69 -9.33
CA ILE D 524 1.69 55.01 -9.81
C ILE D 524 1.96 55.40 -11.27
N ILE D 525 0.90 55.49 -12.07
CA ILE D 525 1.06 55.90 -13.47
C ILE D 525 1.57 57.33 -13.53
N LYS D 526 1.05 58.19 -12.66
CA LYS D 526 1.54 59.57 -12.58
C LYS D 526 3.02 59.60 -12.23
N ASP D 527 3.43 58.77 -11.28
CA ASP D 527 4.83 58.71 -10.89
C ASP D 527 5.71 58.24 -12.05
N PHE D 528 5.24 57.23 -12.79
CA PHE D 528 6.01 56.73 -13.93
C PHE D 528 6.15 57.79 -15.00
N ILE D 529 5.06 58.53 -15.26
CA ILE D 529 5.13 59.63 -16.22
C ILE D 529 6.17 60.64 -15.79
N GLN D 530 6.08 61.08 -14.53
CA GLN D 530 6.96 62.14 -14.04
C GLN D 530 8.42 61.70 -14.05
N SER D 531 8.69 60.43 -13.75
CA SER D 531 10.05 59.92 -13.84
C SER D 531 10.54 59.91 -15.27
N TYR D 532 9.66 59.55 -16.21
CA TYR D 532 10.02 59.54 -17.62
C TYR D 532 10.34 60.95 -18.10
N LEU D 533 9.50 61.92 -17.73
CA LEU D 533 9.77 63.30 -18.13
C LEU D 533 11.01 63.85 -17.44
N GLY D 534 11.28 63.40 -16.22
CA GLY D 534 12.51 63.80 -15.56
C GLY D 534 13.74 63.28 -16.28
N ARG D 535 13.69 62.02 -16.72
CA ARG D 535 14.80 61.48 -17.50
C ARG D 535 14.99 62.26 -18.79
N LYS D 536 13.89 62.58 -19.47
CA LYS D 536 13.99 63.28 -20.74
C LYS D 536 14.50 64.70 -20.55
N LYS D 537 14.13 65.34 -19.44
CA LYS D 537 14.74 66.63 -19.12
C LYS D 537 16.23 66.49 -18.87
N ARG D 538 16.63 65.41 -18.19
CA ARG D 538 18.04 65.15 -17.96
C ARG D 538 18.77 64.94 -19.28
N ASP D 539 18.14 64.25 -20.23
CA ASP D 539 18.72 64.08 -21.55
C ASP D 539 18.61 65.33 -22.42
N ASN D 540 17.91 66.37 -21.96
CA ASN D 540 17.65 67.58 -22.73
C ASN D 540 16.87 67.29 -24.00
N GLU D 541 16.14 66.17 -24.05
CA GLU D 541 15.22 65.95 -25.16
C GLU D 541 14.00 66.85 -25.08
N ILE D 542 13.68 67.36 -23.89
CA ILE D 542 12.62 68.34 -23.71
C ILE D 542 13.18 69.47 -22.86
N GLN D 543 12.63 70.66 -23.05
CA GLN D 543 13.11 71.82 -22.30
C GLN D 543 12.70 71.74 -20.83
N ASP D 544 11.41 71.53 -20.58
CA ASP D 544 10.89 71.47 -19.22
C ASP D 544 9.47 70.93 -19.28
N PHE D 545 8.97 70.45 -18.15
CA PHE D 545 7.60 70.00 -18.01
C PHE D 545 7.07 70.42 -16.65
N PRO D 546 5.76 70.62 -16.51
CA PRO D 546 5.22 70.89 -15.15
C PRO D 546 5.30 69.65 -14.28
N ALA D 547 6.02 69.78 -13.17
CA ALA D 547 6.13 68.67 -12.23
C ALA D 547 4.81 68.41 -11.53
N GLU D 548 4.01 69.46 -11.31
CA GLU D 548 2.82 69.39 -10.48
C GLU D 548 1.52 69.31 -11.25
N ASP D 549 1.56 69.34 -12.60
CA ASP D 549 0.38 69.45 -13.42
C ASP D 549 0.25 68.26 -14.38
N VAL D 550 0.52 67.06 -13.86
CA VAL D 550 0.20 65.81 -14.53
C VAL D 550 -0.94 65.17 -13.75
N GLN D 551 -1.96 64.70 -14.46
CA GLN D 551 -3.13 64.08 -13.85
C GLN D 551 -3.45 62.78 -14.56
N VAL D 552 -3.87 61.77 -13.79
CA VAL D 552 -4.27 60.48 -14.31
C VAL D 552 -5.62 60.13 -13.70
N ILE D 553 -6.53 59.62 -14.52
CA ILE D 553 -7.79 59.05 -14.07
C ILE D 553 -7.87 57.65 -14.64
N VAL D 554 -8.17 56.67 -13.79
CA VAL D 554 -8.23 55.28 -14.20
C VAL D 554 -9.62 54.76 -13.82
N GLU D 555 -10.25 53.99 -14.72
CA GLU D 555 -11.52 53.33 -14.45
C GLU D 555 -11.53 52.00 -15.19
N GLY D 556 -11.77 50.92 -14.45
CA GLY D 556 -11.71 49.60 -15.07
C GLY D 556 -10.32 49.32 -15.60
N ASN D 557 -10.25 48.84 -16.85
CA ASN D 557 -8.98 48.54 -17.49
C ASN D 557 -8.37 49.73 -18.22
N GLU D 558 -9.00 50.90 -18.18
CA GLU D 558 -8.61 52.05 -18.98
C GLU D 558 -8.08 53.15 -18.09
N ALA D 559 -6.97 53.77 -18.51
CA ALA D 559 -6.42 54.96 -17.88
C ALA D 559 -6.36 56.09 -18.90
N ARG D 560 -6.99 57.22 -18.57
CA ARG D 560 -6.96 58.42 -19.40
C ARG D 560 -5.97 59.41 -18.80
N ILE D 561 -4.98 59.81 -19.59
CA ILE D 561 -3.83 60.57 -19.11
C ILE D 561 -3.78 61.87 -19.89
N SER D 562 -3.41 62.95 -19.19
CA SER D 562 -3.15 64.24 -19.80
C SER D 562 -1.88 64.81 -19.19
N MET D 563 -1.03 65.39 -20.03
CA MET D 563 0.22 65.96 -19.56
C MET D 563 0.55 67.18 -20.40
N THR D 564 1.51 67.97 -19.91
CA THR D 564 2.03 69.13 -20.62
C THR D 564 3.54 68.97 -20.74
N VAL D 565 4.09 69.43 -21.86
CA VAL D 565 5.53 69.50 -22.07
C VAL D 565 5.82 70.82 -22.78
N TYR D 566 6.90 71.48 -22.36
CA TYR D 566 7.36 72.70 -23.02
C TYR D 566 8.37 72.36 -24.10
N PRO D 567 8.07 72.59 -25.39
CA PRO D 567 9.05 72.22 -26.42
C PRO D 567 10.24 73.13 -26.42
N ILE D 568 11.32 72.66 -27.03
CA ILE D 568 12.53 73.46 -27.12
C ILE D 568 12.20 74.71 -27.94
N ARG D 569 12.38 75.88 -27.32
CA ARG D 569 12.01 77.14 -27.96
C ARG D 569 13.18 77.63 -28.80
N SER D 570 12.99 77.61 -30.12
CA SER D 570 14.03 78.07 -31.04
C SER D 570 14.03 79.60 -31.11
N PHE D 571 15.16 80.15 -31.55
CA PHE D 571 15.43 81.59 -31.57
C PHE D 571 15.83 82.00 -32.99
N LYS D 572 15.06 82.90 -33.60
CA LYS D 572 15.06 83.00 -35.06
C LYS D 572 15.46 84.36 -35.63
N LYS D 573 15.10 85.47 -34.97
CA LYS D 573 15.21 86.79 -35.56
C LYS D 573 16.09 87.71 -34.72
N ILE D 574 16.84 88.57 -35.39
CA ILE D 574 17.62 89.63 -34.76
C ILE D 574 17.52 90.87 -35.66
N SER D 575 17.46 92.05 -35.05
CA SER D 575 17.53 93.31 -35.77
C SER D 575 18.46 94.25 -35.03
N VAL D 576 19.39 94.87 -35.75
CA VAL D 576 20.42 95.75 -35.20
C VAL D 576 20.18 97.15 -35.75
N SER D 577 20.20 98.15 -34.87
CA SER D 577 20.11 99.56 -35.26
C SER D 577 21.46 100.21 -34.98
N LEU D 578 22.38 100.08 -35.93
CA LEU D 578 23.72 100.65 -35.78
C LEU D 578 23.64 102.16 -35.96
N VAL D 579 24.29 102.89 -35.05
CA VAL D 579 24.29 104.35 -35.05
C VAL D 579 25.75 104.80 -35.05
N TYR D 580 26.07 105.74 -35.93
CA TYR D 580 27.39 106.34 -35.99
C TYR D 580 27.35 107.69 -35.28
N LYS D 581 28.40 108.01 -34.53
CA LYS D 581 28.51 109.25 -33.78
C LYS D 581 29.95 109.72 -33.76
N GLN D 582 30.12 111.01 -33.49
CA GLN D 582 31.43 111.65 -33.47
C GLN D 582 32.09 111.54 -34.84
N ALA E 2 -72.22 -32.49 73.35
CA ALA E 2 -71.79 -33.26 74.55
C ALA E 2 -70.77 -34.33 74.17
N SER E 3 -71.18 -35.22 73.27
CA SER E 3 -70.30 -36.30 72.84
C SER E 3 -69.12 -35.73 72.05
N GLU E 4 -68.07 -36.55 71.92
CA GLU E 4 -66.87 -36.08 71.23
C GLU E 4 -67.15 -35.79 69.76
N ALA E 5 -67.94 -36.65 69.10
CA ALA E 5 -68.19 -36.48 67.68
C ALA E 5 -69.04 -35.26 67.38
N LYS E 6 -69.85 -34.80 68.34
CA LYS E 6 -70.88 -33.80 68.10
C LYS E 6 -70.59 -32.45 68.72
N GLN E 7 -69.60 -32.33 69.60
CA GLN E 7 -69.26 -31.04 70.17
C GLN E 7 -68.69 -30.13 69.09
N THR E 8 -69.06 -28.86 69.13
CA THR E 8 -68.69 -27.92 68.08
C THR E 8 -67.40 -27.16 68.38
N VAL E 9 -66.78 -27.37 69.54
CA VAL E 9 -65.62 -26.61 69.97
C VAL E 9 -64.51 -27.59 70.30
N HIS E 10 -63.30 -27.29 69.86
CA HIS E 10 -62.14 -28.09 70.24
C HIS E 10 -61.79 -27.86 71.70
N THR E 11 -61.25 -28.90 72.32
CA THR E 11 -60.84 -28.86 73.71
C THR E 11 -59.52 -29.61 73.85
N GLY E 12 -58.82 -29.35 74.95
CA GLY E 12 -57.58 -30.06 75.23
C GLY E 12 -57.75 -31.55 75.40
N ASN E 13 -58.95 -31.99 75.76
CA ASN E 13 -59.21 -33.42 75.94
C ASN E 13 -59.15 -34.16 74.61
N THR E 14 -59.62 -33.53 73.53
CA THR E 14 -59.78 -34.19 72.24
C THR E 14 -58.71 -33.81 71.22
N VAL E 15 -57.59 -33.25 71.66
CA VAL E 15 -56.51 -32.84 70.77
C VAL E 15 -55.24 -33.51 71.25
N LEU E 16 -54.50 -34.12 70.33
CA LEU E 16 -53.17 -34.64 70.58
C LEU E 16 -52.10 -33.70 70.05
N LEU E 17 -50.95 -33.67 70.74
CA LEU E 17 -49.78 -32.92 70.33
C LEU E 17 -48.72 -33.94 69.89
N MET E 18 -48.30 -33.87 68.63
CA MET E 18 -47.41 -34.85 68.03
C MET E 18 -46.16 -34.15 67.52
N ILE E 19 -45.02 -34.81 67.69
CA ILE E 19 -43.73 -34.31 67.25
C ILE E 19 -43.02 -35.47 66.56
N LYS E 20 -42.52 -35.23 65.34
CA LYS E 20 -41.76 -36.22 64.58
C LYS E 20 -42.53 -37.54 64.43
N GLY E 21 -43.86 -37.46 64.37
CA GLY E 21 -44.70 -38.63 64.28
C GLY E 21 -45.01 -39.33 65.59
N LYS E 22 -44.45 -38.85 66.71
CA LYS E 22 -44.63 -39.44 68.03
C LYS E 22 -45.53 -38.55 68.87
N PRO E 23 -46.59 -39.05 69.51
CA PRO E 23 -47.37 -38.17 70.40
C PRO E 23 -46.61 -37.79 71.64
N VAL E 24 -46.68 -36.51 72.00
CA VAL E 24 -46.01 -36.00 73.19
C VAL E 24 -46.86 -36.39 74.38
N GLY E 25 -46.33 -37.24 75.25
CA GLY E 25 -47.08 -37.70 76.40
C GLY E 25 -47.04 -36.68 77.53
N ARG E 26 -48.22 -36.35 78.07
CA ARG E 26 -48.35 -35.52 79.26
C ARG E 26 -47.79 -34.11 79.01
N ALA E 27 -48.09 -33.56 77.83
CA ALA E 27 -47.96 -32.13 77.62
C ALA E 27 -49.11 -31.41 78.32
N GLN E 28 -48.85 -30.17 78.74
CA GLN E 28 -49.83 -29.39 79.49
C GLN E 28 -50.43 -28.25 78.71
N SER E 29 -49.65 -27.60 77.83
CA SER E 29 -50.18 -26.49 77.05
C SER E 29 -49.36 -26.34 75.77
N ALA E 30 -49.96 -25.68 74.78
CA ALA E 30 -49.30 -25.40 73.52
C ALA E 30 -49.84 -24.07 73.01
N SER E 31 -49.03 -23.01 73.12
CA SER E 31 -49.43 -21.66 72.73
C SER E 31 -48.74 -21.31 71.41
N GLY E 32 -49.52 -20.78 70.46
CA GLY E 32 -48.99 -20.34 69.18
C GLY E 32 -49.12 -18.84 69.05
N GLN E 33 -47.99 -18.19 68.75
CA GLN E 33 -47.92 -16.75 68.61
C GLN E 33 -47.35 -16.39 67.24
N ARG E 34 -47.92 -15.34 66.63
CA ARG E 34 -47.50 -14.89 65.30
C ARG E 34 -47.54 -13.37 65.27
N GLU E 35 -46.75 -12.79 64.36
CA GLU E 35 -46.80 -11.36 64.10
C GLU E 35 -46.51 -11.12 62.63
N TYR E 36 -47.38 -10.36 61.96
CA TYR E 36 -47.21 -10.07 60.54
C TYR E 36 -46.46 -8.77 60.29
N GLY E 37 -46.05 -8.05 61.33
CA GLY E 37 -45.35 -6.79 61.12
C GLY E 37 -46.18 -5.76 60.40
N THR E 38 -47.47 -5.66 60.75
CA THR E 38 -48.39 -4.79 60.03
C THR E 38 -47.98 -3.35 60.28
N THR E 39 -47.52 -2.68 59.23
CA THR E 39 -47.14 -1.28 59.28
C THR E 39 -48.17 -0.48 58.48
N GLY E 40 -48.62 0.64 59.03
CA GLY E 40 -49.49 1.53 58.29
C GLY E 40 -48.73 2.59 57.51
N VAL E 41 -49.31 2.99 56.39
CA VAL E 41 -48.74 3.98 55.49
C VAL E 41 -49.51 5.28 55.69
N TYR E 42 -48.79 6.37 55.93
CA TYR E 42 -49.36 7.69 56.13
C TYR E 42 -48.82 8.65 55.08
N GLU E 43 -49.33 9.88 55.10
CA GLU E 43 -48.85 10.92 54.21
C GLU E 43 -48.88 12.26 54.91
N ILE E 44 -48.31 13.27 54.26
CA ILE E 44 -48.70 14.65 54.50
C ILE E 44 -49.98 14.91 53.72
N GLY E 45 -50.96 15.53 54.38
CA GLY E 45 -52.24 15.83 53.75
C GLY E 45 -53.36 14.89 54.11
N SER E 46 -53.15 13.94 55.03
CA SER E 46 -54.21 13.02 55.42
C SER E 46 -53.88 12.46 56.80
N ILE E 47 -54.87 12.50 57.70
CA ILE E 47 -54.64 12.02 59.06
C ILE E 47 -54.57 10.49 59.10
N MET E 48 -55.41 9.81 58.32
CA MET E 48 -55.61 8.39 58.47
C MET E 48 -54.49 7.59 57.82
N PRO E 49 -54.36 6.30 58.14
CA PRO E 49 -53.46 5.44 57.37
C PRO E 49 -54.08 5.08 56.03
N GLN E 50 -53.29 5.21 54.97
CA GLN E 50 -53.79 4.92 53.63
C GLN E 50 -53.94 3.42 53.42
N GLU E 51 -52.96 2.64 53.85
CA GLU E 51 -53.03 1.19 53.72
C GLU E 51 -52.05 0.58 54.71
N HIS E 52 -52.20 -0.73 54.91
CA HIS E 52 -51.33 -1.50 55.79
C HIS E 52 -50.59 -2.54 54.94
N VAL E 53 -49.28 -2.64 55.16
CA VAL E 53 -48.42 -3.55 54.42
C VAL E 53 -47.82 -4.57 55.40
N TYR E 54 -47.78 -5.83 54.98
CA TYR E 54 -47.21 -6.89 55.80
C TYR E 54 -45.72 -6.98 55.53
N LEU E 55 -44.91 -6.48 56.47
CA LEU E 55 -43.48 -6.34 56.22
C LEU E 55 -42.74 -7.65 56.44
N ARG E 56 -43.01 -8.34 57.55
CA ARG E 56 -42.22 -9.49 57.93
C ARG E 56 -43.08 -10.46 58.75
N TYR E 57 -42.85 -11.75 58.53
CA TYR E 57 -43.54 -12.81 59.25
C TYR E 57 -42.64 -13.33 60.36
N GLU E 58 -43.21 -13.44 61.57
CA GLU E 58 -42.50 -13.95 62.73
C GLU E 58 -43.45 -14.88 63.48
N GLY E 59 -42.93 -16.01 63.93
CA GLY E 59 -43.74 -17.02 64.58
C GLY E 59 -43.02 -17.63 65.77
N THR E 60 -43.80 -18.05 66.75
CA THR E 60 -43.29 -18.69 67.95
C THR E 60 -44.33 -19.72 68.37
N ILE E 61 -43.84 -20.84 68.93
CA ILE E 61 -44.68 -21.81 69.62
C ILE E 61 -43.98 -22.15 70.93
N THR E 62 -44.75 -22.21 72.02
CA THR E 62 -44.28 -22.63 73.32
C THR E 62 -45.01 -23.92 73.68
N VAL E 63 -44.25 -24.94 74.08
CA VAL E 63 -44.81 -26.20 74.56
C VAL E 63 -44.36 -26.37 76.00
N GLU E 64 -45.34 -26.60 76.90
CA GLU E 64 -45.09 -26.89 78.30
C GLU E 64 -45.38 -28.36 78.56
N ARG E 65 -44.53 -29.01 79.34
CA ARG E 65 -44.63 -30.45 79.54
C ARG E 65 -44.12 -30.81 80.94
N LEU E 66 -44.74 -31.83 81.53
CA LEU E 66 -44.24 -32.40 82.78
C LEU E 66 -43.08 -33.34 82.50
N ARG E 67 -42.07 -33.28 83.35
CA ARG E 67 -40.83 -34.03 83.12
C ARG E 67 -41.13 -35.52 83.24
N MET E 68 -41.23 -36.19 82.10
CA MET E 68 -41.37 -37.63 82.08
C MET E 68 -40.11 -38.30 82.63
N LYS E 69 -40.29 -39.46 83.26
CA LYS E 69 -39.15 -40.15 83.85
C LYS E 69 -38.17 -40.57 82.76
N LYS E 70 -38.62 -41.40 81.83
CA LYS E 70 -37.93 -41.59 80.57
C LYS E 70 -38.37 -40.53 79.57
N GLU E 71 -37.72 -40.53 78.40
CA GLU E 71 -38.20 -39.86 77.18
C GLU E 71 -38.60 -38.40 77.39
N ASN E 72 -37.94 -37.70 78.31
CA ASN E 72 -38.08 -36.25 78.32
C ASN E 72 -37.38 -35.68 77.10
N PHE E 73 -37.54 -34.37 76.88
CA PHE E 73 -37.05 -33.78 75.63
C PHE E 73 -35.54 -33.91 75.48
N ALA E 74 -34.79 -33.84 76.59
CA ALA E 74 -33.35 -34.01 76.52
C ALA E 74 -32.99 -35.46 76.16
N ASP E 75 -33.65 -36.43 76.81
CA ASP E 75 -33.36 -37.83 76.52
C ASP E 75 -33.96 -38.24 75.18
N LEU E 76 -35.17 -37.78 74.88
CA LEU E 76 -35.83 -38.14 73.64
C LEU E 76 -35.17 -37.52 72.42
N GLY E 77 -34.36 -36.48 72.60
CA GLY E 77 -33.49 -35.99 71.54
C GLY E 77 -34.00 -34.79 70.77
N TYR E 78 -35.10 -34.16 71.19
CA TYR E 78 -35.64 -32.99 70.50
C TYR E 78 -35.07 -31.70 71.06
N ALA E 79 -35.08 -31.53 72.38
CA ALA E 79 -34.28 -30.51 73.00
C ALA E 79 -32.83 -31.01 73.10
N SER E 80 -31.92 -30.11 73.46
CA SER E 80 -30.52 -30.47 73.59
C SER E 80 -29.82 -29.46 74.47
N LEU E 81 -28.65 -29.85 74.97
CA LEU E 81 -27.90 -29.09 75.95
C LEU E 81 -26.46 -28.89 75.47
N GLY E 82 -25.94 -27.69 75.68
CA GLY E 82 -24.57 -27.40 75.30
C GLY E 82 -24.42 -27.28 73.79
N GLU E 83 -23.30 -27.79 73.28
CA GLU E 83 -23.01 -27.73 71.85
C GLU E 83 -23.88 -28.66 71.03
N GLU E 84 -24.68 -29.53 71.67
CA GLU E 84 -25.52 -30.46 70.94
C GLU E 84 -26.55 -29.75 70.08
N ILE E 85 -26.87 -28.48 70.40
CA ILE E 85 -27.77 -27.70 69.57
C ILE E 85 -27.25 -27.64 68.14
N LEU E 86 -25.93 -27.52 67.97
CA LEU E 86 -25.37 -27.39 66.63
C LEU E 86 -25.65 -28.59 65.74
N LYS E 87 -26.03 -29.73 66.32
CA LYS E 87 -26.20 -30.97 65.59
C LYS E 87 -27.66 -31.42 65.47
N LYS E 88 -28.60 -30.72 66.10
CA LYS E 88 -30.01 -31.08 66.04
C LYS E 88 -30.63 -30.44 64.80
N ASP E 89 -31.10 -31.27 63.87
CA ASP E 89 -31.67 -30.76 62.63
C ASP E 89 -33.02 -30.11 62.89
N ILE E 90 -33.54 -29.46 61.84
CA ILE E 90 -34.84 -28.81 61.94
C ILE E 90 -35.88 -29.89 62.22
N ILE E 91 -36.81 -29.57 63.12
CA ILE E 91 -37.84 -30.51 63.57
C ILE E 91 -39.20 -29.90 63.28
N ASP E 92 -40.18 -30.75 62.97
CA ASP E 92 -41.54 -30.34 62.68
C ASP E 92 -42.48 -30.86 63.76
N ILE E 93 -43.38 -30.01 64.22
CA ILE E 93 -44.37 -30.36 65.24
C ILE E 93 -45.75 -30.24 64.60
N LEU E 94 -46.64 -31.16 64.95
CA LEU E 94 -48.02 -31.17 64.49
C LEU E 94 -48.98 -31.11 65.65
N VAL E 95 -50.13 -30.47 65.43
CA VAL E 95 -51.29 -30.54 66.33
C VAL E 95 -52.39 -31.27 65.58
N VAL E 96 -52.85 -32.39 66.15
CA VAL E 96 -53.69 -33.37 65.48
C VAL E 96 -54.96 -33.58 66.32
N ASP E 97 -56.07 -33.94 65.65
CA ASP E 97 -57.27 -34.33 66.34
C ASP E 97 -57.05 -35.72 66.92
N ASN E 98 -57.49 -35.95 68.15
CA ASN E 98 -57.35 -37.26 68.75
C ASN E 98 -58.24 -38.29 68.08
N LEU E 99 -59.41 -37.88 67.61
CA LEU E 99 -60.37 -38.87 67.13
C LEU E 99 -59.96 -39.46 65.80
N THR E 100 -59.88 -38.62 64.78
CA THR E 100 -59.60 -39.05 63.42
C THR E 100 -58.14 -38.98 63.04
N LYS E 101 -57.25 -38.57 63.96
CA LYS E 101 -55.83 -38.39 63.65
C LYS E 101 -55.66 -37.43 62.48
N GLN E 102 -56.46 -36.36 62.47
CA GLN E 102 -56.50 -35.41 61.37
C GLN E 102 -55.76 -34.14 61.81
N VAL E 103 -54.90 -33.63 60.93
CA VAL E 103 -54.08 -32.48 61.27
C VAL E 103 -54.98 -31.27 61.44
N ILE E 104 -54.86 -30.61 62.59
CA ILE E 104 -55.55 -29.35 62.82
C ILE E 104 -54.66 -28.24 62.27
N ILE E 105 -53.45 -28.09 62.80
CA ILE E 105 -52.45 -27.20 62.21
C ILE E 105 -51.11 -27.92 62.27
N SER E 106 -50.15 -27.42 61.49
CA SER E 106 -48.78 -27.91 61.52
C SER E 106 -47.82 -26.73 61.58
N TYR E 107 -46.74 -26.89 62.32
CA TYR E 107 -45.70 -25.86 62.47
C TYR E 107 -44.45 -26.34 61.74
N HIS E 108 -44.32 -25.96 60.47
CA HIS E 108 -43.26 -26.50 59.62
C HIS E 108 -41.91 -26.03 60.12
N GLY E 109 -41.07 -26.97 60.51
CA GLY E 109 -39.69 -26.68 60.85
C GLY E 109 -39.46 -25.84 62.09
N CYS E 110 -39.82 -26.36 63.27
CA CYS E 110 -39.57 -25.65 64.51
C CYS E 110 -38.09 -25.75 64.89
N SER E 111 -37.60 -24.72 65.58
CA SER E 111 -36.26 -24.75 66.14
C SER E 111 -36.28 -24.00 67.46
N ALA E 112 -35.54 -24.51 68.44
CA ALA E 112 -35.67 -24.06 69.82
C ALA E 112 -35.08 -22.67 70.03
N ASN E 113 -35.72 -21.92 70.94
CA ASN E 113 -35.18 -20.67 71.46
C ASN E 113 -34.62 -20.85 72.87
N ASN E 114 -35.36 -21.51 73.74
CA ASN E 114 -34.95 -21.72 75.13
C ASN E 114 -35.50 -23.06 75.61
N TYR E 115 -34.85 -23.61 76.63
CA TYR E 115 -35.26 -24.87 77.25
C TYR E 115 -35.22 -24.64 78.76
N ASN E 116 -36.39 -24.59 79.38
CA ASN E 116 -36.54 -24.17 80.77
C ASN E 116 -37.02 -25.35 81.62
N GLU E 117 -36.47 -25.46 82.83
CA GLU E 117 -36.76 -26.55 83.75
C GLU E 117 -36.95 -25.98 85.14
N THR E 118 -37.71 -26.70 85.97
CA THR E 118 -37.99 -26.25 87.33
C THR E 118 -38.20 -27.48 88.19
N TRP E 119 -37.38 -27.63 89.23
CA TRP E 119 -37.64 -28.54 90.34
C TRP E 119 -38.10 -27.71 91.52
N GLN E 120 -39.10 -28.21 92.26
CA GLN E 120 -39.65 -27.48 93.39
C GLN E 120 -40.14 -28.47 94.44
N THR E 121 -40.17 -28.00 95.69
CA THR E 121 -40.59 -28.84 96.79
C THR E 121 -42.04 -29.27 96.61
N ASN E 122 -42.27 -30.59 96.75
CA ASN E 122 -43.62 -31.16 96.81
C ASN E 122 -44.48 -30.75 95.62
N GLU E 123 -43.85 -30.68 94.45
CA GLU E 123 -44.55 -30.32 93.23
C GLU E 123 -43.99 -31.13 92.07
N ILE E 124 -44.79 -31.28 91.03
CA ILE E 124 -44.35 -32.04 89.87
C ILE E 124 -43.34 -31.20 89.09
N VAL E 125 -42.29 -31.86 88.63
CA VAL E 125 -41.27 -31.20 87.80
C VAL E 125 -41.90 -30.86 86.45
N THR E 126 -41.58 -29.67 85.93
CA THR E 126 -42.15 -29.16 84.70
C THR E 126 -41.04 -28.73 83.75
N GLU E 127 -41.36 -28.72 82.46
CA GLU E 127 -40.43 -28.31 81.42
C GLU E 127 -41.16 -27.40 80.44
N GLU E 128 -40.38 -26.54 79.77
CA GLU E 128 -40.93 -25.62 78.79
C GLU E 128 -39.89 -25.42 77.70
N ILE E 129 -40.33 -25.50 76.44
CA ILE E 129 -39.50 -25.13 75.29
C ILE E 129 -40.29 -24.11 74.49
N GLU E 130 -39.60 -23.08 74.02
CA GLU E 130 -40.14 -22.10 73.08
C GLU E 130 -39.38 -22.26 71.77
N PHE E 131 -40.09 -22.63 70.70
CA PHE E 131 -39.49 -22.78 69.38
C PHE E 131 -39.85 -21.57 68.52
N SER E 132 -38.89 -21.14 67.70
CA SER E 132 -39.20 -20.40 66.48
C SER E 132 -39.42 -21.41 65.35
N TYR E 133 -40.27 -21.04 64.40
CA TYR E 133 -40.58 -21.92 63.28
C TYR E 133 -40.69 -21.09 62.01
N LEU E 134 -40.48 -21.77 60.87
CA LEU E 134 -40.51 -21.07 59.59
C LEU E 134 -41.93 -20.61 59.28
N THR E 135 -42.86 -21.55 59.11
CA THR E 135 -44.22 -21.23 58.71
C THR E 135 -45.17 -22.24 59.33
N ALA E 136 -46.45 -21.82 59.43
CA ALA E 136 -47.52 -22.69 59.88
C ALA E 136 -48.55 -22.83 58.75
N SER E 137 -49.32 -23.92 58.79
CA SER E 137 -50.32 -24.17 57.78
C SER E 137 -51.27 -25.25 58.28
N ASP E 138 -52.43 -25.35 57.62
CA ASP E 138 -53.43 -26.37 57.93
C ASP E 138 -53.91 -26.98 56.63
N LYS E 139 -54.23 -28.27 56.68
CA LYS E 139 -54.64 -29.01 55.49
C LYS E 139 -55.80 -29.93 55.84
N ALA E 140 -56.64 -30.21 54.84
CA ALA E 140 -57.80 -31.08 55.01
C ALA E 140 -58.72 -30.61 56.13
N ALA F 2 -53.32 -4.05 50.77
CA ALA F 2 -52.90 -5.16 51.66
C ALA F 2 -52.23 -6.27 50.87
N SER F 3 -52.96 -6.81 49.89
CA SER F 3 -52.41 -7.88 49.06
C SER F 3 -51.28 -7.35 48.20
N GLU F 4 -50.47 -8.29 47.69
CA GLU F 4 -49.32 -7.89 46.89
C GLU F 4 -49.74 -7.18 45.61
N ALA F 5 -50.78 -7.69 44.95
CA ALA F 5 -51.19 -7.12 43.68
C ALA F 5 -51.79 -5.72 43.84
N LYS F 6 -52.31 -5.39 45.02
CA LYS F 6 -53.11 -4.18 45.21
C LYS F 6 -52.43 -3.11 46.05
N GLN F 7 -51.32 -3.42 46.71
CA GLN F 7 -50.63 -2.39 47.47
C GLN F 7 -50.03 -1.36 46.52
N THR F 8 -50.09 -0.10 46.93
CA THR F 8 -49.67 0.99 46.06
C THR F 8 -48.21 1.40 46.25
N VAL F 9 -47.49 0.79 47.19
CA VAL F 9 -46.13 1.19 47.53
C VAL F 9 -45.24 -0.04 47.41
N HIS F 10 -44.07 0.14 46.81
CA HIS F 10 -43.09 -0.93 46.76
C HIS F 10 -42.49 -1.15 48.15
N THR F 11 -42.11 -2.41 48.40
CA THR F 11 -41.49 -2.80 49.66
C THR F 11 -40.37 -3.79 49.36
N GLY F 12 -39.47 -3.95 50.33
CA GLY F 12 -38.40 -4.93 50.18
C GLY F 12 -38.89 -6.35 50.06
N ASN F 13 -40.09 -6.65 50.54
CA ASN F 13 -40.63 -8.00 50.44
C ASN F 13 -40.94 -8.37 49.00
N THR F 14 -41.41 -7.40 48.20
CA THR F 14 -41.92 -7.67 46.86
C THR F 14 -40.95 -7.23 45.76
N VAL F 15 -39.67 -7.03 46.08
CA VAL F 15 -38.67 -6.62 45.10
C VAL F 15 -37.52 -7.61 45.15
N LEU F 16 -37.09 -8.08 44.00
CA LEU F 16 -35.89 -8.89 43.86
C LEU F 16 -34.73 -8.05 43.34
N LEU F 17 -33.52 -8.41 43.79
CA LEU F 17 -32.28 -7.82 43.31
C LEU F 17 -31.55 -8.86 42.47
N MET F 18 -31.33 -8.54 41.20
CA MET F 18 -30.78 -9.49 40.22
C MET F 18 -29.49 -8.93 39.64
N ILE F 19 -28.52 -9.81 39.44
CA ILE F 19 -27.23 -9.46 38.85
C ILE F 19 -26.90 -10.51 37.81
N LYS F 20 -26.56 -10.07 36.60
CA LYS F 20 -26.17 -10.95 35.50
C LYS F 20 -27.23 -12.02 35.22
N GLY F 21 -28.50 -11.68 35.45
CA GLY F 21 -29.59 -12.61 35.27
C GLY F 21 -29.84 -13.55 36.42
N LYS F 22 -29.04 -13.49 37.49
CA LYS F 22 -29.16 -14.37 38.65
C LYS F 22 -29.69 -13.56 39.83
N PRO F 23 -30.73 -14.02 40.55
CA PRO F 23 -31.14 -13.25 41.74
C PRO F 23 -30.13 -13.37 42.86
N VAL F 24 -29.87 -12.23 43.49
CA VAL F 24 -28.93 -12.17 44.62
C VAL F 24 -29.67 -12.69 45.84
N GLY F 25 -29.21 -13.83 46.37
CA GLY F 25 -29.87 -14.41 47.53
C GLY F 25 -29.43 -13.74 48.82
N ARG F 26 -30.42 -13.36 49.64
CA ARG F 26 -30.16 -12.84 50.98
C ARG F 26 -29.35 -11.56 50.95
N ALA F 27 -29.67 -10.68 50.00
CA ALA F 27 -29.26 -9.29 50.09
C ALA F 27 -30.10 -8.57 51.14
N GLN F 28 -29.51 -7.56 51.77
CA GLN F 28 -30.16 -6.83 52.86
C GLN F 28 -30.59 -5.42 52.48
N SER F 29 -29.83 -4.73 51.64
CA SER F 29 -30.20 -3.38 51.23
C SER F 29 -29.56 -3.05 49.89
N ALA F 30 -30.15 -2.08 49.20
CA ALA F 30 -29.63 -1.60 47.92
C ALA F 30 -29.92 -0.10 47.84
N SER F 31 -28.88 0.73 48.02
CA SER F 31 -29.01 2.18 48.03
C SER F 31 -28.48 2.72 46.71
N GLY F 32 -29.24 3.60 46.07
CA GLY F 32 -28.83 4.26 44.85
C GLY F 32 -28.62 5.75 45.07
N GLN F 33 -27.44 6.24 44.71
CA GLN F 33 -27.05 7.63 44.88
C GLN F 33 -26.64 8.21 43.54
N ARG F 34 -27.02 9.46 43.29
CA ARG F 34 -26.72 10.16 42.05
C ARG F 34 -26.42 11.62 42.35
N GLU F 35 -25.66 12.25 41.45
CA GLU F 35 -25.43 13.69 41.54
C GLU F 35 -25.32 14.24 40.12
N TYR F 36 -26.08 15.30 39.83
CA TYR F 36 -26.05 15.91 38.51
C TYR F 36 -25.07 17.07 38.41
N GLY F 37 -24.37 17.40 39.49
CA GLY F 37 -23.43 18.52 39.42
C GLY F 37 -24.10 19.84 39.12
N THR F 38 -25.27 20.09 39.72
CA THR F 38 -26.06 21.26 39.42
C THR F 38 -25.31 22.49 39.89
N THR F 39 -24.87 23.31 38.95
CA THR F 39 -24.18 24.56 39.22
C THR F 39 -25.10 25.71 38.84
N GLY F 40 -25.20 26.71 39.71
CA GLY F 40 -25.95 27.90 39.38
C GLY F 40 -25.09 28.96 38.71
N VAL F 41 -25.73 29.75 37.85
CA VAL F 41 -25.08 30.82 37.08
C VAL F 41 -25.50 32.14 37.71
N TYR F 42 -24.52 32.97 38.05
CA TYR F 42 -24.74 34.28 38.64
C TYR F 42 -24.15 35.36 37.75
N GLU F 43 -24.36 36.62 38.13
CA GLU F 43 -23.80 37.76 37.42
C GLU F 43 -23.43 38.85 38.40
N ILE F 44 -22.73 39.86 37.88
CA ILE F 44 -22.76 41.19 38.50
C ILE F 44 -24.05 41.86 38.07
N GLY F 45 -24.76 42.47 39.03
CA GLY F 45 -26.01 43.14 38.75
C GLY F 45 -27.26 42.37 39.12
N SER F 46 -27.13 41.20 39.73
CA SER F 46 -28.30 40.42 40.11
C SER F 46 -27.91 39.47 41.24
N ILE F 47 -28.72 39.46 42.31
CA ILE F 47 -28.40 38.61 43.46
C ILE F 47 -28.67 37.14 43.14
N MET F 48 -29.75 36.85 42.41
CA MET F 48 -30.25 35.49 42.29
C MET F 48 -29.45 34.70 41.26
N PRO F 49 -29.57 33.36 41.27
CA PRO F 49 -29.02 32.59 40.15
C PRO F 49 -29.89 32.70 38.92
N GLN F 50 -29.25 32.96 37.77
CA GLN F 50 -30.00 33.12 36.54
C GLN F 50 -30.53 31.78 36.03
N GLU F 51 -29.69 30.74 36.07
CA GLU F 51 -30.11 29.41 35.65
C GLU F 51 -29.16 28.40 36.25
N HIS F 52 -29.57 27.13 36.20
CA HIS F 52 -28.78 26.01 36.69
C HIS F 52 -28.42 25.12 35.51
N VAL F 53 -27.16 24.72 35.43
CA VAL F 53 -26.64 23.89 34.34
C VAL F 53 -26.17 22.56 34.93
N TYR F 54 -26.47 21.47 34.24
CA TYR F 54 -26.04 20.14 34.69
C TYR F 54 -24.66 19.84 34.12
N LEU F 55 -23.64 19.93 34.95
CA LEU F 55 -22.27 19.87 34.47
C LEU F 55 -21.82 18.44 34.24
N ARG F 56 -22.07 17.55 35.19
CA ARG F 56 -21.51 16.20 35.15
C ARG F 56 -22.43 15.24 35.88
N TYR F 57 -22.54 14.02 35.34
CA TYR F 57 -23.35 12.97 35.93
C TYR F 57 -22.43 12.02 36.70
N GLU F 58 -22.82 11.72 37.95
CA GLU F 58 -22.09 10.79 38.80
C GLU F 58 -23.10 9.89 39.50
N GLY F 59 -22.78 8.61 39.57
CA GLY F 59 -23.70 7.63 40.15
C GLY F 59 -22.96 6.62 40.99
N THR F 60 -23.67 6.11 41.99
CA THR F 60 -23.14 5.10 42.89
C THR F 60 -24.31 4.20 43.27
N ILE F 61 -24.02 2.91 43.47
CA ILE F 61 -24.94 1.96 44.07
C ILE F 61 -24.15 1.18 45.11
N THR F 62 -24.75 0.97 46.29
CA THR F 62 -24.19 0.15 47.35
C THR F 62 -25.14 -1.03 47.55
N VAL F 63 -24.58 -2.24 47.57
CA VAL F 63 -25.33 -3.46 47.84
C VAL F 63 -24.74 -4.06 49.11
N GLU F 64 -25.59 -4.34 50.09
CA GLU F 64 -25.21 -5.02 51.32
C GLU F 64 -25.79 -6.43 51.31
N ARG F 65 -24.99 -7.40 51.74
CA ARG F 65 -25.38 -8.81 51.63
C ARG F 65 -24.77 -9.59 52.78
N LEU F 66 -25.51 -10.60 53.24
CA LEU F 66 -24.98 -11.55 54.20
C LEU F 66 -24.12 -12.60 53.50
N ARG F 67 -23.00 -12.94 54.13
CA ARG F 67 -22.02 -13.83 53.51
C ARG F 67 -22.63 -15.21 53.34
N MET F 68 -23.04 -15.53 52.12
CA MET F 68 -23.51 -16.87 51.81
C MET F 68 -22.37 -17.87 51.94
N LYS F 69 -22.71 -19.10 52.33
CA LYS F 69 -21.69 -20.13 52.50
C LYS F 69 -21.01 -20.43 51.18
N LYS F 70 -21.76 -20.88 50.19
CA LYS F 70 -21.32 -20.86 48.81
C LYS F 70 -21.66 -19.52 48.18
N GLU F 71 -21.20 -19.34 46.94
CA GLU F 71 -21.69 -18.31 46.02
C GLU F 71 -21.72 -16.90 46.62
N ASN F 72 -20.78 -16.59 47.51
CA ASN F 72 -20.58 -15.20 47.87
C ASN F 72 -19.96 -14.47 46.69
N PHE F 73 -19.85 -13.15 46.80
CA PHE F 73 -19.44 -12.35 45.65
C PHE F 73 -18.03 -12.71 45.18
N ALA F 74 -17.14 -13.07 46.10
CA ALA F 74 -15.79 -13.48 45.70
C ALA F 74 -15.83 -14.82 44.97
N ASP F 75 -16.58 -15.79 45.51
CA ASP F 75 -16.68 -17.09 44.86
C ASP F 75 -17.54 -17.03 43.61
N LEU F 76 -18.65 -16.29 43.67
CA LEU F 76 -19.56 -16.19 42.54
C LEU F 76 -18.96 -15.41 41.37
N GLY F 77 -17.91 -14.63 41.62
CA GLY F 77 -17.14 -14.05 40.55
C GLY F 77 -17.45 -12.62 40.18
N TYR F 78 -18.30 -11.93 40.93
CA TYR F 78 -18.67 -10.55 40.64
C TYR F 78 -17.74 -9.56 41.34
N ALA F 79 -17.52 -9.74 42.64
CA ALA F 79 -16.41 -9.09 43.31
C ALA F 79 -15.12 -9.85 42.99
N SER F 80 -13.99 -9.25 43.36
CA SER F 80 -12.70 -9.89 43.12
C SER F 80 -11.67 -9.28 44.05
N LEU F 81 -10.55 -10.00 44.20
CA LEU F 81 -9.51 -9.67 45.15
C LEU F 81 -8.16 -9.63 44.45
N GLY F 82 -7.35 -8.63 44.82
CA GLY F 82 -6.02 -8.51 44.24
C GLY F 82 -6.07 -8.04 42.80
N GLU F 83 -5.18 -8.60 41.97
CA GLU F 83 -5.11 -8.23 40.57
C GLU F 83 -6.28 -8.74 39.75
N GLU F 84 -7.15 -9.58 40.33
CA GLU F 84 -8.28 -10.11 39.59
C GLU F 84 -9.24 -9.03 39.14
N ILE F 85 -9.21 -7.86 39.79
CA ILE F 85 -10.02 -6.73 39.35
C ILE F 85 -9.73 -6.41 37.89
N LEU F 86 -8.46 -6.49 37.49
CA LEU F 86 -8.08 -6.12 36.13
C LEU F 86 -8.74 -6.98 35.07
N LYS F 87 -9.29 -8.14 35.45
CA LYS F 87 -9.86 -9.09 34.51
C LYS F 87 -11.37 -9.22 34.59
N LYS F 88 -12.02 -8.55 35.53
CA LYS F 88 -13.47 -8.61 35.67
C LYS F 88 -14.11 -7.57 34.76
N ASP F 89 -14.88 -8.02 33.78
CA ASP F 89 -15.50 -7.13 32.83
C ASP F 89 -16.62 -6.32 33.48
N ILE F 90 -17.12 -5.34 32.73
CA ILE F 90 -18.21 -4.52 33.24
C ILE F 90 -19.42 -5.42 33.47
N ILE F 91 -20.11 -5.18 34.59
CA ILE F 91 -21.24 -5.99 35.02
C ILE F 91 -22.46 -5.08 35.13
N ASP F 92 -23.64 -5.63 34.86
CA ASP F 92 -24.90 -4.91 34.94
C ASP F 92 -25.75 -5.52 36.04
N ILE F 93 -26.37 -4.66 36.86
CA ILE F 93 -27.24 -5.07 37.94
C ILE F 93 -28.63 -4.54 37.64
N LEU F 94 -29.65 -5.34 37.94
CA LEU F 94 -31.05 -4.97 37.77
C LEU F 94 -31.79 -5.04 39.10
N VAL F 95 -32.79 -4.17 39.26
CA VAL F 95 -33.78 -4.26 40.33
C VAL F 95 -35.12 -4.55 39.67
N VAL F 96 -35.73 -5.67 40.05
CA VAL F 96 -36.86 -6.28 39.37
C VAL F 96 -38.01 -6.45 40.37
N ASP F 97 -39.25 -6.42 39.88
CA ASP F 97 -40.41 -6.74 40.70
C ASP F 97 -40.42 -8.25 40.90
N ASN F 98 -40.71 -8.70 42.12
CA ASN F 98 -40.78 -10.12 42.37
C ASN F 98 -41.97 -10.77 41.68
N LEU F 99 -43.08 -10.04 41.54
CA LEU F 99 -44.30 -10.68 41.07
C LEU F 99 -44.24 -10.98 39.58
N THR F 100 -44.12 -9.92 38.78
CA THR F 100 -44.16 -10.03 37.34
C THR F 100 -42.78 -10.13 36.69
N LYS F 101 -41.71 -10.15 37.48
CA LYS F 101 -40.34 -10.15 36.95
C LYS F 101 -40.13 -8.98 36.00
N GLN F 102 -40.67 -7.82 36.39
CA GLN F 102 -40.64 -6.62 35.56
C GLN F 102 -39.58 -5.67 36.12
N VAL F 103 -38.77 -5.12 35.21
CA VAL F 103 -37.66 -4.27 35.62
C VAL F 103 -38.23 -3.00 36.24
N ILE F 104 -37.79 -2.69 37.45
CA ILE F 104 -38.13 -1.43 38.09
C ILE F 104 -37.11 -0.40 37.64
N ILE F 105 -35.83 -0.61 37.92
CA ILE F 105 -34.75 0.19 37.37
C ILE F 105 -33.62 -0.76 37.00
N SER F 106 -32.69 -0.25 36.17
CA SER F 106 -31.49 -0.98 35.81
C SER F 106 -30.29 -0.04 35.93
N TYR F 107 -29.17 -0.59 36.41
CA TYR F 107 -27.91 0.15 36.56
C TYR F 107 -26.93 -0.35 35.50
N HIS F 108 -26.91 0.32 34.35
CA HIS F 108 -26.14 -0.17 33.21
C HIS F 108 -24.65 -0.09 33.51
N GLY F 109 -24.00 -1.25 33.51
CA GLY F 109 -22.56 -1.32 33.63
C GLY F 109 -21.96 -0.87 34.96
N CYS F 110 -22.25 -1.61 36.03
CA CYS F 110 -21.65 -1.30 37.32
C CYS F 110 -20.21 -1.76 37.37
N SER F 111 -19.41 -1.06 38.16
CA SER F 111 -18.03 -1.49 38.42
C SER F 111 -17.68 -1.10 39.85
N ALA F 112 -16.94 -1.98 40.53
CA ALA F 112 -16.76 -1.89 41.96
C ALA F 112 -15.84 -0.73 42.36
N ASN F 113 -16.15 -0.13 43.51
CA ASN F 113 -15.26 0.81 44.19
C ASN F 113 -14.56 0.17 45.38
N ASN F 114 -15.30 -0.55 46.22
CA ASN F 114 -14.74 -1.18 47.41
C ASN F 114 -15.51 -2.46 47.67
N TYR F 115 -14.85 -3.37 48.40
CA TYR F 115 -15.44 -4.65 48.80
C TYR F 115 -15.13 -4.83 50.28
N ASN F 116 -16.15 -4.72 51.13
CA ASN F 116 -15.99 -4.66 52.57
C ASN F 116 -16.59 -5.90 53.22
N GLU F 117 -15.91 -6.42 54.24
CA GLU F 117 -16.30 -7.64 54.94
C GLU F 117 -16.14 -7.43 56.42
N THR F 118 -16.92 -8.19 57.21
CA THR F 118 -16.88 -8.05 58.66
C THR F 118 -17.24 -9.40 59.26
N TRP F 119 -16.33 -9.96 60.04
CA TRP F 119 -16.62 -11.06 60.96
C TRP F 119 -16.71 -10.49 62.37
N GLN F 120 -17.67 -10.98 63.15
CA GLN F 120 -17.86 -10.47 64.50
C GLN F 120 -18.40 -11.58 65.39
N THR F 121 -18.14 -11.46 66.69
CA THR F 121 -18.57 -12.47 67.64
C THR F 121 -20.09 -12.57 67.66
N ASN F 122 -20.59 -13.80 67.56
CA ASN F 122 -22.01 -14.12 67.76
C ASN F 122 -22.92 -13.27 66.88
N GLU F 123 -22.47 -13.02 65.65
CA GLU F 123 -23.25 -12.23 64.70
C GLU F 123 -23.06 -12.80 63.32
N ILE F 124 -24.03 -12.52 62.44
CA ILE F 124 -23.95 -13.02 61.09
C ILE F 124 -22.90 -12.22 60.32
N VAL F 125 -22.10 -12.92 59.52
CA VAL F 125 -21.11 -12.26 58.67
C VAL F 125 -21.83 -11.47 57.59
N THR F 126 -21.33 -10.27 57.30
CA THR F 126 -21.94 -9.37 56.35
C THR F 126 -20.91 -8.92 55.32
N GLU F 127 -21.41 -8.52 54.15
CA GLU F 127 -20.58 -8.02 53.06
C GLU F 127 -21.22 -6.78 52.46
N GLU F 128 -20.38 -5.94 51.86
CA GLU F 128 -20.84 -4.71 51.23
C GLU F 128 -19.95 -4.42 50.04
N ILE F 129 -20.58 -4.10 48.90
CA ILE F 129 -19.88 -3.60 47.73
C ILE F 129 -20.53 -2.28 47.33
N GLU F 130 -19.69 -1.31 46.98
CA GLU F 130 -20.13 -0.04 46.41
C GLU F 130 -19.62 0.01 44.97
N PHE F 131 -20.56 0.06 44.02
CA PHE F 131 -20.21 0.15 42.60
C PHE F 131 -20.40 1.59 42.11
N SER F 132 -19.50 2.03 41.24
CA SER F 132 -19.82 3.10 40.30
C SER F 132 -20.43 2.47 39.05
N TYR F 133 -21.31 3.23 38.38
CA TYR F 133 -21.97 2.73 37.18
C TYR F 133 -22.08 3.87 36.18
N LEU F 134 -22.19 3.49 34.90
CA LEU F 134 -22.26 4.48 33.84
C LEU F 134 -23.57 5.27 33.93
N THR F 135 -24.69 4.59 33.72
CA THR F 135 -26.00 5.24 33.69
C THR F 135 -27.05 4.30 34.26
N ALA F 136 -28.16 4.90 34.70
CA ALA F 136 -29.34 4.17 35.14
C ALA F 136 -30.51 4.51 34.24
N SER F 137 -31.49 3.61 34.20
CA SER F 137 -32.68 3.82 33.38
C SER F 137 -33.75 2.84 33.81
N ASP F 138 -34.99 3.13 33.40
CA ASP F 138 -36.14 2.27 33.66
C ASP F 138 -36.94 2.12 32.38
N LYS F 139 -37.54 0.94 32.20
CA LYS F 139 -38.27 0.61 30.99
C LYS F 139 -39.55 -0.13 31.35
N ALA F 140 -40.56 0.01 30.51
CA ALA F 140 -41.85 -0.64 30.70
C ALA F 140 -42.46 -0.30 32.06
N ALA G 2 -32.02 25.22 31.72
CA ALA G 2 -31.74 23.86 32.24
C ALA G 2 -31.45 22.90 31.10
N SER G 3 -32.42 22.76 30.19
CA SER G 3 -32.28 21.87 29.06
C SER G 3 -31.18 22.37 28.12
N GLU G 4 -30.70 21.47 27.27
CA GLU G 4 -29.61 21.85 26.36
C GLU G 4 -30.05 22.92 25.38
N ALA G 5 -31.26 22.80 24.85
CA ALA G 5 -31.72 23.75 23.84
C ALA G 5 -31.95 25.14 24.41
N LYS G 6 -32.21 25.26 25.72
CA LYS G 6 -32.67 26.49 26.33
C LYS G 6 -31.65 27.17 27.23
N GLN G 7 -30.55 26.51 27.58
CA GLN G 7 -29.54 27.15 28.39
C GLN G 7 -28.86 28.26 27.60
N THR G 8 -28.58 29.37 28.27
CA THR G 8 -28.06 30.56 27.60
C THR G 8 -26.54 30.61 27.57
N VAL G 9 -25.84 29.67 28.20
CA VAL G 9 -24.39 29.71 28.34
C VAL G 9 -23.84 28.41 27.78
N HIS G 10 -22.76 28.52 27.01
CA HIS G 10 -22.06 27.35 26.54
C HIS G 10 -21.32 26.66 27.69
N THR G 11 -21.20 25.33 27.58
CA THR G 11 -20.51 24.52 28.57
C THR G 11 -19.71 23.46 27.84
N GLY G 12 -18.73 22.89 28.55
CA GLY G 12 -17.94 21.81 28.00
C GLY G 12 -18.75 20.58 27.65
N ASN G 13 -19.90 20.39 28.29
CA ASN G 13 -20.75 19.24 28.01
C ASN G 13 -21.34 19.32 26.61
N THR G 14 -21.69 20.52 26.15
CA THR G 14 -22.44 20.71 24.92
C THR G 14 -21.57 21.22 23.77
N VAL G 15 -20.25 21.10 23.85
CA VAL G 15 -19.34 21.56 22.82
C VAL G 15 -18.45 20.39 22.43
N LEU G 16 -18.31 20.16 21.12
CA LEU G 16 -17.36 19.21 20.58
C LEU G 16 -16.12 19.92 20.04
N LEU G 17 -14.99 19.24 20.14
CA LEU G 17 -13.72 19.70 19.58
C LEU G 17 -13.38 18.80 18.39
N MET G 18 -13.28 19.38 17.19
CA MET G 18 -13.11 18.64 15.96
C MET G 18 -11.84 19.09 15.27
N ILE G 19 -11.12 18.12 14.68
CA ILE G 19 -9.89 18.37 13.96
C ILE G 19 -9.97 17.58 12.66
N LYS G 20 -9.71 18.25 11.53
CA LYS G 20 -9.71 17.62 10.20
C LYS G 20 -11.02 16.88 9.92
N GLY G 21 -12.12 17.37 10.46
CA GLY G 21 -13.41 16.74 10.30
C GLY G 21 -13.70 15.59 11.25
N LYS G 22 -12.75 15.23 12.12
CA LYS G 22 -12.89 14.12 13.05
C LYS G 22 -13.05 14.67 14.47
N PRO G 23 -14.04 14.26 15.26
CA PRO G 23 -14.10 14.74 16.65
C PRO G 23 -12.98 14.16 17.50
N VAL G 24 -12.37 15.02 18.30
CA VAL G 24 -11.29 14.62 19.19
C VAL G 24 -11.93 13.95 20.39
N GLY G 25 -11.67 12.66 20.56
CA GLY G 25 -12.27 11.93 21.66
C GLY G 25 -11.51 12.14 22.96
N ARG G 26 -12.24 12.48 24.02
CA ARG G 26 -11.68 12.57 25.37
C ARG G 26 -10.62 13.66 25.47
N ALA G 27 -10.87 14.79 24.81
CA ALA G 27 -10.15 16.02 25.12
C ALA G 27 -10.64 16.58 26.46
N GLN G 28 -9.74 17.27 27.16
CA GLN G 28 -10.05 17.80 28.49
C GLN G 28 -10.19 19.31 28.53
N SER G 29 -9.43 20.05 27.72
CA SER G 29 -9.54 21.50 27.70
C SER G 29 -9.05 22.03 26.37
N ALA G 30 -9.50 23.24 26.04
CA ALA G 30 -9.07 23.94 24.83
C ALA G 30 -9.03 25.42 25.12
N SER G 31 -7.82 25.97 25.28
CA SER G 31 -7.62 27.38 25.63
C SER G 31 -7.17 28.14 24.39
N GLY G 32 -7.80 29.28 24.13
CA GLY G 32 -7.44 30.13 23.01
C GLY G 32 -6.87 31.46 23.52
N GLN G 33 -5.67 31.78 23.04
CA GLN G 33 -4.96 33.00 23.43
C GLN G 33 -4.63 33.82 22.19
N ARG G 34 -4.76 35.13 22.32
CA ARG G 34 -4.49 36.06 21.23
C ARG G 34 -3.83 37.31 21.78
N GLU G 35 -3.09 38.01 20.91
CA GLU G 35 -2.52 39.30 21.26
C GLU G 35 -2.50 40.17 20.01
N TYR G 36 -3.03 41.39 20.11
CA TYR G 36 -3.06 42.31 18.98
C TYR G 36 -1.88 43.25 18.94
N GLY G 37 -0.96 43.17 19.91
CA GLY G 37 0.19 44.07 19.90
C GLY G 37 -0.20 45.52 20.04
N THR G 38 -1.19 45.81 20.90
CA THR G 38 -1.73 47.16 21.03
C THR G 38 -0.64 48.06 21.61
N THR G 39 -0.18 49.00 20.80
CA THR G 39 0.80 49.98 21.20
C THR G 39 0.12 51.34 21.27
N GLY G 40 0.38 52.08 22.34
CA GLY G 40 -0.11 53.44 22.43
C GLY G 40 0.85 54.46 21.86
N VAL G 41 0.28 55.55 21.34
CA VAL G 41 1.04 56.64 20.72
C VAL G 41 1.02 57.81 21.69
N TYR G 42 2.20 58.33 22.00
CA TYR G 42 2.38 59.46 22.90
C TYR G 42 3.06 60.61 22.17
N GLU G 43 3.20 61.74 22.85
CA GLU G 43 3.89 62.89 22.30
C GLU G 43 4.65 63.62 23.41
N ILE G 44 5.46 64.58 23.00
CA ILE G 44 5.83 65.69 23.88
C ILE G 44 4.67 66.68 23.88
N GLY G 45 4.28 67.14 25.07
CA GLY G 45 3.18 68.08 25.20
C GLY G 45 1.85 67.48 25.63
N SER G 46 1.81 66.19 25.93
CA SER G 46 0.57 65.56 26.36
C SER G 46 0.90 64.29 27.16
N ILE G 47 0.28 64.16 28.34
CA ILE G 47 0.55 63.00 29.18
C ILE G 47 -0.09 61.74 28.60
N MET G 48 -1.30 61.85 28.06
CA MET G 48 -2.11 60.69 27.74
C MET G 48 -1.67 60.05 26.43
N PRO G 49 -2.08 58.81 26.16
CA PRO G 49 -1.89 58.25 24.82
C PRO G 49 -2.90 58.84 23.84
N GLN G 50 -2.39 59.26 22.68
CA GLN G 50 -3.26 59.87 21.67
C GLN G 50 -4.14 58.83 21.00
N GLU G 51 -3.57 57.67 20.65
CA GLU G 51 -4.33 56.60 20.02
C GLU G 51 -3.55 55.31 20.19
N HIS G 52 -4.25 54.20 19.95
CA HIS G 52 -3.67 52.86 20.00
C HIS G 52 -3.70 52.25 18.61
N VAL G 53 -2.59 51.66 18.20
CA VAL G 53 -2.44 51.05 16.88
C VAL G 53 -2.19 49.56 17.05
N TYR G 54 -2.83 48.76 16.22
CA TYR G 54 -2.67 47.31 16.25
C TYR G 54 -1.49 46.92 15.37
N LEU G 55 -0.35 46.60 16.00
CA LEU G 55 0.88 46.41 15.24
C LEU G 55 0.96 45.02 14.61
N ARG G 56 0.65 43.98 15.38
CA ARG G 56 0.88 42.61 14.93
C ARG G 56 -0.12 41.69 15.60
N TYR G 57 -0.58 40.68 14.85
CA TYR G 57 -1.51 39.67 15.33
C TYR G 57 -0.73 38.41 15.68
N GLU G 58 -0.99 37.87 16.87
CA GLU G 58 -0.37 36.64 17.34
C GLU G 58 -1.44 35.80 18.01
N GLY G 59 -1.42 34.50 17.73
CA GLY G 59 -2.44 33.60 18.24
C GLY G 59 -1.83 32.29 18.68
N THR G 60 -2.48 31.68 19.67
CA THR G 60 -2.07 30.39 20.20
C THR G 60 -3.33 29.65 20.60
N ILE G 61 -3.32 28.32 20.45
CA ILE G 61 -4.33 27.44 21.00
C ILE G 61 -3.59 26.28 21.66
N THR G 62 -4.04 25.91 22.86
CA THR G 62 -3.53 24.74 23.57
C THR G 62 -4.68 23.75 23.70
N VAL G 63 -4.42 22.50 23.33
CA VAL G 63 -5.38 21.40 23.48
C VAL G 63 -4.75 20.39 24.43
N GLU G 64 -5.49 20.03 25.49
CA GLU G 64 -5.10 19.01 26.44
C GLU G 64 -5.98 17.78 26.22
N ARG G 65 -5.36 16.59 26.26
CA ARG G 65 -6.07 15.37 25.93
C ARG G 65 -5.50 14.20 26.73
N LEU G 66 -6.37 13.26 27.10
CA LEU G 66 -5.93 12.02 27.70
C LEU G 66 -5.43 11.05 26.63
N ARG G 67 -4.35 10.35 26.93
CA ARG G 67 -3.69 9.50 25.94
C ARG G 67 -4.62 8.34 25.60
N MET G 68 -5.27 8.42 24.45
CA MET G 68 -6.08 7.31 23.95
C MET G 68 -5.18 6.13 23.63
N LYS G 69 -5.72 4.92 23.79
CA LYS G 69 -4.95 3.72 23.53
C LYS G 69 -4.56 3.65 22.07
N LYS G 70 -5.55 3.61 21.18
CA LYS G 70 -5.33 3.90 19.77
C LYS G 70 -5.42 5.40 19.53
N GLU G 71 -5.12 5.81 18.30
CA GLU G 71 -5.51 7.11 17.74
C GLU G 71 -5.12 8.29 18.62
N ASN G 72 -4.02 8.19 19.36
CA ASN G 72 -3.47 9.38 19.98
C ASN G 72 -2.87 10.26 18.88
N PHE G 73 -2.44 11.48 19.26
CA PHE G 73 -2.04 12.45 18.25
C PHE G 73 -0.84 11.96 17.44
N ALA G 74 0.08 11.23 18.07
CA ALA G 74 1.22 10.69 17.32
C ALA G 74 0.77 9.61 16.34
N ASP G 75 -0.09 8.70 16.79
CA ASP G 75 -0.58 7.64 15.91
C ASP G 75 -1.58 8.18 14.89
N LEU G 76 -2.46 9.08 15.34
CA LEU G 76 -3.49 9.62 14.46
C LEU G 76 -2.91 10.54 13.40
N GLY G 77 -1.69 11.04 13.59
CA GLY G 77 -0.96 11.72 12.55
C GLY G 77 -1.00 13.23 12.57
N TYR G 78 -1.55 13.85 13.62
CA TYR G 78 -1.63 15.30 13.71
C TYR G 78 -0.41 15.89 14.42
N ALA G 79 -0.05 15.34 15.57
CA ALA G 79 1.27 15.58 16.13
C ALA G 79 2.29 14.71 15.41
N SER G 80 3.57 14.98 15.66
CA SER G 80 4.63 14.19 15.03
C SER G 80 5.89 14.33 15.85
N LEU G 81 6.82 13.41 15.62
CA LEU G 81 8.05 13.29 16.39
C LEU G 81 9.26 13.26 15.46
N GLY G 82 10.31 13.96 15.88
CA GLY G 82 11.54 13.99 15.08
C GLY G 82 11.38 14.82 13.83
N GLU G 83 11.98 14.33 12.74
CA GLU G 83 11.94 15.03 11.46
C GLU G 83 10.57 14.97 10.80
N GLU G 84 9.63 14.19 11.34
CA GLU G 84 8.31 14.07 10.74
C GLU G 84 7.58 15.40 10.74
N ILE G 85 7.96 16.34 11.61
CA ILE G 85 7.36 17.67 11.60
C ILE G 85 7.51 18.29 10.22
N LEU G 86 8.65 18.08 9.57
CA LEU G 86 8.90 18.72 8.28
C LEU G 86 7.90 18.29 7.21
N LYS G 87 7.17 17.21 7.42
CA LYS G 87 6.28 16.63 6.43
C LYS G 87 4.79 16.77 6.78
N LYS G 88 4.46 17.30 7.96
CA LYS G 88 3.07 17.47 8.36
C LYS G 88 2.56 18.81 7.85
N ASP G 89 1.57 18.76 6.97
CA ASP G 89 1.03 19.97 6.37
C ASP G 89 0.24 20.78 7.41
N ILE G 90 -0.14 21.99 7.00
CA ILE G 90 -0.92 22.85 7.88
C ILE G 90 -2.25 22.15 8.15
N ILE G 91 -2.70 22.21 9.41
CA ILE G 91 -3.91 21.55 9.86
C ILE G 91 -4.86 22.60 10.42
N ASP G 92 -6.16 22.37 10.26
CA ASP G 92 -7.21 23.26 10.74
C ASP G 92 -8.00 22.56 11.84
N ILE G 93 -8.28 23.28 12.93
CA ILE G 93 -9.05 22.77 14.06
C ILE G 93 -10.31 23.61 14.16
N LEU G 94 -11.43 22.95 14.47
CA LEU G 94 -12.71 23.60 14.66
C LEU G 94 -13.25 23.33 16.06
N VAL G 95 -13.99 24.30 16.61
CA VAL G 95 -14.80 24.13 17.81
C VAL G 95 -16.26 24.26 17.38
N VAL G 96 -17.04 23.21 17.62
CA VAL G 96 -18.38 23.03 17.07
C VAL G 96 -19.36 22.80 18.20
N ASP G 97 -20.63 23.19 17.99
CA ASP G 97 -21.69 22.89 18.93
C ASP G 97 -22.01 21.40 18.79
N ASN G 98 -22.22 20.72 19.91
CA ASN G 98 -22.57 19.31 19.86
C ASN G 98 -23.96 19.11 19.29
N LEU G 99 -24.88 20.03 19.54
CA LEU G 99 -26.28 19.78 19.20
C LEU G 99 -26.50 19.87 17.70
N THR G 100 -26.27 21.05 17.14
CA THR G 100 -26.55 21.32 15.74
C THR G 100 -25.34 21.15 14.83
N LYS G 101 -24.19 20.72 15.37
CA LYS G 101 -22.96 20.61 14.59
C LYS G 101 -22.63 21.93 13.90
N GLN G 102 -22.82 23.02 14.63
CA GLN G 102 -22.64 24.37 14.10
C GLN G 102 -21.34 24.93 14.62
N VAL G 103 -20.56 25.54 13.73
CA VAL G 103 -19.24 26.04 14.08
C VAL G 103 -19.41 27.19 15.06
N ILE G 104 -18.74 27.09 16.21
CA ILE G 104 -18.68 28.18 17.16
C ILE G 104 -17.53 29.09 16.75
N ILE G 105 -16.30 28.57 16.72
CA ILE G 105 -15.17 29.28 16.16
C ILE G 105 -14.35 28.27 15.36
N SER G 106 -13.47 28.80 14.50
CA SER G 106 -12.52 27.98 13.76
C SER G 106 -11.14 28.61 13.84
N TYR G 107 -10.12 27.77 13.95
CA TYR G 107 -8.71 28.20 14.01
C TYR G 107 -8.04 27.82 12.70
N HIS G 108 -8.04 28.74 11.75
CA HIS G 108 -7.58 28.43 10.40
C HIS G 108 -6.08 28.15 10.41
N GLY G 109 -5.71 26.93 10.02
CA GLY G 109 -4.33 26.57 9.83
C GLY G 109 -3.45 26.54 11.07
N CYS G 110 -3.74 25.62 11.99
CA CYS G 110 -2.91 25.47 13.18
C CYS G 110 -1.61 24.76 12.84
N SER G 111 -0.55 25.07 13.58
CA SER G 111 0.71 24.35 13.46
C SER G 111 1.34 24.29 14.85
N ALA G 112 1.95 23.15 15.14
CA ALA G 112 2.36 22.82 16.51
C ALA G 112 3.56 23.66 16.96
N ASN G 113 3.57 23.98 18.26
CA ASN G 113 4.74 24.54 18.93
C ASN G 113 5.46 23.50 19.78
N ASN G 114 4.70 22.74 20.57
CA ASN G 114 5.27 21.74 21.46
C ASN G 114 4.28 20.59 21.59
N TYR G 115 4.81 19.42 21.95
CA TYR G 115 4.02 18.21 22.16
C TYR G 115 4.51 17.60 23.48
N ASN G 116 3.67 17.68 24.51
CA ASN G 116 4.05 17.32 25.88
C ASN G 116 3.27 16.09 26.34
N GLU G 117 3.97 15.21 27.06
CA GLU G 117 3.42 13.95 27.53
C GLU G 117 3.84 13.74 28.98
N THR G 118 3.03 12.96 29.70
CA THR G 118 3.32 12.71 31.11
C THR G 118 2.76 11.34 31.46
N TRP G 119 3.62 10.44 31.91
CA TRP G 119 3.24 9.21 32.60
C TRP G 119 3.49 9.40 34.09
N GLN G 120 2.56 8.91 34.92
CA GLN G 120 2.70 9.08 36.36
C GLN G 120 2.05 7.91 37.07
N THR G 121 2.52 7.64 38.28
CA THR G 121 2.02 6.52 39.06
C THR G 121 0.54 6.70 39.35
N ASN G 122 -0.24 5.65 39.08
CA ASN G 122 -1.64 5.55 39.50
C ASN G 122 -2.45 6.76 39.02
N GLU G 123 -2.16 7.23 37.81
CA GLU G 123 -2.86 8.36 37.24
C GLU G 123 -3.01 8.14 35.75
N ILE G 124 -4.01 8.80 35.17
CA ILE G 124 -4.25 8.67 33.73
C ILE G 124 -3.17 9.43 32.99
N VAL G 125 -2.67 8.83 31.90
CA VAL G 125 -1.70 9.49 31.05
C VAL G 125 -2.38 10.64 30.32
N THR G 126 -1.67 11.76 30.21
CA THR G 126 -2.20 12.98 29.62
C THR G 126 -1.25 13.48 28.54
N GLU G 127 -1.81 14.26 27.61
CA GLU G 127 -1.07 14.85 26.51
C GLU G 127 -1.49 16.30 26.34
N GLU G 128 -0.57 17.10 25.78
CA GLU G 128 -0.84 18.52 25.55
C GLU G 128 -0.09 18.93 24.28
N ILE G 129 -0.79 19.64 23.41
CA ILE G 129 -0.18 20.29 22.25
C ILE G 129 -0.56 21.76 22.29
N GLU G 130 0.41 22.62 22.01
CA GLU G 130 0.19 24.05 21.83
C GLU G 130 0.47 24.38 20.37
N PHE G 131 -0.54 24.84 19.65
CA PHE G 131 -0.40 25.24 18.25
C PHE G 131 -0.34 26.75 18.14
N SER G 132 0.49 27.23 17.22
CA SER G 132 0.30 28.54 16.63
C SER G 132 -0.61 28.40 15.41
N TYR G 133 -1.38 29.44 15.12
CA TYR G 133 -2.31 29.39 14.00
C TYR G 133 -2.31 30.75 13.30
N LEU G 134 -2.70 30.74 12.03
CA LEU G 134 -2.70 31.97 11.25
C LEU G 134 -3.76 32.93 11.76
N THR G 135 -5.03 32.55 11.65
CA THR G 135 -6.14 33.41 12.02
C THR G 135 -7.29 32.57 12.56
N ALA G 136 -8.16 33.23 13.34
CA ALA G 136 -9.38 32.64 13.83
C ALA G 136 -10.57 33.41 13.28
N SER G 137 -11.73 32.74 13.23
CA SER G 137 -12.94 33.38 12.74
C SER G 137 -14.14 32.52 13.14
N ASP G 138 -15.32 33.14 13.06
CA ASP G 138 -16.58 32.47 13.35
C ASP G 138 -17.57 32.79 12.25
N LYS G 139 -18.45 31.83 11.94
CA LYS G 139 -19.41 31.97 10.86
C LYS G 139 -20.74 31.41 11.29
N ALA G 140 -21.82 31.95 10.72
CA ALA G 140 -23.18 31.51 11.02
C ALA G 140 -23.48 31.60 12.51
N ALA H 2 -7.79 53.91 15.69
CA ALA H 2 -7.75 52.43 15.83
C ALA H 2 -7.86 51.75 14.46
N SER H 3 -8.95 52.04 13.77
CA SER H 3 -9.18 51.45 12.45
C SER H 3 -8.15 51.98 11.45
N GLU H 4 -8.01 51.26 10.34
CA GLU H 4 -7.02 51.65 9.35
C GLU H 4 -7.33 53.00 8.74
N ALA H 5 -8.61 53.25 8.44
CA ALA H 5 -8.98 54.50 7.78
C ALA H 5 -8.81 55.71 8.69
N LYS H 6 -8.84 55.52 10.01
CA LYS H 6 -8.92 56.62 10.95
C LYS H 6 -7.65 56.85 11.77
N GLN H 7 -6.69 55.93 11.74
CA GLN H 7 -5.45 56.15 12.45
C GLN H 7 -4.67 57.28 11.81
N THR H 8 -4.05 58.11 12.64
CA THR H 8 -3.38 59.31 12.17
C THR H 8 -1.90 59.10 11.86
N VAL H 9 -1.35 57.92 12.11
CA VAL H 9 0.07 57.65 11.97
C VAL H 9 0.24 56.46 11.03
N HIS H 10 1.19 56.58 10.11
CA HIS H 10 1.52 55.45 9.26
C HIS H 10 2.25 54.37 10.05
N THR H 11 2.05 53.12 9.63
CA THR H 11 2.68 51.98 10.26
C THR H 11 3.11 51.01 9.16
N GLY H 12 4.03 50.10 9.52
CA GLY H 12 4.47 49.08 8.59
C GLY H 12 3.36 48.15 8.15
N ASN H 13 2.30 48.02 8.95
CA ASN H 13 1.19 47.15 8.58
C ASN H 13 0.42 47.69 7.39
N THR H 14 0.29 49.01 7.29
CA THR H 14 -0.56 49.65 6.29
C THR H 14 0.22 50.28 5.14
N VAL H 15 1.47 49.89 4.94
CA VAL H 15 2.31 50.45 3.88
C VAL H 15 2.84 49.27 3.06
N LEU H 16 2.73 49.37 1.73
CA LEU H 16 3.35 48.44 0.82
C LEU H 16 4.62 49.02 0.22
N LEU H 17 5.59 48.15 -0.06
CA LEU H 17 6.82 48.50 -0.75
C LEU H 17 6.78 47.89 -2.14
N MET H 18 6.82 48.74 -3.17
CA MET H 18 6.64 48.32 -4.55
C MET H 18 7.88 48.69 -5.36
N ILE H 19 8.25 47.79 -6.28
CA ILE H 19 9.39 48.01 -7.17
C ILE H 19 8.94 47.61 -8.56
N LYS H 20 9.17 48.49 -9.54
CA LYS H 20 8.84 48.24 -10.94
C LYS H 20 7.38 47.83 -11.13
N GLY H 21 6.50 48.37 -10.28
CA GLY H 21 5.09 48.04 -10.33
C GLY H 21 4.70 46.76 -9.62
N LYS H 22 5.66 46.01 -9.05
CA LYS H 22 5.42 44.75 -8.38
C LYS H 22 5.60 44.94 -6.88
N PRO H 23 4.66 44.51 -6.02
CA PRO H 23 4.92 44.62 -4.58
C PRO H 23 5.99 43.65 -4.12
N VAL H 24 6.89 44.16 -3.28
CA VAL H 24 7.97 43.34 -2.73
C VAL H 24 7.37 42.51 -1.60
N GLY H 25 7.36 41.19 -1.78
CA GLY H 25 6.78 40.32 -0.77
C GLY H 25 7.75 40.05 0.35
N ARG H 26 7.28 40.23 1.59
CA ARG H 26 8.03 39.87 2.79
C ARG H 26 9.32 40.68 2.91
N ALA H 27 9.23 41.97 2.59
CA ALA H 27 10.25 42.91 3.02
C ALA H 27 10.10 43.19 4.51
N GLN H 28 11.22 43.50 5.17
CA GLN H 28 11.24 43.72 6.61
C GLN H 28 11.45 45.17 7.01
N SER H 29 12.23 45.94 6.25
CA SER H 29 12.43 47.34 6.59
C SER H 29 12.84 48.11 5.34
N ALA H 30 12.64 49.42 5.39
CA ALA H 30 13.02 50.32 4.29
C ALA H 30 13.45 51.64 4.91
N SER H 31 14.75 51.89 4.94
CA SER H 31 15.31 53.10 5.54
C SER H 31 15.73 54.07 4.45
N GLY H 32 15.34 55.34 4.58
CA GLY H 32 15.72 56.37 3.63
C GLY H 32 16.63 57.39 4.29
N GLN H 33 17.80 57.60 3.67
CA GLN H 33 18.81 58.53 4.18
C GLN H 33 19.13 59.57 3.12
N ARG H 34 19.32 60.81 3.56
CA ARG H 34 19.63 61.91 2.66
C ARG H 34 20.63 62.84 3.34
N GLU H 35 21.37 63.59 2.53
CA GLU H 35 22.26 64.63 3.04
C GLU H 35 22.29 65.78 2.03
N TYR H 36 22.07 67.00 2.50
CA TYR H 36 22.07 68.16 1.63
C TYR H 36 23.43 68.86 1.58
N GLY H 37 24.43 68.36 2.30
CA GLY H 37 25.73 69.02 2.27
C GLY H 37 25.70 70.43 2.81
N THR H 38 24.95 70.65 3.89
CA THR H 38 24.74 71.99 4.42
C THR H 38 26.08 72.51 4.95
N THR H 39 26.62 73.53 4.29
CA THR H 39 27.85 74.17 4.70
C THR H 39 27.50 75.56 5.21
N GLY H 40 28.08 75.94 6.34
CA GLY H 40 27.92 77.30 6.83
C GLY H 40 29.00 78.25 6.33
N VAL H 41 28.61 79.51 6.18
CA VAL H 41 29.48 80.57 5.69
C VAL H 41 29.88 81.43 6.88
N TYR H 42 31.18 81.63 7.05
CA TYR H 42 31.74 82.43 8.14
C TYR H 42 32.54 83.59 7.56
N GLU H 43 33.03 84.46 8.45
CA GLU H 43 33.88 85.58 8.04
C GLU H 43 34.93 85.83 9.11
N ILE H 44 35.87 86.70 8.77
CA ILE H 44 36.60 87.46 9.78
C ILE H 44 35.72 88.61 10.24
N GLY H 45 35.61 88.80 11.55
CA GLY H 45 34.78 89.86 12.10
C GLY H 45 33.44 89.43 12.64
N SER H 46 33.14 88.13 12.64
CA SER H 46 31.87 87.65 13.16
C SER H 46 32.02 86.19 13.57
N ILE H 47 31.56 85.86 14.79
CA ILE H 47 31.69 84.49 15.29
C ILE H 47 30.71 83.57 14.58
N MET H 48 29.48 84.03 14.32
CA MET H 48 28.39 83.15 13.92
C MET H 48 28.49 82.81 12.43
N PRO H 49 27.77 81.78 11.98
CA PRO H 49 27.63 81.56 10.53
C PRO H 49 26.65 82.55 9.93
N GLN H 50 27.06 83.16 8.82
CA GLN H 50 26.21 84.16 8.18
C GLN H 50 25.03 83.50 7.47
N GLU H 51 25.28 82.41 6.76
CA GLU H 51 24.21 81.68 6.08
C GLU H 51 24.69 80.27 5.80
N HIS H 52 23.74 79.41 5.45
CA HIS H 52 24.00 78.02 5.10
C HIS H 52 23.63 77.81 3.64
N VAL H 53 24.52 77.16 2.88
CA VAL H 53 24.33 76.90 1.46
C VAL H 53 24.25 75.39 1.24
N TYR H 54 23.33 74.96 0.40
CA TYR H 54 23.18 73.54 0.08
C TYR H 54 24.09 73.19 -1.09
N LEU H 55 25.21 72.51 -0.78
CA LEU H 55 26.24 72.31 -1.80
C LEU H 55 25.92 71.15 -2.72
N ARG H 56 25.50 70.02 -2.16
CA ARG H 56 25.34 68.80 -2.94
C ARG H 56 24.27 67.92 -2.31
N TYR H 57 23.49 67.26 -3.17
CA TYR H 57 22.45 66.34 -2.74
C TYR H 57 22.97 64.91 -2.84
N GLU H 58 22.77 64.14 -1.78
CA GLU H 58 23.16 62.73 -1.73
C GLU H 58 22.03 61.95 -1.07
N GLY H 59 21.72 60.79 -1.62
CA GLY H 59 20.62 59.99 -1.13
C GLY H 59 20.97 58.52 -1.12
N THR H 60 20.35 57.79 -0.20
CA THR H 60 20.53 56.36 -0.06
C THR H 60 19.21 55.79 0.41
N ILE H 61 18.91 54.57 -0.04
CA ILE H 61 17.82 53.77 0.49
C ILE H 61 18.36 52.36 0.72
N THR H 62 18.02 51.77 1.87
CA THR H 62 18.35 50.40 2.19
C THR H 62 17.04 49.63 2.32
N VAL H 63 16.96 48.48 1.63
CA VAL H 63 15.81 47.59 1.72
C VAL H 63 16.34 46.27 2.28
N GLU H 64 15.69 45.79 3.35
CA GLU H 64 15.98 44.50 3.94
C GLU H 64 14.82 43.55 3.65
N ARG H 65 15.15 42.30 3.29
CA ARG H 65 14.15 41.35 2.84
C ARG H 65 14.56 39.94 3.24
N LEU H 66 13.57 39.11 3.54
CA LEU H 66 13.80 37.68 3.75
C LEU H 66 13.90 36.96 2.42
N ARG H 67 14.84 36.02 2.33
CA ARG H 67 15.13 35.35 1.08
C ARG H 67 13.93 34.51 0.68
N MET H 68 13.16 35.01 -0.29
CA MET H 68 12.05 34.23 -0.84
C MET H 68 12.60 33.03 -1.60
N LYS H 69 11.83 31.94 -1.61
CA LYS H 69 12.27 30.73 -2.27
C LYS H 69 12.42 30.96 -3.77
N LYS H 70 11.33 31.33 -4.43
CA LYS H 70 11.39 31.94 -5.75
C LYS H 70 11.60 33.45 -5.62
N GLU H 71 11.80 34.09 -6.77
CA GLU H 71 11.64 35.55 -6.93
C GLU H 71 12.41 36.37 -5.90
N ASN H 72 13.55 35.88 -5.43
CA ASN H 72 14.45 36.75 -4.69
C ASN H 72 15.05 37.77 -5.66
N PHE H 73 15.79 38.73 -5.11
CA PHE H 73 16.26 39.84 -5.94
C PHE H 73 17.18 39.38 -7.06
N ALA H 74 17.99 38.36 -6.80
CA ALA H 74 18.86 37.83 -7.85
C ALA H 74 18.04 37.14 -8.95
N ASP H 75 17.07 36.31 -8.55
CA ASP H 75 16.24 35.62 -9.53
C ASP H 75 15.25 36.58 -10.18
N LEU H 76 14.66 37.48 -9.39
CA LEU H 76 13.67 38.41 -9.90
C LEU H 76 14.28 39.46 -10.82
N GLY H 77 15.60 39.65 -10.77
CA GLY H 77 16.30 40.44 -11.75
C GLY H 77 16.60 41.88 -11.39
N TYR H 78 16.36 42.29 -10.14
CA TYR H 78 16.62 43.66 -9.71
C TYR H 78 18.03 43.82 -9.15
N ALA H 79 18.44 42.93 -8.24
CA ALA H 79 19.83 42.77 -7.91
C ALA H 79 20.52 41.94 -8.99
N SER H 80 21.84 41.90 -8.94
CA SER H 80 22.59 41.13 -9.93
C SER H 80 23.98 40.82 -9.37
N LEU H 81 24.63 39.84 -9.98
CA LEU H 81 25.89 39.29 -9.50
C LEU H 81 26.92 39.30 -10.64
N GLY H 82 28.15 39.66 -10.30
CA GLY H 82 29.22 39.67 -11.29
C GLY H 82 29.07 40.81 -12.29
N GLU H 83 29.38 40.52 -13.55
CA GLU H 83 29.30 41.53 -14.60
C GLU H 83 27.87 41.88 -14.98
N GLU H 84 26.88 41.17 -14.44
CA GLU H 84 25.49 41.46 -14.78
C GLU H 84 25.07 42.85 -14.35
N ILE H 85 25.78 43.45 -13.38
CA ILE H 85 25.52 44.82 -12.97
C ILE H 85 25.59 45.75 -14.18
N LEU H 86 26.54 45.51 -15.08
CA LEU H 86 26.73 46.41 -16.21
C LEU H 86 25.53 46.46 -17.13
N LYS H 87 24.61 45.50 -17.03
CA LYS H 87 23.47 45.38 -17.92
C LYS H 87 22.12 45.69 -17.27
N LYS H 88 22.09 45.94 -15.96
CA LYS H 88 20.86 46.24 -15.26
C LYS H 88 20.59 47.75 -15.35
N ASP H 89 19.49 48.11 -16.01
CA ASP H 89 19.16 49.51 -16.19
C ASP H 89 18.72 50.15 -14.88
N ILE H 90 18.58 51.48 -14.92
CA ILE H 90 18.15 52.20 -13.73
C ILE H 90 16.74 51.72 -13.37
N ILE H 91 16.51 51.53 -12.07
CA ILE H 91 15.26 50.99 -11.54
C ILE H 91 14.67 52.02 -10.58
N ASP H 92 13.34 52.08 -10.53
CA ASP H 92 12.61 52.99 -9.67
C ASP H 92 11.84 52.18 -8.62
N ILE H 93 11.90 52.63 -7.36
CA ILE H 93 11.21 52.00 -6.25
C ILE H 93 10.18 53.00 -5.72
N LEU H 94 9.01 52.49 -5.34
CA LEU H 94 7.94 53.29 -4.76
C LEU H 94 7.58 52.76 -3.38
N VAL H 95 7.17 53.68 -2.50
CA VAL H 95 6.52 53.36 -1.23
C VAL H 95 5.08 53.86 -1.31
N VAL H 96 4.13 52.94 -1.17
CA VAL H 96 2.71 53.15 -1.48
C VAL H 96 1.88 52.83 -0.25
N ASP H 97 0.72 53.48 -0.12
CA ASP H 97 -0.23 53.14 0.93
C ASP H 97 -0.89 51.82 0.53
N ASN H 98 -1.09 50.92 1.49
CA ASN H 98 -1.75 49.67 1.18
C ASN H 98 -3.22 49.87 0.87
N LEU H 99 -3.87 50.84 1.50
CA LEU H 99 -5.31 50.94 1.39
C LEU H 99 -5.72 51.46 0.02
N THR H 100 -5.33 52.69 -0.30
CA THR H 100 -5.73 53.36 -1.52
C THR H 100 -4.75 53.21 -2.66
N LYS H 101 -3.65 52.46 -2.47
CA LYS H 101 -2.61 52.33 -3.49
C LYS H 101 -2.09 53.70 -3.91
N GLN H 102 -1.93 54.59 -2.92
CA GLN H 102 -1.53 55.97 -3.17
C GLN H 102 -0.07 56.13 -2.80
N VAL H 103 0.69 56.80 -3.67
CA VAL H 103 2.12 56.94 -3.48
C VAL H 103 2.36 57.80 -2.26
N ILE H 104 3.15 57.29 -1.32
CA ILE H 104 3.59 58.08 -0.17
C ILE H 104 4.84 58.84 -0.59
N ILE H 105 5.90 58.12 -0.97
CA ILE H 105 7.08 58.75 -1.58
C ILE H 105 7.52 57.84 -2.73
N SER H 106 8.37 58.40 -3.60
CA SER H 106 8.98 57.64 -4.68
C SER H 106 10.47 57.96 -4.73
N TYR H 107 11.28 56.95 -5.02
CA TYR H 107 12.74 57.10 -5.15
C TYR H 107 13.12 56.96 -6.62
N HIS H 108 13.18 58.08 -7.33
CA HIS H 108 13.35 58.06 -8.77
C HIS H 108 14.73 57.51 -9.12
N GLY H 109 14.75 56.39 -9.83
CA GLY H 109 15.99 55.85 -10.36
C GLY H 109 17.00 55.34 -9.35
N CYS H 110 16.65 54.28 -8.63
CA CYS H 110 17.60 53.68 -7.69
C CYS H 110 18.63 52.85 -8.44
N SER H 111 19.83 52.77 -7.86
CA SER H 111 20.86 51.89 -8.39
C SER H 111 21.67 51.34 -7.20
N ALA H 112 22.04 50.07 -7.29
CA ALA H 112 22.57 49.34 -6.14
C ALA H 112 23.97 49.81 -5.76
N ASN H 113 24.25 49.77 -4.46
CA ASN H 113 25.60 49.92 -3.92
C ASN H 113 26.18 48.58 -3.48
N ASN H 114 25.40 47.79 -2.75
CA ASN H 114 25.85 46.50 -2.24
C ASN H 114 24.67 45.55 -2.18
N TYR H 115 24.96 44.25 -2.20
CA TYR H 115 23.96 43.20 -2.10
C TYR H 115 24.48 42.19 -1.09
N ASN H 116 23.85 42.15 0.09
CA ASN H 116 24.33 41.39 1.23
C ASN H 116 23.38 40.24 1.55
N GLU H 117 23.96 39.09 1.90
CA GLU H 117 23.22 37.87 2.18
C GLU H 117 23.78 37.22 3.43
N THR H 118 22.95 36.44 4.11
CA THR H 118 23.37 35.79 5.34
C THR H 118 22.57 34.50 5.48
N TRP H 119 23.27 33.37 5.53
CA TRP H 119 22.72 32.10 6.00
C TRP H 119 23.22 31.85 7.41
N GLN H 120 22.35 31.33 8.27
CA GLN H 120 22.72 31.10 9.66
C GLN H 120 21.94 29.91 10.20
N THR H 121 22.51 29.26 11.21
CA THR H 121 21.90 28.08 11.80
C THR H 121 20.55 28.45 12.41
N ASN H 122 19.53 27.66 12.07
CA ASN H 122 18.21 27.72 12.71
C ASN H 122 17.63 29.13 12.69
N GLU H 123 17.85 29.84 11.60
CA GLU H 123 17.33 31.19 11.44
C GLU H 123 16.92 31.39 9.99
N ILE H 124 16.02 32.36 9.78
CA ILE H 124 15.56 32.65 8.44
C ILE H 124 16.65 33.37 7.68
N VAL H 125 16.83 32.99 6.41
CA VAL H 125 17.80 33.65 5.54
C VAL H 125 17.30 35.06 5.25
N THR H 126 18.22 36.03 5.25
CA THR H 126 17.90 37.43 5.06
C THR H 126 18.76 38.02 3.95
N GLU H 127 18.25 39.10 3.35
CA GLU H 127 18.95 39.81 2.29
C GLU H 127 18.84 41.30 2.53
N GLU H 128 19.82 42.04 2.01
CA GLU H 128 19.85 43.49 2.15
C GLU H 128 20.47 44.08 0.89
N ILE H 129 19.83 45.10 0.35
CA ILE H 129 20.39 45.91 -0.73
C ILE H 129 20.37 47.37 -0.28
N GLU H 130 21.45 48.09 -0.56
CA GLU H 130 21.54 49.52 -0.36
C GLU H 130 21.67 50.16 -1.74
N PHE H 131 20.68 50.98 -2.12
CA PHE H 131 20.70 51.67 -3.40
C PHE H 131 21.08 53.13 -3.18
N SER H 132 21.86 53.68 -4.12
CA SER H 132 21.88 55.12 -4.36
C SER H 132 20.79 55.45 -5.37
N TYR H 133 20.24 56.66 -5.26
CA TYR H 133 19.17 57.08 -6.16
C TYR H 133 19.37 58.54 -6.51
N LEU H 134 18.81 58.93 -7.66
CA LEU H 134 18.97 60.31 -8.13
C LEU H 134 18.24 61.28 -7.22
N THR H 135 16.91 61.17 -7.16
CA THR H 135 16.08 62.10 -6.39
C THR H 135 14.88 61.37 -5.83
N ALA H 136 14.31 61.95 -4.78
CA ALA H 136 13.06 61.47 -4.20
C ALA H 136 12.00 62.57 -4.31
N SER H 137 10.74 62.16 -4.28
CA SER H 137 9.64 63.10 -4.38
C SER H 137 8.36 62.42 -3.95
N ASP H 138 7.33 63.23 -3.65
CA ASP H 138 6.02 62.74 -3.27
C ASP H 138 4.96 63.52 -4.05
N LYS H 139 3.87 62.85 -4.39
CA LYS H 139 2.81 63.43 -5.21
C LYS H 139 1.47 63.03 -4.64
N ALA H 140 0.47 63.89 -4.87
CA ALA H 140 -0.90 63.64 -4.41
C ALA H 140 -0.95 63.39 -2.90
#